data_7MM0
#
_entry.id   7MM0
#
_cell.length_a   1.00
_cell.length_b   1.00
_cell.length_c   1.00
_cell.angle_alpha   90.00
_cell.angle_beta   90.00
_cell.angle_gamma   90.00
#
_symmetry.space_group_name_H-M   'P 1'
#
loop_
_entity.id
_entity.type
_entity.pdbx_description
1 polymer 'B1-182.1 Fab heavy chain'
2 polymer 'B1-182.1 Fab light chain'
3 polymer 'Spike glycoprotein'
4 branched 2-acetamido-2-deoxy-beta-D-glucopyranose-(1-4)-2-acetamido-2-deoxy-beta-D-glucopyranose
5 branched beta-D-mannopyranose-(1-4)-2-acetamido-2-deoxy-beta-D-glucopyranose-(1-4)-2-acetamido-2-deoxy-beta-D-glucopyranose
6 non-polymer 2-acetamido-2-deoxy-beta-D-glucopyranose
#
loop_
_entity_poly.entity_id
_entity_poly.type
_entity_poly.pdbx_seq_one_letter_code
_entity_poly.pdbx_strand_id
1 'polypeptide(L)'
;QMQLVQSGPEVKKPGTSVKVSCKASGFTFTSSAVQWVRQARGQRLEWIGWIVVGSGNTNYAQKFQERVTITRDMSTSTAY
MELSSLRSEDTAVYYCAAPYCSGGSCFDGFDIWGQGTMVTVSSASTKGPSVFPLAPSSKSTSGGTAALGCLVKDYFPEPV
TVSWNSGALTSGVHTFPAVLQSSGLYSLSSVVTVPSSSLGTQTYICNVNHKPSNTKVDKKVEPKSCDK
;
H
2 'polypeptide(L)'
;EIVLTQSPGTLSLSPGERATLSCRASQSVSSSYLAWYQQKPGQAPRLLIYGASSRATGFPDRFSGSGSGTDFTLTISRLE
PEDFAVYYCQQYGNSPWTFGQGTKVEIRRTVAAPSVFIFPPSDEQLKSGTASVVCLLNNFYPREAKVQWKVDNALQSGNS
QESVTEQDSKDSTYSLSSTLTLSKADYEKHKVYACEVTHQGLSSPVTKSFNRGEC
;
L
3 'polypeptide(L)'
;QCVNLTTRTQLPPAYTNSFTRGVYYPDKVFRSSVLHSTQDLFLPFFSNVTWFHAIHVSGTNGTKRFDNPVLPFNDGVYFA
STEKSNIIRGWIFGTTLDSKTQSLLIVNNATNVVIKVCEFQFCNDPFLGVYYHKNNKSWMESEFRVYSSANNCTFEYVSQ
PFLMDLEGKQGNFKNLREFVFKNIDGYFKIYSKHTPINLVRDLPQGFSALEPLVDLPIGINITRFQTLLALHRSYLTPGD
SSSGWTAGAAAYYVGYLQPRTFLLKYNENGTITDAVDCALDPLSETKCTLKSFTVEKGIYQTSNFRVQPTESIVRFPNIT
NLCPFGEVFNATRFASVYAWNRKRISNCVADYSVLYNSASFSTFKCYGVSPTKLNDLCFTNVYADSFVIRGDEVRQIAPG
QTGKIADYNYKLPDDFTGCVIAWNSNNLDSKVGGNYNYLYRLFRKSNLKPFERDISTEIYQAGSTPCNGVEGFNCYFPLQ
SYGFQPTNGVGYQPYRVVVLSFELLHAPATVCGPKKSTNLVKNKCVNFNFNGLTGTGVLTESNKKFLPFQQFGRDIADTT
DAVRDPQTLEILDITPCSFGGVSVITPGTNTSNQVAVLYQDVNCTEVPVAIHADQLTPTWRVYSTGSNVFQTRAGCLIGA
EHVNNSYECDIPIGAGICASYQTQTNSPGSASSVASQSIIAYTMSLGAENSVAYSNNSIAIPTNFTISVTTEILPVSMTK
TSVDCTMYICGDSTECSNLLLQYGSFCTQLNRALTGIAVEQDKNTQEVFAQVKQIYKTPPIKDFGGFNFSQILPDPSKPS
KRSPIEDLLFNKVTLADAGFIKQYGDCLGDIAARDLICAQKFNGLTVLPPLLTDEMIAQYTSALLAGTITSGWTFGAGPA
LQIPFPMQMAYRFNGIGVTQNVLYENQKLIANQFNSAIGKIQDSLSSTPSALGKLQDVVNQNAQALNTLVKQLSSNFGAI
SSVLNDILSRLDPPEAEVQIDRLITGRLQSLQTYVTQQLIRAAEIRASANLAATKMSECVLGQSKRVDFCGKGYHLMSFP
QSAPHGVVFLHVTYVPAQEKNFTTAPAICHDGKAHFPREGVFVSNGTHWFVTQRNFYEPQIITTDNTFVSGNCDVVIGIV
NNTVYDPLQPELDSFKEELDKYFKNHTSPDVDLGDISGINASVVNIQKEIDRLNEVAKNLNESLIDLQELGKYEQ
;
A,B,C
#
# COMPACT_ATOMS: atom_id res chain seq x y z
N MET A 2 28.95 75.86 -15.99
CA MET A 2 29.20 77.17 -15.41
C MET A 2 29.30 78.25 -16.51
N GLN A 3 29.13 77.83 -17.76
CA GLN A 3 29.25 78.72 -18.90
C GLN A 3 27.86 79.21 -19.33
N LEU A 4 27.86 80.37 -19.99
CA LEU A 4 26.62 80.97 -20.48
C LEU A 4 26.96 81.80 -21.71
N VAL A 5 26.57 81.32 -22.88
CA VAL A 5 26.89 81.97 -24.15
C VAL A 5 25.67 82.76 -24.63
N GLN A 6 25.93 83.95 -25.16
CA GLN A 6 24.89 84.82 -25.68
C GLN A 6 25.09 85.03 -27.18
N SER A 7 24.02 85.45 -27.85
CA SER A 7 24.04 85.62 -29.29
C SER A 7 24.94 86.80 -29.67
N GLY A 8 25.14 86.96 -30.98
CA GLY A 8 26.00 88.01 -31.49
C GLY A 8 25.34 89.36 -31.50
N PRO A 9 26.13 90.41 -31.79
CA PRO A 9 25.57 91.76 -31.83
C PRO A 9 24.54 91.94 -32.94
N GLU A 10 23.30 92.22 -32.56
CA GLU A 10 22.23 92.35 -33.53
C GLU A 10 22.03 93.82 -33.90
N VAL A 11 21.83 94.07 -35.19
CA VAL A 11 21.66 95.42 -35.72
C VAL A 11 20.28 95.52 -36.35
N LYS A 12 19.49 96.49 -35.89
CA LYS A 12 18.09 96.58 -36.30
C LYS A 12 17.70 98.01 -36.67
N LYS A 13 16.40 98.24 -36.82
CA LYS A 13 15.84 99.51 -37.26
C LYS A 13 15.17 100.22 -36.10
N PRO A 14 15.01 101.56 -36.18
CA PRO A 14 14.44 102.30 -35.05
C PRO A 14 12.95 102.04 -34.83
N GLY A 15 12.62 100.92 -34.18
CA GLY A 15 11.28 100.70 -33.72
C GLY A 15 10.54 99.52 -34.33
N THR A 16 11.26 98.47 -34.72
CA THR A 16 10.60 97.28 -35.26
C THR A 16 10.39 96.22 -34.19
N SER A 17 11.48 95.70 -33.63
CA SER A 17 11.46 94.64 -32.62
C SER A 17 12.90 94.34 -32.24
N VAL A 18 13.07 93.47 -31.25
CA VAL A 18 14.38 92.94 -30.89
C VAL A 18 14.19 91.72 -30.00
N LYS A 19 15.09 90.75 -30.09
CA LYS A 19 15.03 89.54 -29.28
C LYS A 19 16.45 89.05 -29.02
N VAL A 20 16.70 88.63 -27.78
CA VAL A 20 18.03 88.20 -27.35
C VAL A 20 17.91 86.82 -26.72
N SER A 21 18.94 86.00 -26.92
CA SER A 21 18.94 84.61 -26.47
C SER A 21 20.08 84.41 -25.48
N CYS A 22 19.76 83.88 -24.30
CA CYS A 22 20.74 83.53 -23.28
C CYS A 22 20.69 82.02 -23.06
N LYS A 23 21.73 81.32 -23.52
CA LYS A 23 21.80 79.88 -23.34
C LYS A 23 22.44 79.55 -22.00
N ALA A 24 21.71 78.81 -21.17
CA ALA A 24 22.18 78.45 -19.84
C ALA A 24 22.68 77.01 -19.84
N SER A 25 23.88 76.81 -19.29
CA SER A 25 24.47 75.48 -19.23
C SER A 25 25.31 75.37 -17.96
N GLY A 26 25.56 74.13 -17.56
CA GLY A 26 26.35 73.84 -16.38
C GLY A 26 25.57 73.79 -15.08
N PHE A 27 24.28 74.09 -15.10
CA PHE A 27 23.46 74.04 -13.90
C PHE A 27 22.04 73.66 -14.30
N THR A 28 21.28 73.16 -13.34
CA THR A 28 19.91 72.71 -13.60
C THR A 28 19.06 73.91 -14.00
N PHE A 29 18.64 73.95 -15.25
CA PHE A 29 17.81 75.02 -15.79
C PHE A 29 16.33 74.81 -15.51
N THR A 30 15.95 73.62 -15.05
CA THR A 30 14.53 73.32 -14.82
C THR A 30 13.96 74.17 -13.70
N SER A 31 14.70 74.34 -12.60
CA SER A 31 14.24 75.09 -11.43
C SER A 31 15.30 76.12 -11.08
N SER A 32 15.14 77.32 -11.64
CA SER A 32 16.07 78.42 -11.39
C SER A 32 15.34 79.73 -11.71
N ALA A 33 16.10 80.83 -11.74
CA ALA A 33 15.54 82.14 -12.06
C ALA A 33 16.48 82.86 -13.01
N VAL A 34 15.92 83.75 -13.82
CA VAL A 34 16.67 84.51 -14.81
C VAL A 34 16.28 85.98 -14.70
N GLN A 35 17.28 86.86 -14.75
CA GLN A 35 17.05 88.30 -14.72
C GLN A 35 17.73 88.95 -15.91
N TRP A 36 17.21 90.11 -16.31
CA TRP A 36 17.74 90.87 -17.43
C TRP A 36 17.92 92.32 -17.02
N VAL A 37 19.04 92.92 -17.42
CA VAL A 37 19.41 94.26 -16.98
C VAL A 37 19.73 95.14 -18.19
N ARG A 38 20.17 96.37 -17.93
CA ARG A 38 20.56 97.30 -18.98
C ARG A 38 21.95 97.84 -18.69
N GLN A 39 22.72 98.05 -19.75
CA GLN A 39 24.08 98.59 -19.63
C GLN A 39 24.33 99.52 -20.81
N ALA A 40 25.40 100.29 -20.72
CA ALA A 40 25.81 101.21 -21.77
C ALA A 40 27.28 101.56 -21.55
N ARG A 41 27.77 102.53 -22.31
CA ARG A 41 29.15 102.99 -22.18
C ARG A 41 29.18 104.18 -21.22
N GLY A 42 30.00 104.08 -20.18
CA GLY A 42 30.10 105.14 -19.18
C GLY A 42 28.77 105.48 -18.53
N GLN A 43 27.94 104.47 -18.27
CA GLN A 43 26.60 104.68 -17.75
C GLN A 43 26.30 103.61 -16.71
N ARG A 44 25.27 103.87 -15.89
CA ARG A 44 24.91 102.99 -14.80
C ARG A 44 24.17 101.76 -15.33
N LEU A 45 23.66 100.96 -14.40
CA LEU A 45 22.89 99.76 -14.72
C LEU A 45 21.46 99.95 -14.24
N GLU A 46 20.51 99.66 -15.12
CA GLU A 46 19.08 99.73 -14.79
C GLU A 46 18.49 98.34 -14.89
N TRP A 47 18.02 97.82 -13.75
CA TRP A 47 17.30 96.55 -13.73
C TRP A 47 16.03 96.63 -14.56
N ILE A 48 15.76 95.58 -15.32
CA ILE A 48 14.66 95.56 -16.29
C ILE A 48 13.57 94.58 -15.87
N GLY A 49 13.90 93.29 -15.75
CA GLY A 49 12.89 92.29 -15.45
C GLY A 49 13.41 90.96 -14.96
N TRP A 50 12.70 90.35 -14.01
CA TRP A 50 13.08 89.08 -13.43
C TRP A 50 12.17 87.95 -13.94
N ILE A 51 12.77 86.79 -14.18
CA ILE A 51 12.06 85.63 -14.72
C ILE A 51 12.35 84.43 -13.84
N VAL A 52 11.30 83.84 -13.28
CA VAL A 52 11.39 82.50 -12.72
C VAL A 52 11.14 81.51 -13.85
N VAL A 53 12.18 80.80 -14.28
CA VAL A 53 12.05 79.87 -15.40
C VAL A 53 11.39 78.55 -14.97
N GLY A 54 11.37 78.24 -13.67
CA GLY A 54 10.61 77.09 -13.22
C GLY A 54 9.11 77.27 -13.41
N SER A 55 8.62 78.49 -13.20
CA SER A 55 7.21 78.80 -13.38
C SER A 55 7.09 80.25 -13.82
N GLY A 56 6.44 80.47 -14.96
CA GLY A 56 6.45 81.78 -15.59
C GLY A 56 5.73 82.83 -14.76
N ASN A 57 6.49 83.72 -14.13
CA ASN A 57 5.95 84.87 -13.40
C ASN A 57 6.97 85.98 -13.46
N THR A 58 6.56 87.16 -13.92
CA THR A 58 7.49 88.27 -14.12
C THR A 58 6.82 89.59 -13.80
N ASN A 59 7.65 90.58 -13.44
CA ASN A 59 7.29 91.98 -13.39
C ASN A 59 8.35 92.77 -14.15
N TYR A 60 8.19 94.10 -14.19
CA TYR A 60 9.09 94.92 -14.98
C TYR A 60 9.28 96.26 -14.30
N ALA A 61 10.34 96.96 -14.70
CA ALA A 61 10.65 98.26 -14.13
C ALA A 61 9.66 99.32 -14.61
N GLN A 62 9.73 100.50 -13.97
CA GLN A 62 8.75 101.55 -14.23
C GLN A 62 8.78 102.01 -15.69
N LYS A 63 9.90 101.83 -16.37
CA LYS A 63 10.00 102.17 -17.78
C LYS A 63 9.65 101.00 -18.70
N PHE A 64 9.48 99.80 -18.13
CA PHE A 64 9.42 98.58 -18.94
C PHE A 64 8.15 97.76 -18.76
N GLN A 65 7.09 98.31 -18.15
CA GLN A 65 5.82 97.60 -18.13
C GLN A 65 5.27 97.42 -19.55
N GLU A 66 5.33 98.47 -20.36
CA GLU A 66 4.89 98.41 -21.74
C GLU A 66 6.09 98.15 -22.65
N ARG A 67 5.79 97.70 -23.87
CA ARG A 67 6.75 97.35 -24.91
C ARG A 67 7.61 96.15 -24.54
N VAL A 68 7.39 95.53 -23.39
CA VAL A 68 8.26 94.48 -22.89
C VAL A 68 7.43 93.28 -22.46
N THR A 69 7.82 92.09 -22.92
CA THR A 69 7.27 90.84 -22.42
C THR A 69 8.31 89.74 -22.64
N ILE A 70 8.35 88.78 -21.71
CA ILE A 70 9.34 87.72 -21.76
C ILE A 70 8.80 86.54 -22.57
N THR A 71 9.70 85.64 -22.96
CA THR A 71 9.33 84.40 -23.64
C THR A 71 10.05 83.25 -22.95
N ARG A 72 9.30 82.19 -22.65
CA ARG A 72 9.83 81.11 -21.82
C ARG A 72 10.87 80.28 -22.56
N ASP A 73 10.45 79.58 -23.62
CA ASP A 73 11.30 78.67 -24.37
C ASP A 73 12.07 77.73 -23.43
N MET A 74 11.29 76.88 -22.75
CA MET A 74 11.86 75.95 -21.77
C MET A 74 12.90 75.04 -22.42
N SER A 75 12.64 74.60 -23.65
CA SER A 75 13.56 73.71 -24.34
C SER A 75 14.84 74.45 -24.72
N THR A 76 15.89 73.68 -25.00
CA THR A 76 17.20 74.16 -25.42
C THR A 76 17.89 75.00 -24.34
N SER A 77 17.28 75.08 -23.15
CA SER A 77 17.81 75.81 -22.01
C SER A 77 18.18 77.25 -22.39
N THR A 78 17.18 77.95 -22.93
CA THR A 78 17.38 79.33 -23.37
C THR A 78 16.35 80.26 -22.73
N ALA A 79 16.45 81.55 -23.04
CA ALA A 79 15.51 82.53 -22.54
C ALA A 79 15.39 83.66 -23.55
N TYR A 80 14.17 83.94 -23.98
CA TYR A 80 13.91 84.98 -24.96
C TYR A 80 13.10 86.10 -24.30
N MET A 81 13.26 87.31 -24.83
CA MET A 81 12.62 88.48 -24.25
C MET A 81 12.55 89.55 -25.33
N GLU A 82 11.34 89.99 -25.67
CA GLU A 82 11.14 90.87 -26.81
C GLU A 82 10.83 92.29 -26.38
N LEU A 83 11.41 93.26 -27.09
CA LEU A 83 11.10 94.68 -26.93
C LEU A 83 10.48 95.21 -28.23
N SER A 84 9.40 95.97 -28.10
CA SER A 84 8.74 96.62 -29.22
C SER A 84 8.90 98.13 -29.11
N SER A 85 8.68 98.81 -30.24
CA SER A 85 8.82 100.26 -30.34
C SER A 85 10.20 100.70 -29.86
N LEU A 86 11.22 100.18 -30.53
CA LEU A 86 12.60 100.47 -30.15
C LEU A 86 12.90 101.96 -30.29
N ARG A 87 13.54 102.52 -29.29
CA ARG A 87 13.89 103.93 -29.25
C ARG A 87 15.39 104.10 -29.47
N SER A 88 15.77 105.34 -29.83
CA SER A 88 17.16 105.61 -30.16
C SER A 88 18.07 105.39 -28.96
N GLU A 89 17.63 105.79 -27.77
CA GLU A 89 18.44 105.63 -26.56
C GLU A 89 18.28 104.23 -25.98
N ASP A 90 18.47 103.21 -26.81
CA ASP A 90 18.40 101.81 -26.38
C ASP A 90 19.61 101.02 -26.85
N THR A 91 20.70 101.72 -27.17
CA THR A 91 21.96 101.07 -27.54
C THR A 91 22.57 100.50 -26.27
N ALA A 92 22.13 99.31 -25.90
CA ALA A 92 22.40 98.75 -24.59
C ALA A 92 22.91 97.32 -24.70
N VAL A 93 23.71 96.93 -23.72
CA VAL A 93 24.10 95.54 -23.52
C VAL A 93 23.16 94.95 -22.48
N TYR A 94 22.42 93.92 -22.88
CA TYR A 94 21.29 93.44 -22.07
C TYR A 94 21.70 92.47 -20.97
N TYR A 95 22.72 91.64 -21.20
CA TYR A 95 23.21 90.70 -20.20
C TYR A 95 22.13 89.72 -19.76
N CYS A 96 22.46 88.87 -18.78
CA CYS A 96 21.50 88.00 -18.11
C CYS A 96 22.18 87.28 -16.95
N ALA A 97 21.42 86.92 -15.92
CA ALA A 97 21.98 86.30 -14.73
C ALA A 97 21.05 85.20 -14.24
N ALA A 98 21.63 84.26 -13.48
CA ALA A 98 20.87 83.13 -12.96
C ALA A 98 21.60 82.54 -11.77
N PRO A 99 20.92 82.18 -10.70
CA PRO A 99 21.58 81.50 -9.58
C PRO A 99 22.00 80.09 -9.95
N TYR A 100 23.05 79.62 -9.27
CA TYR A 100 23.54 78.25 -9.44
C TYR A 100 22.68 77.33 -8.59
N CYS A 101 21.73 76.66 -9.24
CA CYS A 101 20.77 75.81 -8.54
C CYS A 101 20.82 74.38 -9.08
N SER A 102 20.89 73.42 -8.16
CA SER A 102 20.88 72.00 -8.51
C SER A 102 20.37 71.23 -7.30
N GLY A 103 19.11 70.81 -7.36
CA GLY A 103 18.50 69.99 -6.32
C GLY A 103 17.23 70.55 -5.73
N GLY A 104 17.02 71.85 -5.79
CA GLY A 104 15.80 72.45 -5.25
C GLY A 104 16.06 73.62 -4.32
N SER A 105 17.11 73.52 -3.51
CA SER A 105 17.56 74.61 -2.66
C SER A 105 18.97 75.00 -3.08
N CYS A 106 19.21 76.30 -3.23
CA CYS A 106 20.41 76.74 -3.91
C CYS A 106 20.85 78.11 -3.39
N PHE A 107 21.88 78.65 -4.03
CA PHE A 107 22.53 79.87 -3.59
C PHE A 107 21.66 81.08 -3.87
N ASP A 108 21.77 82.10 -3.01
CA ASP A 108 20.95 83.30 -3.14
C ASP A 108 21.48 84.25 -4.19
N GLY A 109 22.72 84.72 -4.02
CA GLY A 109 23.30 85.72 -4.89
C GLY A 109 23.39 85.32 -6.35
N PHE A 110 23.13 86.27 -7.24
CA PHE A 110 23.15 86.01 -8.68
C PHE A 110 24.60 85.90 -9.12
N ASP A 111 25.11 84.67 -9.17
CA ASP A 111 26.53 84.43 -9.40
C ASP A 111 26.88 84.05 -10.84
N ILE A 112 25.96 83.44 -11.57
CA ILE A 112 26.21 83.02 -12.95
C ILE A 112 25.69 84.11 -13.86
N TRP A 113 26.58 84.67 -14.68
CA TRP A 113 26.26 85.75 -15.60
C TRP A 113 26.65 85.35 -17.01
N GLY A 114 26.49 86.30 -17.94
CA GLY A 114 26.88 86.14 -19.32
C GLY A 114 27.80 87.27 -19.75
N GLN A 115 27.73 87.60 -21.04
CA GLN A 115 28.50 88.70 -21.60
C GLN A 115 27.66 89.77 -22.30
N GLY A 116 26.45 89.44 -22.75
CA GLY A 116 25.57 90.41 -23.36
C GLY A 116 25.81 90.56 -24.85
N THR A 117 24.86 91.24 -25.49
CA THR A 117 24.91 91.54 -26.91
C THR A 117 25.18 93.03 -27.10
N MET A 118 25.18 93.48 -28.35
CA MET A 118 25.40 94.88 -28.68
C MET A 118 24.41 95.26 -29.79
N VAL A 119 23.37 96.00 -29.42
CA VAL A 119 22.30 96.38 -30.33
C VAL A 119 22.44 97.86 -30.66
N THR A 120 22.43 98.18 -31.95
CA THR A 120 22.55 99.56 -32.42
C THR A 120 21.35 99.89 -33.28
N VAL A 121 20.47 100.75 -32.77
CA VAL A 121 19.28 101.18 -33.51
C VAL A 121 19.68 102.42 -34.30
N SER A 122 20.26 102.18 -35.47
CA SER A 122 20.73 103.23 -36.35
C SER A 122 20.04 103.09 -37.72
N SER A 123 20.44 103.93 -38.65
CA SER A 123 19.88 103.91 -40.00
C SER A 123 20.36 102.69 -40.77
N GLU B 1 12.23 105.02 -3.16
CA GLU B 1 12.86 103.69 -3.18
C GLU B 1 14.31 103.79 -3.61
N ILE B 2 14.62 104.77 -4.46
CA ILE B 2 15.97 104.97 -4.98
C ILE B 2 16.46 106.32 -4.47
N VAL B 3 17.09 106.30 -3.29
CA VAL B 3 17.78 107.47 -2.75
C VAL B 3 19.14 106.99 -2.25
N LEU B 4 19.60 105.85 -2.79
CA LEU B 4 20.76 105.16 -2.27
C LEU B 4 21.99 106.06 -2.26
N THR B 5 22.46 106.45 -3.45
CA THR B 5 23.51 107.45 -3.63
C THR B 5 24.69 107.20 -2.67
N GLN B 6 25.37 106.08 -2.90
CA GLN B 6 26.49 105.64 -2.10
C GLN B 6 27.43 106.81 -1.78
N SER B 7 27.68 107.01 -0.49
CA SER B 7 28.39 108.21 -0.02
C SER B 7 29.78 108.40 -0.63
N PRO B 8 30.66 107.39 -0.67
CA PRO B 8 31.98 107.62 -1.26
C PRO B 8 31.90 107.93 -2.74
N GLY B 9 32.81 108.79 -3.20
CA GLY B 9 32.91 109.13 -4.60
C GLY B 9 34.07 108.44 -5.28
N THR B 10 35.17 109.16 -5.46
CA THR B 10 36.40 108.59 -6.00
C THR B 10 37.50 108.73 -4.96
N LEU B 11 38.08 107.60 -4.57
CA LEU B 11 39.19 107.58 -3.61
C LEU B 11 40.44 107.06 -4.31
N SER B 12 41.57 107.69 -4.04
CA SER B 12 42.81 107.39 -4.76
C SER B 12 43.94 107.24 -3.75
N LEU B 13 44.24 105.99 -3.36
CA LEU B 13 45.39 105.69 -2.52
C LEU B 13 45.96 104.35 -2.95
N SER B 14 47.26 104.18 -2.71
CA SER B 14 47.99 102.94 -2.95
C SER B 14 47.52 101.89 -1.95
N PRO B 15 47.88 100.60 -2.12
CA PRO B 15 47.50 99.62 -1.10
C PRO B 15 48.07 99.97 0.26
N GLY B 16 47.28 99.72 1.30
CA GLY B 16 47.53 100.27 2.62
C GLY B 16 46.29 101.02 3.07
N GLU B 17 45.16 100.65 2.46
CA GLU B 17 43.89 101.34 2.64
C GLU B 17 43.10 100.72 3.80
N ARG B 18 42.45 101.59 4.57
CA ARG B 18 41.43 101.20 5.53
C ARG B 18 40.08 101.80 5.16
N ALA B 19 39.87 102.03 3.86
CA ALA B 19 38.69 102.73 3.39
C ALA B 19 37.44 101.87 3.56
N THR B 20 36.28 102.55 3.59
CA THR B 20 35.00 101.89 3.72
C THR B 20 33.99 102.56 2.80
N LEU B 21 33.00 101.79 2.35
CA LEU B 21 31.94 102.29 1.50
C LEU B 21 30.59 101.99 2.14
N SER B 22 29.63 102.87 1.90
CA SER B 22 28.31 102.77 2.52
C SER B 22 27.23 102.73 1.45
N CYS B 23 26.24 101.84 1.64
CA CYS B 23 25.09 101.72 0.76
C CYS B 23 23.86 102.16 1.55
N ARG B 24 23.59 103.46 1.54
CA ARG B 24 22.41 103.99 2.21
C ARG B 24 21.14 103.51 1.51
N ALA B 25 20.08 103.34 2.29
CA ALA B 25 18.79 102.88 1.77
C ALA B 25 17.68 103.80 2.24
N SER B 26 16.62 103.87 1.44
CA SER B 26 15.46 104.68 1.80
C SER B 26 14.80 104.15 3.06
N GLN B 27 14.55 102.84 3.11
CA GLN B 27 13.98 102.18 4.27
C GLN B 27 14.84 100.99 4.64
N SER B 28 14.80 100.62 5.92
CA SER B 28 15.59 99.51 6.43
C SER B 28 15.25 98.22 5.71
N VAL B 29 16.18 97.70 4.91
CA VAL B 29 15.95 96.49 4.15
C VAL B 29 16.39 95.29 4.98
N SER B 30 15.54 94.26 5.01
CA SER B 30 15.87 93.04 5.74
C SER B 30 17.14 92.41 5.19
N SER B 31 18.05 92.03 6.09
CA SER B 31 19.33 91.49 5.68
C SER B 31 19.16 90.12 5.02
N SER B 32 20.27 89.63 4.44
CA SER B 32 20.34 88.36 3.74
C SER B 32 19.55 88.39 2.43
N TYR B 33 18.87 89.51 2.16
CA TYR B 33 18.28 89.80 0.86
C TYR B 33 19.03 90.94 0.16
N LEU B 34 20.33 91.03 0.39
CA LEU B 34 21.17 92.07 -0.18
C LEU B 34 22.22 91.44 -1.08
N ALA B 35 22.95 92.29 -1.79
CA ALA B 35 24.02 91.86 -2.66
C ALA B 35 24.97 93.02 -2.88
N TRP B 36 26.19 92.70 -3.30
CA TRP B 36 27.20 93.73 -3.55
C TRP B 36 28.07 93.24 -4.72
N TYR B 37 27.72 93.68 -5.92
CA TYR B 37 28.43 93.25 -7.11
C TYR B 37 29.71 94.07 -7.29
N GLN B 38 30.51 93.68 -8.29
CA GLN B 38 31.78 94.34 -8.55
C GLN B 38 32.00 94.32 -10.06
N GLN B 39 31.62 95.41 -10.72
CA GLN B 39 31.79 95.52 -12.16
C GLN B 39 33.25 95.76 -12.50
N LYS B 40 33.65 95.30 -13.69
CA LYS B 40 35.01 95.44 -14.17
C LYS B 40 35.01 96.09 -15.54
N PRO B 41 36.06 96.83 -15.89
CA PRO B 41 36.09 97.52 -17.19
C PRO B 41 36.08 96.55 -18.37
N GLY B 42 35.00 96.55 -19.13
CA GLY B 42 34.90 95.71 -20.31
C GLY B 42 34.56 94.27 -20.06
N GLN B 43 34.20 93.90 -18.83
CA GLN B 43 33.87 92.52 -18.49
C GLN B 43 32.56 92.52 -17.73
N ALA B 44 32.17 91.32 -17.25
CA ALA B 44 30.96 91.09 -16.47
C ALA B 44 31.25 91.24 -14.98
N PRO B 45 30.25 91.68 -14.20
CA PRO B 45 30.48 91.85 -12.76
C PRO B 45 30.58 90.54 -12.01
N ARG B 46 30.96 90.60 -10.73
CA ARG B 46 31.05 89.43 -9.87
C ARG B 46 30.17 89.67 -8.65
N LEU B 47 30.24 88.78 -7.67
CA LEU B 47 29.53 88.92 -6.41
C LEU B 47 30.49 88.66 -5.27
N LEU B 48 30.48 89.54 -4.27
CA LEU B 48 31.40 89.44 -3.15
C LEU B 48 30.72 88.97 -1.87
N ILE B 49 29.66 89.65 -1.43
CA ILE B 49 29.00 89.35 -0.17
C ILE B 49 27.49 89.32 -0.42
N TYR B 50 26.88 88.16 -0.14
CA TYR B 50 25.46 87.93 -0.46
C TYR B 50 24.59 88.09 0.78
N GLY B 51 24.42 89.35 1.18
CA GLY B 51 23.43 89.65 2.20
C GLY B 51 23.97 90.19 3.52
N ALA B 52 25.23 90.64 3.50
CA ALA B 52 25.86 91.27 4.67
C ALA B 52 25.88 90.34 5.89
N SER B 53 25.96 89.03 5.65
CA SER B 53 26.02 88.08 6.75
C SER B 53 26.99 86.93 6.50
N SER B 54 27.67 86.91 5.35
CA SER B 54 28.62 85.84 5.01
C SER B 54 29.49 86.33 3.87
N ARG B 55 30.23 85.42 3.25
CA ARG B 55 31.05 85.73 2.09
C ARG B 55 30.81 84.65 1.02
N ALA B 56 31.00 85.05 -0.23
CA ALA B 56 30.72 84.17 -1.36
C ALA B 56 31.66 82.97 -1.36
N THR B 57 31.40 82.04 -2.28
CA THR B 57 32.06 80.74 -2.33
C THR B 57 33.59 80.86 -2.35
N GLY B 58 34.14 81.48 -3.39
CA GLY B 58 35.57 81.69 -3.45
C GLY B 58 35.97 82.96 -4.16
N PHE B 59 36.65 83.86 -3.45
CA PHE B 59 37.04 85.16 -3.96
C PHE B 59 38.20 85.68 -3.13
N PRO B 60 38.93 86.68 -3.61
CA PRO B 60 40.06 87.22 -2.83
C PRO B 60 39.60 87.73 -1.47
N ASP B 61 40.44 87.50 -0.47
CA ASP B 61 40.12 87.78 0.92
C ASP B 61 40.54 89.20 1.30
N ARG B 62 40.58 89.46 2.61
CA ARG B 62 41.05 90.70 3.22
C ARG B 62 40.06 91.86 3.12
N PHE B 63 38.78 91.57 2.84
CA PHE B 63 37.75 92.60 2.93
C PHE B 63 36.38 91.94 3.08
N SER B 64 35.64 92.35 4.10
CA SER B 64 34.29 91.88 4.33
C SER B 64 33.60 92.86 5.26
N GLY B 65 32.56 93.51 4.78
CA GLY B 65 31.85 94.52 5.56
C GLY B 65 30.36 94.28 5.59
N SER B 66 29.74 94.74 6.67
CA SER B 66 28.31 94.60 6.87
C SER B 66 27.78 95.82 7.60
N GLY B 67 26.47 96.04 7.49
CA GLY B 67 25.85 97.19 8.11
C GLY B 67 24.41 96.96 8.53
N SER B 68 23.69 98.05 8.78
CA SER B 68 22.30 97.99 9.21
C SER B 68 21.38 98.15 8.01
N GLY B 69 20.07 98.23 8.27
CA GLY B 69 19.09 98.35 7.21
C GLY B 69 19.22 99.63 6.40
N THR B 70 19.07 100.78 7.06
CA THR B 70 19.20 102.06 6.37
C THR B 70 20.62 102.34 5.93
N ASP B 71 21.63 101.82 6.65
CA ASP B 71 23.04 102.05 6.34
C ASP B 71 23.72 100.69 6.21
N PHE B 72 23.77 100.15 4.99
CA PHE B 72 24.43 98.89 4.72
C PHE B 72 25.90 99.15 4.40
N THR B 73 26.70 99.28 5.45
CA THR B 73 28.11 99.60 5.30
C THR B 73 28.90 98.40 4.79
N LEU B 74 30.07 98.70 4.25
CA LEU B 74 31.04 97.68 3.86
C LEU B 74 32.43 98.27 4.03
N THR B 75 33.43 97.39 4.13
CA THR B 75 34.79 97.84 4.36
C THR B 75 35.76 97.06 3.49
N ILE B 76 36.89 97.69 3.19
CA ILE B 76 37.99 97.06 2.47
C ILE B 76 39.27 97.30 3.27
N SER B 77 40.10 96.27 3.39
CA SER B 77 41.29 96.31 4.24
C SER B 77 42.50 95.79 3.46
N ARG B 78 43.24 96.71 2.85
CA ARG B 78 44.52 96.42 2.20
C ARG B 78 44.37 95.37 1.11
N LEU B 79 43.60 95.72 0.09
CA LEU B 79 43.40 94.87 -1.08
C LEU B 79 44.37 95.27 -2.19
N GLU B 80 44.66 94.30 -3.05
CA GLU B 80 45.64 94.48 -4.11
C GLU B 80 45.11 95.43 -5.18
N PRO B 81 46.00 96.08 -5.93
CA PRO B 81 45.55 97.02 -6.98
C PRO B 81 44.72 96.36 -8.08
N GLU B 82 44.70 95.02 -8.15
CA GLU B 82 43.86 94.36 -9.14
C GLU B 82 42.39 94.65 -8.93
N ASP B 83 41.96 94.75 -7.67
CA ASP B 83 40.55 94.99 -7.35
C ASP B 83 40.31 96.49 -7.24
N PHE B 84 40.57 97.18 -8.36
CA PHE B 84 40.33 98.62 -8.49
C PHE B 84 39.38 98.81 -9.67
N ALA B 85 38.09 98.74 -9.41
CA ALA B 85 37.08 98.88 -10.44
C ALA B 85 35.77 99.33 -9.79
N VAL B 86 34.72 99.41 -10.59
CA VAL B 86 33.45 99.98 -10.15
C VAL B 86 32.66 98.94 -9.38
N TYR B 87 32.15 99.34 -8.21
CA TYR B 87 31.26 98.49 -7.43
C TYR B 87 29.80 98.87 -7.69
N TYR B 88 28.89 98.01 -7.23
CA TYR B 88 27.46 98.26 -7.40
C TYR B 88 26.70 97.60 -6.26
N CYS B 89 25.92 98.39 -5.53
CA CYS B 89 25.05 97.85 -4.50
C CYS B 89 23.77 97.31 -5.14
N GLN B 90 23.05 96.48 -4.39
CA GLN B 90 21.86 95.82 -4.93
C GLN B 90 20.89 95.50 -3.79
N GLN B 91 19.63 95.35 -4.17
CA GLN B 91 18.56 95.02 -3.22
C GLN B 91 17.66 93.95 -3.81
N TYR B 92 17.10 93.13 -2.94
CA TYR B 92 16.12 92.12 -3.30
C TYR B 92 14.83 92.36 -2.51
N GLY B 93 13.88 91.44 -2.65
CA GLY B 93 12.67 91.47 -1.86
C GLY B 93 11.49 92.19 -2.49
N ASN B 94 11.60 93.49 -2.67
CA ASN B 94 10.50 94.32 -3.14
C ASN B 94 10.73 94.73 -4.59
N SER B 95 9.77 94.42 -5.45
CA SER B 95 9.85 94.82 -6.85
C SER B 95 9.58 96.32 -6.98
N PRO B 96 10.34 97.03 -7.83
CA PRO B 96 11.44 96.48 -8.63
C PRO B 96 12.73 96.30 -7.84
N TRP B 97 13.51 95.28 -8.19
CA TRP B 97 14.79 95.02 -7.55
C TRP B 97 15.80 96.03 -8.09
N THR B 98 15.97 97.14 -7.38
CA THR B 98 16.82 98.22 -7.86
C THR B 98 18.26 98.05 -7.39
N PHE B 99 19.18 98.55 -8.20
CA PHE B 99 20.61 98.54 -7.89
C PHE B 99 20.98 99.87 -7.22
N GLY B 100 22.28 100.11 -7.08
CA GLY B 100 22.77 101.33 -6.47
C GLY B 100 23.45 102.24 -7.50
N GLN B 101 23.87 103.40 -7.00
CA GLN B 101 24.57 104.36 -7.86
C GLN B 101 25.89 103.81 -8.36
N GLY B 102 26.64 103.14 -7.49
CA GLY B 102 27.96 102.65 -7.85
C GLY B 102 29.07 103.47 -7.24
N THR B 103 30.16 102.81 -6.86
CA THR B 103 31.28 103.48 -6.22
C THR B 103 32.52 103.39 -7.11
N LYS B 104 33.24 104.51 -7.20
CA LYS B 104 34.44 104.60 -8.01
C LYS B 104 35.69 104.55 -7.13
N VAL B 105 36.77 104.01 -7.68
CA VAL B 105 38.05 103.93 -7.01
C VAL B 105 39.14 104.39 -7.96
N GLU B 106 40.30 104.74 -7.39
CA GLU B 106 41.41 105.26 -8.15
C GLU B 106 42.69 104.98 -7.36
N ILE B 107 43.84 105.19 -7.99
CA ILE B 107 45.12 105.04 -7.30
C ILE B 107 45.63 106.41 -6.87
N GLN C 1 13.34 14.02 -68.85
CA GLN C 1 12.22 14.50 -69.64
C GLN C 1 10.94 14.51 -68.82
N CYS C 2 10.11 15.52 -69.03
CA CYS C 2 8.85 15.64 -68.31
C CYS C 2 7.68 15.02 -69.07
N VAL C 3 7.91 14.49 -70.27
CA VAL C 3 6.94 13.87 -71.17
C VAL C 3 5.55 14.52 -71.10
N ASN C 4 4.88 14.46 -69.95
CA ASN C 4 3.55 15.04 -69.76
C ASN C 4 2.56 14.51 -70.81
N LEU C 5 2.33 13.21 -70.75
CA LEU C 5 1.39 12.58 -71.67
C LEU C 5 -0.05 12.95 -71.29
N THR C 6 -0.97 12.70 -72.23
CA THR C 6 -2.35 13.13 -72.09
C THR C 6 -3.32 12.01 -72.46
N THR C 7 -4.59 12.36 -72.67
CA THR C 7 -5.65 11.40 -72.99
C THR C 7 -5.81 10.37 -71.88
N ARG C 8 -6.18 10.86 -70.71
CA ARG C 8 -6.36 10.02 -69.52
C ARG C 8 -7.82 9.66 -69.36
N THR C 9 -8.10 8.37 -69.21
CA THR C 9 -9.45 7.89 -69.04
C THR C 9 -9.88 8.02 -67.58
N GLN C 10 -11.11 8.50 -67.36
CA GLN C 10 -11.66 8.68 -66.03
C GLN C 10 -12.69 7.59 -65.75
N LEU C 11 -12.50 6.87 -64.65
CA LEU C 11 -13.39 5.78 -64.27
C LEU C 11 -13.40 5.64 -62.75
N PRO C 12 -14.55 5.34 -62.16
CA PRO C 12 -14.60 5.16 -60.71
C PRO C 12 -13.87 3.90 -60.29
N PRO C 13 -13.13 3.94 -59.18
CA PRO C 13 -12.40 2.73 -58.74
C PRO C 13 -13.35 1.69 -58.18
N ALA C 14 -13.07 0.43 -58.50
CA ALA C 14 -13.85 -0.67 -57.97
C ALA C 14 -13.41 -1.01 -56.54
N TYR C 15 -14.14 -1.90 -55.90
CA TYR C 15 -13.85 -2.29 -54.54
C TYR C 15 -13.95 -3.80 -54.40
N THR C 16 -13.16 -4.34 -53.47
CA THR C 16 -13.15 -5.77 -53.18
C THR C 16 -12.74 -5.97 -51.73
N ASN C 17 -13.03 -7.15 -51.20
CA ASN C 17 -12.82 -7.47 -49.80
C ASN C 17 -11.53 -8.25 -49.61
N SER C 18 -10.80 -7.91 -48.55
CA SER C 18 -9.56 -8.61 -48.19
C SER C 18 -9.90 -9.63 -47.10
N PHE C 19 -9.95 -10.90 -47.48
CA PHE C 19 -10.37 -11.96 -46.57
C PHE C 19 -9.14 -12.51 -45.86
N THR C 20 -8.90 -12.02 -44.64
CA THR C 20 -7.86 -12.54 -43.75
C THR C 20 -6.49 -12.55 -44.45
N ARG C 21 -6.01 -11.36 -44.79
CA ARG C 21 -4.72 -11.22 -45.45
C ARG C 21 -3.99 -10.03 -44.88
N GLY C 22 -2.65 -10.07 -44.98
CA GLY C 22 -1.82 -8.98 -44.53
C GLY C 22 -1.29 -9.14 -43.12
N VAL C 23 -0.77 -10.32 -42.81
CA VAL C 23 -0.22 -10.62 -41.50
C VAL C 23 1.29 -10.82 -41.64
N TYR C 24 2.05 -10.06 -40.85
CA TYR C 24 3.50 -10.10 -40.88
C TYR C 24 4.04 -10.39 -39.49
N TYR C 25 5.23 -10.96 -39.43
CA TYR C 25 5.84 -11.32 -38.15
C TYR C 25 6.20 -10.04 -37.40
N PRO C 26 5.64 -9.81 -36.22
CA PRO C 26 5.95 -8.56 -35.49
C PRO C 26 7.41 -8.43 -35.10
N ASP C 27 8.08 -9.53 -34.78
CA ASP C 27 9.47 -9.48 -34.33
C ASP C 27 10.16 -10.78 -34.72
N LYS C 28 11.44 -10.87 -34.35
CA LYS C 28 12.27 -12.01 -34.71
C LYS C 28 12.29 -13.10 -33.66
N VAL C 29 11.50 -12.97 -32.60
CA VAL C 29 11.51 -13.95 -31.52
C VAL C 29 10.82 -15.23 -31.98
N PHE C 30 11.41 -16.37 -31.64
CA PHE C 30 10.88 -17.67 -32.00
C PHE C 30 9.90 -18.16 -30.94
N ARG C 31 8.94 -18.99 -31.37
CA ARG C 31 7.95 -19.55 -30.48
C ARG C 31 7.48 -20.88 -31.04
N SER C 32 6.86 -21.69 -30.18
CA SER C 32 6.40 -23.02 -30.58
C SER C 32 5.13 -23.37 -29.85
N SER C 33 4.05 -23.60 -30.61
CA SER C 33 2.78 -24.10 -30.09
C SER C 33 2.23 -23.19 -28.98
N VAL C 34 2.34 -21.88 -29.17
CA VAL C 34 1.80 -20.91 -28.23
C VAL C 34 0.98 -19.89 -28.99
N LEU C 35 0.10 -19.23 -28.26
CA LEU C 35 -0.72 -18.13 -28.79
C LEU C 35 -0.29 -16.84 -28.10
N HIS C 36 0.18 -15.89 -28.89
CA HIS C 36 0.71 -14.64 -28.38
C HIS C 36 -0.17 -13.49 -28.83
N SER C 37 -0.55 -12.63 -27.89
CA SER C 37 -1.36 -11.45 -28.19
C SER C 37 -0.44 -10.25 -28.33
N THR C 38 -0.49 -9.59 -29.48
CA THR C 38 0.35 -8.44 -29.76
C THR C 38 -0.51 -7.26 -30.17
N GLN C 39 0.00 -6.06 -29.91
CA GLN C 39 -0.68 -4.81 -30.23
C GLN C 39 0.22 -4.01 -31.17
N ASP C 40 -0.13 -3.99 -32.45
CA ASP C 40 0.68 -3.30 -33.44
C ASP C 40 -0.21 -2.91 -34.61
N LEU C 41 0.36 -2.14 -35.53
CA LEU C 41 -0.36 -1.73 -36.72
C LEU C 41 -0.62 -2.92 -37.62
N PHE C 42 -1.85 -3.05 -38.10
CA PHE C 42 -2.24 -4.18 -38.93
C PHE C 42 -3.37 -3.77 -39.86
N LEU C 43 -3.60 -4.59 -40.88
CA LEU C 43 -4.74 -4.40 -41.78
C LEU C 43 -5.95 -5.13 -41.21
N PRO C 44 -7.03 -4.43 -40.87
CA PRO C 44 -8.18 -5.10 -40.27
C PRO C 44 -8.82 -6.11 -41.22
N PHE C 45 -9.38 -7.16 -40.63
CA PHE C 45 -10.01 -8.21 -41.41
C PHE C 45 -11.28 -7.68 -42.08
N PHE C 46 -11.62 -8.30 -43.22
CA PHE C 46 -12.88 -8.01 -43.94
C PHE C 46 -13.06 -6.52 -44.21
N SER C 47 -12.00 -5.89 -44.71
CA SER C 47 -12.04 -4.49 -45.09
C SER C 47 -11.97 -4.37 -46.61
N ASN C 48 -12.81 -3.48 -47.15
CA ASN C 48 -12.71 -3.14 -48.56
C ASN C 48 -11.41 -2.38 -48.84
N VAL C 49 -10.86 -2.63 -50.03
CA VAL C 49 -9.60 -2.04 -50.46
C VAL C 49 -9.81 -1.46 -51.86
N THR C 50 -9.20 -0.30 -52.11
CA THR C 50 -9.38 0.38 -53.39
C THR C 50 -8.61 -0.38 -54.47
N TRP C 51 -9.33 -0.92 -55.44
CA TRP C 51 -8.74 -1.77 -56.47
C TRP C 51 -8.54 -0.96 -57.74
N PHE C 52 -7.34 -0.42 -57.91
CA PHE C 52 -7.02 0.30 -59.13
C PHE C 52 -6.88 -0.67 -60.29
N HIS C 53 -7.18 -0.17 -61.50
CA HIS C 53 -7.17 -1.01 -62.69
C HIS C 53 -6.49 -0.28 -63.83
N ALA C 54 -5.94 -1.06 -64.77
CA ALA C 54 -5.32 -0.52 -65.97
C ALA C 54 -5.39 -1.59 -67.05
N ILE C 55 -6.37 -1.49 -67.94
CA ILE C 55 -6.57 -2.46 -69.02
C ILE C 55 -6.77 -1.70 -70.33
N HIS C 56 -6.05 -2.12 -71.36
CA HIS C 56 -6.17 -1.48 -72.67
C HIS C 56 -7.43 -1.91 -73.41
N VAL C 57 -8.00 -3.06 -73.05
CA VAL C 57 -9.22 -3.58 -73.68
C VAL C 57 -9.04 -3.70 -75.19
N THR C 63 -8.63 0.98 -74.06
CA THR C 63 -8.50 2.39 -74.39
C THR C 63 -7.55 3.10 -73.43
N LYS C 64 -6.26 3.07 -73.76
CA LYS C 64 -5.23 3.70 -72.94
C LYS C 64 -5.26 3.15 -71.52
N ARG C 65 -5.95 3.85 -70.62
CA ARG C 65 -6.23 3.38 -69.27
C ARG C 65 -4.94 3.08 -68.50
N PHE C 66 -4.19 4.14 -68.25
CA PHE C 66 -3.03 4.07 -67.36
C PHE C 66 -3.43 4.60 -66.00
N ASP C 67 -2.79 4.09 -64.95
CA ASP C 67 -3.08 4.52 -63.59
C ASP C 67 -1.77 4.82 -62.86
N ASN C 68 -1.63 6.06 -62.39
CA ASN C 68 -0.51 6.45 -61.54
C ASN C 68 -0.83 7.72 -60.78
N PRO C 69 -1.77 7.70 -59.85
CA PRO C 69 -2.09 8.88 -59.06
C PRO C 69 -1.21 8.93 -57.81
N VAL C 70 -1.42 9.98 -57.00
CA VAL C 70 -0.72 10.15 -55.74
C VAL C 70 -1.65 9.72 -54.60
N LEU C 71 -1.15 8.87 -53.71
CA LEU C 71 -1.93 8.35 -52.60
C LEU C 71 -1.33 8.81 -51.28
N PRO C 72 -2.15 9.17 -50.31
CA PRO C 72 -1.62 9.58 -49.00
C PRO C 72 -0.96 8.41 -48.28
N PHE C 73 0.09 8.73 -47.53
CA PHE C 73 0.85 7.75 -46.76
C PHE C 73 0.68 8.11 -45.28
N ASN C 74 -0.38 7.59 -44.67
CA ASN C 74 -0.69 7.93 -43.28
C ASN C 74 0.18 7.14 -42.31
N ASP C 75 0.06 5.81 -42.31
CA ASP C 75 0.87 4.98 -41.43
C ASP C 75 1.43 3.73 -42.09
N GLY C 76 1.03 3.40 -43.31
CA GLY C 76 1.50 2.21 -43.98
C GLY C 76 0.45 1.73 -44.96
N VAL C 77 0.91 1.07 -46.01
CA VAL C 77 0.03 0.58 -47.08
C VAL C 77 0.33 -0.88 -47.33
N TYR C 78 -0.72 -1.65 -47.59
CA TYR C 78 -0.60 -3.07 -47.93
C TYR C 78 -0.75 -3.18 -49.45
N PHE C 79 0.37 -3.17 -50.16
CA PHE C 79 0.38 -3.28 -51.61
C PHE C 79 0.43 -4.75 -52.01
N ALA C 80 -0.58 -5.20 -52.76
CA ALA C 80 -0.68 -6.60 -53.17
C ALA C 80 -0.91 -6.65 -54.67
N SER C 81 0.18 -6.60 -55.44
CA SER C 81 0.07 -6.62 -56.89
C SER C 81 -0.19 -8.04 -57.39
N THR C 82 -0.59 -8.13 -58.66
CA THR C 82 -0.86 -9.43 -59.29
C THR C 82 -0.63 -9.26 -60.79
N GLU C 83 0.48 -9.77 -61.28
CA GLU C 83 0.84 -9.65 -62.69
C GLU C 83 1.84 -10.76 -63.03
N LYS C 84 2.18 -10.85 -64.31
CA LYS C 84 3.13 -11.86 -64.78
C LYS C 84 4.20 -11.31 -65.71
N SER C 85 4.03 -10.10 -66.24
CA SER C 85 4.98 -9.54 -67.21
C SER C 85 5.80 -8.39 -66.62
N ASN C 86 5.95 -8.34 -65.30
CA ASN C 86 6.72 -7.30 -64.62
C ASN C 86 6.23 -5.91 -65.00
N ILE C 87 4.91 -5.74 -65.04
CA ILE C 87 4.33 -4.44 -65.40
C ILE C 87 4.70 -3.39 -64.37
N ILE C 88 4.55 -3.71 -63.08
CA ILE C 88 4.88 -2.80 -62.00
C ILE C 88 6.37 -2.95 -61.69
N ARG C 89 7.01 -1.83 -61.37
CA ARG C 89 8.45 -1.82 -61.15
C ARG C 89 8.83 -1.38 -59.75
N GLY C 90 8.35 -0.22 -59.29
CA GLY C 90 8.80 0.28 -58.01
C GLY C 90 7.85 1.29 -57.41
N TRP C 91 8.29 1.91 -56.33
CA TRP C 91 7.50 2.87 -55.58
C TRP C 91 8.36 4.09 -55.26
N ILE C 92 7.71 5.24 -55.10
CA ILE C 92 8.39 6.49 -54.75
C ILE C 92 7.73 7.06 -53.51
N PHE C 93 8.54 7.48 -52.54
CA PHE C 93 8.06 8.07 -51.31
C PHE C 93 8.75 9.41 -51.08
N GLY C 94 8.06 10.29 -50.38
CA GLY C 94 8.61 11.60 -50.09
C GLY C 94 7.57 12.51 -49.48
N THR C 95 7.97 13.76 -49.29
CA THR C 95 7.12 14.78 -48.70
C THR C 95 6.76 15.89 -49.67
N THR C 96 7.77 16.51 -50.31
CA THR C 96 7.54 17.62 -51.23
C THR C 96 7.79 17.24 -52.69
N LEU C 97 8.68 16.30 -52.95
CA LEU C 97 8.95 15.80 -54.31
C LEU C 97 9.42 16.92 -55.24
N ASP C 98 10.25 17.83 -54.71
CA ASP C 98 10.79 18.91 -55.52
C ASP C 98 12.26 19.16 -55.24
N SER C 99 13.01 18.10 -54.93
CA SER C 99 14.44 18.14 -54.62
C SER C 99 14.76 18.95 -53.38
N LYS C 100 13.75 19.31 -52.58
CA LYS C 100 13.97 20.00 -51.32
C LYS C 100 14.00 19.04 -50.13
N THR C 101 13.42 17.85 -50.28
CA THR C 101 13.38 16.86 -49.22
C THR C 101 13.81 15.51 -49.80
N GLN C 102 14.42 14.69 -48.95
CA GLN C 102 14.91 13.39 -49.40
C GLN C 102 13.75 12.53 -49.91
N SER C 103 14.03 11.77 -50.98
CA SER C 103 13.05 10.93 -51.64
C SER C 103 13.48 9.47 -51.54
N LEU C 104 12.78 8.61 -52.27
CA LEU C 104 13.08 7.19 -52.27
C LEU C 104 12.61 6.58 -53.58
N LEU C 105 13.49 5.83 -54.24
CA LEU C 105 13.31 5.45 -55.64
C LEU C 105 13.56 3.96 -55.86
N ILE C 106 12.90 3.11 -55.06
CA ILE C 106 13.01 1.66 -55.28
C ILE C 106 12.64 1.34 -56.72
N VAL C 107 13.56 0.69 -57.42
CA VAL C 107 13.36 0.26 -58.80
C VAL C 107 13.82 -1.19 -58.93
N ASN C 108 13.00 -2.01 -59.59
CA ASN C 108 13.38 -3.41 -59.79
C ASN C 108 14.64 -3.54 -60.63
N ASN C 109 14.74 -2.75 -61.70
CA ASN C 109 15.91 -2.71 -62.58
C ASN C 109 16.13 -4.05 -63.29
N ALA C 110 17.05 -4.09 -64.24
CA ALA C 110 17.29 -5.30 -65.00
C ALA C 110 18.03 -6.35 -64.17
N THR C 111 19.05 -5.93 -63.42
CA THR C 111 19.92 -6.86 -62.71
C THR C 111 19.53 -7.02 -61.24
N ASN C 112 19.56 -5.93 -60.48
CA ASN C 112 19.32 -5.97 -59.04
C ASN C 112 18.37 -4.84 -58.65
N VAL C 113 17.66 -5.03 -57.55
CA VAL C 113 16.74 -4.03 -57.04
C VAL C 113 17.51 -2.96 -56.27
N VAL C 114 17.88 -1.89 -56.97
CA VAL C 114 18.70 -0.83 -56.39
C VAL C 114 17.78 0.20 -55.75
N ILE C 115 18.14 0.63 -54.55
CA ILE C 115 17.36 1.58 -53.76
C ILE C 115 18.16 2.86 -53.62
N LYS C 116 17.55 3.98 -53.98
CA LYS C 116 18.18 5.30 -53.89
C LYS C 116 17.32 6.21 -53.03
N VAL C 117 17.97 7.03 -52.19
CA VAL C 117 17.28 7.98 -51.35
C VAL C 117 17.76 9.40 -51.59
N CYS C 118 18.43 9.64 -52.70
CA CYS C 118 18.92 10.98 -53.02
C CYS C 118 17.77 11.90 -53.41
N GLU C 119 18.00 13.20 -53.27
CA GLU C 119 17.03 14.19 -53.70
C GLU C 119 17.16 14.45 -55.19
N PHE C 120 16.03 14.50 -55.88
CA PHE C 120 16.02 14.66 -57.33
C PHE C 120 14.99 15.70 -57.73
N GLN C 121 15.23 16.35 -58.87
CA GLN C 121 14.30 17.33 -59.44
C GLN C 121 13.33 16.57 -60.33
N PHE C 122 12.27 16.06 -59.74
CA PHE C 122 11.32 15.22 -60.45
C PHE C 122 10.40 16.06 -61.33
N CYS C 123 9.91 15.45 -62.41
CA CYS C 123 8.93 16.08 -63.28
C CYS C 123 7.54 15.86 -62.70
N ASN C 124 6.50 16.22 -63.47
CA ASN C 124 5.13 15.97 -63.03
C ASN C 124 4.85 14.48 -62.93
N ASP C 125 5.33 13.70 -63.90
CA ASP C 125 5.17 12.24 -63.93
C ASP C 125 6.54 11.60 -64.14
N PRO C 126 7.38 11.59 -63.11
CA PRO C 126 8.73 11.01 -63.26
C PRO C 126 8.67 9.49 -63.15
N PHE C 127 9.19 8.81 -64.18
CA PHE C 127 9.22 7.36 -64.20
C PHE C 127 10.21 6.92 -65.26
N LEU C 128 10.59 5.65 -65.20
CA LEU C 128 11.50 5.04 -66.16
C LEU C 128 10.74 4.06 -67.03
N GLY C 129 11.09 4.00 -68.31
CA GLY C 129 10.40 3.15 -69.26
C GLY C 129 11.36 2.53 -70.24
N VAL C 130 10.79 1.69 -71.11
CA VAL C 130 11.56 0.98 -72.14
C VAL C 130 10.87 1.20 -73.47
N TYR C 131 11.57 0.81 -74.54
CA TYR C 131 11.07 0.97 -75.90
C TYR C 131 11.17 -0.36 -76.64
N TYR C 132 10.35 -0.49 -77.68
CA TYR C 132 10.34 -1.70 -78.52
C TYR C 132 11.31 -1.48 -79.67
N HIS C 133 12.40 -2.23 -79.68
CA HIS C 133 13.42 -2.10 -80.71
C HIS C 133 13.89 -3.49 -81.13
N LYS C 134 14.66 -3.53 -82.22
CA LYS C 134 15.17 -4.77 -82.79
C LYS C 134 16.68 -4.92 -82.66
N ASN C 135 17.42 -3.82 -82.58
CA ASN C 135 18.88 -3.91 -82.48
C ASN C 135 19.29 -4.62 -81.19
N ASN C 136 18.62 -4.31 -80.09
CA ASN C 136 18.89 -4.95 -78.80
C ASN C 136 17.65 -5.75 -78.41
N LYS C 137 17.81 -7.08 -78.27
CA LYS C 137 16.68 -7.93 -77.91
C LYS C 137 16.17 -7.59 -76.52
N SER C 138 17.07 -7.38 -75.56
CA SER C 138 16.67 -6.99 -74.22
C SER C 138 16.12 -5.57 -74.22
N TRP C 139 15.03 -5.36 -73.47
CA TRP C 139 14.38 -4.06 -73.41
C TRP C 139 15.15 -3.17 -72.42
N MET C 140 16.25 -2.61 -72.93
CA MET C 140 17.09 -1.74 -72.11
C MET C 140 16.36 -0.43 -71.83
N GLU C 141 16.62 0.13 -70.65
CA GLU C 141 15.88 1.30 -70.16
C GLU C 141 16.32 2.53 -70.95
N SER C 142 15.69 2.71 -72.11
CA SER C 142 15.98 3.84 -72.99
C SER C 142 15.33 5.14 -72.51
N GLU C 143 14.49 5.09 -71.49
CA GLU C 143 13.81 6.26 -70.96
C GLU C 143 14.41 6.62 -69.62
N PHE C 144 14.83 7.89 -69.48
CA PHE C 144 15.39 8.41 -68.25
C PHE C 144 14.56 9.58 -67.73
N ARG C 145 13.24 9.45 -67.80
CA ARG C 145 12.33 10.52 -67.38
C ARG C 145 12.10 10.47 -65.87
N VAL C 146 13.20 10.60 -65.12
CA VAL C 146 13.18 10.51 -63.67
C VAL C 146 13.61 11.82 -63.01
N TYR C 147 14.68 12.44 -63.49
CA TYR C 147 15.12 13.72 -62.96
C TYR C 147 16.10 14.35 -63.95
N SER C 148 16.61 15.52 -63.57
CA SER C 148 17.58 16.25 -64.38
C SER C 148 18.94 16.39 -63.71
N SER C 149 18.97 16.69 -62.41
CA SER C 149 20.22 16.81 -61.69
C SER C 149 19.97 16.46 -60.22
N ALA C 150 20.99 15.92 -59.58
CA ALA C 150 20.94 15.55 -58.16
C ALA C 150 21.89 16.45 -57.39
N ASN C 151 21.36 17.15 -56.39
CA ASN C 151 22.18 18.10 -55.64
C ASN C 151 23.20 17.38 -54.75
N ASN C 152 22.75 16.36 -54.03
CA ASN C 152 23.62 15.64 -53.10
C ASN C 152 22.97 14.32 -52.73
N CYS C 153 23.79 13.40 -52.22
CA CYS C 153 23.34 12.09 -51.79
C CYS C 153 23.84 11.82 -50.37
N THR C 154 22.96 11.22 -49.56
CA THR C 154 23.29 10.87 -48.20
C THR C 154 23.36 9.37 -47.95
N PHE C 155 22.72 8.56 -48.80
CA PHE C 155 22.74 7.11 -48.62
C PHE C 155 22.35 6.44 -49.93
N GLU C 156 22.83 5.22 -50.11
CA GLU C 156 22.47 4.40 -51.26
C GLU C 156 22.67 2.95 -50.88
N TYR C 157 21.77 2.08 -51.35
CA TYR C 157 21.78 0.69 -50.96
C TYR C 157 21.45 -0.19 -52.16
N VAL C 158 22.14 -1.32 -52.27
CA VAL C 158 21.89 -2.32 -53.30
C VAL C 158 21.62 -3.65 -52.62
N SER C 159 20.50 -4.28 -52.96
CA SER C 159 20.10 -5.55 -52.37
C SER C 159 19.99 -6.62 -53.44
N GLN C 160 19.94 -7.87 -52.99
CA GLN C 160 19.77 -8.97 -53.91
C GLN C 160 18.35 -8.96 -54.48
N PRO C 161 18.20 -8.99 -55.80
CA PRO C 161 16.86 -8.91 -56.40
C PRO C 161 16.02 -10.14 -56.10
N PHE C 162 14.71 -9.93 -56.08
CA PHE C 162 13.76 -11.02 -55.91
C PHE C 162 13.37 -11.56 -57.29
N LEU C 163 13.43 -12.88 -57.45
CA LEU C 163 13.19 -13.49 -58.74
C LEU C 163 11.69 -13.71 -58.97
N MET C 164 11.29 -13.59 -60.22
CA MET C 164 9.90 -13.77 -60.64
C MET C 164 9.82 -14.93 -61.64
N ASP C 165 8.62 -15.12 -62.20
CA ASP C 165 8.43 -16.17 -63.19
C ASP C 165 9.20 -15.87 -64.48
N LEU C 166 9.44 -14.59 -64.77
CA LEU C 166 10.18 -14.16 -65.96
C LEU C 166 9.57 -14.69 -67.24
N GLU C 167 8.23 -14.64 -67.31
CA GLU C 167 7.49 -15.11 -68.48
C GLU C 167 6.72 -13.94 -69.08
N GLY C 168 6.99 -13.64 -70.34
CA GLY C 168 6.37 -12.51 -71.00
C GLY C 168 5.11 -12.85 -71.78
N LYS C 169 4.16 -13.51 -71.14
CA LYS C 169 2.88 -13.86 -71.75
C LYS C 169 1.77 -13.01 -71.17
N GLN C 170 0.63 -13.03 -71.85
CA GLN C 170 -0.58 -12.34 -71.41
C GLN C 170 -1.64 -13.33 -70.91
N GLY C 171 -1.21 -14.44 -70.34
CA GLY C 171 -2.10 -15.50 -69.89
C GLY C 171 -2.53 -15.32 -68.45
N ASN C 172 -2.81 -16.46 -67.81
CA ASN C 172 -3.29 -16.44 -66.44
C ASN C 172 -2.23 -15.91 -65.49
N PHE C 173 -2.68 -15.22 -64.45
CA PHE C 173 -1.78 -14.68 -63.45
C PHE C 173 -1.17 -15.79 -62.62
N LYS C 174 0.13 -15.67 -62.33
CA LYS C 174 0.84 -16.65 -61.54
C LYS C 174 1.70 -16.06 -60.43
N ASN C 175 2.10 -14.79 -60.53
CA ASN C 175 2.93 -14.14 -59.52
C ASN C 175 2.09 -13.14 -58.75
N LEU C 176 2.18 -13.20 -57.42
CA LEU C 176 1.40 -12.32 -56.53
C LEU C 176 2.35 -11.77 -55.49
N ARG C 177 2.70 -10.48 -55.62
CA ARG C 177 3.64 -9.83 -54.72
C ARG C 177 2.88 -9.04 -53.66
N GLU C 178 3.25 -9.24 -52.40
CA GLU C 178 2.68 -8.49 -51.30
C GLU C 178 3.78 -7.68 -50.62
N PHE C 179 3.42 -6.51 -50.12
CA PHE C 179 4.37 -5.62 -49.45
C PHE C 179 3.64 -4.86 -48.36
N VAL C 180 4.33 -4.63 -47.24
CA VAL C 180 3.77 -3.90 -46.11
C VAL C 180 4.83 -2.88 -45.69
N PHE C 181 4.69 -1.65 -46.17
CA PHE C 181 5.64 -0.59 -45.84
C PHE C 181 5.24 0.07 -44.53
N LYS C 182 6.19 0.19 -43.62
CA LYS C 182 5.96 0.85 -42.34
C LYS C 182 7.12 1.80 -42.06
N ASN C 183 6.81 2.90 -41.37
CA ASN C 183 7.82 3.92 -41.05
C ASN C 183 7.59 4.38 -39.61
N ILE C 184 8.33 3.77 -38.68
CA ILE C 184 8.29 4.13 -37.27
C ILE C 184 9.72 4.26 -36.77
N ASP C 185 9.96 5.27 -35.94
CA ASP C 185 11.28 5.58 -35.41
C ASP C 185 12.30 5.82 -36.52
N GLY C 186 11.84 6.43 -37.62
CA GLY C 186 12.74 6.74 -38.71
C GLY C 186 13.32 5.53 -39.42
N TYR C 187 12.67 4.38 -39.34
CA TYR C 187 13.14 3.16 -39.97
C TYR C 187 12.18 2.73 -41.07
N PHE C 188 12.72 2.34 -42.21
CA PHE C 188 11.93 1.89 -43.35
C PHE C 188 11.97 0.37 -43.40
N LYS C 189 10.81 -0.26 -43.36
CA LYS C 189 10.69 -1.70 -43.29
C LYS C 189 9.86 -2.21 -44.47
N ILE C 190 10.31 -3.32 -45.06
CA ILE C 190 9.65 -3.93 -46.20
C ILE C 190 9.46 -5.41 -45.92
N TYR C 191 8.26 -5.91 -46.14
CA TYR C 191 7.94 -7.33 -46.02
C TYR C 191 7.44 -7.83 -47.37
N SER C 192 7.57 -9.12 -47.61
CA SER C 192 7.19 -9.64 -48.92
C SER C 192 6.88 -11.11 -48.85
N LYS C 193 6.20 -11.60 -49.89
CA LYS C 193 5.93 -13.01 -50.07
C LYS C 193 5.62 -13.25 -51.54
N HIS C 194 5.73 -14.50 -51.96
CA HIS C 194 5.44 -14.90 -53.33
C HIS C 194 4.66 -16.21 -53.31
N THR C 195 3.46 -16.20 -53.87
CA THR C 195 2.60 -17.38 -53.86
C THR C 195 1.85 -17.48 -55.19
N PRO C 196 1.91 -18.61 -55.87
CA PRO C 196 1.14 -18.78 -57.10
C PRO C 196 -0.36 -18.83 -56.83
N ILE C 197 -1.12 -18.32 -57.80
CA ILE C 197 -2.58 -18.31 -57.71
C ILE C 197 -3.16 -18.73 -59.05
N ASN C 198 -4.45 -19.07 -59.04
CA ASN C 198 -5.18 -19.45 -60.24
C ASN C 198 -6.60 -18.87 -60.14
N LEU C 199 -6.77 -17.66 -60.66
CA LEU C 199 -8.06 -16.98 -60.63
C LEU C 199 -8.00 -15.80 -61.60
N VAL C 200 -9.17 -15.27 -61.92
CA VAL C 200 -9.27 -14.16 -62.87
C VAL C 200 -9.13 -12.81 -62.17
N ARG C 201 -9.67 -12.67 -60.96
CA ARG C 201 -9.58 -11.43 -60.21
C ARG C 201 -9.82 -11.75 -58.74
N ASP C 202 -9.94 -10.70 -57.92
CA ASP C 202 -10.19 -10.81 -56.49
C ASP C 202 -9.03 -11.52 -55.80
N LEU C 203 -9.15 -11.75 -54.48
CA LEU C 203 -8.08 -12.39 -53.74
C LEU C 203 -8.52 -13.75 -53.21
N PRO C 204 -7.62 -14.73 -53.19
CA PRO C 204 -8.02 -16.08 -52.77
C PRO C 204 -8.35 -16.14 -51.28
N GLN C 205 -9.21 -17.09 -50.93
CA GLN C 205 -9.62 -17.30 -49.54
C GLN C 205 -8.59 -18.21 -48.88
N GLY C 206 -7.44 -17.62 -48.54
CA GLY C 206 -6.37 -18.36 -47.91
C GLY C 206 -5.56 -17.45 -47.01
N PHE C 207 -4.70 -18.08 -46.20
CA PHE C 207 -3.89 -17.35 -45.23
C PHE C 207 -2.43 -17.73 -45.43
N SER C 208 -1.57 -16.71 -45.51
CA SER C 208 -0.13 -16.92 -45.64
C SER C 208 0.57 -15.73 -45.02
N ALA C 209 1.23 -15.95 -43.88
CA ALA C 209 1.86 -14.86 -43.15
C ALA C 209 3.05 -14.30 -43.92
N LEU C 210 3.28 -13.00 -43.74
CA LEU C 210 4.36 -12.30 -44.43
C LEU C 210 5.63 -12.30 -43.56
N GLU C 211 6.78 -12.47 -44.21
CA GLU C 211 8.07 -12.51 -43.56
C GLU C 211 8.87 -11.25 -43.87
N PRO C 212 9.73 -10.79 -42.95
CA PRO C 212 10.55 -9.61 -43.24
C PRO C 212 11.52 -9.85 -44.37
N LEU C 213 11.81 -8.78 -45.11
CA LEU C 213 12.76 -8.85 -46.21
C LEU C 213 13.95 -7.92 -46.02
N VAL C 214 13.72 -6.67 -45.64
CA VAL C 214 14.81 -5.71 -45.48
C VAL C 214 14.34 -4.62 -44.54
N ASP C 215 15.30 -4.01 -43.84
CA ASP C 215 15.03 -2.88 -42.94
C ASP C 215 16.02 -1.77 -43.27
N LEU C 216 15.50 -0.58 -43.50
CA LEU C 216 16.33 0.57 -43.87
C LEU C 216 16.33 1.60 -42.75
N PRO C 217 17.46 1.85 -42.08
CA PRO C 217 17.57 2.95 -41.13
C PRO C 217 17.91 4.29 -41.81
N ILE C 218 17.17 4.62 -42.86
CA ILE C 218 17.46 5.81 -43.64
C ILE C 218 17.18 7.08 -42.84
N GLY C 219 16.13 7.05 -42.02
CA GLY C 219 15.84 8.18 -41.14
C GLY C 219 15.44 9.47 -41.84
N ILE C 220 14.57 9.38 -42.85
CA ILE C 220 14.08 10.57 -43.53
C ILE C 220 12.59 10.71 -43.26
N ASN C 221 11.97 11.75 -43.82
CA ASN C 221 10.55 12.04 -43.61
C ASN C 221 9.76 11.60 -44.83
N ILE C 222 8.72 10.80 -44.59
CA ILE C 222 7.86 10.27 -45.65
C ILE C 222 6.44 10.74 -45.39
N THR C 223 5.84 11.37 -46.40
CA THR C 223 4.49 11.90 -46.28
C THR C 223 3.56 11.45 -47.40
N ARG C 224 4.06 11.32 -48.62
CA ARG C 224 3.25 10.96 -49.78
C ARG C 224 3.72 9.65 -50.38
N PHE C 225 2.78 8.88 -50.91
CA PHE C 225 3.03 7.58 -51.50
C PHE C 225 2.61 7.60 -52.97
N GLN C 226 3.47 7.07 -53.84
CA GLN C 226 3.15 6.96 -55.25
C GLN C 226 3.90 5.78 -55.83
N THR C 227 3.37 5.22 -56.91
CA THR C 227 3.90 4.01 -57.53
C THR C 227 4.48 4.32 -58.90
N LEU C 228 5.57 3.62 -59.23
CA LEU C 228 6.26 3.78 -60.50
C LEU C 228 6.27 2.47 -61.26
N LEU C 229 5.86 2.49 -62.52
CA LEU C 229 5.86 1.32 -63.37
C LEU C 229 6.42 1.68 -64.73
N ALA C 230 7.04 0.70 -65.38
CA ALA C 230 7.63 0.92 -66.69
C ALA C 230 6.55 0.99 -67.77
N LEU C 231 6.91 1.63 -68.88
CA LEU C 231 6.02 1.77 -70.03
C LEU C 231 6.52 0.81 -71.10
N HIS C 232 5.88 -0.37 -71.17
CA HIS C 232 6.29 -1.42 -72.10
C HIS C 232 5.62 -1.18 -73.46
N ARG C 233 6.08 -0.13 -74.13
CA ARG C 233 5.57 0.19 -75.45
C ARG C 233 5.99 -0.89 -76.45
N SER C 234 5.06 -1.29 -77.32
CA SER C 234 5.30 -2.38 -78.25
C SER C 234 4.48 -2.10 -79.51
N TYR C 235 4.35 -3.13 -80.36
CA TYR C 235 3.62 -3.00 -81.61
C TYR C 235 2.11 -2.98 -81.42
N LEU C 236 1.61 -3.26 -80.22
CA LEU C 236 0.17 -3.25 -79.98
C LEU C 236 -0.42 -1.85 -80.17
N THR C 237 0.36 -0.80 -79.88
CA THR C 237 -0.09 0.58 -80.01
C THR C 237 0.95 1.35 -80.83
N PRO C 238 0.95 1.16 -82.15
CA PRO C 238 1.89 1.91 -82.99
C PRO C 238 1.62 3.40 -82.95
N GLY C 239 2.68 4.17 -83.10
CA GLY C 239 2.60 5.62 -83.06
C GLY C 239 3.85 6.20 -82.42
N ASP C 240 3.73 7.44 -81.96
CA ASP C 240 4.84 8.13 -81.34
C ASP C 240 4.92 7.76 -79.86
N SER C 241 5.92 8.35 -79.17
CA SER C 241 6.15 8.01 -77.77
C SER C 241 5.13 8.65 -76.83
N SER C 242 4.61 9.83 -77.17
CA SER C 242 3.75 10.57 -76.27
C SER C 242 2.29 10.16 -76.36
N SER C 243 1.90 9.38 -77.36
CA SER C 243 0.51 8.97 -77.49
C SER C 243 0.33 7.46 -77.62
N GLY C 244 1.27 6.77 -78.28
CA GLY C 244 1.13 5.35 -78.51
C GLY C 244 1.79 4.50 -77.45
N TRP C 245 1.00 3.94 -76.55
CA TRP C 245 1.51 3.06 -75.51
C TRP C 245 0.38 2.16 -75.01
N THR C 246 0.76 1.05 -74.39
CA THR C 246 -0.19 0.10 -73.85
C THR C 246 0.19 -0.27 -72.42
N ALA C 247 -0.83 -0.57 -71.61
CA ALA C 247 -0.64 -0.97 -70.23
C ALA C 247 -0.68 -2.48 -70.02
N GLY C 248 -0.81 -3.25 -71.10
CA GLY C 248 -0.88 -4.69 -70.97
C GLY C 248 -2.12 -5.10 -70.20
N ALA C 249 -1.92 -5.90 -69.16
CA ALA C 249 -3.02 -6.36 -68.29
C ALA C 249 -2.48 -6.41 -66.87
N ALA C 250 -2.70 -5.34 -66.11
CA ALA C 250 -2.20 -5.24 -64.74
C ALA C 250 -3.30 -4.68 -63.85
N ALA C 251 -3.25 -5.05 -62.57
CA ALA C 251 -4.22 -4.57 -61.59
C ALA C 251 -3.63 -4.79 -60.20
N TYR C 252 -3.47 -3.72 -59.44
CA TYR C 252 -2.88 -3.79 -58.11
C TYR C 252 -3.83 -3.22 -57.07
N TYR C 253 -3.94 -3.91 -55.95
CA TYR C 253 -4.78 -3.50 -54.84
C TYR C 253 -3.97 -2.71 -53.82
N VAL C 254 -4.62 -1.75 -53.17
CA VAL C 254 -3.98 -0.93 -52.15
C VAL C 254 -4.88 -0.89 -50.93
N GLY C 255 -4.32 -1.17 -49.75
CA GLY C 255 -5.05 -1.09 -48.51
C GLY C 255 -4.50 -0.03 -47.57
N TYR C 256 -4.78 -0.16 -46.28
CA TYR C 256 -4.26 0.75 -45.28
C TYR C 256 -4.12 0.03 -43.95
N LEU C 257 -3.25 0.56 -43.09
CA LEU C 257 -2.92 -0.05 -41.83
C LEU C 257 -3.37 0.86 -40.68
N GLN C 258 -4.02 0.26 -39.69
CA GLN C 258 -4.49 0.97 -38.51
C GLN C 258 -4.11 0.16 -37.27
N PRO C 259 -3.93 0.83 -36.13
CA PRO C 259 -3.62 0.10 -34.90
C PRO C 259 -4.74 -0.86 -34.53
N ARG C 260 -4.34 -2.06 -34.10
CA ARG C 260 -5.28 -3.13 -33.80
C ARG C 260 -4.62 -4.08 -32.79
N THR C 261 -5.33 -5.16 -32.47
CA THR C 261 -4.81 -6.21 -31.62
C THR C 261 -5.13 -7.55 -32.27
N PHE C 262 -4.14 -8.44 -32.31
CA PHE C 262 -4.28 -9.73 -32.97
C PHE C 262 -3.89 -10.84 -32.00
N LEU C 263 -4.40 -12.03 -32.26
CA LEU C 263 -4.07 -13.24 -31.51
C LEU C 263 -3.37 -14.19 -32.45
N LEU C 264 -2.05 -14.04 -32.59
CA LEU C 264 -1.28 -14.87 -33.50
C LEU C 264 -1.13 -16.28 -32.95
N LYS C 265 -1.12 -17.25 -33.86
CA LYS C 265 -0.94 -18.65 -33.52
C LYS C 265 0.34 -19.16 -34.15
N TYR C 266 1.16 -19.85 -33.36
CA TYR C 266 2.42 -20.42 -33.82
C TYR C 266 2.33 -21.93 -33.81
N ASN C 267 2.86 -22.56 -34.86
CA ASN C 267 2.89 -24.02 -34.95
C ASN C 267 4.19 -24.52 -34.32
N GLU C 268 4.47 -25.82 -34.49
CA GLU C 268 5.64 -26.43 -33.87
C GLU C 268 6.95 -25.90 -34.46
N ASN C 269 6.92 -25.38 -35.69
CA ASN C 269 8.14 -24.89 -36.33
C ASN C 269 8.31 -23.38 -36.20
N GLY C 270 7.38 -22.70 -35.55
CA GLY C 270 7.47 -21.27 -35.40
C GLY C 270 6.89 -20.45 -36.54
N THR C 271 6.02 -21.03 -37.35
CA THR C 271 5.40 -20.34 -38.47
C THR C 271 3.95 -20.06 -38.17
N ILE C 272 3.51 -18.83 -38.45
CA ILE C 272 2.13 -18.45 -38.18
C ILE C 272 1.20 -19.20 -39.14
N THR C 273 0.22 -19.90 -38.57
CA THR C 273 -0.74 -20.65 -39.36
C THR C 273 -2.15 -20.09 -39.34
N ASP C 274 -2.51 -19.33 -38.30
CA ASP C 274 -3.86 -18.78 -38.20
C ASP C 274 -3.80 -17.56 -37.30
N ALA C 275 -4.82 -16.70 -37.42
CA ALA C 275 -4.89 -15.50 -36.61
C ALA C 275 -6.36 -15.14 -36.38
N VAL C 276 -6.61 -14.42 -35.29
CA VAL C 276 -7.95 -14.00 -34.88
C VAL C 276 -7.89 -12.53 -34.48
N ASP C 277 -8.76 -11.72 -35.08
CA ASP C 277 -8.84 -10.32 -34.73
C ASP C 277 -9.46 -10.14 -33.35
N CYS C 278 -9.20 -8.98 -32.75
CA CYS C 278 -9.71 -8.67 -31.42
C CYS C 278 -10.69 -7.51 -31.42
N ALA C 279 -11.11 -7.02 -32.60
CA ALA C 279 -12.06 -5.93 -32.65
C ALA C 279 -13.08 -6.10 -33.78
N LEU C 280 -13.34 -7.33 -34.21
CA LEU C 280 -14.23 -7.57 -35.35
C LEU C 280 -15.62 -8.01 -34.91
N ASP C 281 -15.70 -9.08 -34.14
CA ASP C 281 -16.96 -9.71 -33.76
C ASP C 281 -16.98 -9.98 -32.27
N PRO C 282 -18.17 -10.14 -31.67
CA PRO C 282 -18.22 -10.58 -30.28
C PRO C 282 -17.52 -11.91 -30.05
N LEU C 283 -17.63 -12.83 -31.00
CA LEU C 283 -16.92 -14.10 -30.89
C LEU C 283 -15.41 -13.90 -30.91
N SER C 284 -14.93 -12.99 -31.77
CA SER C 284 -13.51 -12.69 -31.79
C SER C 284 -13.05 -12.06 -30.48
N GLU C 285 -13.88 -11.19 -29.89
CA GLU C 285 -13.55 -10.64 -28.59
C GLU C 285 -13.47 -11.73 -27.52
N THR C 286 -14.41 -12.67 -27.54
CA THR C 286 -14.38 -13.77 -26.59
C THR C 286 -13.12 -14.61 -26.76
N LYS C 287 -12.76 -14.91 -28.02
CA LYS C 287 -11.56 -15.70 -28.28
C LYS C 287 -10.31 -14.98 -27.79
N CYS C 288 -10.23 -13.66 -28.04
CA CYS C 288 -9.08 -12.91 -27.56
C CYS C 288 -9.02 -12.89 -26.04
N THR C 289 -10.17 -12.77 -25.38
CA THR C 289 -10.18 -12.76 -23.92
C THR C 289 -9.74 -14.11 -23.35
N LEU C 290 -10.23 -15.20 -23.92
CA LEU C 290 -9.89 -16.52 -23.41
C LEU C 290 -8.55 -17.03 -23.90
N LYS C 291 -7.88 -16.31 -24.79
CA LYS C 291 -6.59 -16.72 -25.35
C LYS C 291 -6.67 -18.12 -25.96
N SER C 292 -7.76 -18.37 -26.71
CA SER C 292 -7.95 -19.66 -27.34
C SER C 292 -8.72 -19.47 -28.64
N PHE C 293 -8.56 -20.43 -29.54
CA PHE C 293 -9.28 -20.41 -30.81
C PHE C 293 -10.60 -21.16 -30.75
N THR C 294 -10.87 -21.87 -29.67
CA THR C 294 -12.14 -22.59 -29.49
C THR C 294 -12.71 -22.25 -28.13
N VAL C 295 -13.98 -21.90 -28.09
CA VAL C 295 -14.69 -21.55 -26.86
C VAL C 295 -15.88 -22.48 -26.70
N GLU C 296 -16.13 -22.90 -25.46
CA GLU C 296 -17.20 -23.83 -25.18
C GLU C 296 -18.49 -23.10 -24.85
N LYS C 297 -19.57 -23.86 -24.74
CA LYS C 297 -20.87 -23.29 -24.40
C LYS C 297 -20.83 -22.62 -23.04
N GLY C 298 -21.39 -21.42 -22.95
CA GLY C 298 -21.43 -20.71 -21.70
C GLY C 298 -21.58 -19.22 -21.92
N ILE C 299 -21.39 -18.48 -20.83
CA ILE C 299 -21.51 -17.03 -20.81
C ILE C 299 -20.20 -16.44 -20.31
N TYR C 300 -19.67 -15.45 -21.02
CA TYR C 300 -18.38 -14.87 -20.70
C TYR C 300 -18.48 -13.35 -20.70
N GLN C 301 -17.62 -12.71 -19.93
CA GLN C 301 -17.55 -11.26 -19.86
C GLN C 301 -16.31 -10.77 -20.59
N THR C 302 -16.50 -9.79 -21.47
CA THR C 302 -15.42 -9.33 -22.35
C THR C 302 -14.96 -7.91 -22.05
N SER C 303 -15.87 -6.93 -22.03
CA SER C 303 -15.48 -5.54 -21.91
C SER C 303 -16.49 -4.82 -21.01
N ASN C 304 -16.42 -3.50 -21.01
CA ASN C 304 -17.28 -2.66 -20.19
C ASN C 304 -17.97 -1.62 -21.06
N PHE C 305 -19.20 -1.27 -20.66
CA PHE C 305 -20.03 -0.32 -21.39
C PHE C 305 -20.22 0.93 -20.54
N ARG C 306 -19.93 2.09 -21.12
CA ARG C 306 -19.96 3.34 -20.37
C ARG C 306 -20.41 4.47 -21.29
N VAL C 307 -21.43 5.21 -20.86
CA VAL C 307 -21.94 6.34 -21.62
C VAL C 307 -21.03 7.54 -21.41
N GLN C 308 -20.71 8.24 -22.50
CA GLN C 308 -19.78 9.36 -22.40
C GLN C 308 -20.53 10.67 -22.20
N PRO C 309 -19.92 11.65 -21.53
CA PRO C 309 -20.58 12.94 -21.35
C PRO C 309 -20.60 13.75 -22.64
N THR C 310 -21.54 14.69 -22.70
CA THR C 310 -21.75 15.53 -23.88
C THR C 310 -21.86 17.00 -23.46
N GLU C 311 -21.09 17.85 -24.12
CA GLU C 311 -20.94 19.29 -23.86
C GLU C 311 -20.74 19.62 -22.39
N SER C 312 -20.87 20.90 -22.06
CA SER C 312 -20.71 21.39 -20.70
C SER C 312 -21.74 22.46 -20.42
N ILE C 313 -22.03 22.66 -19.14
CA ILE C 313 -23.09 23.56 -18.70
C ILE C 313 -22.58 24.45 -17.57
N VAL C 314 -23.50 25.22 -16.98
CA VAL C 314 -23.38 25.94 -15.70
C VAL C 314 -23.13 27.43 -15.88
N ARG C 315 -23.85 28.22 -15.10
CA ARG C 315 -23.73 29.67 -15.08
C ARG C 315 -23.63 30.10 -13.61
N PHE C 316 -23.68 31.40 -13.39
CA PHE C 316 -23.48 31.97 -12.06
C PHE C 316 -24.56 33.03 -11.78
N PRO C 317 -24.73 33.46 -10.51
CA PRO C 317 -25.79 34.43 -10.18
C PRO C 317 -25.81 35.67 -11.08
N ASN C 318 -26.97 36.33 -11.11
CA ASN C 318 -27.27 37.30 -12.16
C ASN C 318 -26.30 38.47 -12.25
N ILE C 319 -26.34 39.36 -11.26
CA ILE C 319 -25.55 40.59 -11.31
C ILE C 319 -24.91 40.84 -9.95
N THR C 320 -25.42 40.16 -8.92
CA THR C 320 -25.06 40.42 -7.53
C THR C 320 -24.94 41.91 -7.25
N ASN C 321 -23.91 42.31 -6.52
CA ASN C 321 -23.69 43.72 -6.17
C ASN C 321 -22.77 44.37 -7.20
N LEU C 322 -23.40 45.02 -8.17
CA LEU C 322 -22.63 45.73 -9.19
C LEU C 322 -22.52 47.21 -8.85
N CYS C 323 -21.29 47.72 -8.83
CA CYS C 323 -21.07 49.16 -8.70
C CYS C 323 -21.20 49.81 -10.07
N PRO C 324 -22.11 50.76 -10.23
CA PRO C 324 -22.19 51.53 -11.49
C PRO C 324 -21.05 52.54 -11.60
N PHE C 325 -19.85 52.04 -11.88
CA PHE C 325 -18.64 52.85 -11.83
C PHE C 325 -18.60 53.75 -13.06
N GLY C 326 -19.53 54.72 -13.08
CA GLY C 326 -19.57 55.69 -14.14
C GLY C 326 -19.50 57.12 -13.62
N GLU C 327 -19.95 57.33 -12.38
CA GLU C 327 -19.88 58.67 -11.80
C GLU C 327 -18.45 59.13 -11.61
N VAL C 328 -17.56 58.23 -11.17
CA VAL C 328 -16.16 58.58 -11.02
C VAL C 328 -15.52 58.83 -12.38
N PHE C 329 -16.08 58.24 -13.44
CA PHE C 329 -15.48 58.40 -14.76
C PHE C 329 -16.01 59.64 -15.48
N ASN C 330 -17.33 59.76 -15.60
CA ASN C 330 -17.88 60.91 -16.31
C ASN C 330 -17.58 62.20 -15.54
N ALA C 331 -17.34 63.27 -16.30
CA ALA C 331 -16.73 64.47 -15.77
C ALA C 331 -17.74 65.59 -15.58
N THR C 332 -17.77 66.14 -14.36
CA THR C 332 -18.46 67.40 -14.13
C THR C 332 -17.47 68.50 -13.75
N ARG C 333 -16.75 68.29 -12.64
CA ARG C 333 -15.70 69.17 -12.16
C ARG C 333 -14.74 68.34 -11.34
N PHE C 334 -13.62 67.94 -11.92
CA PHE C 334 -12.76 67.00 -11.22
C PHE C 334 -11.55 67.69 -10.60
N ALA C 335 -10.80 66.91 -9.81
CA ALA C 335 -9.75 67.47 -8.96
C ALA C 335 -8.53 67.90 -9.76
N SER C 336 -7.70 68.72 -9.14
CA SER C 336 -6.46 69.19 -9.74
C SER C 336 -5.38 68.11 -9.70
N VAL C 337 -4.15 68.48 -10.08
CA VAL C 337 -3.06 67.51 -10.13
C VAL C 337 -2.64 67.08 -8.73
N TYR C 338 -2.59 68.02 -7.78
CA TYR C 338 -2.09 67.73 -6.44
C TYR C 338 -3.19 67.30 -5.48
N ALA C 339 -4.42 67.79 -5.66
CA ALA C 339 -5.55 67.47 -4.80
C ALA C 339 -6.38 66.33 -5.35
N TRP C 340 -5.73 65.38 -6.02
CA TRP C 340 -6.42 64.29 -6.69
C TRP C 340 -7.29 63.50 -5.73
N ASN C 341 -8.51 63.21 -6.17
CA ASN C 341 -9.42 62.37 -5.38
C ASN C 341 -8.96 60.92 -5.39
N ARG C 342 -9.23 60.23 -4.29
CA ARG C 342 -8.87 58.81 -4.16
C ARG C 342 -10.07 58.11 -3.51
N LYS C 343 -10.94 57.57 -4.36
CA LYS C 343 -12.17 56.95 -3.90
C LYS C 343 -11.96 55.46 -3.69
N ARG C 344 -12.24 54.98 -2.48
CA ARG C 344 -12.14 53.56 -2.18
C ARG C 344 -13.41 52.85 -2.61
N ILE C 345 -13.27 51.79 -3.39
CA ILE C 345 -14.39 50.99 -3.87
C ILE C 345 -14.17 49.56 -3.45
N SER C 346 -15.17 48.97 -2.79
CA SER C 346 -15.07 47.60 -2.31
C SER C 346 -16.46 46.99 -2.20
N ASN C 347 -16.49 45.67 -2.07
CA ASN C 347 -17.69 44.91 -1.73
C ASN C 347 -18.74 45.02 -2.84
N CYS C 348 -18.29 44.90 -4.09
CA CYS C 348 -19.22 44.91 -5.21
C CYS C 348 -18.54 44.32 -6.44
N VAL C 349 -19.28 44.29 -7.54
CA VAL C 349 -18.80 43.74 -8.81
C VAL C 349 -18.66 44.93 -9.75
N ALA C 350 -17.44 45.45 -9.87
CA ALA C 350 -17.15 46.50 -10.84
C ALA C 350 -17.20 45.91 -12.23
N ASP C 351 -18.16 46.37 -13.04
CA ASP C 351 -18.35 45.80 -14.37
C ASP C 351 -17.22 46.23 -15.30
N TYR C 352 -16.10 45.50 -15.28
CA TYR C 352 -14.95 45.86 -16.08
C TYR C 352 -15.22 45.75 -17.57
N SER C 353 -16.28 45.02 -17.98
CA SER C 353 -16.54 44.82 -19.39
C SER C 353 -16.78 46.14 -20.12
N VAL C 354 -17.41 47.11 -19.46
CA VAL C 354 -17.78 48.35 -20.13
C VAL C 354 -16.56 49.19 -20.53
N LEU C 355 -15.41 48.98 -19.90
CA LEU C 355 -14.25 49.81 -20.16
C LEU C 355 -13.27 49.21 -21.17
N TYR C 356 -13.37 47.92 -21.48
CA TYR C 356 -12.50 47.35 -22.51
C TYR C 356 -13.26 46.65 -23.62
N ASN C 357 -14.34 45.93 -23.31
CA ASN C 357 -15.07 45.20 -24.35
C ASN C 357 -15.80 46.16 -25.27
N SER C 358 -16.51 47.14 -24.72
CA SER C 358 -17.25 48.13 -25.50
C SER C 358 -16.95 49.51 -24.92
N ALA C 359 -15.87 50.13 -25.40
CA ALA C 359 -15.48 51.45 -24.93
C ALA C 359 -14.77 52.18 -26.07
N SER C 360 -14.76 53.51 -25.96
CA SER C 360 -14.11 54.37 -26.93
C SER C 360 -13.04 55.21 -26.26
N PHE C 361 -12.25 54.57 -25.40
CA PHE C 361 -11.23 55.25 -24.61
C PHE C 361 -9.86 54.91 -25.19
N SER C 362 -9.16 55.94 -25.66
CA SER C 362 -7.86 55.72 -26.29
C SER C 362 -6.80 55.38 -25.25
N THR C 363 -5.68 54.84 -25.72
CA THR C 363 -4.51 54.54 -24.91
C THR C 363 -4.88 53.71 -23.67
N PHE C 364 -5.49 52.56 -23.93
CA PHE C 364 -5.86 51.63 -22.86
C PHE C 364 -4.74 50.62 -22.63
N LYS C 365 -3.59 51.14 -22.20
CA LYS C 365 -2.45 50.33 -21.80
C LYS C 365 -2.36 50.45 -20.28
N CYS C 366 -2.67 49.35 -19.58
CA CYS C 366 -2.89 49.38 -18.15
C CYS C 366 -2.07 48.27 -17.48
N TYR C 367 -0.77 48.27 -17.80
CA TYR C 367 0.19 47.24 -17.39
C TYR C 367 -0.01 46.82 -15.94
N GLY C 368 0.15 45.52 -15.70
CA GLY C 368 0.02 44.95 -14.37
C GLY C 368 -0.93 43.76 -14.38
N VAL C 369 -1.99 43.87 -15.15
CA VAL C 369 -2.96 42.79 -15.34
C VAL C 369 -3.41 42.80 -16.79
N SER C 370 -3.50 41.62 -17.39
CA SER C 370 -3.96 41.52 -18.77
C SER C 370 -5.40 42.02 -18.87
N PRO C 371 -5.71 42.88 -19.84
CA PRO C 371 -7.10 43.35 -19.96
C PRO C 371 -8.09 42.23 -20.22
N THR C 372 -7.66 41.18 -20.93
CA THR C 372 -8.50 40.02 -21.12
C THR C 372 -8.72 39.31 -19.79
N LYS C 373 -9.90 38.69 -19.65
CA LYS C 373 -10.32 37.98 -18.43
C LYS C 373 -10.04 38.78 -17.16
N LEU C 374 -10.12 40.11 -17.27
CA LEU C 374 -9.97 40.95 -16.08
C LEU C 374 -11.12 40.72 -15.11
N ASN C 375 -12.33 40.50 -15.63
CA ASN C 375 -13.47 40.24 -14.76
C ASN C 375 -13.36 38.92 -14.01
N ASP C 376 -12.54 37.99 -14.51
CA ASP C 376 -12.39 36.68 -13.87
C ASP C 376 -11.31 36.67 -12.79
N LEU C 377 -10.55 37.75 -12.65
CA LEU C 377 -9.57 37.90 -11.59
C LEU C 377 -9.94 39.11 -10.74
N CYS C 378 -9.83 38.97 -9.42
CA CYS C 378 -10.30 40.02 -8.53
C CYS C 378 -9.34 40.24 -7.37
N PHE C 379 -9.07 41.50 -7.07
CA PHE C 379 -8.18 41.89 -5.99
C PHE C 379 -8.98 42.37 -4.79
N THR C 380 -8.28 42.92 -3.78
CA THR C 380 -8.92 43.27 -2.52
C THR C 380 -9.77 44.53 -2.64
N ASN C 381 -9.15 45.65 -2.98
CA ASN C 381 -9.85 46.94 -2.97
C ASN C 381 -9.50 47.73 -4.22
N VAL C 382 -10.42 48.61 -4.60
CA VAL C 382 -10.26 49.48 -5.76
C VAL C 382 -10.07 50.91 -5.29
N TYR C 383 -9.03 51.57 -5.78
CA TYR C 383 -8.73 52.97 -5.45
C TYR C 383 -8.82 53.77 -6.75
N ALA C 384 -9.95 54.47 -6.93
CA ALA C 384 -10.19 55.24 -8.13
C ALA C 384 -9.51 56.59 -8.03
N ASP C 385 -8.79 56.97 -9.08
CA ASP C 385 -8.09 58.24 -9.14
C ASP C 385 -8.73 59.13 -10.21
N SER C 386 -8.29 60.39 -10.24
CA SER C 386 -8.83 61.36 -11.19
C SER C 386 -7.81 62.45 -11.46
N PHE C 387 -7.51 62.69 -12.73
CA PHE C 387 -6.44 63.61 -13.11
C PHE C 387 -6.78 64.30 -14.42
N VAL C 388 -6.20 65.49 -14.61
CA VAL C 388 -6.26 66.22 -15.87
C VAL C 388 -4.84 66.64 -16.20
N ILE C 389 -4.33 66.18 -17.34
CA ILE C 389 -2.95 66.45 -17.75
C ILE C 389 -2.97 66.91 -19.20
N ARG C 390 -1.95 67.69 -19.57
CA ARG C 390 -1.76 68.09 -20.96
C ARG C 390 -1.59 66.87 -21.85
N GLY C 391 -1.71 67.10 -23.16
CA GLY C 391 -1.68 65.97 -24.10
C GLY C 391 -0.36 65.24 -24.10
N ASP C 392 0.75 65.99 -24.08
CA ASP C 392 2.06 65.35 -24.18
C ASP C 392 2.48 64.69 -22.87
N GLU C 393 2.12 65.28 -21.73
CA GLU C 393 2.60 64.82 -20.43
C GLU C 393 1.83 63.62 -19.90
N VAL C 394 0.99 62.98 -20.72
CA VAL C 394 0.26 61.80 -20.25
C VAL C 394 1.18 60.60 -20.11
N ARG C 395 2.27 60.56 -20.88
CA ARG C 395 3.19 59.43 -20.84
C ARG C 395 3.90 59.32 -19.49
N GLN C 396 3.91 60.40 -18.70
CA GLN C 396 4.67 60.41 -17.45
C GLN C 396 4.15 59.39 -16.44
N ILE C 397 2.94 58.89 -16.62
CA ILE C 397 2.42 57.83 -15.75
C ILE C 397 3.17 56.54 -16.07
N ALA C 398 4.12 56.18 -15.21
CA ALA C 398 5.03 55.08 -15.47
C ALA C 398 5.75 54.70 -14.17
N PRO C 399 6.48 53.58 -14.13
CA PRO C 399 7.21 53.24 -12.91
C PRO C 399 8.35 54.21 -12.62
N GLY C 400 8.00 55.39 -12.12
CA GLY C 400 8.97 56.41 -11.77
C GLY C 400 9.29 57.36 -12.91
N GLN C 401 10.08 56.90 -13.87
CA GLN C 401 10.51 57.70 -15.02
C GLN C 401 11.07 59.05 -14.61
N THR C 402 10.71 60.10 -15.37
CA THR C 402 11.19 61.45 -15.11
C THR C 402 10.05 62.45 -15.24
N GLY C 403 10.38 63.73 -15.25
CA GLY C 403 9.39 64.78 -15.46
C GLY C 403 8.83 65.30 -14.14
N LYS C 404 7.80 66.13 -14.28
CA LYS C 404 7.15 66.75 -13.13
C LYS C 404 6.05 65.88 -12.54
N ILE C 405 5.76 64.74 -13.16
CA ILE C 405 4.80 63.77 -12.64
C ILE C 405 5.59 62.59 -12.11
N ALA C 406 5.16 62.07 -10.96
CA ALA C 406 5.83 61.02 -10.18
C ALA C 406 7.10 61.51 -9.50
N ASP C 407 7.35 62.82 -9.51
CA ASP C 407 8.42 63.43 -8.73
C ASP C 407 7.94 64.53 -7.80
N TYR C 408 6.95 65.31 -8.22
CA TYR C 408 6.34 66.32 -7.36
C TYR C 408 4.83 66.15 -7.37
N ASN C 409 4.30 65.63 -8.47
CA ASN C 409 2.88 65.30 -8.58
C ASN C 409 2.65 63.90 -8.03
N TYR C 410 1.46 63.34 -8.25
CA TYR C 410 1.17 61.99 -7.79
C TYR C 410 2.15 60.99 -8.39
N LYS C 411 2.65 60.10 -7.55
CA LYS C 411 3.72 59.18 -7.94
C LYS C 411 3.19 57.76 -8.07
N LEU C 412 3.68 57.07 -9.11
CA LEU C 412 3.36 55.67 -9.31
C LEU C 412 4.41 54.80 -8.63
N PRO C 413 4.01 53.93 -7.70
CA PRO C 413 5.01 53.11 -7.00
C PRO C 413 5.69 52.11 -7.92
N ASP C 414 6.92 51.75 -7.56
CA ASP C 414 7.65 50.72 -8.29
C ASP C 414 6.97 49.37 -8.12
N ASP C 415 6.96 48.59 -9.20
CA ASP C 415 6.34 47.26 -9.21
C ASP C 415 4.87 47.32 -8.81
N PHE C 416 4.18 48.35 -9.29
CA PHE C 416 2.78 48.55 -8.95
C PHE C 416 1.87 47.73 -9.86
N THR C 417 0.75 47.28 -9.29
CA THR C 417 -0.21 46.45 -10.01
C THR C 417 -1.54 47.18 -10.06
N GLY C 418 -1.89 47.68 -11.25
CA GLY C 418 -3.15 48.38 -11.43
C GLY C 418 -3.23 48.90 -12.84
N CYS C 419 -4.43 49.31 -13.23
CA CYS C 419 -4.67 49.76 -14.59
C CYS C 419 -4.81 51.28 -14.65
N VAL C 420 -4.41 51.83 -15.79
CA VAL C 420 -4.40 53.28 -16.03
C VAL C 420 -5.06 53.55 -17.37
N ILE C 421 -5.94 54.55 -17.41
CA ILE C 421 -6.67 54.91 -18.62
C ILE C 421 -6.52 56.41 -18.84
N ALA C 422 -6.40 56.82 -20.10
CA ALA C 422 -6.22 58.23 -20.46
C ALA C 422 -7.02 58.52 -21.71
N TRP C 423 -8.05 59.36 -21.59
CA TRP C 423 -8.97 59.67 -22.68
C TRP C 423 -9.06 61.17 -22.89
N ASN C 424 -9.13 61.58 -24.16
CA ASN C 424 -9.11 62.98 -24.52
C ASN C 424 -10.37 63.70 -24.03
N SER C 425 -10.18 64.89 -23.47
CA SER C 425 -11.26 65.66 -22.85
C SER C 425 -11.26 67.08 -23.37
N ASN C 426 -11.21 67.24 -24.70
CA ASN C 426 -11.25 68.56 -25.31
C ASN C 426 -12.53 69.31 -24.97
N ASN C 427 -13.59 68.60 -24.62
CA ASN C 427 -14.84 69.18 -24.14
C ASN C 427 -15.09 68.69 -22.72
N LEU C 428 -16.29 68.95 -22.20
CA LEU C 428 -16.71 68.49 -20.88
C LEU C 428 -15.80 69.05 -19.78
N ASP C 429 -15.94 70.37 -19.60
CA ASP C 429 -15.22 71.14 -18.58
C ASP C 429 -13.74 71.30 -18.92
N SER C 430 -13.46 71.61 -20.20
CA SER C 430 -12.16 72.11 -20.63
C SER C 430 -12.46 73.13 -21.73
N LYS C 431 -12.59 74.40 -21.33
CA LYS C 431 -13.10 75.42 -22.24
C LYS C 431 -12.17 76.61 -22.35
N VAL C 432 -12.63 77.68 -23.02
CA VAL C 432 -11.77 78.80 -23.35
C VAL C 432 -11.25 79.50 -22.10
N GLY C 433 -10.11 80.16 -22.25
CA GLY C 433 -9.49 80.88 -21.15
C GLY C 433 -8.71 79.96 -20.22
N GLY C 434 -7.66 80.49 -19.61
CA GLY C 434 -6.90 79.74 -18.64
C GLY C 434 -7.76 79.31 -17.47
N ASN C 435 -8.05 78.01 -17.39
CA ASN C 435 -8.96 77.50 -16.38
C ASN C 435 -8.39 77.72 -14.97
N TYR C 436 -9.27 78.16 -14.07
CA TYR C 436 -8.85 78.50 -12.72
C TYR C 436 -8.31 77.28 -11.98
N ASN C 437 -8.93 76.12 -12.19
CA ASN C 437 -8.47 74.88 -11.58
C ASN C 437 -7.33 74.31 -12.41
N TYR C 438 -6.93 73.06 -12.10
CA TYR C 438 -5.92 72.33 -12.84
C TYR C 438 -4.59 73.11 -12.88
N LEU C 439 -4.01 73.24 -11.71
CA LEU C 439 -2.74 73.94 -11.54
C LEU C 439 -1.64 72.97 -11.12
N TYR C 440 -0.40 73.35 -11.44
CA TYR C 440 0.74 72.48 -11.20
C TYR C 440 0.97 72.24 -9.71
N ARG C 441 1.74 71.20 -9.42
CA ARG C 441 2.32 70.98 -8.10
C ARG C 441 3.82 70.80 -8.30
N LEU C 442 4.59 71.85 -8.05
CA LEU C 442 6.00 71.89 -8.34
C LEU C 442 6.77 72.37 -7.11
N PHE C 443 8.10 72.38 -7.24
CA PHE C 443 8.99 73.01 -6.26
C PHE C 443 8.79 72.40 -4.87
N ARG C 444 9.13 71.12 -4.77
CA ARG C 444 9.15 70.40 -3.50
C ARG C 444 10.58 69.99 -3.18
N LYS C 445 10.95 70.17 -1.90
CA LYS C 445 12.32 69.87 -1.49
C LYS C 445 12.66 68.40 -1.68
N SER C 446 11.68 67.51 -1.54
CA SER C 446 11.88 66.09 -1.71
C SER C 446 11.25 65.61 -3.00
N ASN C 447 11.49 64.34 -3.33
CA ASN C 447 10.96 63.72 -4.54
C ASN C 447 9.72 62.88 -4.27
N LEU C 448 9.07 63.09 -3.13
CA LEU C 448 7.82 62.43 -2.76
C LEU C 448 8.01 60.93 -2.54
N LYS C 449 7.00 60.27 -1.97
CA LYS C 449 6.97 58.86 -1.71
C LYS C 449 5.71 58.26 -2.31
N PRO C 450 5.70 56.96 -2.62
CA PRO C 450 4.51 56.36 -3.22
C PRO C 450 3.30 56.44 -2.31
N PHE C 451 2.13 56.62 -2.93
CA PHE C 451 0.79 56.57 -2.35
C PHE C 451 0.47 57.74 -1.42
N GLU C 452 1.39 58.67 -1.16
CA GLU C 452 1.08 59.78 -0.28
C GLU C 452 0.46 60.93 -1.09
N ARG C 453 -0.46 61.64 -0.43
CA ARG C 453 -1.23 62.70 -1.05
C ARG C 453 -0.80 64.05 -0.49
N ASP C 454 -0.65 65.03 -1.38
CA ASP C 454 -0.20 66.37 -1.01
C ASP C 454 -1.39 67.32 -1.08
N ILE C 455 -1.92 67.68 0.09
CA ILE C 455 -3.02 68.63 0.18
C ILE C 455 -2.53 69.81 1.01
N SER C 456 -1.23 70.07 0.95
CA SER C 456 -0.62 71.16 1.69
C SER C 456 0.07 72.12 0.73
N THR C 457 -0.07 73.41 1.00
CA THR C 457 0.55 74.45 0.21
C THR C 457 1.36 75.38 1.12
N GLU C 458 2.54 75.77 0.66
CA GLU C 458 3.43 76.63 1.43
C GLU C 458 4.47 77.19 0.49
N ILE C 459 5.09 78.30 0.90
CA ILE C 459 6.11 78.95 0.08
C ILE C 459 7.37 78.09 0.07
N TYR C 460 7.94 77.91 -1.11
CA TYR C 460 9.13 77.09 -1.26
C TYR C 460 10.35 77.79 -0.69
N GLN C 461 11.39 77.00 -0.44
CA GLN C 461 12.67 77.50 0.06
C GLN C 461 13.71 77.35 -1.05
N ALA C 462 14.32 78.46 -1.43
CA ALA C 462 15.32 78.45 -2.50
C ALA C 462 16.52 79.33 -2.15
N GLY C 463 16.85 79.45 -0.88
CA GLY C 463 17.96 80.28 -0.47
C GLY C 463 18.34 80.01 0.96
N SER C 464 19.31 80.80 1.44
CA SER C 464 19.80 80.62 2.80
C SER C 464 18.75 81.05 3.83
N THR C 465 18.34 82.30 3.78
CA THR C 465 17.36 82.72 4.78
C THR C 465 15.94 82.40 4.31
N PRO C 466 15.05 82.02 5.23
CA PRO C 466 13.65 81.80 4.84
C PRO C 466 12.81 83.06 4.94
N CYS C 467 12.08 83.39 3.87
CA CYS C 467 11.13 84.49 3.93
C CYS C 467 10.01 84.18 4.91
N ASN C 468 9.65 85.17 5.73
CA ASN C 468 8.75 84.99 6.85
C ASN C 468 7.27 85.04 6.47
N GLY C 469 6.94 84.86 5.20
CA GLY C 469 5.56 84.90 4.73
C GLY C 469 5.29 85.91 3.65
N VAL C 470 6.22 86.81 3.35
CA VAL C 470 6.08 87.79 2.28
C VAL C 470 6.96 87.36 1.12
N GLU C 471 6.37 87.30 -0.07
CA GLU C 471 7.09 86.85 -1.25
C GLU C 471 8.04 87.94 -1.75
N GLY C 472 8.98 87.53 -2.60
CA GLY C 472 9.99 88.43 -3.12
C GLY C 472 11.04 87.69 -3.90
N PHE C 473 12.32 87.96 -3.62
CA PHE C 473 13.39 87.19 -4.21
C PHE C 473 13.26 85.73 -3.82
N ASN C 474 13.35 84.83 -4.80
CA ASN C 474 13.08 83.41 -4.61
C ASN C 474 11.71 83.23 -3.96
N CYS C 475 11.59 82.27 -3.04
CA CYS C 475 10.32 81.98 -2.37
C CYS C 475 9.19 81.80 -3.37
N TYR C 476 9.45 80.99 -4.40
CA TYR C 476 8.49 80.81 -5.48
C TYR C 476 7.22 80.13 -4.98
N PHE C 477 6.08 80.58 -5.48
CA PHE C 477 4.84 79.88 -5.20
C PHE C 477 4.80 78.57 -6.00
N PRO C 478 4.57 77.43 -5.35
CA PRO C 478 4.69 76.15 -6.05
C PRO C 478 3.66 75.93 -7.14
N LEU C 479 2.60 76.74 -7.20
CA LEU C 479 1.45 76.47 -8.04
C LEU C 479 1.36 77.43 -9.21
N GLN C 480 1.15 76.88 -10.40
CA GLN C 480 0.86 77.64 -11.61
C GLN C 480 -0.27 76.94 -12.37
N SER C 481 -1.21 77.73 -12.90
CA SER C 481 -2.38 77.18 -13.55
C SER C 481 -2.08 76.69 -14.96
N TYR C 482 -2.93 75.79 -15.44
CA TYR C 482 -2.85 75.30 -16.82
C TYR C 482 -3.52 76.31 -17.75
N GLY C 483 -2.77 76.84 -18.70
CA GLY C 483 -3.33 77.76 -19.67
C GLY C 483 -3.75 77.10 -20.97
N PHE C 484 -4.73 76.19 -20.91
CA PHE C 484 -5.20 75.50 -22.09
C PHE C 484 -6.59 76.00 -22.48
N GLN C 485 -7.03 75.57 -23.67
CA GLN C 485 -8.30 75.98 -24.24
C GLN C 485 -8.66 75.01 -25.36
N PRO C 486 -9.91 74.96 -25.83
CA PRO C 486 -10.27 74.03 -26.90
C PRO C 486 -9.71 74.40 -28.27
N THR C 487 -8.84 75.41 -28.35
CA THR C 487 -8.21 75.81 -29.60
C THR C 487 -6.71 75.55 -29.57
N ASN C 488 -6.27 74.62 -28.72
CA ASN C 488 -4.86 74.30 -28.59
C ASN C 488 -4.47 73.30 -29.68
N GLY C 489 -3.25 72.76 -29.59
CA GLY C 489 -2.77 71.83 -30.59
C GLY C 489 -3.27 70.42 -30.38
N VAL C 490 -2.40 69.43 -30.61
CA VAL C 490 -2.76 68.03 -30.46
C VAL C 490 -2.07 67.41 -29.23
N GLY C 491 -0.85 67.83 -28.93
CA GLY C 491 -0.12 67.34 -27.79
C GLY C 491 -0.29 68.16 -26.53
N TYR C 492 -1.23 69.10 -26.50
CA TYR C 492 -1.46 69.95 -25.35
C TYR C 492 -2.91 70.00 -24.89
N GLN C 493 -3.84 69.37 -25.61
CA GLN C 493 -5.22 69.33 -25.17
C GLN C 493 -5.35 68.46 -23.92
N PRO C 494 -6.37 68.70 -23.10
CA PRO C 494 -6.55 67.89 -21.89
C PRO C 494 -6.81 66.43 -22.21
N TYR C 495 -6.27 65.55 -21.37
CA TYR C 495 -6.49 64.11 -21.45
C TYR C 495 -6.73 63.62 -20.03
N ARG C 496 -8.01 63.49 -19.65
CA ARG C 496 -8.34 63.05 -18.30
C ARG C 496 -7.86 61.62 -18.08
N VAL C 497 -7.22 61.38 -16.94
CA VAL C 497 -6.59 60.10 -16.63
C VAL C 497 -7.26 59.51 -15.41
N VAL C 498 -7.68 58.25 -15.52
CA VAL C 498 -8.27 57.50 -14.42
C VAL C 498 -7.34 56.34 -14.10
N VAL C 499 -6.88 56.27 -12.86
CA VAL C 499 -5.95 55.23 -12.42
C VAL C 499 -6.69 54.34 -11.43
N LEU C 500 -6.84 53.07 -11.79
CA LEU C 500 -7.50 52.08 -10.94
C LEU C 500 -6.41 51.28 -10.25
N SER C 501 -6.28 51.47 -8.94
CA SER C 501 -5.20 50.86 -8.16
C SER C 501 -5.72 49.63 -7.42
N PHE C 502 -5.08 48.50 -7.64
CA PHE C 502 -5.40 47.28 -6.91
C PHE C 502 -4.58 47.24 -5.63
N GLU C 503 -4.69 46.15 -4.87
CA GLU C 503 -3.85 45.94 -3.69
C GLU C 503 -3.47 44.48 -3.58
N LEU C 504 -2.19 44.23 -3.31
CA LEU C 504 -1.66 42.89 -3.10
C LEU C 504 -1.18 42.80 -1.66
N LEU C 505 -1.94 42.09 -0.83
CA LEU C 505 -1.61 41.94 0.59
C LEU C 505 -2.30 40.68 1.10
N HIS C 506 -2.31 40.50 2.42
CA HIS C 506 -2.87 39.32 3.06
C HIS C 506 -4.35 39.49 3.41
N ALA C 507 -5.07 40.34 2.68
CA ALA C 507 -6.48 40.58 2.96
C ALA C 507 -7.37 39.91 1.92
N PRO C 508 -8.56 39.46 2.32
CA PRO C 508 -9.47 38.84 1.35
C PRO C 508 -9.97 39.85 0.32
N ALA C 509 -10.26 39.32 -0.87
CA ALA C 509 -10.71 40.17 -1.97
C ALA C 509 -12.16 40.58 -1.78
N THR C 510 -12.45 41.86 -1.97
CA THR C 510 -13.81 42.38 -1.85
C THR C 510 -14.47 42.57 -3.21
N VAL C 511 -13.84 43.35 -4.09
CA VAL C 511 -14.37 43.53 -5.44
C VAL C 511 -14.07 42.27 -6.25
N CYS C 512 -15.12 41.58 -6.67
CA CYS C 512 -14.99 40.33 -7.41
C CYS C 512 -16.18 40.18 -8.34
N GLY C 513 -16.44 38.93 -8.74
CA GLY C 513 -17.54 38.61 -9.63
C GLY C 513 -17.06 38.02 -10.95
N PRO C 514 -17.19 36.69 -11.07
CA PRO C 514 -16.66 36.01 -12.26
C PRO C 514 -17.56 36.13 -13.48
N LYS C 515 -18.84 36.40 -13.25
CA LYS C 515 -19.85 36.48 -14.32
C LYS C 515 -19.91 35.10 -14.98
N LYS C 516 -19.80 35.01 -16.31
CA LYS C 516 -19.89 33.76 -17.07
C LYS C 516 -21.31 33.21 -17.04
N SER C 517 -21.74 32.58 -18.13
CA SER C 517 -23.10 32.06 -18.20
C SER C 517 -23.21 31.04 -19.32
N THR C 518 -23.77 29.87 -19.00
CA THR C 518 -24.14 28.87 -19.99
C THR C 518 -25.50 28.30 -19.62
N ASN C 519 -26.19 27.75 -20.62
CA ASN C 519 -27.55 27.28 -20.41
C ASN C 519 -27.56 25.95 -19.66
N LEU C 520 -28.77 25.48 -19.34
CA LEU C 520 -28.97 24.26 -18.60
C LEU C 520 -29.67 23.22 -19.47
N VAL C 521 -29.18 21.99 -19.45
CA VAL C 521 -29.77 20.88 -20.17
C VAL C 521 -30.19 19.82 -19.16
N LYS C 522 -31.04 18.90 -19.62
CA LYS C 522 -31.58 17.87 -18.74
C LYS C 522 -31.58 16.53 -19.46
N ASN C 523 -31.55 15.46 -18.66
CA ASN C 523 -31.64 14.09 -19.15
C ASN C 523 -30.50 13.74 -20.11
N LYS C 524 -29.33 14.31 -19.86
CA LYS C 524 -28.14 14.00 -20.66
C LYS C 524 -26.92 14.04 -19.76
N CYS C 525 -26.07 13.02 -19.86
CA CYS C 525 -24.83 13.01 -19.09
C CYS C 525 -23.95 14.17 -19.53
N VAL C 526 -23.62 15.05 -18.59
CA VAL C 526 -22.94 16.30 -18.90
C VAL C 526 -22.14 16.74 -17.68
N ASN C 527 -21.03 17.44 -17.93
CA ASN C 527 -20.19 17.98 -16.87
C ASN C 527 -20.79 19.27 -16.32
N PHE C 528 -20.75 19.43 -15.01
CA PHE C 528 -21.28 20.64 -14.37
C PHE C 528 -20.30 21.17 -13.33
N ASN C 529 -20.26 22.49 -13.20
CA ASN C 529 -19.39 23.20 -12.28
C ASN C 529 -20.17 24.31 -11.56
N PHE C 530 -21.31 23.96 -10.98
CA PHE C 530 -22.23 24.93 -10.38
C PHE C 530 -21.54 25.99 -9.53
N ASN C 531 -20.89 25.58 -8.44
CA ASN C 531 -20.26 26.56 -7.56
C ASN C 531 -18.91 26.05 -7.07
N GLY C 532 -18.19 25.29 -7.90
CA GLY C 532 -16.94 24.70 -7.49
C GLY C 532 -17.03 23.18 -7.53
N LEU C 533 -18.17 22.65 -7.10
CA LEU C 533 -18.39 21.21 -7.16
C LEU C 533 -18.50 20.77 -8.62
N THR C 534 -17.92 19.61 -8.92
CA THR C 534 -17.91 19.08 -10.27
C THR C 534 -18.31 17.61 -10.25
N GLY C 535 -19.05 17.20 -11.28
CA GLY C 535 -19.48 15.82 -11.38
C GLY C 535 -20.10 15.58 -12.74
N THR C 536 -20.42 14.31 -12.99
CA THR C 536 -21.02 13.89 -14.25
C THR C 536 -22.31 13.14 -13.96
N GLY C 537 -23.33 13.39 -14.76
CA GLY C 537 -24.60 12.73 -14.59
C GLY C 537 -25.70 13.46 -15.31
N VAL C 538 -26.91 12.96 -15.12
CA VAL C 538 -28.11 13.55 -15.71
C VAL C 538 -28.85 14.33 -14.65
N LEU C 539 -29.45 15.44 -15.06
CA LEU C 539 -30.18 16.31 -14.14
C LEU C 539 -31.67 16.24 -14.45
N THR C 540 -32.46 15.89 -13.45
CA THR C 540 -33.90 15.78 -13.59
C THR C 540 -34.58 16.63 -12.53
N GLU C 541 -35.85 16.96 -12.78
CA GLU C 541 -36.63 17.69 -11.79
C GLU C 541 -36.87 16.82 -10.57
N SER C 542 -36.72 17.43 -9.39
CA SER C 542 -36.84 16.73 -8.12
C SER C 542 -37.88 17.42 -7.25
N ASN C 543 -38.62 16.64 -6.48
CA ASN C 543 -39.68 17.16 -5.64
C ASN C 543 -39.24 17.45 -4.21
N LYS C 544 -37.97 17.20 -3.87
CA LYS C 544 -37.50 17.46 -2.52
C LYS C 544 -37.45 18.96 -2.26
N LYS C 545 -37.74 19.35 -1.02
CA LYS C 545 -37.79 20.75 -0.62
C LYS C 545 -36.58 21.10 0.23
N PHE C 546 -35.84 22.12 -0.20
CA PHE C 546 -34.68 22.59 0.54
C PHE C 546 -35.07 23.70 1.51
N LEU C 547 -34.23 23.90 2.51
CA LEU C 547 -34.38 25.09 3.34
C LEU C 547 -33.78 26.29 2.63
N PRO C 548 -34.31 27.50 2.89
CA PRO C 548 -33.91 28.66 2.09
C PRO C 548 -32.41 28.96 2.13
N PHE C 549 -31.72 28.61 3.20
CA PHE C 549 -30.29 28.88 3.32
C PHE C 549 -29.43 27.72 2.83
N GLN C 550 -30.03 26.64 2.33
CA GLN C 550 -29.31 25.45 1.93
C GLN C 550 -28.99 25.48 0.45
N GLN C 551 -27.76 25.11 0.10
CA GLN C 551 -27.30 25.15 -1.28
C GLN C 551 -27.48 23.81 -1.99
N PHE C 552 -26.83 22.76 -1.50
CA PHE C 552 -26.83 21.48 -2.18
C PHE C 552 -27.09 20.36 -1.18
N GLY C 553 -27.74 19.31 -1.66
CA GLY C 553 -28.08 18.17 -0.82
C GLY C 553 -26.97 17.13 -0.77
N ARG C 554 -27.23 16.09 -0.01
CA ARG C 554 -26.31 14.98 0.16
C ARG C 554 -27.10 13.79 0.72
N ASP C 555 -26.40 12.72 1.05
CA ASP C 555 -27.04 11.51 1.55
C ASP C 555 -26.00 10.71 2.34
N ILE C 556 -26.33 9.45 2.64
CA ILE C 556 -25.40 8.57 3.31
C ILE C 556 -24.17 8.38 2.41
N ALA C 557 -23.02 8.15 3.05
CA ALA C 557 -21.72 7.98 2.41
C ALA C 557 -21.19 9.26 1.77
N ASP C 558 -21.88 10.38 1.98
CA ASP C 558 -21.40 11.72 1.59
C ASP C 558 -21.11 11.79 0.09
N THR C 559 -22.16 11.60 -0.70
CA THR C 559 -22.11 11.79 -2.14
C THR C 559 -23.20 12.77 -2.54
N THR C 560 -22.85 13.72 -3.40
CA THR C 560 -23.81 14.72 -3.83
C THR C 560 -24.99 14.06 -4.54
N ASP C 561 -26.20 14.44 -4.15
CA ASP C 561 -27.41 13.81 -4.66
C ASP C 561 -28.47 14.79 -5.11
N ALA C 562 -28.35 16.07 -4.80
CA ALA C 562 -29.28 17.08 -5.27
C ALA C 562 -28.59 18.43 -5.22
N VAL C 563 -29.01 19.33 -6.10
CA VAL C 563 -28.40 20.65 -6.23
C VAL C 563 -29.49 21.69 -6.43
N ARG C 564 -29.12 22.95 -6.24
CA ARG C 564 -30.00 24.09 -6.48
C ARG C 564 -29.29 25.06 -7.39
N ASP C 565 -29.92 25.40 -8.50
CA ASP C 565 -29.31 26.32 -9.46
C ASP C 565 -29.35 27.74 -8.95
N PRO C 566 -28.23 28.47 -8.98
CA PRO C 566 -28.23 29.83 -8.40
C PRO C 566 -29.19 30.79 -9.08
N GLN C 567 -29.36 30.69 -10.40
CA GLN C 567 -30.14 31.69 -11.12
C GLN C 567 -31.63 31.52 -10.87
N THR C 568 -32.13 30.28 -10.89
CA THR C 568 -33.55 30.03 -10.79
C THR C 568 -33.99 29.59 -9.40
N LEU C 569 -33.06 29.07 -8.59
CA LEU C 569 -33.37 28.55 -7.26
C LEU C 569 -34.36 27.40 -7.34
N GLU C 570 -34.05 26.41 -8.17
CA GLU C 570 -34.86 25.22 -8.33
C GLU C 570 -34.06 23.99 -7.92
N ILE C 571 -34.71 23.07 -7.23
CA ILE C 571 -34.05 21.88 -6.69
C ILE C 571 -33.95 20.84 -7.81
N LEU C 572 -32.75 20.66 -8.34
CA LEU C 572 -32.51 19.68 -9.40
C LEU C 572 -32.23 18.32 -8.77
N ASP C 573 -31.75 17.39 -9.59
CA ASP C 573 -31.37 16.06 -9.14
C ASP C 573 -30.11 15.64 -9.88
N ILE C 574 -29.40 14.68 -9.30
CA ILE C 574 -28.17 14.18 -9.90
C ILE C 574 -28.22 12.65 -9.91
N THR C 575 -27.94 12.06 -11.06
CA THR C 575 -27.89 10.60 -11.22
C THR C 575 -26.83 10.24 -12.25
N PRO C 576 -25.89 9.38 -11.91
CA PRO C 576 -24.82 9.05 -12.86
C PRO C 576 -25.38 8.40 -14.12
N CYS C 577 -24.78 8.74 -15.27
CA CYS C 577 -25.21 8.13 -16.50
C CYS C 577 -24.77 6.66 -16.55
N SER C 578 -25.49 5.88 -17.36
CA SER C 578 -25.45 4.43 -17.25
C SER C 578 -24.06 3.86 -17.51
N PHE C 579 -23.74 2.78 -16.81
CA PHE C 579 -22.49 2.07 -17.00
C PHE C 579 -22.71 0.61 -16.59
N GLY C 580 -21.81 -0.25 -17.06
CA GLY C 580 -21.91 -1.67 -16.75
C GLY C 580 -20.98 -2.46 -17.64
N GLY C 581 -21.11 -3.78 -17.55
CA GLY C 581 -20.32 -4.69 -18.33
C GLY C 581 -21.02 -5.14 -19.60
N VAL C 582 -20.29 -5.90 -20.41
CA VAL C 582 -20.80 -6.49 -21.64
C VAL C 582 -20.47 -7.97 -21.62
N SER C 583 -21.46 -8.82 -21.84
CA SER C 583 -21.29 -10.26 -21.77
C SER C 583 -21.78 -10.91 -23.05
N VAL C 584 -21.15 -12.02 -23.42
CA VAL C 584 -21.36 -12.67 -24.70
C VAL C 584 -21.90 -14.07 -24.47
N ILE C 585 -22.98 -14.41 -25.17
CA ILE C 585 -23.59 -15.74 -25.12
C ILE C 585 -23.16 -16.50 -26.35
N THR C 586 -22.60 -17.70 -26.15
CA THR C 586 -22.20 -18.53 -27.28
C THR C 586 -22.60 -19.98 -27.03
N PRO C 587 -22.99 -20.71 -28.07
CA PRO C 587 -23.33 -22.14 -27.91
C PRO C 587 -22.20 -23.11 -28.21
N GLY C 588 -20.98 -22.63 -28.40
CA GLY C 588 -19.86 -23.50 -28.74
C GLY C 588 -19.35 -23.22 -30.13
N THR C 589 -18.01 -23.18 -30.28
CA THR C 589 -17.43 -22.85 -31.58
C THR C 589 -17.78 -23.91 -32.62
N ASN C 590 -17.72 -25.19 -32.24
CA ASN C 590 -18.00 -26.25 -33.21
C ASN C 590 -19.49 -26.35 -33.51
N THR C 591 -20.34 -26.17 -32.50
CA THR C 591 -21.78 -26.36 -32.70
C THR C 591 -22.34 -25.33 -33.65
N SER C 592 -21.95 -24.06 -33.51
CA SER C 592 -22.50 -23.00 -34.33
C SER C 592 -21.51 -21.83 -34.35
N ASN C 593 -21.94 -20.72 -34.92
CA ASN C 593 -21.09 -19.55 -35.07
C ASN C 593 -21.78 -18.24 -34.69
N GLN C 594 -23.02 -18.30 -34.23
CA GLN C 594 -23.77 -17.10 -33.85
C GLN C 594 -23.61 -16.83 -32.36
N VAL C 595 -23.74 -15.56 -31.99
CA VAL C 595 -23.60 -15.14 -30.60
C VAL C 595 -24.72 -14.15 -30.25
N ALA C 596 -24.90 -13.95 -28.96
CA ALA C 596 -25.82 -12.95 -28.42
C ALA C 596 -25.09 -12.13 -27.37
N VAL C 597 -25.51 -10.87 -27.22
CA VAL C 597 -24.82 -9.93 -26.34
C VAL C 597 -25.78 -9.48 -25.26
N LEU C 598 -25.27 -9.36 -24.03
CA LEU C 598 -26.06 -8.91 -22.90
C LEU C 598 -25.38 -7.72 -22.22
N TYR C 599 -26.18 -6.74 -21.84
CA TYR C 599 -25.71 -5.55 -21.14
C TYR C 599 -26.39 -5.49 -19.78
N GLN C 600 -25.60 -5.37 -18.72
CA GLN C 600 -26.16 -5.41 -17.37
C GLN C 600 -26.77 -4.07 -16.98
N ASP C 601 -28.03 -4.12 -16.53
CA ASP C 601 -28.71 -2.98 -15.92
C ASP C 601 -28.72 -1.76 -16.83
N VAL C 602 -29.33 -1.94 -18.01
CA VAL C 602 -29.47 -0.86 -18.99
C VAL C 602 -30.81 -1.04 -19.68
N ASN C 603 -31.59 0.05 -19.79
CA ASN C 603 -32.75 0.04 -20.66
C ASN C 603 -32.25 0.31 -22.08
N CYS C 604 -32.42 -0.65 -22.97
CA CYS C 604 -31.78 -0.61 -24.29
C CYS C 604 -32.52 0.36 -25.22
N THR C 605 -32.57 1.62 -24.80
CA THR C 605 -32.89 2.73 -25.67
C THR C 605 -31.67 3.57 -26.02
N GLU C 606 -30.59 3.43 -25.24
CA GLU C 606 -29.33 4.11 -25.53
C GLU C 606 -28.18 3.12 -25.74
N VAL C 607 -28.49 1.83 -25.94
CA VAL C 607 -27.42 0.85 -26.18
C VAL C 607 -26.63 1.13 -27.45
N PRO C 608 -27.23 1.51 -28.59
CA PRO C 608 -26.38 1.70 -29.79
C PRO C 608 -25.45 2.89 -29.69
N VAL C 609 -25.66 3.79 -28.74
CA VAL C 609 -24.76 4.93 -28.59
C VAL C 609 -23.38 4.48 -28.17
N ALA C 610 -23.31 3.53 -27.23
CA ALA C 610 -22.03 3.02 -26.76
C ALA C 610 -22.11 1.52 -26.50
N TRP C 620 -19.87 -4.97 -36.05
CA TRP C 620 -20.41 -4.92 -34.70
C TRP C 620 -21.76 -4.19 -34.67
N ARG C 621 -21.97 -3.29 -35.63
CA ARG C 621 -23.21 -2.53 -35.68
C ARG C 621 -24.42 -3.43 -35.87
N VAL C 622 -24.23 -4.64 -36.40
CA VAL C 622 -25.35 -5.58 -36.54
C VAL C 622 -25.89 -5.95 -35.17
N TYR C 623 -25.01 -6.17 -34.20
CA TYR C 623 -25.39 -6.55 -32.85
C TYR C 623 -25.74 -5.35 -31.97
N SER C 624 -26.02 -4.19 -32.57
CA SER C 624 -26.47 -3.02 -31.83
C SER C 624 -27.80 -2.47 -32.30
N THR C 625 -28.35 -2.99 -33.40
CA THR C 625 -29.62 -2.53 -33.93
C THR C 625 -30.77 -3.28 -33.24
N GLY C 626 -31.98 -3.12 -33.77
CA GLY C 626 -33.14 -3.72 -33.14
C GLY C 626 -33.75 -4.89 -33.90
N SER C 627 -32.89 -5.75 -34.46
CA SER C 627 -33.39 -6.94 -35.13
C SER C 627 -34.10 -7.87 -34.15
N ASN C 628 -33.48 -8.08 -32.98
CA ASN C 628 -34.08 -8.92 -31.93
C ASN C 628 -33.65 -8.33 -30.59
N VAL C 629 -34.53 -7.56 -29.99
CA VAL C 629 -34.24 -6.86 -28.74
C VAL C 629 -35.21 -7.35 -27.68
N PHE C 630 -34.68 -7.82 -26.55
CA PHE C 630 -35.46 -8.34 -25.45
C PHE C 630 -34.96 -7.72 -24.15
N GLN C 631 -35.88 -7.17 -23.36
CA GLN C 631 -35.52 -6.50 -22.12
C GLN C 631 -35.87 -7.41 -20.94
N THR C 632 -34.88 -7.66 -20.10
CA THR C 632 -35.02 -8.54 -18.94
C THR C 632 -34.66 -7.78 -17.67
N ARG C 633 -34.79 -8.47 -16.54
CA ARG C 633 -34.39 -7.87 -15.26
C ARG C 633 -32.88 -7.63 -15.22
N ALA C 634 -32.10 -8.59 -15.70
CA ALA C 634 -30.65 -8.44 -15.67
C ALA C 634 -30.16 -7.40 -16.68
N GLY C 635 -30.88 -7.21 -17.77
CA GLY C 635 -30.49 -6.24 -18.77
C GLY C 635 -31.21 -6.49 -20.07
N CYS C 636 -30.71 -5.89 -21.14
CA CYS C 636 -31.29 -6.07 -22.47
C CYS C 636 -30.46 -7.05 -23.28
N LEU C 637 -31.12 -8.08 -23.78
CA LEU C 637 -30.47 -9.14 -24.54
C LEU C 637 -30.71 -8.91 -26.03
N ILE C 638 -29.63 -8.85 -26.80
CA ILE C 638 -29.69 -8.54 -28.22
C ILE C 638 -29.18 -9.75 -28.99
N GLY C 639 -29.96 -10.20 -29.97
CA GLY C 639 -29.58 -11.32 -30.79
C GLY C 639 -30.28 -12.63 -30.46
N ALA C 640 -31.25 -12.62 -29.55
CA ALA C 640 -31.98 -13.82 -29.18
C ALA C 640 -33.48 -13.55 -29.29
N GLU C 641 -34.24 -14.61 -29.55
CA GLU C 641 -35.68 -14.51 -29.75
C GLU C 641 -36.42 -15.06 -28.54
N HIS C 642 -37.34 -14.25 -28.01
CA HIS C 642 -38.13 -14.67 -26.86
C HIS C 642 -39.17 -15.70 -27.24
N VAL C 643 -39.43 -16.65 -26.34
CA VAL C 643 -40.42 -17.69 -26.54
C VAL C 643 -41.21 -17.86 -25.26
N ASN C 644 -42.54 -17.99 -25.38
CA ASN C 644 -43.34 -18.30 -24.20
C ASN C 644 -43.10 -19.71 -23.69
N ASN C 645 -42.74 -20.65 -24.56
CA ASN C 645 -42.51 -22.02 -24.12
C ASN C 645 -41.31 -22.06 -23.18
N SER C 646 -41.33 -23.02 -22.26
CA SER C 646 -40.32 -23.13 -21.22
C SER C 646 -39.68 -24.50 -21.26
N TYR C 647 -38.35 -24.52 -21.22
CA TYR C 647 -37.61 -25.78 -21.20
C TYR C 647 -36.58 -25.75 -20.08
N GLU C 648 -35.71 -26.77 -20.05
CA GLU C 648 -34.66 -26.82 -19.04
C GLU C 648 -33.60 -25.75 -19.32
N CYS C 649 -32.87 -25.39 -18.27
CA CYS C 649 -31.87 -24.34 -18.38
C CYS C 649 -30.58 -24.90 -18.99
N ASP C 650 -30.01 -24.14 -19.93
CA ASP C 650 -28.72 -24.47 -20.52
C ASP C 650 -27.66 -23.43 -20.20
N ILE C 651 -27.90 -22.17 -20.53
CA ILE C 651 -26.95 -21.10 -20.24
C ILE C 651 -27.60 -20.08 -19.32
N PRO C 652 -27.20 -20.02 -18.05
CA PRO C 652 -27.82 -19.06 -17.13
C PRO C 652 -27.59 -17.62 -17.56
N ILE C 653 -28.58 -16.77 -17.32
CA ILE C 653 -28.52 -15.36 -17.66
C ILE C 653 -28.79 -14.48 -16.44
N GLY C 654 -29.86 -14.75 -15.73
CA GLY C 654 -30.21 -14.00 -14.53
C GLY C 654 -31.71 -13.88 -14.39
N ALA C 655 -32.16 -13.80 -13.13
CA ALA C 655 -33.58 -13.67 -12.79
C ALA C 655 -34.41 -14.79 -13.41
N GLY C 656 -33.85 -16.00 -13.42
CA GLY C 656 -34.56 -17.16 -13.93
C GLY C 656 -34.84 -17.14 -15.41
N ILE C 657 -33.86 -16.74 -16.22
CA ILE C 657 -33.97 -16.75 -17.68
C ILE C 657 -32.73 -17.45 -18.22
N CYS C 658 -32.94 -18.38 -19.15
CA CYS C 658 -31.84 -19.15 -19.72
C CYS C 658 -31.90 -19.10 -21.24
N ALA C 659 -30.74 -19.18 -21.87
CA ALA C 659 -30.62 -19.15 -23.31
C ALA C 659 -30.05 -20.45 -23.82
N SER C 660 -30.45 -20.84 -25.03
CA SER C 660 -30.00 -22.09 -25.62
C SER C 660 -30.07 -21.98 -27.14
N TYR C 661 -29.39 -22.92 -27.80
CA TYR C 661 -29.32 -22.95 -29.25
C TYR C 661 -30.36 -23.94 -29.78
N GLN C 662 -31.24 -23.45 -30.64
CA GLN C 662 -32.29 -24.30 -31.21
C GLN C 662 -32.88 -23.66 -32.46
N GLN C 677 -29.62 -22.88 -36.09
CA GLN C 677 -30.95 -22.37 -36.37
C GLN C 677 -31.15 -20.97 -35.77
N SER C 678 -31.40 -20.91 -34.47
CA SER C 678 -31.61 -19.65 -33.79
C SER C 678 -31.31 -19.82 -32.31
N ILE C 679 -31.07 -18.69 -31.65
CA ILE C 679 -30.81 -18.65 -30.21
C ILE C 679 -32.05 -18.12 -29.51
N ILE C 680 -32.55 -18.85 -28.54
CA ILE C 680 -33.81 -18.53 -27.88
C ILE C 680 -33.55 -18.18 -26.42
N ALA C 681 -34.45 -17.39 -25.86
CA ALA C 681 -34.47 -17.07 -24.44
C ALA C 681 -35.85 -17.35 -23.89
N TYR C 682 -35.91 -17.94 -22.71
CA TYR C 682 -37.18 -18.43 -22.18
C TYR C 682 -37.12 -18.46 -20.66
N THR C 683 -38.29 -18.55 -20.04
CA THR C 683 -38.36 -18.74 -18.60
C THR C 683 -37.96 -20.16 -18.25
N MET C 684 -37.09 -20.28 -17.25
CA MET C 684 -36.58 -21.60 -16.87
C MET C 684 -37.72 -22.47 -16.31
N SER C 685 -37.70 -23.74 -16.66
CA SER C 685 -38.69 -24.71 -16.19
C SER C 685 -38.04 -25.56 -15.10
N LEU C 686 -38.66 -25.59 -13.92
CA LEU C 686 -38.07 -26.32 -12.80
C LEU C 686 -38.02 -27.82 -13.08
N GLY C 687 -39.10 -28.38 -13.62
CA GLY C 687 -39.11 -29.80 -13.89
C GLY C 687 -40.49 -30.26 -14.32
N ALA C 688 -40.58 -31.57 -14.55
CA ALA C 688 -41.82 -32.17 -15.01
C ALA C 688 -42.89 -32.07 -13.94
N GLU C 689 -44.08 -31.66 -14.33
CA GLU C 689 -45.20 -31.64 -13.39
C GLU C 689 -45.59 -33.05 -13.02
N ASN C 690 -45.85 -33.27 -11.73
CA ASN C 690 -46.21 -34.60 -11.25
C ASN C 690 -47.21 -34.48 -10.12
N SER C 691 -48.09 -35.46 -10.04
CA SER C 691 -49.08 -35.53 -8.97
C SER C 691 -49.28 -36.99 -8.62
N VAL C 692 -49.33 -37.28 -7.33
CA VAL C 692 -49.46 -38.64 -6.83
C VAL C 692 -50.86 -38.83 -6.27
N ALA C 693 -51.49 -39.93 -6.67
CA ALA C 693 -52.86 -40.21 -6.26
C ALA C 693 -52.86 -40.60 -4.79
N TYR C 694 -53.02 -39.62 -3.91
CA TYR C 694 -53.07 -39.86 -2.48
C TYR C 694 -54.48 -40.26 -2.11
N SER C 695 -54.62 -41.41 -1.48
CA SER C 695 -55.90 -41.87 -0.97
C SER C 695 -55.71 -42.39 0.45
N ASN C 696 -56.77 -42.28 1.24
CA ASN C 696 -56.71 -42.61 2.65
C ASN C 696 -56.87 -44.09 2.93
N ASN C 697 -56.97 -44.94 1.92
CA ASN C 697 -56.81 -46.38 2.09
C ASN C 697 -56.07 -47.00 0.91
N SER C 698 -54.99 -46.36 0.43
CA SER C 698 -54.29 -46.83 -0.74
C SER C 698 -52.78 -46.77 -0.54
N ILE C 699 -52.08 -47.84 -0.92
CA ILE C 699 -50.63 -47.94 -0.80
C ILE C 699 -50.08 -48.41 -2.15
N ALA C 700 -48.80 -48.16 -2.36
CA ALA C 700 -48.10 -48.60 -3.57
C ALA C 700 -46.79 -49.25 -3.18
N ILE C 701 -46.65 -50.54 -3.48
CA ILE C 701 -45.48 -51.32 -3.11
C ILE C 701 -44.79 -51.77 -4.40
N PRO C 702 -43.48 -51.56 -4.54
CA PRO C 702 -42.78 -52.03 -5.74
C PRO C 702 -42.65 -53.54 -5.77
N THR C 703 -42.44 -54.07 -6.97
CA THR C 703 -42.35 -55.52 -7.19
C THR C 703 -41.03 -55.96 -7.78
N ASN C 704 -40.14 -55.02 -8.09
CA ASN C 704 -38.92 -55.33 -8.81
C ASN C 704 -37.95 -54.18 -8.57
N PHE C 705 -36.65 -54.45 -8.72
CA PHE C 705 -35.64 -53.48 -8.35
C PHE C 705 -34.61 -53.35 -9.46
N THR C 706 -33.72 -52.38 -9.28
CA THR C 706 -32.58 -52.18 -10.15
C THR C 706 -31.37 -51.81 -9.31
N ILE C 707 -30.22 -52.37 -9.65
CA ILE C 707 -28.96 -52.04 -9.01
C ILE C 707 -28.25 -51.00 -9.87
N SER C 708 -27.78 -49.92 -9.25
CA SER C 708 -27.13 -48.84 -9.97
C SER C 708 -25.80 -48.51 -9.30
N VAL C 709 -24.91 -47.90 -10.08
CA VAL C 709 -23.59 -47.51 -9.60
C VAL C 709 -23.36 -46.04 -9.97
N THR C 710 -22.93 -45.24 -9.01
CA THR C 710 -22.77 -43.81 -9.18
C THR C 710 -21.34 -43.40 -8.89
N THR C 711 -20.84 -42.42 -9.64
CA THR C 711 -19.48 -41.92 -9.48
C THR C 711 -19.47 -40.66 -8.63
N GLU C 712 -18.43 -40.53 -7.81
CA GLU C 712 -18.24 -39.36 -6.96
C GLU C 712 -16.77 -39.00 -6.92
N ILE C 713 -16.46 -37.71 -7.07
CA ILE C 713 -15.09 -37.24 -7.18
C ILE C 713 -14.86 -36.17 -6.13
N LEU C 714 -13.76 -36.30 -5.39
CA LEU C 714 -13.41 -35.36 -4.32
C LEU C 714 -11.91 -35.11 -4.29
N PRO C 715 -11.44 -33.89 -4.56
CA PRO C 715 -10.02 -33.60 -4.44
C PRO C 715 -9.56 -33.72 -2.99
N VAL C 716 -8.32 -34.18 -2.79
CA VAL C 716 -7.78 -34.39 -1.46
C VAL C 716 -6.39 -33.78 -1.27
N SER C 717 -5.81 -33.16 -2.30
CA SER C 717 -4.45 -32.68 -2.17
C SER C 717 -4.19 -31.55 -3.15
N MET C 718 -3.13 -30.80 -2.88
CA MET C 718 -2.62 -29.74 -3.73
C MET C 718 -1.19 -30.08 -4.15
N THR C 719 -0.55 -29.13 -4.84
CA THR C 719 0.84 -29.28 -5.25
C THR C 719 1.71 -28.56 -4.24
N LYS C 720 2.54 -29.31 -3.52
CA LYS C 720 3.46 -28.70 -2.57
C LYS C 720 4.45 -27.80 -3.29
N THR C 721 4.64 -26.59 -2.76
CA THR C 721 5.50 -25.62 -3.42
C THR C 721 6.13 -24.72 -2.37
N SER C 722 7.24 -24.09 -2.75
CA SER C 722 7.92 -23.12 -1.91
C SER C 722 8.57 -22.08 -2.81
N VAL C 723 8.74 -20.88 -2.26
CA VAL C 723 9.28 -19.76 -3.02
C VAL C 723 10.49 -19.22 -2.28
N ASP C 724 11.59 -19.03 -3.00
CA ASP C 724 12.77 -18.40 -2.44
C ASP C 724 12.44 -16.93 -2.20
N CYS C 725 12.18 -16.60 -0.93
CA CYS C 725 11.70 -15.27 -0.58
C CYS C 725 12.70 -14.18 -0.95
N THR C 726 13.97 -14.37 -0.62
CA THR C 726 14.96 -13.34 -0.89
C THR C 726 15.31 -13.27 -2.38
N MET C 727 15.49 -14.42 -3.02
CA MET C 727 15.95 -14.44 -4.40
C MET C 727 14.89 -13.88 -5.34
N TYR C 728 13.61 -14.16 -5.07
CA TYR C 728 12.55 -13.66 -5.93
C TYR C 728 12.51 -12.14 -5.92
N ILE C 729 12.57 -11.53 -4.74
CA ILE C 729 12.51 -10.08 -4.65
C ILE C 729 13.78 -9.44 -5.18
N CYS C 730 14.95 -9.99 -4.82
CA CYS C 730 16.23 -9.35 -5.12
C CYS C 730 16.83 -9.86 -6.43
N GLY C 731 17.10 -11.15 -6.51
CA GLY C 731 17.70 -11.70 -7.71
C GLY C 731 19.21 -11.63 -7.72
N ASP C 732 19.83 -12.05 -6.62
CA ASP C 732 21.29 -12.10 -6.49
C ASP C 732 21.90 -10.70 -6.64
N SER C 733 21.51 -9.81 -5.74
CA SER C 733 22.07 -8.47 -5.67
C SER C 733 22.34 -8.14 -4.21
N THR C 734 23.53 -7.60 -3.94
CA THR C 734 23.91 -7.29 -2.56
C THR C 734 23.19 -6.05 -2.06
N GLU C 735 23.08 -5.01 -2.90
CA GLU C 735 22.40 -3.79 -2.48
C GLU C 735 20.94 -4.05 -2.15
N CYS C 736 20.28 -4.86 -2.97
CA CYS C 736 18.88 -5.18 -2.72
C CYS C 736 18.71 -5.92 -1.39
N SER C 737 19.61 -6.87 -1.11
CA SER C 737 19.54 -7.60 0.15
C SER C 737 19.78 -6.68 1.33
N ASN C 738 20.75 -5.77 1.21
CA ASN C 738 21.02 -4.82 2.29
C ASN C 738 19.81 -3.93 2.54
N LEU C 739 19.15 -3.48 1.47
CA LEU C 739 17.96 -2.66 1.64
C LEU C 739 16.81 -3.44 2.24
N LEU C 740 16.65 -4.71 1.83
CA LEU C 740 15.58 -5.54 2.36
C LEU C 740 15.79 -5.90 3.82
N LEU C 741 17.05 -5.91 4.28
CA LEU C 741 17.31 -6.22 5.69
C LEU C 741 16.62 -5.24 6.63
N GLN C 742 16.27 -4.04 6.16
CA GLN C 742 15.62 -3.06 7.02
C GLN C 742 14.16 -3.44 7.31
N TYR C 743 13.50 -4.10 6.37
CA TYR C 743 12.06 -4.30 6.48
C TYR C 743 11.67 -5.26 7.60
N GLY C 744 12.61 -6.06 8.10
CA GLY C 744 12.32 -6.88 9.25
C GLY C 744 12.25 -8.37 8.98
N SER C 745 11.13 -8.99 9.35
CA SER C 745 10.99 -10.45 9.30
C SER C 745 9.73 -10.83 8.54
N PHE C 746 9.38 -10.09 7.49
CA PHE C 746 8.32 -10.54 6.59
C PHE C 746 8.75 -11.80 5.85
N CYS C 747 10.03 -11.87 5.49
CA CYS C 747 10.54 -12.99 4.69
C CYS C 747 10.37 -14.31 5.44
N THR C 748 10.75 -14.34 6.71
CA THR C 748 10.60 -15.56 7.51
C THR C 748 9.14 -15.91 7.70
N GLN C 749 8.28 -14.90 7.87
CA GLN C 749 6.85 -15.15 8.00
C GLN C 749 6.31 -15.86 6.76
N LEU C 750 6.67 -15.35 5.57
CA LEU C 750 6.18 -15.96 4.34
C LEU C 750 6.71 -17.39 4.19
N ASN C 751 7.99 -17.59 4.49
CA ASN C 751 8.56 -18.93 4.36
C ASN C 751 7.88 -19.91 5.31
N ARG C 752 7.64 -19.49 6.55
CA ARG C 752 6.99 -20.36 7.52
C ARG C 752 5.57 -20.69 7.09
N ALA C 753 4.83 -19.69 6.58
CA ALA C 753 3.47 -19.95 6.13
C ALA C 753 3.44 -20.94 4.98
N LEU C 754 4.35 -20.77 4.00
CA LEU C 754 4.38 -21.70 2.88
C LEU C 754 4.76 -23.10 3.31
N THR C 755 5.72 -23.22 4.24
CA THR C 755 6.08 -24.54 4.74
C THR C 755 4.93 -25.20 5.48
N GLY C 756 4.20 -24.42 6.28
CA GLY C 756 3.04 -24.98 6.97
C GLY C 756 1.96 -25.44 6.01
N ILE C 757 1.77 -24.71 4.92
CA ILE C 757 0.83 -25.16 3.89
C ILE C 757 1.32 -26.46 3.26
N ALA C 758 2.60 -26.52 2.92
CA ALA C 758 3.13 -27.67 2.21
C ALA C 758 3.11 -28.94 3.06
N VAL C 759 3.27 -28.82 4.37
CA VAL C 759 3.29 -30.00 5.22
C VAL C 759 1.92 -30.67 5.26
N GLU C 760 0.85 -29.89 5.31
CA GLU C 760 -0.48 -30.42 5.58
C GLU C 760 -1.00 -31.35 4.48
N GLN C 761 -0.47 -31.26 3.25
CA GLN C 761 -0.95 -32.12 2.18
C GLN C 761 -0.65 -33.58 2.47
N ASP C 762 0.53 -33.86 3.02
CA ASP C 762 0.88 -35.23 3.38
C ASP C 762 -0.05 -35.78 4.44
N LYS C 763 -0.42 -34.95 5.42
CA LYS C 763 -1.39 -35.38 6.42
C LYS C 763 -2.76 -35.63 5.80
N ASN C 764 -3.15 -34.79 4.84
CA ASN C 764 -4.42 -35.01 4.14
C ASN C 764 -4.45 -36.38 3.47
N THR C 765 -3.41 -36.69 2.71
CA THR C 765 -3.35 -37.99 2.03
C THR C 765 -3.30 -39.13 3.05
N GLN C 766 -2.53 -38.96 4.13
CA GLN C 766 -2.40 -40.00 5.14
C GLN C 766 -3.75 -40.29 5.78
N GLU C 767 -4.53 -39.25 6.08
CA GLU C 767 -5.83 -39.46 6.69
C GLU C 767 -6.82 -40.09 5.70
N VAL C 768 -6.75 -39.69 4.43
CA VAL C 768 -7.71 -40.20 3.45
C VAL C 768 -7.48 -41.67 3.18
N PHE C 769 -6.21 -42.05 2.93
CA PHE C 769 -5.93 -43.38 2.40
C PHE C 769 -5.40 -44.36 3.43
N ALA C 770 -4.41 -43.96 4.23
CA ALA C 770 -3.75 -44.87 5.18
C ALA C 770 -4.68 -45.09 6.37
N GLN C 771 -5.58 -46.07 6.22
CA GLN C 771 -6.53 -46.40 7.27
C GLN C 771 -6.59 -47.89 7.57
N VAL C 772 -5.72 -48.68 6.96
CA VAL C 772 -5.67 -50.12 7.20
C VAL C 772 -4.33 -50.46 7.83
N LYS C 773 -4.37 -51.23 8.91
CA LYS C 773 -3.14 -51.63 9.60
C LYS C 773 -2.27 -52.50 8.71
N GLN C 774 -2.87 -53.46 8.01
CA GLN C 774 -2.14 -54.43 7.21
C GLN C 774 -2.47 -54.22 5.73
N ILE C 775 -1.89 -55.06 4.89
CA ILE C 775 -2.13 -55.05 3.45
C ILE C 775 -2.64 -56.43 3.07
N TYR C 776 -3.85 -56.48 2.53
CA TYR C 776 -4.47 -57.74 2.16
C TYR C 776 -4.21 -58.05 0.68
N LYS C 777 -4.49 -59.29 0.30
CA LYS C 777 -4.25 -59.76 -1.06
C LYS C 777 -5.45 -60.54 -1.57
N THR C 778 -5.74 -60.39 -2.85
CA THR C 778 -6.81 -61.13 -3.48
C THR C 778 -6.38 -62.56 -3.75
N PRO C 779 -7.31 -63.52 -3.63
CA PRO C 779 -6.95 -64.92 -3.91
C PRO C 779 -6.61 -65.11 -5.37
N PRO C 780 -5.70 -66.04 -5.68
CA PRO C 780 -5.38 -66.29 -7.10
C PRO C 780 -6.57 -66.77 -7.91
N ILE C 781 -7.47 -67.56 -7.31
CA ILE C 781 -8.66 -68.04 -7.98
C ILE C 781 -9.83 -67.15 -7.59
N LYS C 782 -10.61 -66.73 -8.58
CA LYS C 782 -11.68 -65.75 -8.38
C LYS C 782 -13.02 -66.43 -8.69
N ASP C 783 -13.71 -66.89 -7.66
CA ASP C 783 -15.04 -67.49 -7.76
C ASP C 783 -15.94 -66.75 -6.77
N PHE C 784 -16.51 -65.63 -7.20
CA PHE C 784 -17.32 -64.77 -6.35
C PHE C 784 -18.81 -64.98 -6.57
N GLY C 785 -19.23 -66.20 -6.88
CA GLY C 785 -20.65 -66.48 -7.01
C GLY C 785 -21.32 -65.83 -8.20
N GLY C 786 -20.57 -65.47 -9.23
CA GLY C 786 -21.13 -64.86 -10.42
C GLY C 786 -20.77 -63.39 -10.59
N PHE C 787 -20.26 -62.74 -9.56
CA PHE C 787 -19.87 -61.34 -9.66
C PHE C 787 -18.54 -61.22 -10.40
N ASN C 788 -18.29 -60.02 -10.92
CA ASN C 788 -17.11 -59.77 -11.74
C ASN C 788 -16.48 -58.46 -11.30
N PHE C 789 -15.23 -58.52 -10.82
CA PHE C 789 -14.52 -57.35 -10.34
C PHE C 789 -13.31 -57.02 -11.20
N SER C 790 -13.24 -57.54 -12.42
CA SER C 790 -12.04 -57.36 -13.23
C SER C 790 -11.77 -55.90 -13.56
N GLN C 791 -12.78 -55.04 -13.47
CA GLN C 791 -12.59 -53.63 -13.81
C GLN C 791 -11.87 -52.87 -12.70
N ILE C 792 -12.09 -53.24 -11.43
CA ILE C 792 -11.56 -52.47 -10.32
C ILE C 792 -10.29 -53.10 -9.78
N LEU C 793 -10.20 -54.42 -9.83
CA LEU C 793 -9.02 -55.10 -9.31
C LEU C 793 -7.80 -54.78 -10.16
N PRO C 794 -6.61 -54.77 -9.56
CA PRO C 794 -5.40 -54.47 -10.35
C PRO C 794 -5.15 -55.51 -11.43
N ASP C 795 -4.63 -55.05 -12.57
CA ASP C 795 -4.34 -55.92 -13.69
C ASP C 795 -2.89 -56.37 -13.63
N PRO C 796 -2.60 -57.66 -13.52
CA PRO C 796 -1.21 -58.11 -13.40
C PRO C 796 -0.39 -57.84 -14.65
N SER C 797 -0.89 -58.28 -15.81
CA SER C 797 -0.16 -58.14 -17.07
C SER C 797 -0.33 -56.72 -17.60
N LYS C 798 0.36 -55.80 -16.93
CA LYS C 798 0.27 -54.37 -17.24
C LYS C 798 1.41 -53.64 -16.55
N PRO C 799 1.99 -52.61 -17.19
CA PRO C 799 2.95 -51.76 -16.48
C PRO C 799 2.31 -51.12 -15.26
N SER C 800 3.09 -51.01 -14.20
CA SER C 800 2.60 -50.57 -12.88
C SER C 800 1.53 -51.59 -12.43
N LYS C 801 0.58 -51.15 -11.60
CA LYS C 801 -0.45 -52.06 -11.13
C LYS C 801 -1.82 -51.40 -11.09
N ARG C 802 -2.05 -50.37 -11.89
CA ARG C 802 -3.33 -49.69 -11.88
C ARG C 802 -4.39 -50.51 -12.61
N SER C 803 -5.61 -50.46 -12.09
CA SER C 803 -6.73 -51.11 -12.75
C SER C 803 -7.11 -50.33 -14.01
N PRO C 804 -7.87 -50.95 -14.91
CA PRO C 804 -8.26 -50.22 -16.14
C PRO C 804 -8.97 -48.90 -15.88
N ILE C 805 -9.85 -48.85 -14.89
CA ILE C 805 -10.54 -47.60 -14.58
C ILE C 805 -9.55 -46.55 -14.09
N GLU C 806 -8.62 -46.96 -13.25
CA GLU C 806 -7.59 -46.02 -12.79
C GLU C 806 -6.72 -45.55 -13.94
N ASP C 807 -6.42 -46.43 -14.89
CA ASP C 807 -5.67 -46.02 -16.07
C ASP C 807 -6.43 -44.99 -16.87
N LEU C 808 -7.74 -45.21 -17.06
CA LEU C 808 -8.56 -44.23 -17.77
C LEU C 808 -8.57 -42.89 -17.04
N LEU C 809 -8.70 -42.93 -15.71
CA LEU C 809 -8.71 -41.69 -14.94
C LEU C 809 -7.39 -40.95 -15.06
N PHE C 810 -6.27 -41.68 -15.03
CA PHE C 810 -4.97 -41.02 -15.11
C PHE C 810 -4.74 -40.44 -16.50
N ASN C 811 -5.20 -41.13 -17.55
CA ASN C 811 -5.04 -40.59 -18.89
C ASN C 811 -5.95 -39.39 -19.14
N LYS C 812 -7.15 -39.39 -18.56
CA LYS C 812 -8.11 -38.33 -18.84
C LYS C 812 -7.63 -36.98 -18.31
N VAL C 813 -7.07 -36.95 -17.10
CA VAL C 813 -6.66 -35.69 -16.50
C VAL C 813 -5.43 -35.15 -17.22
N THR C 814 -5.50 -33.89 -17.63
CA THR C 814 -4.42 -33.23 -18.35
C THR C 814 -3.63 -32.36 -17.37
N LEU C 815 -2.32 -32.58 -17.30
CA LEU C 815 -1.47 -31.82 -16.41
C LEU C 815 -1.05 -30.49 -17.05
N ALA C 839 5.39 -27.42 -13.07
CA ALA C 839 5.79 -28.34 -14.13
C ALA C 839 7.08 -27.88 -14.80
N GLN C 840 7.57 -26.70 -14.41
CA GLN C 840 8.77 -26.11 -14.96
C GLN C 840 9.63 -25.55 -13.83
N LYS C 841 10.79 -25.01 -14.19
CA LYS C 841 11.70 -24.39 -13.25
C LYS C 841 11.70 -22.87 -13.48
N PHE C 842 11.63 -22.12 -12.38
CA PHE C 842 11.56 -20.68 -12.46
C PHE C 842 12.67 -20.03 -11.63
N ASN C 843 12.59 -18.71 -11.46
CA ASN C 843 13.56 -17.96 -10.67
C ASN C 843 13.10 -17.81 -9.22
N GLY C 844 13.46 -18.80 -8.41
CA GLY C 844 13.12 -18.84 -7.00
C GLY C 844 11.99 -19.77 -6.64
N LEU C 845 11.17 -20.18 -7.60
CA LEU C 845 10.08 -21.11 -7.33
C LEU C 845 10.59 -22.55 -7.36
N THR C 846 9.90 -23.41 -6.62
CA THR C 846 10.25 -24.82 -6.59
C THR C 846 9.02 -25.64 -6.22
N VAL C 847 9.08 -26.93 -6.53
CA VAL C 847 7.99 -27.85 -6.24
C VAL C 847 8.57 -29.06 -5.51
N LEU C 848 7.98 -29.39 -4.37
CA LEU C 848 8.50 -30.55 -3.66
C LEU C 848 7.71 -31.80 -4.00
N PRO C 849 8.38 -32.94 -4.19
CA PRO C 849 7.66 -34.15 -4.55
C PRO C 849 6.79 -34.63 -3.40
N PRO C 850 5.67 -35.29 -3.69
CA PRO C 850 4.82 -35.80 -2.62
C PRO C 850 5.52 -36.90 -1.83
N LEU C 851 5.11 -37.02 -0.56
CA LEU C 851 5.71 -38.04 0.30
C LEU C 851 5.36 -39.44 -0.15
N LEU C 852 4.12 -39.64 -0.63
CA LEU C 852 3.66 -40.94 -1.08
C LEU C 852 3.57 -40.93 -2.60
N THR C 853 4.23 -41.90 -3.22
CA THR C 853 4.17 -42.03 -4.67
C THR C 853 2.85 -42.66 -5.10
N ASP C 854 2.61 -42.65 -6.40
CA ASP C 854 1.35 -43.18 -6.93
C ASP C 854 1.21 -44.67 -6.67
N GLU C 855 2.32 -45.41 -6.74
CA GLU C 855 2.27 -46.85 -6.51
C GLU C 855 1.82 -47.18 -5.10
N MET C 856 2.27 -46.40 -4.12
CA MET C 856 1.86 -46.67 -2.74
C MET C 856 0.37 -46.39 -2.54
N ILE C 857 -0.15 -45.33 -3.15
CA ILE C 857 -1.57 -45.05 -3.06
C ILE C 857 -2.37 -46.15 -3.74
N ALA C 858 -1.89 -46.64 -4.88
CA ALA C 858 -2.55 -47.76 -5.54
C ALA C 858 -2.54 -49.00 -4.66
N GLN C 859 -1.44 -49.25 -3.96
CA GLN C 859 -1.37 -50.39 -3.05
C GLN C 859 -2.38 -50.24 -1.91
N TYR C 860 -2.50 -49.03 -1.37
CA TYR C 860 -3.52 -48.78 -0.34
C TYR C 860 -4.92 -49.08 -0.86
N THR C 861 -5.25 -48.57 -2.05
CA THR C 861 -6.57 -48.82 -2.60
C THR C 861 -6.81 -50.31 -2.85
N SER C 862 -5.79 -51.01 -3.35
CA SER C 862 -5.93 -52.44 -3.59
C SER C 862 -6.12 -53.20 -2.28
N ALA C 863 -5.40 -52.81 -1.23
CA ALA C 863 -5.58 -53.46 0.06
C ALA C 863 -6.99 -53.25 0.59
N LEU C 864 -7.49 -52.02 0.49
CA LEU C 864 -8.86 -51.75 0.94
C LEU C 864 -9.87 -52.56 0.14
N LEU C 865 -9.67 -52.65 -1.18
CA LEU C 865 -10.60 -53.37 -2.04
C LEU C 865 -10.59 -54.87 -1.72
N ALA C 866 -9.40 -55.46 -1.55
CA ALA C 866 -9.33 -56.87 -1.21
C ALA C 866 -9.96 -57.15 0.14
N GLY C 867 -9.70 -56.28 1.12
CA GLY C 867 -10.29 -56.47 2.44
C GLY C 867 -11.80 -56.40 2.41
N THR C 868 -12.36 -55.45 1.67
CA THR C 868 -13.82 -55.35 1.61
C THR C 868 -14.46 -56.43 0.75
N ILE C 869 -13.72 -56.99 -0.21
CA ILE C 869 -14.27 -58.09 -1.00
C ILE C 869 -14.30 -59.37 -0.20
N THR C 870 -13.21 -59.69 0.50
CA THR C 870 -13.10 -60.98 1.17
C THR C 870 -13.71 -61.01 2.56
N SER C 871 -13.61 -59.91 3.32
CA SER C 871 -14.03 -59.91 4.72
C SER C 871 -15.30 -59.14 5.00
N GLY C 872 -15.59 -58.08 4.26
CA GLY C 872 -16.77 -57.27 4.51
C GLY C 872 -16.42 -56.03 5.31
N TRP C 873 -17.22 -55.74 6.33
CA TRP C 873 -16.93 -54.63 7.24
C TRP C 873 -16.18 -55.07 8.48
N THR C 874 -15.91 -56.37 8.63
CA THR C 874 -15.24 -56.86 9.82
C THR C 874 -13.80 -56.41 9.92
N PHE C 875 -13.18 -56.03 8.80
CA PHE C 875 -11.78 -55.63 8.83
C PHE C 875 -11.58 -54.18 9.24
N GLY C 876 -12.65 -53.44 9.48
CA GLY C 876 -12.53 -52.07 9.95
C GLY C 876 -12.72 -51.95 11.45
N ALA C 877 -13.16 -53.03 12.09
CA ALA C 877 -13.39 -53.04 13.54
C ALA C 877 -12.30 -53.81 14.28
N GLY C 878 -12.06 -55.05 13.92
CA GLY C 878 -11.04 -55.85 14.55
C GLY C 878 -10.27 -56.68 13.56
N PRO C 879 -9.98 -57.93 13.91
CA PRO C 879 -9.33 -58.83 12.95
C PRO C 879 -10.25 -59.16 11.78
N ALA C 880 -9.65 -59.34 10.61
CA ALA C 880 -10.42 -59.65 9.42
C ALA C 880 -10.93 -61.08 9.48
N LEU C 881 -12.22 -61.26 9.19
CA LEU C 881 -12.86 -62.57 9.19
C LEU C 881 -13.45 -62.82 7.82
N GLN C 882 -13.08 -63.94 7.19
CA GLN C 882 -13.53 -64.21 5.85
C GLN C 882 -15.00 -64.63 5.84
N ILE C 883 -15.64 -64.45 4.68
CA ILE C 883 -17.06 -64.75 4.51
C ILE C 883 -17.35 -64.86 3.02
N PRO C 884 -18.17 -65.81 2.57
CA PRO C 884 -18.53 -65.87 1.15
C PRO C 884 -19.24 -64.61 0.71
N PHE C 885 -18.98 -64.20 -0.54
CA PHE C 885 -19.55 -62.94 -1.04
C PHE C 885 -21.07 -62.95 -1.11
N PRO C 886 -21.74 -63.97 -1.65
CA PRO C 886 -23.21 -63.95 -1.63
C PRO C 886 -23.80 -63.83 -0.23
N MET C 887 -23.16 -64.41 0.78
CA MET C 887 -23.63 -64.23 2.15
C MET C 887 -23.44 -62.80 2.63
N GLN C 888 -22.34 -62.15 2.24
CA GLN C 888 -22.16 -60.74 2.58
C GLN C 888 -23.25 -59.89 1.94
N MET C 889 -23.57 -60.16 0.67
CA MET C 889 -24.61 -59.38 0.01
C MET C 889 -25.97 -59.64 0.63
N ALA C 890 -26.21 -60.88 1.08
CA ALA C 890 -27.45 -61.17 1.79
C ALA C 890 -27.53 -60.38 3.09
N TYR C 891 -26.42 -60.28 3.82
CA TYR C 891 -26.39 -59.43 5.00
C TYR C 891 -26.71 -57.99 4.65
N ARG C 892 -26.17 -57.49 3.54
CA ARG C 892 -26.37 -56.10 3.21
C ARG C 892 -27.79 -55.80 2.74
N PHE C 893 -28.47 -56.75 2.07
CA PHE C 893 -29.91 -56.57 1.88
C PHE C 893 -30.68 -56.65 3.18
N ASN C 894 -30.32 -57.57 4.08
CA ASN C 894 -31.03 -57.64 5.35
C ASN C 894 -30.84 -56.34 6.14
N GLY C 895 -29.77 -55.61 5.86
CA GLY C 895 -29.54 -54.35 6.52
C GLY C 895 -30.40 -53.19 6.06
N ILE C 896 -31.17 -53.34 4.98
CA ILE C 896 -32.06 -52.28 4.52
C ILE C 896 -33.51 -52.73 4.54
N GLY C 897 -33.84 -53.76 5.30
CA GLY C 897 -35.21 -54.19 5.45
C GLY C 897 -35.73 -55.12 4.37
N VAL C 898 -34.85 -55.74 3.60
CA VAL C 898 -35.24 -56.73 2.60
C VAL C 898 -34.61 -58.07 2.99
N THR C 899 -35.44 -59.11 3.06
CA THR C 899 -34.99 -60.39 3.59
C THR C 899 -33.95 -61.02 2.68
N GLN C 900 -33.35 -62.11 3.18
CA GLN C 900 -32.26 -62.77 2.46
C GLN C 900 -32.75 -63.51 1.23
N ASN C 901 -33.92 -64.15 1.31
CA ASN C 901 -34.41 -64.95 0.20
C ASN C 901 -34.56 -64.15 -1.07
N VAL C 902 -34.73 -62.82 -0.96
CA VAL C 902 -34.80 -61.98 -2.15
C VAL C 902 -33.51 -62.10 -2.96
N LEU C 903 -32.37 -62.04 -2.31
CA LEU C 903 -31.11 -62.24 -3.02
C LEU C 903 -30.89 -63.70 -3.37
N TYR C 904 -31.17 -64.60 -2.42
CA TYR C 904 -30.85 -66.02 -2.63
C TYR C 904 -31.66 -66.64 -3.75
N GLU C 905 -32.81 -66.07 -4.09
CA GLU C 905 -33.62 -66.58 -5.19
C GLU C 905 -33.42 -65.79 -6.47
N ASN C 906 -32.57 -64.76 -6.47
CA ASN C 906 -32.34 -63.91 -7.63
C ASN C 906 -30.86 -63.62 -7.83
N GLN C 907 -29.99 -64.56 -7.47
CA GLN C 907 -28.55 -64.28 -7.47
C GLN C 907 -28.03 -63.96 -8.86
N LYS C 908 -28.46 -64.73 -9.86
CA LYS C 908 -27.94 -64.54 -11.21
C LYS C 908 -28.31 -63.17 -11.78
N LEU C 909 -29.56 -62.74 -11.57
CA LEU C 909 -29.98 -61.44 -12.06
C LEU C 909 -29.22 -60.31 -11.39
N ILE C 910 -28.99 -60.43 -10.08
CA ILE C 910 -28.22 -59.42 -9.36
C ILE C 910 -26.80 -59.35 -9.92
N ALA C 911 -26.19 -60.51 -10.14
CA ALA C 911 -24.84 -60.53 -10.69
C ALA C 911 -24.79 -59.88 -12.07
N ASN C 912 -25.78 -60.18 -12.91
CA ASN C 912 -25.81 -59.60 -14.26
C ASN C 912 -25.96 -58.09 -14.21
N GLN C 913 -26.86 -57.59 -13.37
CA GLN C 913 -27.06 -56.14 -13.26
C GLN C 913 -25.80 -55.46 -12.72
N PHE C 914 -25.16 -56.07 -11.73
CA PHE C 914 -23.92 -55.52 -11.17
C PHE C 914 -22.84 -55.42 -12.25
N ASN C 915 -22.64 -56.51 -12.99
CA ASN C 915 -21.62 -56.51 -14.04
C ASN C 915 -21.94 -55.48 -15.11
N SER C 916 -23.20 -55.38 -15.53
CA SER C 916 -23.57 -54.43 -16.56
C SER C 916 -23.36 -53.00 -16.10
N ALA C 917 -23.71 -52.69 -14.85
CA ALA C 917 -23.52 -51.34 -14.34
C ALA C 917 -22.05 -50.97 -14.28
N ILE C 918 -21.21 -51.87 -13.77
CA ILE C 918 -19.79 -51.57 -13.71
C ILE C 918 -19.20 -51.42 -15.11
N GLY C 919 -19.65 -52.24 -16.06
CA GLY C 919 -19.19 -52.10 -17.43
C GLY C 919 -19.60 -50.77 -18.04
N LYS C 920 -20.81 -50.31 -17.73
CA LYS C 920 -21.28 -49.04 -18.27
C LYS C 920 -20.56 -47.86 -17.64
N ILE C 921 -20.06 -48.02 -16.42
CA ILE C 921 -19.37 -46.92 -15.75
C ILE C 921 -18.15 -46.47 -16.55
N GLN C 922 -17.38 -47.43 -17.06
CA GLN C 922 -16.18 -47.08 -17.81
C GLN C 922 -16.52 -46.29 -19.07
N ASP C 923 -17.54 -46.71 -19.80
CA ASP C 923 -17.94 -45.99 -21.00
C ASP C 923 -18.47 -44.60 -20.66
N SER C 924 -19.22 -44.48 -19.55
CA SER C 924 -19.71 -43.18 -19.14
C SER C 924 -18.55 -42.24 -18.81
N LEU C 925 -17.52 -42.74 -18.14
CA LEU C 925 -16.35 -41.93 -17.85
C LEU C 925 -15.60 -41.55 -19.13
N SER C 926 -15.47 -42.50 -20.06
CA SER C 926 -14.65 -42.27 -21.24
C SER C 926 -15.32 -41.32 -22.22
N SER C 927 -16.65 -41.40 -22.35
CA SER C 927 -17.34 -40.64 -23.40
C SER C 927 -17.27 -39.14 -23.13
N THR C 928 -17.81 -38.70 -22.01
CA THR C 928 -17.82 -37.27 -21.69
C THR C 928 -16.42 -36.80 -21.38
N PRO C 929 -15.91 -35.77 -22.05
CA PRO C 929 -14.54 -35.31 -21.78
C PRO C 929 -14.44 -34.50 -20.50
N SER C 930 -15.51 -33.81 -20.14
CA SER C 930 -15.56 -32.99 -18.93
C SER C 930 -16.10 -33.74 -17.73
N ALA C 931 -15.90 -35.05 -17.67
CA ALA C 931 -16.43 -35.84 -16.56
C ALA C 931 -15.76 -35.45 -15.25
N LEU C 932 -14.45 -35.19 -15.27
CA LEU C 932 -13.74 -34.90 -14.04
C LEU C 932 -14.13 -33.54 -13.50
N GLY C 933 -13.75 -32.47 -14.20
CA GLY C 933 -14.28 -31.15 -13.95
C GLY C 933 -13.92 -30.53 -12.61
N LYS C 934 -13.42 -31.31 -11.66
CA LYS C 934 -13.11 -30.80 -10.33
C LYS C 934 -11.63 -30.88 -10.01
N LEU C 935 -11.00 -32.03 -10.27
CA LEU C 935 -9.56 -32.14 -10.06
C LEU C 935 -8.79 -31.27 -11.03
N GLN C 936 -9.37 -30.96 -12.19
CA GLN C 936 -8.70 -30.11 -13.17
C GLN C 936 -8.76 -28.64 -12.78
N ASP C 937 -9.84 -28.21 -12.13
CA ASP C 937 -9.97 -26.81 -11.74
C ASP C 937 -8.89 -26.40 -10.76
N VAL C 938 -8.57 -27.28 -9.80
CA VAL C 938 -7.53 -26.98 -8.83
C VAL C 938 -6.20 -26.73 -9.53
N VAL C 939 -5.83 -27.63 -10.44
CA VAL C 939 -4.58 -27.49 -11.16
C VAL C 939 -4.57 -26.22 -11.99
N ASN C 940 -5.69 -25.93 -12.67
CA ASN C 940 -5.74 -24.75 -13.53
C ASN C 940 -5.58 -23.48 -12.71
N GLN C 941 -6.27 -23.38 -11.57
CA GLN C 941 -6.19 -22.15 -10.80
C GLN C 941 -4.84 -22.00 -10.10
N ASN C 942 -4.24 -23.10 -9.64
CA ASN C 942 -2.89 -23.00 -9.09
C ASN C 942 -1.88 -22.57 -10.15
N ALA C 943 -1.99 -23.13 -11.35
CA ALA C 943 -1.09 -22.72 -12.43
C ALA C 943 -1.30 -21.26 -12.80
N GLN C 944 -2.56 -20.80 -12.80
CA GLN C 944 -2.83 -19.39 -13.07
C GLN C 944 -2.20 -18.49 -12.02
N ALA C 945 -2.31 -18.88 -10.74
CA ALA C 945 -1.70 -18.09 -9.68
C ALA C 945 -0.19 -18.03 -9.84
N LEU C 946 0.45 -19.17 -10.14
CA LEU C 946 1.89 -19.15 -10.33
C LEU C 946 2.29 -18.30 -11.53
N ASN C 947 1.53 -18.40 -12.63
CA ASN C 947 1.86 -17.63 -13.83
C ASN C 947 1.72 -16.13 -13.58
N THR C 948 0.66 -15.71 -12.89
CA THR C 948 0.52 -14.28 -12.63
C THR C 948 1.56 -13.78 -11.63
N LEU C 949 1.95 -14.62 -10.66
CA LEU C 949 3.04 -14.23 -9.77
C LEU C 949 4.33 -14.05 -10.54
N VAL C 950 4.62 -14.93 -11.49
CA VAL C 950 5.82 -14.78 -12.31
C VAL C 950 5.75 -13.53 -13.15
N LYS C 951 4.59 -13.29 -13.79
CA LYS C 951 4.45 -12.15 -14.69
C LYS C 951 4.51 -10.83 -13.94
N GLN C 952 4.16 -10.84 -12.64
CA GLN C 952 4.23 -9.61 -11.86
C GLN C 952 5.66 -9.08 -11.74
N LEU C 953 6.66 -9.90 -12.05
CA LEU C 953 8.04 -9.48 -11.89
C LEU C 953 8.42 -8.38 -12.86
N SER C 954 7.82 -8.36 -14.05
CA SER C 954 8.16 -7.36 -15.07
C SER C 954 7.12 -6.25 -15.03
N SER C 955 7.25 -5.38 -14.03
CA SER C 955 6.38 -4.22 -13.89
C SER C 955 7.19 -3.04 -13.38
N ASN C 956 6.92 -1.85 -13.94
CA ASN C 956 7.65 -0.65 -13.53
C ASN C 956 7.40 -0.32 -12.07
N PHE C 957 6.15 -0.47 -11.62
CA PHE C 957 5.75 -0.15 -10.25
C PHE C 957 6.06 1.29 -9.90
N GLY C 958 6.05 2.18 -10.89
CA GLY C 958 6.38 3.57 -10.66
C GLY C 958 7.86 3.89 -10.64
N ALA C 959 8.71 2.94 -11.03
CA ALA C 959 10.15 3.15 -11.04
C ALA C 959 10.62 3.46 -12.46
N ILE C 960 11.92 3.72 -12.60
CA ILE C 960 12.49 4.03 -13.90
C ILE C 960 12.41 2.83 -14.83
N SER C 961 12.77 1.65 -14.33
CA SER C 961 12.78 0.44 -15.13
C SER C 961 12.50 -0.76 -14.24
N SER C 962 12.10 -1.86 -14.86
CA SER C 962 11.72 -3.07 -14.15
C SER C 962 12.89 -4.02 -13.92
N VAL C 963 14.08 -3.68 -14.38
CA VAL C 963 15.27 -4.50 -14.20
C VAL C 963 16.26 -3.76 -13.31
N LEU C 964 16.82 -4.47 -12.32
CA LEU C 964 17.69 -3.82 -11.36
C LEU C 964 19.02 -3.40 -11.97
N ASN C 965 19.49 -4.13 -12.99
CA ASN C 965 20.80 -3.83 -13.57
C ASN C 965 20.83 -2.44 -14.19
N ASP C 966 19.77 -2.07 -14.91
CA ASP C 966 19.73 -0.76 -15.54
C ASP C 966 19.74 0.35 -14.50
N ILE C 967 18.95 0.19 -13.43
CA ILE C 967 18.93 1.20 -12.37
C ILE C 967 20.30 1.30 -11.70
N LEU C 968 20.93 0.16 -11.44
CA LEU C 968 22.23 0.17 -10.76
C LEU C 968 23.31 0.82 -11.63
N SER C 969 23.29 0.54 -12.94
CA SER C 969 24.38 0.99 -13.80
C SER C 969 24.15 2.42 -14.29
N ARG C 970 23.00 2.68 -14.90
CA ARG C 970 22.77 3.99 -15.52
C ARG C 970 22.69 5.10 -14.48
N LEU C 971 22.30 4.78 -13.24
CA LEU C 971 22.11 5.79 -12.20
C LEU C 971 23.02 5.51 -11.02
N ASP C 972 23.47 6.57 -10.38
CA ASP C 972 24.24 6.44 -9.15
C ASP C 972 23.32 6.07 -7.98
N PRO C 973 23.87 5.49 -6.92
CA PRO C 973 23.04 5.02 -5.79
C PRO C 973 22.14 6.09 -5.19
N PRO C 974 22.67 7.29 -4.85
CA PRO C 974 21.95 8.16 -3.90
C PRO C 974 20.50 8.45 -4.26
N GLU C 975 20.18 8.62 -5.54
CA GLU C 975 18.78 8.69 -5.97
C GLU C 975 18.33 7.40 -6.63
N ALA C 976 19.06 6.30 -6.42
CA ALA C 976 18.61 4.99 -6.84
C ALA C 976 18.01 4.16 -5.72
N GLU C 977 18.33 4.47 -4.46
CA GLU C 977 17.68 3.74 -3.38
C GLU C 977 16.17 3.89 -3.42
N VAL C 978 15.66 5.04 -3.87
CA VAL C 978 14.23 5.24 -3.93
C VAL C 978 13.58 4.30 -4.94
N GLN C 979 14.18 4.16 -6.13
CA GLN C 979 13.64 3.24 -7.12
C GLN C 979 13.71 1.80 -6.62
N ILE C 980 14.83 1.44 -5.98
CA ILE C 980 14.95 0.09 -5.45
C ILE C 980 13.87 -0.15 -4.39
N ASP C 981 13.62 0.84 -3.54
CA ASP C 981 12.61 0.70 -2.50
C ASP C 981 11.22 0.54 -3.09
N ARG C 982 10.91 1.30 -4.14
CA ARG C 982 9.62 1.14 -4.80
C ARG C 982 9.43 -0.27 -5.36
N LEU C 983 10.47 -0.78 -6.02
CA LEU C 983 10.38 -2.13 -6.57
C LEU C 983 10.23 -3.17 -5.45
N ILE C 984 10.97 -2.99 -4.36
CA ILE C 984 10.88 -3.93 -3.23
C ILE C 984 9.47 -3.93 -2.66
N THR C 985 8.88 -2.74 -2.48
CA THR C 985 7.54 -2.66 -1.94
C THR C 985 6.54 -3.35 -2.84
N GLY C 986 6.63 -3.10 -4.15
CA GLY C 986 5.70 -3.73 -5.07
C GLY C 986 5.80 -5.25 -5.06
N ARG C 987 7.03 -5.77 -5.14
CA ARG C 987 7.20 -7.22 -5.19
C ARG C 987 6.78 -7.87 -3.87
N LEU C 988 7.09 -7.23 -2.74
CA LEU C 988 6.67 -7.76 -1.45
C LEU C 988 5.15 -7.80 -1.36
N GLN C 989 4.47 -6.76 -1.83
CA GLN C 989 3.01 -6.75 -1.82
C GLN C 989 2.44 -7.90 -2.64
N SER C 990 2.99 -8.10 -3.85
CA SER C 990 2.50 -9.18 -4.71
C SER C 990 2.70 -10.54 -4.05
N LEU C 991 3.88 -10.75 -3.45
CA LEU C 991 4.15 -12.03 -2.80
C LEU C 991 3.20 -12.25 -1.62
N GLN C 992 2.94 -11.21 -0.84
CA GLN C 992 2.03 -11.34 0.29
C GLN C 992 0.62 -11.71 -0.16
N THR C 993 0.14 -11.07 -1.23
CA THR C 993 -1.19 -11.42 -1.74
C THR C 993 -1.23 -12.87 -2.20
N TYR C 994 -0.19 -13.31 -2.90
CA TYR C 994 -0.15 -14.70 -3.35
C TYR C 994 -0.20 -15.66 -2.16
N VAL C 995 0.56 -15.37 -1.10
CA VAL C 995 0.58 -16.24 0.06
C VAL C 995 -0.79 -16.31 0.71
N THR C 996 -1.46 -15.16 0.85
CA THR C 996 -2.78 -15.16 1.48
C THR C 996 -3.77 -15.98 0.66
N GLN C 997 -3.76 -15.82 -0.67
CA GLN C 997 -4.66 -16.60 -1.51
C GLN C 997 -4.38 -18.10 -1.37
N GLN C 998 -3.10 -18.46 -1.33
CA GLN C 998 -2.75 -19.87 -1.16
C GLN C 998 -3.27 -20.40 0.17
N LEU C 999 -3.19 -19.59 1.23
CA LEU C 999 -3.68 -20.03 2.54
C LEU C 999 -5.17 -20.32 2.51
N ILE C 1000 -5.94 -19.42 1.89
CA ILE C 1000 -7.39 -19.62 1.84
C ILE C 1000 -7.72 -20.87 1.02
N ARG C 1001 -7.07 -21.03 -0.15
CA ARG C 1001 -7.33 -22.20 -0.98
C ARG C 1001 -6.95 -23.49 -0.27
N ALA C 1002 -5.86 -23.46 0.49
CA ALA C 1002 -5.44 -24.65 1.24
C ALA C 1002 -6.46 -25.00 2.31
N ALA C 1003 -7.05 -23.99 2.96
CA ALA C 1003 -8.11 -24.28 3.92
C ALA C 1003 -9.29 -24.97 3.26
N GLU C 1004 -9.69 -24.48 2.08
CA GLU C 1004 -10.78 -25.13 1.36
C GLU C 1004 -10.45 -26.57 1.01
N ILE C 1005 -9.24 -26.81 0.51
CA ILE C 1005 -8.84 -28.16 0.13
C ILE C 1005 -8.80 -29.07 1.35
N ARG C 1006 -8.37 -28.54 2.50
CA ARG C 1006 -8.35 -29.33 3.73
C ARG C 1006 -9.76 -29.74 4.15
N ALA C 1007 -10.71 -28.82 4.02
CA ALA C 1007 -12.10 -29.20 4.32
C ALA C 1007 -12.58 -30.30 3.40
N SER C 1008 -12.26 -30.20 2.11
CA SER C 1008 -12.67 -31.24 1.16
C SER C 1008 -12.01 -32.58 1.50
N ALA C 1009 -10.74 -32.56 1.88
CA ALA C 1009 -10.04 -33.79 2.23
C ALA C 1009 -10.63 -34.43 3.49
N ASN C 1010 -11.02 -33.61 4.46
CA ASN C 1010 -11.68 -34.16 5.64
C ASN C 1010 -13.00 -34.83 5.27
N LEU C 1011 -13.77 -34.20 4.38
CA LEU C 1011 -15.01 -34.83 3.92
C LEU C 1011 -14.73 -36.15 3.22
N ALA C 1012 -13.69 -36.19 2.38
CA ALA C 1012 -13.36 -37.42 1.67
C ALA C 1012 -12.96 -38.52 2.64
N ALA C 1013 -12.18 -38.18 3.67
CA ALA C 1013 -11.80 -39.17 4.66
C ALA C 1013 -13.01 -39.70 5.41
N THR C 1014 -13.96 -38.81 5.75
CA THR C 1014 -15.17 -39.26 6.42
C THR C 1014 -15.97 -40.21 5.54
N LYS C 1015 -16.11 -39.89 4.25
CA LYS C 1015 -16.84 -40.77 3.34
C LYS C 1015 -16.15 -42.11 3.21
N MET C 1016 -14.82 -42.12 3.08
CA MET C 1016 -14.07 -43.37 3.10
C MET C 1016 -14.42 -44.21 4.32
N SER C 1017 -14.20 -43.65 5.52
CA SER C 1017 -14.36 -44.42 6.74
C SER C 1017 -15.80 -44.87 6.96
N GLU C 1018 -16.78 -44.11 6.48
CA GLU C 1018 -18.16 -44.42 6.79
C GLU C 1018 -18.86 -45.23 5.71
N CYS C 1019 -18.35 -45.27 4.49
CA CYS C 1019 -19.01 -46.01 3.43
C CYS C 1019 -18.20 -47.18 2.89
N VAL C 1020 -16.88 -47.02 2.73
CA VAL C 1020 -16.08 -48.16 2.27
C VAL C 1020 -15.96 -49.22 3.35
N LEU C 1021 -15.76 -48.79 4.60
CA LEU C 1021 -15.53 -49.70 5.70
C LEU C 1021 -16.83 -50.13 6.40
N GLY C 1022 -17.99 -49.68 5.93
CA GLY C 1022 -19.23 -50.09 6.54
C GLY C 1022 -20.41 -49.49 5.78
N GLN C 1023 -21.55 -50.15 5.94
CA GLN C 1023 -22.78 -49.69 5.30
C GLN C 1023 -23.35 -48.50 6.06
N SER C 1024 -23.89 -47.53 5.31
CA SER C 1024 -24.29 -46.25 5.86
C SER C 1024 -25.80 -46.10 5.82
N LYS C 1025 -26.39 -45.64 6.92
CA LYS C 1025 -27.82 -45.37 7.01
C LYS C 1025 -28.17 -43.91 6.80
N ARG C 1026 -27.18 -43.04 6.63
CA ARG C 1026 -27.46 -41.64 6.36
C ARG C 1026 -27.97 -41.47 4.93
N VAL C 1027 -29.05 -40.72 4.79
CA VAL C 1027 -29.72 -40.60 3.50
C VAL C 1027 -28.92 -39.71 2.57
N ASP C 1028 -28.69 -40.19 1.34
CA ASP C 1028 -28.01 -39.47 0.28
C ASP C 1028 -26.56 -39.09 0.64
N PHE C 1029 -26.00 -39.73 1.66
CA PHE C 1029 -24.59 -39.49 1.96
C PHE C 1029 -23.69 -40.16 0.93
N CYS C 1030 -23.99 -41.40 0.57
CA CYS C 1030 -23.23 -42.15 -0.43
C CYS C 1030 -24.21 -42.65 -1.49
N GLY C 1031 -24.29 -41.92 -2.60
CA GLY C 1031 -25.17 -42.29 -3.69
C GLY C 1031 -26.62 -41.91 -3.42
N LYS C 1032 -27.44 -42.07 -4.45
CA LYS C 1032 -28.87 -41.78 -4.37
C LYS C 1032 -29.62 -43.11 -4.37
N GLY C 1033 -30.25 -43.42 -3.25
CA GLY C 1033 -30.97 -44.66 -3.05
C GLY C 1033 -30.57 -45.28 -1.74
N TYR C 1034 -30.92 -46.55 -1.57
CA TYR C 1034 -30.53 -47.30 -0.38
C TYR C 1034 -29.11 -47.81 -0.59
N HIS C 1035 -28.17 -47.34 0.22
CA HIS C 1035 -26.76 -47.64 0.02
C HIS C 1035 -26.48 -49.11 0.29
N LEU C 1036 -25.56 -49.69 -0.49
CA LEU C 1036 -25.15 -51.07 -0.32
C LEU C 1036 -23.69 -51.19 0.07
N MET C 1037 -22.77 -50.66 -0.73
CA MET C 1037 -21.33 -50.76 -0.48
C MET C 1037 -20.64 -49.80 -1.45
N SER C 1038 -19.31 -49.73 -1.39
CA SER C 1038 -18.59 -48.75 -2.21
C SER C 1038 -17.18 -49.23 -2.48
N PHE C 1039 -16.58 -48.66 -3.52
CA PHE C 1039 -15.25 -49.03 -3.99
C PHE C 1039 -14.43 -47.78 -4.23
N PRO C 1040 -13.27 -47.62 -3.60
CA PRO C 1040 -12.43 -46.46 -3.89
C PRO C 1040 -11.57 -46.69 -5.12
N GLN C 1041 -11.23 -45.58 -5.78
CA GLN C 1041 -10.28 -45.60 -6.89
C GLN C 1041 -9.39 -44.38 -6.77
N SER C 1042 -8.10 -44.56 -7.02
CA SER C 1042 -7.18 -43.44 -6.91
C SER C 1042 -7.32 -42.52 -8.12
N ALA C 1043 -6.93 -41.27 -7.92
CA ALA C 1043 -6.96 -40.24 -8.94
C ALA C 1043 -5.70 -39.41 -8.77
N PRO C 1044 -5.31 -38.64 -9.80
CA PRO C 1044 -4.04 -37.91 -9.72
C PRO C 1044 -3.91 -37.00 -8.49
N HIS C 1045 -4.98 -36.31 -8.09
CA HIS C 1045 -4.93 -35.47 -6.90
C HIS C 1045 -6.20 -35.62 -6.09
N GLY C 1046 -6.77 -36.82 -6.07
CA GLY C 1046 -8.01 -37.03 -5.36
C GLY C 1046 -8.37 -38.49 -5.33
N VAL C 1047 -9.63 -38.76 -4.99
CA VAL C 1047 -10.14 -40.12 -4.90
C VAL C 1047 -11.48 -40.16 -5.60
N VAL C 1048 -11.84 -41.35 -6.10
CA VAL C 1048 -13.08 -41.57 -6.83
C VAL C 1048 -13.82 -42.72 -6.16
N PHE C 1049 -15.09 -42.51 -5.88
CA PHE C 1049 -15.94 -43.52 -5.24
C PHE C 1049 -16.94 -44.07 -6.25
N LEU C 1050 -17.30 -45.33 -6.08
CA LEU C 1050 -18.28 -45.99 -6.93
C LEU C 1050 -19.36 -46.57 -6.01
N HIS C 1051 -20.35 -45.75 -5.67
CA HIS C 1051 -21.40 -46.16 -4.75
C HIS C 1051 -22.37 -47.11 -5.43
N VAL C 1052 -22.65 -48.23 -4.78
CA VAL C 1052 -23.62 -49.20 -5.26
C VAL C 1052 -24.89 -49.06 -4.44
N THR C 1053 -26.03 -48.86 -5.11
CA THR C 1053 -27.28 -48.54 -4.44
C THR C 1053 -28.38 -49.46 -4.93
N TYR C 1054 -29.45 -49.54 -4.13
CA TYR C 1054 -30.63 -50.34 -4.44
C TYR C 1054 -31.80 -49.40 -4.72
N VAL C 1055 -32.35 -49.49 -5.94
CA VAL C 1055 -33.43 -48.60 -6.38
C VAL C 1055 -34.60 -49.44 -6.84
N PRO C 1056 -35.78 -49.31 -6.22
CA PRO C 1056 -36.94 -50.11 -6.65
C PRO C 1056 -37.55 -49.59 -7.95
N ALA C 1057 -38.45 -50.39 -8.50
CA ALA C 1057 -39.14 -50.03 -9.74
C ALA C 1057 -40.38 -50.89 -9.88
N GLN C 1058 -41.18 -50.57 -10.90
CA GLN C 1058 -42.34 -51.37 -11.32
C GLN C 1058 -43.33 -51.56 -10.16
N GLU C 1059 -43.88 -50.43 -9.73
CA GLU C 1059 -44.79 -50.39 -8.59
C GLU C 1059 -46.24 -50.52 -9.05
N LYS C 1060 -47.07 -51.09 -8.18
CA LYS C 1060 -48.51 -51.17 -8.40
C LYS C 1060 -49.21 -50.98 -7.06
N ASN C 1061 -50.44 -50.46 -7.12
CA ASN C 1061 -51.12 -50.05 -5.91
C ASN C 1061 -52.02 -51.16 -5.36
N PHE C 1062 -52.29 -51.08 -4.05
CA PHE C 1062 -53.17 -52.01 -3.35
C PHE C 1062 -54.00 -51.21 -2.35
N THR C 1063 -54.78 -51.92 -1.54
CA THR C 1063 -55.60 -51.30 -0.50
C THR C 1063 -55.23 -51.89 0.85
N THR C 1064 -55.17 -51.03 1.86
CA THR C 1064 -54.63 -51.37 3.17
C THR C 1064 -55.69 -51.23 4.26
N ALA C 1065 -55.24 -51.43 5.49
CA ALA C 1065 -56.02 -51.26 6.71
C ALA C 1065 -55.08 -51.29 7.90
N PRO C 1066 -55.22 -50.38 8.87
CA PRO C 1066 -54.29 -50.37 10.00
C PRO C 1066 -54.28 -51.64 10.82
N ALA C 1067 -55.41 -52.33 10.95
CA ALA C 1067 -55.49 -53.49 11.83
C ALA C 1067 -56.51 -54.47 11.27
N ILE C 1068 -56.50 -55.67 11.84
CA ILE C 1068 -57.43 -56.74 11.48
C ILE C 1068 -58.20 -57.15 12.73
N CYS C 1069 -59.51 -57.14 12.65
CA CYS C 1069 -60.37 -57.48 13.79
C CYS C 1069 -60.86 -58.91 13.64
N HIS C 1070 -60.34 -59.80 14.49
CA HIS C 1070 -60.79 -61.17 14.56
C HIS C 1070 -61.08 -61.53 16.01
N ASP C 1071 -62.19 -62.21 16.24
CA ASP C 1071 -62.59 -62.67 17.57
C ASP C 1071 -62.75 -61.51 18.55
N GLY C 1072 -63.02 -60.31 18.02
CA GLY C 1072 -63.23 -59.16 18.87
C GLY C 1072 -61.98 -58.48 19.36
N LYS C 1073 -60.82 -58.76 18.77
CA LYS C 1073 -59.57 -58.15 19.17
C LYS C 1073 -58.82 -57.65 17.94
N ALA C 1074 -58.02 -56.61 18.14
CA ALA C 1074 -57.25 -56.03 17.04
C ALA C 1074 -55.93 -56.77 16.86
N HIS C 1075 -55.41 -56.72 15.64
CA HIS C 1075 -54.14 -57.35 15.30
C HIS C 1075 -53.30 -56.39 14.49
N PHE C 1076 -52.00 -56.37 14.76
CA PHE C 1076 -51.06 -55.52 14.04
C PHE C 1076 -49.90 -56.36 13.54
N PRO C 1077 -49.30 -55.99 12.41
CA PRO C 1077 -48.21 -56.79 11.86
C PRO C 1077 -46.91 -56.55 12.61
N ARG C 1078 -46.16 -57.63 12.82
CA ARG C 1078 -44.84 -57.49 13.43
C ARG C 1078 -43.88 -56.75 12.49
N GLU C 1079 -43.83 -57.16 11.23
CA GLU C 1079 -42.96 -56.52 10.24
C GLU C 1079 -43.69 -56.59 8.90
N GLY C 1080 -44.25 -55.46 8.49
CA GLY C 1080 -44.91 -55.37 7.20
C GLY C 1080 -46.26 -54.72 7.31
N VAL C 1081 -47.01 -54.80 6.21
CA VAL C 1081 -48.29 -54.11 6.07
C VAL C 1081 -49.35 -55.11 5.64
N PHE C 1082 -50.61 -54.73 5.85
CA PHE C 1082 -51.75 -55.49 5.37
C PHE C 1082 -52.14 -54.97 4.00
N VAL C 1083 -52.22 -55.87 3.03
CA VAL C 1083 -52.66 -55.54 1.68
C VAL C 1083 -53.64 -56.60 1.22
N SER C 1084 -54.38 -56.29 0.15
CA SER C 1084 -55.28 -57.25 -0.47
C SER C 1084 -55.46 -56.89 -1.94
N ASN C 1085 -55.56 -57.91 -2.79
CA ASN C 1085 -55.72 -57.70 -4.23
C ASN C 1085 -57.18 -57.67 -4.64
N GLY C 1086 -58.09 -57.38 -3.70
CA GLY C 1086 -59.49 -57.22 -4.01
C GLY C 1086 -60.41 -58.03 -3.13
N THR C 1087 -60.09 -59.30 -2.89
CA THR C 1087 -60.89 -60.19 -2.07
C THR C 1087 -60.14 -60.74 -0.87
N HIS C 1088 -58.87 -61.10 -1.04
CA HIS C 1088 -58.11 -61.82 -0.03
C HIS C 1088 -57.02 -60.91 0.53
N TRP C 1089 -56.92 -60.84 1.86
CA TRP C 1089 -55.95 -60.00 2.52
C TRP C 1089 -54.65 -60.76 2.78
N PHE C 1090 -53.52 -60.05 2.63
CA PHE C 1090 -52.21 -60.63 2.82
C PHE C 1090 -51.30 -59.67 3.58
N VAL C 1091 -50.26 -60.22 4.18
CA VAL C 1091 -49.19 -59.46 4.82
C VAL C 1091 -47.96 -59.56 3.93
N THR C 1092 -47.32 -58.42 3.67
CA THR C 1092 -46.13 -58.38 2.83
C THR C 1092 -45.07 -57.53 3.50
N GLN C 1093 -43.94 -57.37 2.82
CA GLN C 1093 -42.86 -56.51 3.30
C GLN C 1093 -43.19 -55.06 2.94
N ARG C 1094 -42.23 -54.17 3.09
CA ARG C 1094 -42.44 -52.77 2.78
C ARG C 1094 -41.57 -52.28 1.62
N ASN C 1095 -40.78 -53.17 1.01
CA ASN C 1095 -39.97 -52.79 -0.14
C ASN C 1095 -39.95 -53.83 -1.25
N PHE C 1096 -40.72 -54.90 -1.12
CA PHE C 1096 -40.76 -55.94 -2.15
C PHE C 1096 -42.06 -56.72 -1.96
N TYR C 1097 -42.94 -56.68 -2.96
CA TYR C 1097 -44.26 -57.27 -2.83
C TYR C 1097 -44.14 -58.79 -2.74
N GLU C 1098 -44.36 -59.32 -1.54
CA GLU C 1098 -44.32 -60.77 -1.31
C GLU C 1098 -45.42 -61.14 -0.33
N PRO C 1099 -46.58 -61.54 -0.83
CA PRO C 1099 -47.73 -61.78 0.06
C PRO C 1099 -47.53 -63.02 0.91
N GLN C 1100 -48.18 -63.01 2.07
CA GLN C 1100 -48.13 -64.13 2.99
C GLN C 1100 -49.47 -64.26 3.71
N ILE C 1101 -49.87 -65.49 3.97
CA ILE C 1101 -51.13 -65.74 4.65
C ILE C 1101 -51.06 -65.22 6.08
N ILE C 1102 -52.13 -64.57 6.53
CA ILE C 1102 -52.16 -64.02 7.88
C ILE C 1102 -52.35 -65.15 8.87
N THR C 1103 -51.42 -65.26 9.83
CA THR C 1103 -51.49 -66.25 10.89
C THR C 1103 -51.16 -65.57 12.21
N THR C 1104 -51.15 -66.35 13.28
CA THR C 1104 -50.80 -65.82 14.59
C THR C 1104 -49.30 -65.56 14.73
N ASP C 1105 -48.49 -66.17 13.86
CA ASP C 1105 -47.04 -66.04 13.99
C ASP C 1105 -46.56 -64.63 13.67
N ASN C 1106 -47.21 -63.93 12.74
CA ASN C 1106 -46.75 -62.64 12.27
C ASN C 1106 -47.66 -61.49 12.67
N THR C 1107 -48.54 -61.69 13.65
CA THR C 1107 -49.39 -60.61 14.15
C THR C 1107 -49.43 -60.68 15.67
N PHE C 1108 -49.56 -59.52 16.30
CA PHE C 1108 -49.70 -59.43 17.75
C PHE C 1108 -50.97 -58.66 18.09
N VAL C 1109 -51.60 -59.06 19.18
CA VAL C 1109 -52.91 -58.54 19.59
C VAL C 1109 -52.71 -57.48 20.66
N SER C 1110 -53.53 -56.44 20.61
CA SER C 1110 -53.47 -55.39 21.64
C SER C 1110 -54.80 -54.65 21.68
N GLY C 1111 -55.59 -54.89 22.72
CA GLY C 1111 -56.80 -54.13 22.93
C GLY C 1111 -57.98 -54.59 22.08
N ASN C 1112 -59.04 -53.79 22.14
CA ASN C 1112 -60.29 -54.09 21.45
C ASN C 1112 -60.31 -53.36 20.10
N CYS C 1113 -61.44 -53.53 19.39
CA CYS C 1113 -61.60 -52.96 18.05
C CYS C 1113 -62.21 -51.56 18.04
N ASP C 1114 -62.68 -51.07 19.19
CA ASP C 1114 -63.37 -49.79 19.21
C ASP C 1114 -62.40 -48.63 19.05
N VAL C 1115 -61.21 -48.73 19.66
CA VAL C 1115 -60.31 -47.58 19.71
C VAL C 1115 -59.71 -47.26 18.35
N VAL C 1116 -59.49 -48.27 17.50
CA VAL C 1116 -58.82 -48.05 16.23
C VAL C 1116 -59.83 -47.61 15.18
N ILE C 1117 -59.39 -46.74 14.27
CA ILE C 1117 -60.31 -46.12 13.32
C ILE C 1117 -60.57 -47.04 12.12
N GLY C 1118 -59.52 -47.43 11.41
CA GLY C 1118 -59.70 -48.13 10.15
C GLY C 1118 -59.67 -49.65 10.21
N ILE C 1119 -60.29 -50.22 11.24
CA ILE C 1119 -60.34 -51.68 11.35
C ILE C 1119 -61.17 -52.26 10.21
N VAL C 1120 -60.94 -53.53 9.91
CA VAL C 1120 -61.66 -54.23 8.86
C VAL C 1120 -62.07 -55.60 9.37
N ASN C 1121 -62.92 -56.26 8.61
CA ASN C 1121 -63.59 -57.50 9.02
C ASN C 1121 -62.84 -58.66 8.39
N ASN C 1122 -62.21 -59.49 9.21
CA ASN C 1122 -61.40 -60.57 8.64
C ASN C 1122 -61.15 -61.64 9.68
N THR C 1123 -60.33 -62.63 9.30
CA THR C 1123 -60.02 -63.79 10.12
C THR C 1123 -58.53 -64.07 10.08
N VAL C 1124 -58.04 -64.66 11.17
CA VAL C 1124 -56.64 -65.03 11.32
C VAL C 1124 -56.56 -66.49 11.76
N TYR C 1125 -55.72 -67.27 11.08
CA TYR C 1125 -55.66 -68.71 11.26
C TYR C 1125 -54.59 -69.10 12.29
N ASP C 1126 -54.89 -70.17 13.03
CA ASP C 1126 -53.97 -70.74 14.01
C ASP C 1126 -53.37 -72.03 13.46
N PRO C 1127 -52.07 -72.10 13.21
CA PRO C 1127 -51.49 -73.33 12.66
C PRO C 1127 -51.61 -74.54 13.58
N LEU C 1128 -51.81 -74.34 14.88
CA LEU C 1128 -51.89 -75.47 15.80
C LEU C 1128 -53.21 -76.20 15.68
N GLN C 1129 -54.26 -75.52 15.24
CA GLN C 1129 -55.61 -76.10 15.25
C GLN C 1129 -55.74 -77.35 14.37
N PRO C 1130 -55.26 -77.38 13.13
CA PRO C 1130 -55.42 -78.62 12.33
C PRO C 1130 -54.71 -79.82 12.95
N GLU C 1131 -53.48 -79.65 13.42
CA GLU C 1131 -52.76 -80.75 14.05
C GLU C 1131 -53.47 -81.20 15.32
N LEU C 1132 -53.93 -80.24 16.13
CA LEU C 1132 -54.62 -80.61 17.37
C LEU C 1132 -55.90 -81.37 17.08
N ASP C 1133 -56.66 -80.94 16.07
CA ASP C 1133 -57.90 -81.65 15.73
C ASP C 1133 -57.59 -83.03 15.18
N SER C 1134 -56.54 -83.17 14.37
CA SER C 1134 -56.18 -84.48 13.83
C SER C 1134 -55.76 -85.44 14.93
N PHE C 1135 -54.99 -84.95 15.91
CA PHE C 1135 -54.44 -85.80 16.96
C PHE C 1135 -55.01 -85.46 18.33
N LYS C 1136 -56.32 -85.19 18.39
CA LYS C 1136 -57.05 -84.85 19.61
C LYS C 1136 -56.25 -84.02 20.62
N GLN D 1 -20.09 63.94 22.27
CA GLN D 1 -19.03 63.61 23.21
C GLN D 1 -19.61 63.11 24.54
N CYS D 2 -19.08 62.00 25.02
CA CYS D 2 -19.54 61.40 26.27
C CYS D 2 -18.65 61.84 27.43
N VAL D 3 -19.14 61.59 28.64
CA VAL D 3 -18.43 61.97 29.87
C VAL D 3 -18.13 60.70 30.65
N ASN D 4 -17.02 60.74 31.39
CA ASN D 4 -16.58 59.58 32.16
C ASN D 4 -17.56 59.32 33.30
N LEU D 5 -18.26 58.19 33.23
CA LEU D 5 -19.22 57.79 34.26
C LEU D 5 -18.60 56.64 35.06
N THR D 6 -18.46 56.85 36.37
CA THR D 6 -17.81 55.89 37.25
C THR D 6 -18.61 55.81 38.54
N THR D 7 -18.00 55.22 39.57
CA THR D 7 -18.59 55.08 40.90
C THR D 7 -19.90 54.28 40.85
N ARG D 8 -19.78 53.04 40.40
CA ARG D 8 -20.90 52.12 40.33
C ARG D 8 -20.66 50.94 41.27
N THR D 9 -21.69 50.56 42.01
CA THR D 9 -21.60 49.46 42.95
C THR D 9 -22.10 48.18 42.28
N GLN D 10 -21.28 47.14 42.30
CA GLN D 10 -21.61 45.88 41.64
C GLN D 10 -22.22 44.89 42.63
N LEU D 11 -22.82 43.85 42.07
CA LEU D 11 -23.43 42.76 42.83
C LEU D 11 -22.96 41.43 42.27
N PRO D 12 -22.94 40.38 43.08
CA PRO D 12 -22.55 39.06 42.58
C PRO D 12 -23.49 38.60 41.47
N PRO D 13 -22.95 38.03 40.40
CA PRO D 13 -23.80 37.63 39.28
C PRO D 13 -24.65 36.41 39.60
N ALA D 14 -25.83 36.38 39.02
CA ALA D 14 -26.70 35.21 39.13
C ALA D 14 -26.22 34.11 38.20
N TYR D 15 -26.75 32.90 38.40
CA TYR D 15 -26.38 31.77 37.57
C TYR D 15 -27.60 30.90 37.31
N THR D 16 -27.61 30.28 36.13
CA THR D 16 -28.68 29.37 35.73
C THR D 16 -28.10 28.33 34.77
N ASN D 17 -28.93 27.36 34.40
CA ASN D 17 -28.50 26.23 33.61
C ASN D 17 -29.11 26.31 32.21
N SER D 18 -28.26 26.10 31.20
CA SER D 18 -28.72 26.06 29.81
C SER D 18 -29.07 24.62 29.45
N PHE D 19 -30.37 24.34 29.38
CA PHE D 19 -30.85 22.97 29.17
C PHE D 19 -30.96 22.71 27.68
N THR D 20 -29.88 22.20 27.09
CA THR D 20 -29.81 21.82 25.67
C THR D 20 -30.20 22.99 24.77
N ARG D 21 -29.39 24.05 24.84
CA ARG D 21 -29.61 25.24 24.04
C ARG D 21 -28.30 25.65 23.37
N GLY D 22 -28.41 26.25 22.19
CA GLY D 22 -27.25 26.73 21.47
C GLY D 22 -26.76 25.78 20.41
N VAL D 23 -27.67 25.25 19.61
CA VAL D 23 -27.34 24.32 18.53
C VAL D 23 -27.72 24.97 17.21
N TYR D 24 -26.77 25.02 16.28
CA TYR D 24 -26.96 25.69 15.01
C TYR D 24 -26.58 24.74 13.88
N TYR D 25 -26.92 25.15 12.66
CA TYR D 25 -26.58 24.35 11.48
C TYR D 25 -25.13 24.62 11.11
N PRO D 26 -24.25 23.62 11.17
CA PRO D 26 -22.83 23.87 10.88
C PRO D 26 -22.56 24.17 9.41
N ASP D 27 -23.38 23.67 8.50
CA ASP D 27 -23.14 23.78 7.07
C ASP D 27 -24.45 23.91 6.32
N LYS D 28 -24.36 24.33 5.06
CA LYS D 28 -25.51 24.55 4.21
C LYS D 28 -26.02 23.26 3.55
N VAL D 29 -25.35 22.14 3.77
CA VAL D 29 -25.74 20.88 3.14
C VAL D 29 -27.09 20.44 3.68
N PHE D 30 -27.88 19.80 2.82
CA PHE D 30 -29.19 19.27 3.17
C PHE D 30 -29.08 17.77 3.43
N ARG D 31 -29.70 17.31 4.53
CA ARG D 31 -29.71 15.91 4.90
C ARG D 31 -31.14 15.49 5.17
N SER D 32 -31.43 14.21 4.93
CA SER D 32 -32.79 13.68 5.06
C SER D 32 -32.76 12.38 5.84
N SER D 33 -33.38 12.40 7.03
CA SER D 33 -33.59 11.19 7.84
C SER D 33 -32.29 10.46 8.13
N VAL D 34 -31.24 11.21 8.46
CA VAL D 34 -29.95 10.62 8.80
C VAL D 34 -29.45 11.23 10.09
N LEU D 35 -28.56 10.50 10.76
CA LEU D 35 -27.88 10.97 11.95
C LEU D 35 -26.45 11.32 11.57
N HIS D 36 -26.04 12.55 11.86
CA HIS D 36 -24.71 13.05 11.49
C HIS D 36 -23.96 13.48 12.73
N SER D 37 -22.70 13.08 12.81
CA SER D 37 -21.82 13.46 13.92
C SER D 37 -20.76 14.42 13.41
N THR D 38 -20.67 15.59 14.05
CA THR D 38 -19.78 16.65 13.61
C THR D 38 -18.96 17.15 14.79
N GLN D 39 -17.81 17.74 14.46
CA GLN D 39 -16.90 18.30 15.46
C GLN D 39 -16.70 19.78 15.14
N ASP D 40 -17.21 20.65 16.01
CA ASP D 40 -17.12 22.09 15.80
C ASP D 40 -17.31 22.78 17.14
N LEU D 41 -17.32 24.10 17.12
CA LEU D 41 -17.51 24.88 18.33
C LEU D 41 -18.98 24.80 18.76
N PHE D 42 -19.20 24.46 20.03
CA PHE D 42 -20.55 24.33 20.56
C PHE D 42 -20.56 24.70 22.03
N LEU D 43 -21.74 25.04 22.52
CA LEU D 43 -21.93 25.30 23.95
C LEU D 43 -22.22 23.98 24.65
N PRO D 44 -21.39 23.54 25.60
CA PRO D 44 -21.62 22.24 26.24
C PRO D 44 -22.96 22.20 26.96
N PHE D 45 -23.58 21.03 26.94
CA PHE D 45 -24.89 20.87 27.55
C PHE D 45 -24.81 21.02 29.06
N PHE D 46 -25.90 21.52 29.66
CA PHE D 46 -26.02 21.69 31.10
C PHE D 46 -24.87 22.50 31.67
N SER D 47 -24.57 23.62 31.01
CA SER D 47 -23.48 24.50 31.42
C SER D 47 -24.01 25.66 32.26
N ASN D 48 -23.09 26.36 32.90
CA ASN D 48 -23.41 27.53 33.69
C ASN D 48 -23.18 28.79 32.86
N VAL D 49 -24.20 29.65 32.79
CA VAL D 49 -24.15 30.86 32.00
C VAL D 49 -24.26 32.06 32.94
N THR D 50 -23.40 33.06 32.69
CA THR D 50 -23.30 34.24 33.56
C THR D 50 -24.46 35.18 33.23
N TRP D 51 -25.62 34.89 33.82
CA TRP D 51 -26.79 35.74 33.65
C TRP D 51 -26.56 37.09 34.31
N PHE D 52 -26.79 38.15 33.56
CA PHE D 52 -26.72 39.52 34.07
C PHE D 52 -28.13 40.07 34.19
N HIS D 53 -28.41 40.72 35.30
CA HIS D 53 -29.72 41.30 35.56
C HIS D 53 -29.69 42.82 35.36
N ALA D 54 -30.87 43.40 35.26
CA ALA D 54 -31.01 44.85 35.14
C ALA D 54 -32.36 45.24 35.71
N ILE D 55 -32.36 46.09 36.74
CA ILE D 55 -33.59 46.48 37.43
C ILE D 55 -33.34 47.82 38.10
N HIS D 56 -34.41 48.60 38.27
CA HIS D 56 -34.28 49.95 38.79
C HIS D 56 -33.74 49.95 40.21
N VAL D 57 -34.34 49.17 41.10
CA VAL D 57 -34.01 49.18 42.54
C VAL D 57 -34.11 50.59 43.10
N THR D 63 -24.73 50.31 41.57
CA THR D 63 -25.73 51.38 41.68
C THR D 63 -26.75 51.30 40.56
N LYS D 64 -28.02 51.19 40.95
CA LYS D 64 -29.17 51.12 40.04
C LYS D 64 -29.16 49.88 39.14
N ARG D 65 -28.24 48.95 39.39
CA ARG D 65 -28.15 47.70 38.63
C ARG D 65 -28.02 47.95 37.14
N PHE D 66 -27.24 48.97 36.77
CA PHE D 66 -26.98 49.29 35.37
C PHE D 66 -25.86 48.37 34.89
N ASP D 67 -26.24 47.28 34.23
CA ASP D 67 -25.31 46.20 33.91
C ASP D 67 -25.07 46.15 32.40
N ASN D 68 -23.96 46.73 31.97
CA ASN D 68 -23.40 46.49 30.63
C ASN D 68 -21.90 46.25 30.77
N PRO D 69 -21.51 45.15 31.39
CA PRO D 69 -20.08 44.92 31.63
C PRO D 69 -19.34 44.64 30.33
N VAL D 70 -18.04 44.90 30.36
CA VAL D 70 -17.17 44.66 29.21
C VAL D 70 -16.64 43.23 29.33
N LEU D 71 -17.44 42.28 28.83
CA LEU D 71 -17.09 40.88 28.92
C LEU D 71 -15.98 40.53 27.93
N PRO D 72 -15.21 39.48 28.21
CA PRO D 72 -14.21 39.02 27.24
C PRO D 72 -14.87 38.19 26.14
N PHE D 73 -14.08 37.93 25.10
CA PHE D 73 -14.54 37.16 23.94
C PHE D 73 -13.43 36.18 23.58
N ASN D 74 -13.62 34.91 23.94
CA ASN D 74 -12.59 33.90 23.70
C ASN D 74 -12.78 33.22 22.34
N ASP D 75 -13.91 32.53 22.16
CA ASP D 75 -14.19 31.88 20.88
C ASP D 75 -15.65 31.95 20.46
N GLY D 76 -16.51 32.63 21.21
CA GLY D 76 -17.91 32.71 20.83
C GLY D 76 -18.77 32.98 22.04
N VAL D 77 -20.03 33.33 21.76
CA VAL D 77 -21.01 33.67 22.79
C VAL D 77 -22.32 32.99 22.42
N TYR D 78 -23.17 32.80 23.43
CA TYR D 78 -24.55 32.38 23.22
C TYR D 78 -25.49 33.46 23.76
N PHE D 79 -25.23 34.71 23.39
CA PHE D 79 -26.08 35.81 23.81
C PHE D 79 -27.53 35.52 23.44
N ALA D 80 -28.37 35.38 24.45
CA ALA D 80 -29.76 34.93 24.26
C ALA D 80 -30.72 35.84 25.01
N SER D 81 -30.56 37.14 24.83
CA SER D 81 -31.34 38.12 25.59
C SER D 81 -32.83 38.00 25.27
N THR D 82 -33.65 38.36 26.26
CA THR D 82 -35.09 38.38 26.11
C THR D 82 -35.63 39.69 26.67
N GLU D 83 -36.56 40.30 25.96
CA GLU D 83 -37.09 41.59 26.37
C GLU D 83 -38.48 41.76 25.76
N LYS D 84 -39.11 42.88 26.09
CA LYS D 84 -40.43 43.23 25.59
C LYS D 84 -40.46 44.59 24.89
N SER D 85 -39.72 45.57 25.39
CA SER D 85 -39.72 46.92 24.85
C SER D 85 -38.49 47.23 24.03
N ASN D 86 -37.80 46.20 23.53
CA ASN D 86 -36.59 46.37 22.73
C ASN D 86 -35.53 47.19 23.46
N ILE D 87 -35.35 46.90 24.75
CA ILE D 87 -34.36 47.62 25.55
C ILE D 87 -32.95 47.33 25.02
N ILE D 88 -32.66 46.07 24.72
CA ILE D 88 -31.37 45.71 24.13
C ILE D 88 -31.40 46.10 22.66
N ARG D 89 -30.41 46.89 22.24
CA ARG D 89 -30.37 47.43 20.89
C ARG D 89 -29.25 46.83 20.05
N GLY D 90 -28.00 46.94 20.51
CA GLY D 90 -26.89 46.55 19.67
C GLY D 90 -25.73 46.03 20.47
N TRP D 91 -24.67 45.67 19.75
CA TRP D 91 -23.45 45.13 20.33
C TRP D 91 -22.29 46.08 20.00
N ILE D 92 -21.18 45.87 20.69
CA ILE D 92 -19.95 46.60 20.38
C ILE D 92 -18.77 45.70 20.71
N PHE D 93 -17.94 45.42 19.72
CA PHE D 93 -16.82 44.50 19.85
C PHE D 93 -15.51 45.25 19.60
N GLY D 94 -14.42 44.49 19.56
CA GLY D 94 -13.13 45.08 19.26
C GLY D 94 -11.98 44.49 20.05
N THR D 95 -10.78 45.03 19.85
CA THR D 95 -9.58 44.61 20.55
C THR D 95 -9.01 45.69 21.46
N THR D 96 -8.73 46.87 20.92
CA THR D 96 -8.19 47.96 21.71
C THR D 96 -9.29 48.86 22.28
N LEU D 97 -10.39 49.01 21.56
CA LEU D 97 -11.53 49.83 22.00
C LEU D 97 -11.12 51.27 22.26
N ASP D 98 -10.14 51.77 21.50
CA ASP D 98 -9.68 53.15 21.67
C ASP D 98 -9.37 53.79 20.32
N SER D 99 -10.07 53.36 19.27
CA SER D 99 -9.92 53.86 17.90
C SER D 99 -8.53 53.62 17.33
N LYS D 100 -7.67 52.87 18.02
CA LYS D 100 -6.36 52.54 17.49
C LYS D 100 -6.41 51.33 16.55
N THR D 101 -7.40 50.47 16.72
CA THR D 101 -7.57 49.28 15.89
C THR D 101 -9.04 49.17 15.51
N GLN D 102 -9.31 48.44 14.43
CA GLN D 102 -10.66 48.33 13.89
C GLN D 102 -11.64 47.85 14.96
N SER D 103 -12.77 48.54 15.07
CA SER D 103 -13.79 48.24 16.06
C SER D 103 -15.10 47.91 15.36
N LEU D 104 -15.76 46.87 15.83
CA LEU D 104 -16.94 46.31 15.18
C LEU D 104 -18.19 46.75 15.95
N LEU D 105 -19.26 47.05 15.21
CA LEU D 105 -20.43 47.69 15.80
C LEU D 105 -21.68 47.31 15.03
N ILE D 106 -22.67 46.75 15.74
CA ILE D 106 -23.89 46.21 15.13
C ILE D 106 -25.13 46.88 15.72
N VAL D 107 -25.02 48.18 16.03
CA VAL D 107 -26.15 48.87 16.64
C VAL D 107 -27.38 48.75 15.75
N ASN D 108 -28.54 48.58 16.37
CA ASN D 108 -29.81 48.43 15.66
C ASN D 108 -30.51 49.79 15.66
N ASN D 109 -30.27 50.56 14.61
CA ASN D 109 -30.97 51.82 14.44
C ASN D 109 -32.46 51.57 14.23
N ALA D 110 -33.29 52.47 14.76
CA ALA D 110 -34.74 52.29 14.65
C ALA D 110 -35.18 52.27 13.20
N THR D 111 -34.48 53.00 12.32
CA THR D 111 -34.82 52.98 10.91
C THR D 111 -34.52 51.63 10.29
N ASN D 112 -33.31 51.11 10.52
CA ASN D 112 -32.92 49.83 9.95
C ASN D 112 -31.71 49.29 10.71
N VAL D 113 -31.46 48.00 10.53
CA VAL D 113 -30.28 47.37 11.12
C VAL D 113 -29.03 47.92 10.44
N VAL D 114 -28.03 48.27 11.25
CA VAL D 114 -26.81 48.88 10.75
C VAL D 114 -25.63 48.07 11.27
N ILE D 115 -24.74 47.69 10.35
CA ILE D 115 -23.51 46.96 10.69
C ILE D 115 -22.34 47.79 10.18
N LYS D 116 -21.42 48.13 11.08
CA LYS D 116 -20.28 48.97 10.74
C LYS D 116 -19.02 48.38 11.36
N VAL D 117 -17.87 48.77 10.79
CA VAL D 117 -16.57 48.40 11.34
C VAL D 117 -15.65 49.60 11.49
N CYS D 118 -16.14 50.81 11.21
CA CYS D 118 -15.30 52.00 11.27
C CYS D 118 -14.70 52.17 12.66
N GLU D 119 -13.41 52.52 12.70
CA GLU D 119 -12.74 52.73 13.97
C GLU D 119 -13.44 53.83 14.75
N PHE D 120 -13.73 53.55 16.02
CA PHE D 120 -14.53 54.43 16.85
C PHE D 120 -13.80 54.74 18.14
N GLN D 121 -13.77 56.02 18.51
CA GLN D 121 -13.22 56.45 19.79
C GLN D 121 -14.37 56.70 20.74
N PHE D 122 -14.42 55.93 21.82
CA PHE D 122 -15.49 56.03 22.80
C PHE D 122 -14.90 55.96 24.21
N CYS D 123 -15.61 56.56 25.16
CA CYS D 123 -15.15 56.61 26.54
C CYS D 123 -15.44 55.28 27.23
N ASN D 124 -15.25 55.25 28.56
CA ASN D 124 -15.46 54.03 29.32
C ASN D 124 -16.93 53.66 29.43
N ASP D 125 -17.84 54.56 29.07
CA ASP D 125 -19.28 54.32 29.17
C ASP D 125 -19.95 54.66 27.85
N PRO D 126 -19.83 53.80 26.84
CA PRO D 126 -20.59 54.00 25.60
C PRO D 126 -21.92 53.28 25.66
N PHE D 127 -22.97 53.98 25.23
CA PHE D 127 -24.33 53.47 25.31
C PHE D 127 -25.19 54.19 24.27
N LEU D 128 -26.49 53.94 24.33
CA LEU D 128 -27.45 54.54 23.40
C LEU D 128 -28.31 55.56 24.15
N GLY D 129 -28.40 56.76 23.61
CA GLY D 129 -29.22 57.80 24.22
C GLY D 129 -30.35 58.27 23.33
N VAL D 130 -31.58 58.13 23.80
CA VAL D 130 -32.76 58.55 23.06
C VAL D 130 -33.62 59.42 23.97
N TYR D 131 -34.22 60.45 23.40
CA TYR D 131 -35.07 61.39 24.14
C TYR D 131 -36.37 61.60 23.37
N TYR D 132 -37.48 61.64 24.11
CA TYR D 132 -38.80 61.86 23.53
C TYR D 132 -39.45 63.06 24.20
N HIS D 133 -39.97 63.97 23.38
CA HIS D 133 -40.60 65.19 23.86
C HIS D 133 -41.93 65.42 23.13
N LYS D 134 -42.87 66.02 23.83
CA LYS D 134 -44.27 66.04 23.44
C LYS D 134 -44.64 67.24 22.57
N ASN D 135 -43.74 68.20 22.38
CA ASN D 135 -44.08 69.39 21.61
C ASN D 135 -44.48 69.03 20.18
N ASN D 136 -43.75 68.10 19.56
CA ASN D 136 -44.11 67.57 18.26
C ASN D 136 -44.02 66.05 18.29
N LYS D 137 -44.84 65.39 17.48
CA LYS D 137 -44.92 63.93 17.45
C LYS D 137 -43.78 63.39 16.58
N SER D 138 -42.57 63.50 17.12
CA SER D 138 -41.36 63.03 16.46
C SER D 138 -40.57 62.16 17.43
N TRP D 139 -40.13 60.99 16.96
CA TRP D 139 -39.34 60.06 17.76
C TRP D 139 -37.93 60.01 17.17
N MET D 140 -36.97 60.59 17.89
CA MET D 140 -35.58 60.62 17.46
C MET D 140 -34.68 60.51 18.68
N GLU D 141 -33.46 60.03 18.46
CA GLU D 141 -32.46 59.92 19.51
C GLU D 141 -31.68 61.24 19.60
N SER D 142 -31.59 61.78 20.80
CA SER D 142 -30.94 63.07 21.03
C SER D 142 -29.50 62.93 21.51
N GLU D 143 -29.05 61.73 21.86
CA GLU D 143 -27.71 61.50 22.40
C GLU D 143 -27.10 60.29 21.68
N PHE D 144 -26.37 60.56 20.59
CA PHE D 144 -25.64 59.52 19.87
C PHE D 144 -24.28 59.29 20.54
N ARG D 145 -24.33 58.86 21.80
CA ARG D 145 -23.14 58.73 22.64
C ARG D 145 -22.55 57.33 22.56
N VAL D 146 -22.31 56.85 21.34
CA VAL D 146 -21.74 55.52 21.15
C VAL D 146 -20.26 55.65 20.86
N TYR D 147 -19.85 56.76 20.26
CA TYR D 147 -18.44 57.04 19.99
C TYR D 147 -18.29 58.53 19.76
N SER D 148 -17.05 58.94 19.49
CA SER D 148 -16.73 60.35 19.26
C SER D 148 -16.14 60.63 17.90
N SER D 149 -15.21 59.80 17.43
CA SER D 149 -14.51 60.06 16.18
C SER D 149 -14.41 58.79 15.34
N ALA D 150 -14.29 58.97 14.03
CA ALA D 150 -14.16 57.87 13.08
C ALA D 150 -13.17 58.31 12.01
N ASN D 151 -11.90 57.89 12.18
CA ASN D 151 -10.86 58.33 11.26
C ASN D 151 -11.03 57.74 9.87
N ASN D 152 -11.24 56.42 9.80
CA ASN D 152 -11.40 55.76 8.51
C ASN D 152 -12.27 54.53 8.67
N CYS D 153 -13.14 54.29 7.69
CA CYS D 153 -14.05 53.17 7.69
C CYS D 153 -13.66 52.20 6.58
N THR D 154 -13.62 50.91 6.89
CA THR D 154 -13.20 49.89 5.95
C THR D 154 -14.36 49.10 5.37
N PHE D 155 -15.46 48.96 6.10
CA PHE D 155 -16.59 48.15 5.66
C PHE D 155 -17.88 48.76 6.17
N GLU D 156 -18.98 48.43 5.49
CA GLU D 156 -20.32 48.81 5.93
C GLU D 156 -21.30 47.81 5.35
N TYR D 157 -22.42 47.63 6.03
CA TYR D 157 -23.42 46.64 5.63
C TYR D 157 -24.75 47.03 6.26
N VAL D 158 -25.81 47.07 5.44
CA VAL D 158 -27.15 47.37 5.91
C VAL D 158 -28.11 46.36 5.31
N SER D 159 -28.99 45.80 6.13
CA SER D 159 -29.98 44.86 5.65
C SER D 159 -31.37 45.26 6.11
N GLN D 160 -32.36 44.38 5.88
CA GLN D 160 -33.72 44.63 6.35
C GLN D 160 -33.86 44.09 7.76
N PRO D 161 -34.21 44.92 8.73
CA PRO D 161 -34.26 44.47 10.13
C PRO D 161 -35.61 43.88 10.50
N PHE D 162 -35.64 43.23 11.65
CA PHE D 162 -36.88 42.75 12.26
C PHE D 162 -37.45 43.86 13.12
N LEU D 163 -38.56 44.44 12.68
CA LEU D 163 -39.16 45.59 13.32
C LEU D 163 -40.37 45.18 14.16
N MET D 164 -40.49 45.76 15.35
CA MET D 164 -41.59 45.48 16.26
C MET D 164 -42.31 46.77 16.64
N ASP D 165 -43.19 46.70 17.64
CA ASP D 165 -43.92 47.88 18.07
C ASP D 165 -42.97 48.95 18.61
N LEU D 166 -41.92 48.54 19.32
CA LEU D 166 -40.94 49.47 19.89
C LEU D 166 -41.62 50.50 20.81
N GLU D 167 -42.56 50.03 21.62
CA GLU D 167 -43.28 50.88 22.56
C GLU D 167 -43.18 50.27 23.95
N GLY D 168 -43.18 51.15 24.96
CA GLY D 168 -43.05 50.71 26.34
C GLY D 168 -44.21 49.85 26.80
N LYS D 169 -43.91 48.61 27.21
CA LYS D 169 -44.92 47.68 27.69
C LYS D 169 -44.40 47.00 28.95
N GLN D 170 -45.33 46.73 29.88
CA GLN D 170 -45.00 46.11 31.15
C GLN D 170 -45.27 44.61 31.17
N GLY D 171 -45.57 44.01 30.01
CA GLY D 171 -45.85 42.59 29.96
C GLY D 171 -44.61 41.75 30.22
N ASN D 172 -44.86 40.48 30.53
CA ASN D 172 -43.78 39.56 30.81
C ASN D 172 -43.02 39.20 29.53
N PHE D 173 -41.82 38.66 29.71
CA PHE D 173 -40.97 38.32 28.57
C PHE D 173 -41.60 37.20 27.76
N LYS D 174 -41.86 37.46 26.48
CA LYS D 174 -42.49 36.48 25.61
C LYS D 174 -41.79 36.34 24.27
N ASN D 175 -40.69 37.04 24.03
CA ASN D 175 -39.97 37.00 22.76
C ASN D 175 -38.53 36.57 23.03
N LEU D 176 -38.25 35.28 22.90
CA LEU D 176 -36.93 34.72 23.16
C LEU D 176 -36.08 34.87 21.91
N ARG D 177 -35.03 35.70 22.00
CA ARG D 177 -34.14 35.97 20.88
C ARG D 177 -32.77 35.39 21.19
N GLU D 178 -32.24 34.58 20.26
CA GLU D 178 -30.98 33.89 20.46
C GLU D 178 -30.02 34.25 19.32
N PHE D 179 -28.74 34.39 19.66
CA PHE D 179 -27.72 34.75 18.69
C PHE D 179 -26.42 34.04 19.03
N VAL D 180 -25.63 33.74 18.01
CA VAL D 180 -24.31 33.13 18.17
C VAL D 180 -23.33 33.92 17.34
N PHE D 181 -22.23 34.34 17.95
CA PHE D 181 -21.20 35.12 17.27
C PHE D 181 -19.92 34.31 17.20
N LYS D 182 -19.49 33.99 15.99
CA LYS D 182 -18.29 33.20 15.77
C LYS D 182 -17.41 33.90 14.73
N ASN D 183 -16.10 33.69 14.85
CA ASN D 183 -15.14 34.28 13.93
C ASN D 183 -14.04 33.25 13.68
N ILE D 184 -14.07 32.62 12.51
CA ILE D 184 -13.12 31.59 12.14
C ILE D 184 -12.50 31.95 10.80
N ASP D 185 -11.17 31.93 10.74
CA ASP D 185 -10.42 32.16 9.50
C ASP D 185 -10.81 33.51 8.88
N GLY D 186 -10.79 34.55 9.71
CA GLY D 186 -11.06 35.90 9.22
C GLY D 186 -12.44 36.06 8.61
N TYR D 187 -13.45 35.44 9.22
CA TYR D 187 -14.82 35.55 8.72
C TYR D 187 -15.77 35.62 9.91
N PHE D 188 -16.57 36.68 9.97
CA PHE D 188 -17.51 36.88 11.06
C PHE D 188 -18.87 36.33 10.67
N LYS D 189 -19.43 35.47 11.52
CA LYS D 189 -20.69 34.81 11.25
C LYS D 189 -21.66 35.07 12.39
N ILE D 190 -22.94 35.18 12.05
CA ILE D 190 -24.00 35.42 13.02
C ILE D 190 -25.17 34.50 12.70
N TYR D 191 -25.66 33.80 13.72
CA TYR D 191 -26.84 32.95 13.63
C TYR D 191 -27.94 33.55 14.49
N SER D 192 -29.15 33.04 14.33
CA SER D 192 -30.28 33.60 15.06
C SER D 192 -31.42 32.59 15.12
N LYS D 193 -32.43 32.93 15.92
CA LYS D 193 -33.65 32.16 16.08
C LYS D 193 -34.62 32.97 16.94
N HIS D 194 -35.91 32.89 16.60
CA HIS D 194 -36.96 33.55 17.36
C HIS D 194 -37.99 32.51 17.78
N THR D 195 -38.36 32.52 19.06
CA THR D 195 -39.33 31.56 19.56
C THR D 195 -40.16 32.18 20.68
N PRO D 196 -41.48 32.25 20.52
CA PRO D 196 -42.33 32.74 21.61
C PRO D 196 -42.28 31.81 22.80
N ILE D 197 -42.34 32.39 24.00
CA ILE D 197 -42.28 31.65 25.24
C ILE D 197 -43.38 32.13 26.16
N ASN D 198 -43.71 31.29 27.15
CA ASN D 198 -44.71 31.63 28.18
C ASN D 198 -44.07 31.34 29.54
N LEU D 199 -43.34 32.32 30.05
CA LEU D 199 -42.63 32.18 31.32
C LEU D 199 -42.21 33.57 31.79
N VAL D 200 -41.67 33.62 33.01
CA VAL D 200 -41.21 34.87 33.58
C VAL D 200 -39.72 34.87 33.90
N ARG D 201 -39.09 33.69 34.03
CA ARG D 201 -37.69 33.62 34.42
C ARG D 201 -37.09 32.31 33.92
N ASP D 202 -35.79 32.34 33.65
CA ASP D 202 -34.98 31.18 33.30
C ASP D 202 -35.29 30.64 31.91
N LEU D 203 -34.30 30.03 31.27
CA LEU D 203 -34.48 29.49 29.93
C LEU D 203 -35.30 28.21 29.99
N PRO D 204 -36.35 28.08 29.21
CA PRO D 204 -37.20 26.88 29.30
C PRO D 204 -36.50 25.65 28.72
N GLN D 205 -37.00 24.49 29.14
CA GLN D 205 -36.48 23.21 28.66
C GLN D 205 -37.01 22.94 27.26
N GLY D 206 -36.15 23.06 26.26
CA GLY D 206 -36.56 22.84 24.89
C GLY D 206 -35.38 22.84 23.96
N PHE D 207 -35.66 22.52 22.70
CA PHE D 207 -34.64 22.46 21.65
C PHE D 207 -35.08 23.29 20.46
N SER D 208 -34.14 24.03 19.88
CA SER D 208 -34.43 24.87 18.73
C SER D 208 -33.13 25.16 17.99
N ALA D 209 -33.07 24.81 16.71
CA ALA D 209 -31.87 25.05 15.92
C ALA D 209 -31.76 26.52 15.55
N LEU D 210 -30.57 26.92 15.12
CA LEU D 210 -30.29 28.30 14.76
C LEU D 210 -29.82 28.36 13.32
N GLU D 211 -30.50 29.16 12.50
CA GLU D 211 -30.29 29.34 11.07
C GLU D 211 -29.37 30.52 10.80
N PRO D 212 -28.43 30.39 9.87
CA PRO D 212 -27.50 31.49 9.61
C PRO D 212 -28.22 32.70 9.04
N LEU D 213 -27.65 33.88 9.32
CA LEU D 213 -28.18 35.14 8.81
C LEU D 213 -27.22 35.80 7.84
N VAL D 214 -25.99 36.10 8.27
CA VAL D 214 -25.02 36.83 7.47
C VAL D 214 -23.64 36.22 7.66
N ASP D 215 -22.78 36.47 6.67
CA ASP D 215 -21.38 36.09 6.73
C ASP D 215 -20.55 37.32 6.36
N LEU D 216 -19.54 37.61 7.17
CA LEU D 216 -18.79 38.85 7.04
C LEU D 216 -17.34 38.55 6.67
N PRO D 217 -16.84 39.10 5.57
CA PRO D 217 -15.43 38.87 5.19
C PRO D 217 -14.48 39.86 5.84
N ILE D 218 -14.93 40.53 6.89
CA ILE D 218 -14.15 41.63 7.47
C ILE D 218 -12.77 41.15 7.90
N GLY D 219 -12.72 40.05 8.65
CA GLY D 219 -11.45 39.49 9.04
C GLY D 219 -10.65 40.31 10.03
N ILE D 220 -11.31 41.15 10.82
CA ILE D 220 -10.61 41.93 11.84
C ILE D 220 -10.30 41.04 13.03
N ASN D 221 -9.42 41.51 13.92
CA ASN D 221 -9.09 40.79 15.14
C ASN D 221 -10.10 41.17 16.22
N ILE D 222 -10.73 40.17 16.83
CA ILE D 222 -11.77 40.38 17.84
C ILE D 222 -11.26 39.83 19.18
N THR D 223 -11.38 40.64 20.22
CA THR D 223 -10.95 40.23 21.56
C THR D 223 -11.92 40.59 22.68
N ARG D 224 -12.73 41.64 22.54
CA ARG D 224 -13.52 42.15 23.65
C ARG D 224 -14.99 42.22 23.25
N PHE D 225 -15.85 42.33 24.25
CA PHE D 225 -17.29 42.19 24.06
C PHE D 225 -18.03 43.07 25.05
N GLN D 226 -18.97 43.86 24.54
CA GLN D 226 -19.82 44.70 25.38
C GLN D 226 -21.18 44.83 24.71
N THR D 227 -22.19 45.12 25.51
CA THR D 227 -23.57 45.17 25.04
C THR D 227 -24.17 46.55 25.28
N LEU D 228 -25.02 46.97 24.35
CA LEU D 228 -25.74 48.24 24.44
C LEU D 228 -27.16 48.01 24.95
N LEU D 229 -27.77 49.07 25.48
CA LEU D 229 -29.14 49.03 25.98
C LEU D 229 -29.84 50.32 25.60
N ALA D 230 -31.11 50.43 25.97
CA ALA D 230 -31.92 51.61 25.72
C ALA D 230 -32.05 52.42 27.01
N LEU D 231 -31.79 53.72 26.92
CA LEU D 231 -31.82 54.61 28.08
C LEU D 231 -33.06 55.49 28.02
N HIS D 232 -33.79 55.56 29.12
CA HIS D 232 -35.02 56.33 29.22
C HIS D 232 -34.68 57.73 29.72
N ARG D 233 -34.70 58.71 28.83
CA ARG D 233 -34.43 60.10 29.19
C ARG D 233 -35.75 60.86 29.25
N SER D 234 -36.05 61.41 30.42
CA SER D 234 -37.29 62.15 30.65
C SER D 234 -37.07 63.07 31.85
N TYR D 235 -38.18 63.61 32.36
CA TYR D 235 -38.11 64.48 33.54
C TYR D 235 -37.67 63.73 34.80
N LEU D 236 -37.86 62.41 34.83
CA LEU D 236 -37.46 61.65 36.01
C LEU D 236 -35.95 61.66 36.21
N THR D 237 -35.19 61.53 35.13
CA THR D 237 -33.73 61.53 35.17
C THR D 237 -33.21 62.55 34.16
N PRO D 238 -33.29 63.83 34.47
CA PRO D 238 -32.83 64.86 33.55
C PRO D 238 -31.32 65.07 33.68
N GLY D 239 -30.83 66.06 32.94
CA GLY D 239 -29.42 66.41 32.98
C GLY D 239 -28.59 65.63 31.98
N ASP D 240 -27.31 65.51 32.29
CA ASP D 240 -26.37 64.81 31.42
C ASP D 240 -26.45 63.31 31.67
N SER D 241 -25.49 62.56 31.11
CA SER D 241 -25.45 61.11 31.27
C SER D 241 -25.07 60.69 32.69
N SER D 242 -24.60 61.62 33.52
CA SER D 242 -24.24 61.27 34.89
C SER D 242 -25.46 60.83 35.70
N SER D 243 -26.59 61.53 35.53
CA SER D 243 -27.80 61.22 36.27
C SER D 243 -28.92 60.66 35.41
N GLY D 244 -28.91 60.89 34.10
CA GLY D 244 -29.93 60.36 33.23
C GLY D 244 -29.65 58.94 32.79
N TRP D 245 -29.78 57.98 33.71
CA TRP D 245 -29.43 56.60 33.43
C TRP D 245 -30.23 55.68 34.35
N THR D 246 -30.92 54.71 33.75
CA THR D 246 -31.70 53.72 34.47
C THR D 246 -31.45 52.35 33.84
N ALA D 247 -31.67 51.30 34.64
CA ALA D 247 -31.42 49.94 34.16
C ALA D 247 -32.60 49.41 33.34
N GLY D 248 -33.76 49.27 33.97
CA GLY D 248 -34.91 48.68 33.31
C GLY D 248 -34.84 47.18 33.24
N ALA D 249 -35.99 46.51 33.25
CA ALA D 249 -36.01 45.05 33.25
C ALA D 249 -35.48 44.50 31.93
N ALA D 250 -34.54 43.57 32.02
CA ALA D 250 -33.92 43.00 30.82
C ALA D 250 -33.30 41.66 31.15
N ALA D 251 -33.01 40.89 30.11
CA ALA D 251 -32.32 39.61 30.19
C ALA D 251 -31.02 39.72 29.42
N TYR D 252 -29.94 39.22 30.01
CA TYR D 252 -28.59 39.42 29.47
C TYR D 252 -27.77 38.13 29.63
N TYR D 253 -28.37 36.99 29.28
CA TYR D 253 -27.68 35.72 29.38
C TYR D 253 -26.46 35.70 28.47
N VAL D 254 -25.36 35.12 28.97
CA VAL D 254 -24.13 34.98 28.20
C VAL D 254 -23.54 33.60 28.44
N GLY D 255 -23.16 32.91 27.38
CA GLY D 255 -22.46 31.65 27.49
C GLY D 255 -21.09 31.71 26.83
N TYR D 256 -20.40 30.58 26.72
CA TYR D 256 -19.11 30.52 26.06
C TYR D 256 -18.99 29.22 25.28
N LEU D 257 -18.19 29.25 24.22
CA LEU D 257 -18.11 28.17 23.26
C LEU D 257 -16.75 27.48 23.34
N GLN D 258 -16.77 26.14 23.37
CA GLN D 258 -15.58 25.31 23.38
C GLN D 258 -15.73 24.21 22.36
N PRO D 259 -14.62 23.70 21.83
CA PRO D 259 -14.71 22.58 20.87
C PRO D 259 -15.35 21.36 21.53
N ARG D 260 -16.16 20.66 20.76
CA ARG D 260 -16.93 19.53 21.27
C ARG D 260 -17.18 18.55 20.12
N THR D 261 -18.07 17.60 20.36
CA THR D 261 -18.49 16.65 19.34
C THR D 261 -19.95 16.33 19.55
N PHE D 262 -20.78 16.65 18.56
CA PHE D 262 -22.23 16.51 18.68
C PHE D 262 -22.74 15.49 17.67
N LEU D 263 -23.80 14.79 18.05
CA LEU D 263 -24.49 13.87 17.16
C LEU D 263 -25.87 14.46 16.87
N LEU D 264 -26.03 15.01 15.67
CA LEU D 264 -27.25 15.70 15.28
C LEU D 264 -28.18 14.76 14.52
N LYS D 265 -29.48 15.00 14.68
CA LYS D 265 -30.50 14.23 13.99
C LYS D 265 -31.25 15.12 13.02
N TYR D 266 -31.30 14.71 11.76
CA TYR D 266 -32.00 15.43 10.72
C TYR D 266 -33.31 14.72 10.42
N ASN D 267 -34.41 15.48 10.40
CA ASN D 267 -35.70 14.91 10.05
C ASN D 267 -35.83 14.83 8.53
N GLU D 268 -36.98 14.36 8.06
CA GLU D 268 -37.17 14.17 6.62
C GLU D 268 -37.27 15.48 5.85
N ASN D 269 -37.49 16.61 6.53
CA ASN D 269 -37.56 17.89 5.86
C ASN D 269 -36.23 18.62 5.81
N GLY D 270 -35.27 18.24 6.64
CA GLY D 270 -33.95 18.84 6.62
C GLY D 270 -33.64 19.80 7.74
N THR D 271 -34.34 19.72 8.87
CA THR D 271 -34.07 20.58 10.02
C THR D 271 -33.66 19.74 11.22
N ILE D 272 -32.77 20.28 12.03
CA ILE D 272 -32.24 19.56 13.18
C ILE D 272 -33.31 19.52 14.27
N THR D 273 -33.62 18.31 14.74
CA THR D 273 -34.62 18.14 15.79
C THR D 273 -34.06 17.64 17.11
N ASP D 274 -32.87 17.01 17.09
CA ASP D 274 -32.25 16.50 18.31
C ASP D 274 -30.74 16.60 18.18
N ALA D 275 -30.06 16.58 19.32
CA ALA D 275 -28.61 16.60 19.35
C ALA D 275 -28.13 15.98 20.67
N VAL D 276 -27.04 15.23 20.60
CA VAL D 276 -26.48 14.57 21.76
C VAL D 276 -24.99 14.91 21.84
N ASP D 277 -24.57 15.40 23.00
CA ASP D 277 -23.15 15.60 23.25
C ASP D 277 -22.46 14.26 23.40
N CYS D 278 -21.22 14.17 22.90
CA CYS D 278 -20.47 12.92 22.93
C CYS D 278 -19.43 12.87 24.03
N ALA D 279 -19.47 13.80 24.98
CA ALA D 279 -18.52 13.79 26.08
C ALA D 279 -19.15 14.10 27.43
N LEU D 280 -20.46 14.38 27.49
CA LEU D 280 -21.09 14.76 28.74
C LEU D 280 -21.22 13.57 29.69
N ASP D 281 -21.67 12.43 29.18
CA ASP D 281 -22.05 11.30 30.00
C ASP D 281 -21.56 10.01 29.35
N PRO D 282 -21.27 8.97 30.14
CA PRO D 282 -20.92 7.67 29.54
C PRO D 282 -22.00 7.13 28.62
N LEU D 283 -23.27 7.30 28.98
CA LEU D 283 -24.36 6.90 28.09
C LEU D 283 -24.32 7.70 26.80
N SER D 284 -23.99 8.98 26.90
CA SER D 284 -23.83 9.80 25.70
C SER D 284 -22.68 9.30 24.84
N GLU D 285 -21.59 8.87 25.48
CA GLU D 285 -20.48 8.31 24.71
C GLU D 285 -20.90 7.04 23.99
N THR D 286 -21.67 6.17 24.67
CA THR D 286 -22.15 4.96 24.01
C THR D 286 -23.05 5.29 22.83
N LYS D 287 -23.95 6.27 23.00
CA LYS D 287 -24.84 6.66 21.91
C LYS D 287 -24.05 7.21 20.74
N CYS D 288 -23.03 8.03 21.01
CA CYS D 288 -22.22 8.58 19.94
C CYS D 288 -21.43 7.47 19.22
N THR D 289 -20.93 6.49 19.98
CA THR D 289 -20.20 5.39 19.36
C THR D 289 -21.10 4.55 18.46
N LEU D 290 -22.31 4.23 18.92
CA LEU D 290 -23.19 3.38 18.13
C LEU D 290 -23.99 4.13 17.08
N LYS D 291 -23.87 5.46 17.01
CA LYS D 291 -24.58 6.27 16.03
C LYS D 291 -26.09 6.03 16.09
N SER D 292 -26.64 6.00 17.30
CA SER D 292 -28.06 5.78 17.48
C SER D 292 -28.51 6.45 18.77
N PHE D 293 -29.79 6.78 18.84
CA PHE D 293 -30.38 7.34 20.06
C PHE D 293 -30.91 6.28 21.00
N THR D 294 -30.93 5.01 20.59
CA THR D 294 -31.35 3.92 21.45
C THR D 294 -30.27 2.87 21.46
N VAL D 295 -29.91 2.38 22.65
CA VAL D 295 -28.90 1.36 22.81
C VAL D 295 -29.55 0.14 23.45
N GLU D 296 -29.29 -1.04 22.89
CA GLU D 296 -29.86 -2.26 23.41
C GLU D 296 -29.09 -2.74 24.62
N LYS D 297 -29.70 -3.68 25.35
CA LYS D 297 -29.06 -4.24 26.54
C LYS D 297 -27.77 -4.96 26.14
N GLY D 298 -26.71 -4.70 26.89
CA GLY D 298 -25.43 -5.33 26.62
C GLY D 298 -24.29 -4.49 27.16
N ILE D 299 -23.08 -4.88 26.76
CA ILE D 299 -21.87 -4.19 27.16
C ILE D 299 -21.13 -3.73 25.91
N TYR D 300 -20.70 -2.47 25.93
CA TYR D 300 -20.06 -1.85 24.78
C TYR D 300 -18.77 -1.16 25.22
N GLN D 301 -17.83 -1.05 24.28
CA GLN D 301 -16.56 -0.40 24.53
C GLN D 301 -16.55 0.97 23.85
N THR D 302 -16.15 1.99 24.61
CA THR D 302 -16.21 3.37 24.12
C THR D 302 -14.84 3.97 23.86
N SER D 303 -13.95 3.96 24.84
CA SER D 303 -12.64 4.60 24.68
C SER D 303 -11.62 3.86 25.52
N ASN D 304 -10.45 4.47 25.69
CA ASN D 304 -9.35 3.89 26.44
C ASN D 304 -8.96 4.80 27.60
N PHE D 305 -8.37 4.19 28.63
CA PHE D 305 -7.98 4.90 29.84
C PHE D 305 -6.46 4.85 29.97
N ARG D 306 -5.85 6.03 30.16
CA ARG D 306 -4.41 6.14 30.31
C ARG D 306 -4.10 7.08 31.47
N VAL D 307 -2.95 6.87 32.09
CA VAL D 307 -2.50 7.68 33.22
C VAL D 307 -1.42 8.63 32.70
N GLN D 308 -1.66 9.92 32.83
CA GLN D 308 -0.76 10.93 32.32
C GLN D 308 0.45 11.11 33.25
N PRO D 309 1.60 11.50 32.70
CA PRO D 309 2.78 11.73 33.54
C PRO D 309 2.57 12.94 34.44
N THR D 310 3.27 12.93 35.58
CA THR D 310 3.13 13.97 36.59
C THR D 310 4.32 14.93 36.61
N GLU D 311 5.53 14.43 36.74
CA GLU D 311 6.72 15.26 36.88
C GLU D 311 7.61 15.12 35.64
N SER D 312 8.70 15.88 35.64
CA SER D 312 9.63 15.94 34.51
C SER D 312 11.08 15.87 35.01
N ILE D 313 11.37 14.91 35.88
CA ILE D 313 12.70 14.80 36.47
C ILE D 313 13.73 14.45 35.40
N VAL D 314 14.98 14.85 35.65
CA VAL D 314 16.08 14.60 34.74
C VAL D 314 17.36 14.58 35.56
N ARG D 315 18.30 13.74 35.16
CA ARG D 315 19.53 13.54 35.92
C ARG D 315 20.74 13.60 35.01
N PHE D 316 21.89 13.95 35.62
CA PHE D 316 23.16 14.05 34.94
C PHE D 316 24.28 14.15 35.98
N PRO D 317 25.35 13.38 35.87
CA PRO D 317 26.44 13.47 36.86
C PRO D 317 27.02 14.87 36.90
N ASN D 318 27.30 15.34 38.12
CA ASN D 318 27.71 16.73 38.33
C ASN D 318 29.19 16.88 37.99
N ILE D 319 29.46 17.43 36.81
CA ILE D 319 30.81 17.76 36.36
C ILE D 319 30.84 19.26 36.12
N THR D 320 31.70 19.96 36.87
CA THR D 320 31.78 21.42 36.79
C THR D 320 32.78 21.89 35.75
N ASN D 321 33.44 20.99 35.03
CA ASN D 321 34.39 21.39 34.01
C ASN D 321 33.69 22.06 32.83
N LEU D 322 34.26 23.15 32.37
CA LEU D 322 33.75 23.87 31.20
C LEU D 322 34.58 23.48 29.98
N CYS D 323 33.90 23.10 28.91
CA CYS D 323 34.60 22.66 27.72
C CYS D 323 35.34 23.83 27.08
N PRO D 324 36.62 23.67 26.73
CA PRO D 324 37.43 24.79 26.21
C PRO D 324 37.14 25.15 24.75
N PHE D 325 36.10 25.98 24.56
CA PHE D 325 35.80 26.51 23.24
C PHE D 325 36.66 27.70 22.85
N GLY D 326 37.49 28.20 23.78
CA GLY D 326 38.27 29.39 23.50
C GLY D 326 39.31 29.19 22.41
N GLU D 327 40.01 28.05 22.45
CA GLU D 327 41.03 27.77 21.44
C GLU D 327 40.45 27.20 20.16
N VAL D 328 39.14 27.01 20.09
CA VAL D 328 38.48 26.51 18.89
C VAL D 328 37.78 27.63 18.13
N PHE D 329 37.02 28.47 18.84
CA PHE D 329 36.26 29.54 18.22
C PHE D 329 36.86 30.92 18.42
N ASN D 330 37.93 31.04 19.21
CA ASN D 330 38.56 32.34 19.45
C ASN D 330 40.07 32.23 19.46
N ALA D 331 40.63 31.26 18.73
CA ALA D 331 42.08 31.09 18.68
C ALA D 331 42.72 32.20 17.86
N THR D 332 43.80 32.77 18.40
CA THR D 332 44.51 33.83 17.70
C THR D 332 45.30 33.31 16.51
N ARG D 333 45.58 32.01 16.46
CA ARG D 333 46.31 31.40 15.36
C ARG D 333 45.51 30.21 14.84
N PHE D 334 45.47 30.07 13.52
CA PHE D 334 44.73 29.01 12.87
C PHE D 334 45.66 28.17 12.00
N ALA D 335 45.30 26.91 11.82
CA ALA D 335 46.11 25.97 11.04
C ALA D 335 45.66 25.95 9.58
N SER D 336 46.45 25.25 8.76
CA SER D 336 46.15 25.12 7.35
C SER D 336 45.02 24.10 7.13
N VAL D 337 44.44 24.14 5.93
CA VAL D 337 43.36 23.22 5.61
C VAL D 337 43.88 21.79 5.50
N TYR D 338 45.08 21.61 4.92
CA TYR D 338 45.63 20.26 4.78
C TYR D 338 45.97 19.66 6.13
N ALA D 339 46.47 20.49 7.05
CA ALA D 339 46.71 20.05 8.43
C ALA D 339 45.57 20.51 9.33
N TRP D 340 44.37 19.99 9.06
CA TRP D 340 43.19 20.37 9.82
C TRP D 340 43.31 19.87 11.26
N ASN D 341 42.90 20.71 12.20
CA ASN D 341 42.95 20.38 13.61
C ASN D 341 41.75 19.53 14.01
N ARG D 342 41.95 18.70 15.03
CA ARG D 342 40.86 17.87 15.56
C ARG D 342 41.16 17.63 17.03
N LYS D 343 40.36 18.25 17.90
CA LYS D 343 40.50 18.10 19.35
C LYS D 343 39.25 17.44 19.91
N ARG D 344 39.45 16.46 20.77
CA ARG D 344 38.35 15.74 21.39
C ARG D 344 37.88 16.45 22.65
N ILE D 345 36.57 16.53 22.82
CA ILE D 345 35.96 17.24 23.93
C ILE D 345 35.16 16.24 24.76
N SER D 346 35.48 16.15 26.04
CA SER D 346 34.80 15.23 26.96
C SER D 346 35.08 15.66 28.39
N ASN D 347 34.34 15.04 29.31
CA ASN D 347 34.50 15.29 30.75
C ASN D 347 34.34 16.77 31.09
N CYS D 348 33.37 17.42 30.43
CA CYS D 348 33.10 18.82 30.70
C CYS D 348 31.68 19.13 30.26
N VAL D 349 31.13 20.21 30.81
CA VAL D 349 29.82 20.70 30.42
C VAL D 349 30.02 21.76 29.33
N ALA D 350 29.46 21.51 28.15
CA ALA D 350 29.62 22.41 27.03
C ALA D 350 28.72 23.62 27.21
N ASP D 351 29.31 24.81 27.25
CA ASP D 351 28.52 26.03 27.36
C ASP D 351 27.86 26.33 26.01
N TYR D 352 26.78 25.60 25.72
CA TYR D 352 26.14 25.71 24.41
C TYR D 352 25.50 27.07 24.19
N SER D 353 24.86 27.63 25.23
CA SER D 353 24.00 28.79 25.03
C SER D 353 24.79 30.00 24.56
N VAL D 354 25.96 30.24 25.15
CA VAL D 354 26.73 31.45 24.84
C VAL D 354 27.18 31.45 23.38
N LEU D 355 27.48 30.27 22.84
CA LEU D 355 27.97 30.20 21.47
C LEU D 355 26.90 30.57 20.45
N TYR D 356 25.63 30.40 20.78
CA TYR D 356 24.55 30.77 19.86
C TYR D 356 23.95 32.13 20.15
N ASN D 357 23.79 32.52 21.41
CA ASN D 357 23.11 33.77 21.73
C ASN D 357 24.05 34.95 21.88
N SER D 358 25.37 34.75 21.74
CA SER D 358 26.32 35.83 21.90
C SER D 358 27.32 35.93 20.75
N ALA D 359 27.23 35.07 19.74
CA ALA D 359 28.12 35.12 18.59
C ALA D 359 27.31 35.10 17.31
N SER D 360 27.81 35.81 16.31
CA SER D 360 27.16 35.91 15.01
C SER D 360 28.00 35.19 13.97
N PHE D 361 27.38 34.27 13.25
CA PHE D 361 28.04 33.49 12.20
C PHE D 361 27.38 33.80 10.86
N SER D 362 28.21 34.09 9.85
CA SER D 362 27.68 34.36 8.52
C SER D 362 26.97 33.14 7.95
N THR D 363 27.56 31.96 8.13
CA THR D 363 26.96 30.69 7.70
C THR D 363 26.81 29.80 8.93
N PHE D 364 25.60 29.32 9.16
CA PHE D 364 25.31 28.47 10.33
C PHE D 364 24.18 27.54 9.94
N LYS D 365 24.52 26.31 9.57
CA LYS D 365 23.55 25.32 9.13
C LYS D 365 23.82 24.00 9.83
N CYS D 366 22.75 23.26 10.10
CA CYS D 366 22.82 21.98 10.81
C CYS D 366 22.19 20.89 9.95
N TYR D 367 22.83 19.72 9.94
CA TYR D 367 22.35 18.56 9.21
C TYR D 367 22.13 17.41 10.18
N GLY D 368 20.89 16.92 10.25
CA GLY D 368 20.56 15.79 11.09
C GLY D 368 20.10 16.13 12.49
N VAL D 369 20.36 17.35 12.97
CA VAL D 369 19.94 17.79 14.29
C VAL D 369 19.40 19.21 14.16
N SER D 370 18.25 19.47 14.75
CA SER D 370 17.70 20.82 14.76
C SER D 370 18.59 21.74 15.61
N PRO D 371 18.98 22.91 15.10
CA PRO D 371 19.85 23.79 15.91
C PRO D 371 19.21 24.24 17.20
N THR D 372 17.90 24.46 17.23
CA THR D 372 17.24 24.91 18.45
C THR D 372 17.06 23.79 19.47
N LYS D 373 17.13 22.53 19.04
CA LYS D 373 17.04 21.40 19.95
C LYS D 373 18.41 20.94 20.43
N LEU D 374 19.49 21.60 20.00
CA LEU D 374 20.83 21.24 20.44
C LEU D 374 21.05 21.50 21.93
N ASN D 375 20.15 22.24 22.58
CA ASN D 375 20.34 22.57 23.99
C ASN D 375 20.28 21.33 24.86
N ASP D 376 19.34 20.43 24.58
CA ASP D 376 19.09 19.27 25.45
C ASP D 376 19.71 17.97 24.94
N LEU D 377 20.27 17.97 23.73
CA LEU D 377 20.85 16.77 23.15
C LEU D 377 22.36 16.76 23.36
N CYS D 378 22.86 15.71 23.99
CA CYS D 378 24.29 15.57 24.25
C CYS D 378 24.85 14.42 23.44
N PHE D 379 26.15 14.50 23.14
CA PHE D 379 26.81 13.56 22.25
C PHE D 379 28.05 13.00 22.90
N THR D 380 28.61 11.96 22.27
CA THR D 380 29.79 11.27 22.77
C THR D 380 31.00 11.66 21.94
N ASN D 381 32.09 12.05 22.62
CA ASN D 381 33.35 12.42 21.98
C ASN D 381 33.14 13.54 20.96
N VAL D 382 32.73 14.70 21.47
CA VAL D 382 32.54 15.86 20.62
C VAL D 382 33.88 16.30 20.06
N TYR D 383 33.94 16.49 18.75
CA TYR D 383 35.16 16.86 18.05
C TYR D 383 35.08 18.30 17.57
N ALA D 384 36.23 18.97 17.56
CA ALA D 384 36.33 20.35 17.11
C ALA D 384 37.39 20.44 16.02
N ASP D 385 37.03 21.08 14.91
CA ASP D 385 37.93 21.24 13.76
C ASP D 385 38.15 22.73 13.51
N SER D 386 39.41 23.13 13.40
CA SER D 386 39.79 24.51 13.14
C SER D 386 40.63 24.57 11.88
N PHE D 387 40.19 25.35 10.90
CA PHE D 387 40.92 25.54 9.65
C PHE D 387 40.44 26.81 8.98
N VAL D 388 41.27 27.33 8.08
CA VAL D 388 40.97 28.53 7.32
C VAL D 388 40.92 28.15 5.84
N ILE D 389 39.80 28.42 5.20
CA ILE D 389 39.60 28.09 3.79
C ILE D 389 39.00 29.29 3.08
N ARG D 390 39.05 29.24 1.75
CA ARG D 390 38.48 30.30 0.94
C ARG D 390 36.96 30.34 1.13
N GLY D 391 36.41 31.56 1.14
CA GLY D 391 34.98 31.71 1.36
C GLY D 391 34.14 31.07 0.27
N ASP D 392 34.63 31.05 -0.97
CA ASP D 392 33.89 30.42 -2.06
C ASP D 392 33.78 28.91 -1.90
N GLU D 393 34.71 28.29 -1.18
CA GLU D 393 34.72 26.85 -1.00
C GLU D 393 34.06 26.40 0.29
N VAL D 394 33.48 27.32 1.06
CA VAL D 394 32.85 26.95 2.33
C VAL D 394 31.61 26.10 2.09
N ARG D 395 30.85 26.42 1.03
CA ARG D 395 29.60 25.71 0.78
C ARG D 395 29.83 24.22 0.50
N GLN D 396 30.99 23.88 -0.03
CA GLN D 396 31.28 22.47 -0.34
C GLN D 396 31.54 21.64 0.89
N ILE D 397 31.68 22.25 2.07
CA ILE D 397 31.94 21.50 3.31
C ILE D 397 30.57 21.12 3.86
N ALA D 398 30.05 20.00 3.34
CA ALA D 398 28.73 19.51 3.72
C ALA D 398 28.61 18.05 3.29
N PRO D 399 27.79 17.25 3.96
CA PRO D 399 27.58 15.87 3.51
C PRO D 399 26.94 15.83 2.13
N GLY D 400 27.28 14.80 1.37
CA GLY D 400 26.75 14.65 0.03
C GLY D 400 27.19 15.72 -0.95
N GLN D 401 28.48 16.09 -0.92
CA GLN D 401 29.01 17.10 -1.81
C GLN D 401 30.07 16.48 -2.71
N THR D 402 30.19 17.02 -3.92
CA THR D 402 31.14 16.56 -4.92
C THR D 402 32.12 17.66 -5.27
N GLY D 403 33.10 17.31 -6.08
CA GLY D 403 34.12 18.24 -6.50
C GLY D 403 35.48 17.92 -5.90
N LYS D 404 36.53 18.41 -6.56
CA LYS D 404 37.89 18.15 -6.09
C LYS D 404 38.20 18.86 -4.79
N ILE D 405 37.47 19.92 -4.46
CA ILE D 405 37.72 20.64 -3.21
C ILE D 405 37.23 19.83 -2.01
N ALA D 406 36.07 19.20 -2.13
CA ALA D 406 35.40 18.57 -1.00
C ALA D 406 35.83 17.13 -0.76
N ASP D 407 36.75 16.59 -1.56
CA ASP D 407 37.19 15.21 -1.39
C ASP D 407 38.69 15.07 -1.17
N TYR D 408 39.51 15.92 -1.79
CA TYR D 408 40.95 15.85 -1.64
C TYR D 408 41.47 16.68 -0.47
N ASN D 409 40.60 17.44 0.20
CA ASN D 409 41.01 18.28 1.32
C ASN D 409 40.43 17.80 2.64
N TYR D 410 39.11 17.66 2.72
CA TYR D 410 38.45 17.17 3.93
C TYR D 410 37.36 16.20 3.52
N LYS D 411 37.38 15.00 4.10
CA LYS D 411 36.41 13.95 3.78
C LYS D 411 35.37 13.88 4.87
N LEU D 412 34.09 14.01 4.48
CA LEU D 412 32.99 13.97 5.41
C LEU D 412 32.08 12.78 5.12
N PRO D 413 31.65 12.04 6.14
CA PRO D 413 30.77 10.90 5.90
C PRO D 413 29.43 11.34 5.31
N ASP D 414 28.85 10.45 4.50
CA ASP D 414 27.54 10.73 3.94
C ASP D 414 26.48 10.78 5.04
N ASP D 415 26.56 9.88 6.01
CA ASP D 415 25.66 9.88 7.15
C ASP D 415 26.32 10.61 8.33
N PHE D 416 26.49 11.92 8.13
CA PHE D 416 27.14 12.78 9.10
C PHE D 416 26.11 13.62 9.84
N THR D 417 26.17 13.59 11.17
CA THR D 417 25.27 14.36 12.02
C THR D 417 26.08 15.46 12.70
N GLY D 418 25.65 16.71 12.51
CA GLY D 418 26.36 17.82 13.10
C GLY D 418 25.90 19.13 12.48
N CYS D 419 26.69 20.17 12.73
CA CYS D 419 26.43 21.51 12.22
C CYS D 419 27.68 22.09 11.60
N VAL D 420 27.50 23.02 10.67
CA VAL D 420 28.59 23.72 10.01
C VAL D 420 28.54 25.17 10.45
N ILE D 421 29.62 25.66 11.05
CA ILE D 421 29.71 27.02 11.55
C ILE D 421 30.83 27.73 10.80
N ALA D 422 30.50 28.86 10.18
CA ALA D 422 31.48 29.64 9.43
C ALA D 422 31.12 31.12 9.52
N TRP D 423 32.14 31.95 9.74
CA TRP D 423 31.94 33.39 9.77
C TRP D 423 33.19 34.07 9.24
N ASN D 424 33.00 35.28 8.71
CA ASN D 424 34.09 36.03 8.12
C ASN D 424 34.98 36.63 9.20
N SER D 425 36.28 36.35 9.12
CA SER D 425 37.26 36.87 10.07
C SER D 425 38.47 37.41 9.31
N ASN D 426 38.21 38.22 8.28
CA ASN D 426 39.29 38.77 7.47
C ASN D 426 40.23 39.65 8.30
N ASN D 427 39.71 40.26 9.38
CA ASN D 427 40.55 41.09 10.24
C ASN D 427 41.50 40.27 11.10
N LEU D 428 41.32 38.95 11.17
CA LEU D 428 42.12 38.11 12.04
C LEU D 428 43.01 37.11 11.31
N ASP D 429 42.65 36.73 10.08
CA ASP D 429 43.39 35.71 9.35
C ASP D 429 44.00 36.25 8.06
N SER D 430 44.10 37.57 7.91
CA SER D 430 44.72 38.19 6.75
C SER D 430 45.91 39.02 7.17
N LYS D 431 47.01 38.88 6.44
CA LYS D 431 48.25 39.59 6.72
C LYS D 431 48.50 40.64 5.64
N VAL D 432 49.02 41.79 6.06
CA VAL D 432 49.28 42.87 5.11
C VAL D 432 50.33 42.43 4.09
N GLY D 433 51.37 41.72 4.54
CA GLY D 433 52.33 41.16 3.61
C GLY D 433 51.83 39.94 2.88
N GLY D 434 50.78 39.30 3.39
CA GLY D 434 50.23 38.12 2.77
C GLY D 434 50.19 36.91 3.69
N ASN D 435 49.00 36.38 3.94
CA ASN D 435 48.82 35.19 4.77
C ASN D 435 48.76 33.98 3.87
N TYR D 436 49.90 33.28 3.74
CA TYR D 436 50.00 32.11 2.87
C TYR D 436 50.41 30.86 3.64
N ASN D 437 50.15 30.83 4.95
CA ASN D 437 50.44 29.63 5.74
C ASN D 437 49.46 28.51 5.48
N TYR D 438 48.36 28.77 4.78
CA TYR D 438 47.35 27.76 4.50
C TYR D 438 47.63 27.11 3.15
N LEU D 439 47.97 25.82 3.18
CA LEU D 439 48.32 25.07 1.98
C LEU D 439 47.31 23.97 1.73
N TYR D 440 46.98 23.75 0.47
CA TYR D 440 46.01 22.74 0.07
C TYR D 440 46.56 21.94 -1.10
N ARG D 441 46.02 20.74 -1.28
CA ARG D 441 46.38 19.86 -2.38
C ARG D 441 45.32 20.00 -3.47
N LEU D 442 45.74 20.49 -4.64
CA LEU D 442 44.77 20.73 -5.71
C LEU D 442 44.31 19.43 -6.37
N PHE D 443 45.24 18.51 -6.61
CA PHE D 443 44.94 17.27 -7.30
C PHE D 443 45.51 16.09 -6.55
N ARG D 444 44.74 15.01 -6.47
CA ARG D 444 45.20 13.75 -5.89
C ARG D 444 44.67 12.60 -6.73
N LYS D 445 45.45 11.51 -6.76
CA LYS D 445 45.07 10.35 -7.56
C LYS D 445 43.80 9.68 -7.04
N SER D 446 43.67 9.59 -5.71
CA SER D 446 42.54 8.91 -5.09
C SER D 446 41.97 9.78 -3.97
N ASN D 447 40.69 9.57 -3.68
CA ASN D 447 40.02 10.33 -2.63
C ASN D 447 40.62 10.00 -1.26
N LEU D 448 40.73 11.02 -0.42
CA LEU D 448 41.25 10.83 0.93
C LEU D 448 40.26 10.02 1.76
N LYS D 449 40.78 9.10 2.56
CA LYS D 449 39.93 8.30 3.42
C LYS D 449 39.34 9.16 4.53
N PRO D 450 38.13 8.84 4.99
CA PRO D 450 37.49 9.68 6.01
C PRO D 450 38.31 9.74 7.29
N PHE D 451 38.42 10.96 7.83
CA PHE D 451 39.12 11.22 9.10
C PHE D 451 40.54 10.69 9.08
N GLU D 452 41.22 10.84 7.94
CA GLU D 452 42.61 10.48 7.80
C GLU D 452 43.38 11.68 7.27
N ARG D 453 44.49 12.00 7.93
CA ARG D 453 45.34 13.13 7.55
C ARG D 453 46.59 12.61 6.86
N ASP D 454 46.86 13.11 5.66
CA ASP D 454 47.99 12.69 4.85
C ASP D 454 48.90 13.88 4.58
N ILE D 455 50.21 13.63 4.62
CA ILE D 455 51.22 14.66 4.40
C ILE D 455 52.15 14.29 3.24
N SER D 456 51.75 13.32 2.41
CA SER D 456 52.59 12.89 1.31
C SER D 456 52.66 13.98 0.24
N THR D 457 53.87 14.24 -0.25
CA THR D 457 54.10 15.25 -1.28
C THR D 457 55.08 14.68 -2.30
N GLU D 458 54.56 14.19 -3.41
CA GLU D 458 55.36 13.60 -4.47
C GLU D 458 54.91 14.16 -5.82
N ILE D 459 55.73 13.92 -6.84
CA ILE D 459 55.43 14.43 -8.18
C ILE D 459 54.16 13.76 -8.70
N TYR D 460 53.25 14.58 -9.22
CA TYR D 460 51.98 14.09 -9.74
C TYR D 460 52.11 13.76 -11.22
N GLN D 461 51.48 12.66 -11.63
CA GLN D 461 51.52 12.20 -13.01
C GLN D 461 50.35 12.79 -13.77
N ALA D 462 50.63 13.80 -14.60
CA ALA D 462 49.57 14.40 -15.41
C ALA D 462 49.08 13.44 -16.48
N GLY D 463 49.99 12.68 -17.08
CA GLY D 463 49.63 11.73 -18.13
C GLY D 463 50.83 11.01 -18.70
N SER D 464 50.91 10.91 -20.02
CA SER D 464 52.05 10.28 -20.67
C SER D 464 53.28 11.18 -20.56
N THR D 465 54.39 10.72 -21.14
CA THR D 465 55.67 11.41 -21.09
C THR D 465 56.04 11.75 -19.64
N PRO D 466 56.45 10.75 -18.85
CA PRO D 466 56.66 10.98 -17.42
C PRO D 466 57.69 12.07 -17.16
N CYS D 467 57.47 12.80 -16.06
CA CYS D 467 58.34 13.91 -15.71
C CYS D 467 59.76 13.44 -15.43
N ASN D 468 59.90 12.31 -14.73
CA ASN D 468 61.20 11.79 -14.30
C ASN D 468 61.95 12.83 -13.46
N GLY D 469 61.22 13.49 -12.56
CA GLY D 469 61.82 14.50 -11.69
C GLY D 469 62.33 15.73 -12.41
N VAL D 470 61.56 16.24 -13.37
CA VAL D 470 61.96 17.43 -14.12
C VAL D 470 61.25 18.65 -13.55
N GLU D 471 60.07 18.43 -12.96
CA GLU D 471 59.27 19.50 -12.36
C GLU D 471 59.02 20.62 -13.36
N GLY D 472 58.73 20.25 -14.61
CA GLY D 472 58.54 21.23 -15.66
C GLY D 472 57.09 21.38 -16.07
N PHE D 473 56.83 21.38 -17.37
CA PHE D 473 55.48 21.51 -17.88
C PHE D 473 54.64 20.30 -17.50
N ASN D 474 53.42 20.56 -17.01
CA ASN D 474 52.50 19.52 -16.55
C ASN D 474 53.12 18.67 -15.44
N CYS D 475 54.02 19.27 -14.66
CA CYS D 475 54.70 18.59 -13.55
C CYS D 475 54.80 19.61 -12.42
N TYR D 476 53.83 19.58 -11.50
CA TYR D 476 53.72 20.57 -10.44
C TYR D 476 53.64 19.89 -9.08
N PHE D 477 54.06 20.63 -8.06
CA PHE D 477 54.01 20.11 -6.71
C PHE D 477 52.56 19.94 -6.25
N PRO D 478 52.23 18.87 -5.53
CA PRO D 478 50.84 18.69 -5.07
C PRO D 478 50.35 19.80 -4.16
N LEU D 479 51.23 20.35 -3.32
CA LEU D 479 50.83 21.41 -2.41
C LEU D 479 50.82 22.75 -3.13
N GLN D 480 49.74 23.51 -2.95
CA GLN D 480 49.59 24.83 -3.53
C GLN D 480 49.08 25.79 -2.46
N SER D 481 49.56 27.02 -2.51
CA SER D 481 49.16 28.04 -1.55
C SER D 481 47.91 28.75 -2.03
N TYR D 482 47.05 29.13 -1.08
CA TYR D 482 45.83 29.85 -1.40
C TYR D 482 46.16 31.23 -1.96
N GLY D 483 45.31 31.70 -2.87
CA GLY D 483 45.47 33.03 -3.42
C GLY D 483 44.77 34.09 -2.59
N PHE D 484 45.54 34.76 -1.72
CA PHE D 484 45.00 35.78 -0.82
C PHE D 484 45.64 37.11 -1.20
N GLN D 485 44.91 37.89 -2.01
CA GLN D 485 45.38 39.19 -2.48
C GLN D 485 44.31 40.24 -2.21
N PRO D 486 44.72 41.50 -2.04
CA PRO D 486 43.72 42.58 -1.87
C PRO D 486 42.81 42.72 -3.07
N THR D 487 43.29 42.43 -4.27
CA THR D 487 42.47 42.51 -5.48
C THR D 487 41.65 41.22 -5.65
N ASN D 488 40.73 41.03 -4.71
CA ASN D 488 39.87 39.85 -4.70
C ASN D 488 38.52 40.23 -4.12
N GLY D 489 37.52 39.40 -4.39
CA GLY D 489 36.19 39.63 -3.90
C GLY D 489 36.02 39.19 -2.47
N VAL D 490 34.80 39.40 -1.95
CA VAL D 490 34.48 38.99 -0.59
C VAL D 490 34.54 37.47 -0.47
N GLY D 491 34.12 36.75 -1.51
CA GLY D 491 34.15 35.30 -1.48
C GLY D 491 35.54 34.70 -1.47
N TYR D 492 36.55 35.49 -1.84
CA TYR D 492 37.94 35.03 -1.80
C TYR D 492 38.62 35.32 -0.47
N GLN D 493 37.97 36.04 0.43
CA GLN D 493 38.56 36.33 1.73
C GLN D 493 38.54 35.07 2.61
N PRO D 494 39.50 34.95 3.53
CA PRO D 494 39.51 33.78 4.42
C PRO D 494 38.29 33.76 5.33
N TYR D 495 37.85 32.55 5.66
CA TYR D 495 36.68 32.33 6.49
C TYR D 495 37.04 31.43 7.66
N ARG D 496 36.55 31.78 8.84
CA ARG D 496 36.74 30.95 10.04
C ARG D 496 35.67 29.87 10.05
N VAL D 497 36.00 28.72 9.47
CA VAL D 497 35.08 27.60 9.34
C VAL D 497 35.44 26.56 10.41
N VAL D 498 34.52 26.34 11.33
CA VAL D 498 34.67 25.35 12.39
C VAL D 498 33.49 24.40 12.33
N VAL D 499 33.78 23.10 12.26
CA VAL D 499 32.75 22.07 12.18
C VAL D 499 32.84 21.21 13.43
N LEU D 500 31.73 21.14 14.18
CA LEU D 500 31.65 20.30 15.37
C LEU D 500 31.20 18.91 14.94
N SER D 501 32.09 17.93 15.08
CA SER D 501 31.85 16.58 14.62
C SER D 501 31.46 15.70 15.79
N PHE D 502 30.31 15.03 15.68
CA PHE D 502 29.85 14.09 16.69
C PHE D 502 28.97 13.05 16.01
N GLU D 503 28.83 11.91 16.68
CA GLU D 503 28.02 10.82 16.17
C GLU D 503 27.30 10.15 17.33
N LEU D 504 26.22 9.42 17.00
CA LEU D 504 25.41 8.72 17.98
C LEU D 504 25.43 7.23 17.69
N LEU D 505 25.33 6.44 18.76
CA LEU D 505 25.35 4.98 18.68
C LEU D 505 26.61 4.47 18.01
N HIS D 506 27.74 5.14 18.28
CA HIS D 506 29.04 4.70 17.81
C HIS D 506 30.00 4.32 18.93
N ALA D 507 29.75 4.76 20.16
CA ALA D 507 30.58 4.41 21.30
C ALA D 507 29.78 4.54 22.58
N PRO D 508 29.87 3.58 23.49
CA PRO D 508 29.16 3.70 24.77
C PRO D 508 29.64 4.92 25.56
N ALA D 509 28.72 5.56 26.26
CA ALA D 509 29.01 6.79 26.97
C ALA D 509 28.37 6.77 28.36
N THR D 510 28.96 7.54 29.27
CA THR D 510 28.38 7.76 30.59
C THR D 510 28.34 9.22 31.00
N VAL D 511 29.15 10.09 30.40
CA VAL D 511 29.15 11.51 30.68
C VAL D 511 28.55 12.32 29.54
N CYS D 512 28.80 11.89 28.30
CA CYS D 512 28.33 12.56 27.09
C CYS D 512 28.61 14.06 27.12
N GLY D 513 27.68 14.85 26.61
CA GLY D 513 27.88 16.28 26.51
C GLY D 513 27.22 17.07 27.63
N PRO D 514 26.79 18.29 27.32
CA PRO D 514 26.25 19.17 28.37
C PRO D 514 24.87 18.71 28.82
N LYS D 515 24.60 18.92 30.11
CA LYS D 515 23.32 18.60 30.72
C LYS D 515 23.31 19.16 32.13
N LYS D 516 22.10 19.29 32.68
CA LYS D 516 21.91 19.71 34.06
C LYS D 516 21.23 18.59 34.84
N SER D 517 21.29 18.68 36.16
CA SER D 517 20.79 17.65 37.04
C SER D 517 19.63 18.16 37.89
N THR D 518 18.63 17.29 38.11
CA THR D 518 17.52 17.60 38.99
C THR D 518 17.33 16.48 40.01
N ASN D 519 16.22 16.51 40.74
CA ASN D 519 15.96 15.52 41.78
C ASN D 519 15.51 14.20 41.16
N LEU D 520 15.27 13.21 42.02
CA LEU D 520 14.82 11.89 41.62
C LEU D 520 13.60 11.50 42.45
N VAL D 521 12.60 10.94 41.78
CA VAL D 521 11.36 10.52 42.44
C VAL D 521 11.04 9.10 42.00
N LYS D 522 10.31 8.38 42.86
CA LYS D 522 9.98 6.98 42.63
C LYS D 522 8.51 6.74 42.88
N ASN D 523 8.02 5.60 42.38
CA ASN D 523 6.66 5.13 42.61
C ASN D 523 5.61 6.10 42.07
N LYS D 524 5.94 6.82 41.01
CA LYS D 524 5.00 7.72 40.35
C LYS D 524 5.25 7.68 38.85
N CYS D 525 4.18 7.67 38.06
CA CYS D 525 4.31 7.67 36.62
C CYS D 525 4.82 9.04 36.17
N VAL D 526 6.13 9.17 36.01
CA VAL D 526 6.77 10.46 35.74
C VAL D 526 7.52 10.37 34.42
N ASN D 527 8.04 11.53 33.99
CA ASN D 527 8.83 11.63 32.78
C ASN D 527 10.29 11.79 33.15
N PHE D 528 11.16 11.01 32.53
CA PHE D 528 12.58 10.98 32.87
C PHE D 528 13.42 11.03 31.59
N ASN D 529 14.66 11.49 31.76
CA ASN D 529 15.63 11.53 30.68
C ASN D 529 17.01 11.32 31.29
N PHE D 530 17.48 10.07 31.29
CA PHE D 530 18.77 9.74 31.89
C PHE D 530 19.90 9.90 30.87
N ASN D 531 20.06 11.15 30.42
CA ASN D 531 21.16 11.54 29.54
C ASN D 531 21.15 10.72 28.24
N GLY D 532 20.09 10.91 27.46
CA GLY D 532 19.92 10.24 26.19
C GLY D 532 18.94 9.08 26.23
N LEU D 533 18.61 8.58 27.41
CA LEU D 533 17.62 7.52 27.57
C LEU D 533 16.31 8.18 27.98
N THR D 534 15.37 8.28 27.04
CA THR D 534 14.12 8.99 27.24
C THR D 534 12.97 8.00 27.33
N GLY D 535 12.09 8.21 28.31
CA GLY D 535 10.94 7.34 28.47
C GLY D 535 10.06 7.85 29.60
N THR D 536 8.93 7.17 29.77
CA THR D 536 7.95 7.52 30.79
C THR D 536 7.51 6.26 31.50
N GLY D 537 7.49 6.29 32.83
CA GLY D 537 7.09 5.13 33.59
C GLY D 537 7.28 5.34 35.07
N VAL D 538 7.15 4.25 35.81
CA VAL D 538 7.28 4.24 37.26
C VAL D 538 8.63 3.62 37.61
N LEU D 539 9.46 4.38 38.32
CA LEU D 539 10.84 3.97 38.59
C LEU D 539 10.94 3.47 40.02
N THR D 540 10.57 2.20 40.22
CA THR D 540 10.71 1.58 41.52
C THR D 540 12.14 1.08 41.72
N GLU D 541 12.50 0.86 42.98
CA GLU D 541 13.84 0.36 43.29
C GLU D 541 13.98 -1.08 42.81
N SER D 542 15.11 -1.37 42.17
CA SER D 542 15.33 -2.66 41.53
C SER D 542 15.88 -3.69 42.52
N ASN D 543 15.70 -4.96 42.16
CA ASN D 543 16.24 -6.08 42.92
C ASN D 543 17.30 -6.86 42.14
N LYS D 544 17.46 -6.59 40.85
CA LYS D 544 18.43 -7.31 40.04
C LYS D 544 19.85 -7.00 40.46
N LYS D 545 20.76 -7.95 40.23
CA LYS D 545 22.17 -7.80 40.52
C LYS D 545 22.92 -7.56 39.22
N PHE D 546 23.57 -6.41 39.10
CA PHE D 546 24.26 -6.01 37.90
C PHE D 546 25.76 -6.32 38.02
N LEU D 547 26.54 -5.82 37.07
CA LEU D 547 27.99 -5.89 37.08
C LEU D 547 28.56 -4.48 36.96
N PRO D 548 29.76 -4.24 37.51
CA PRO D 548 30.23 -2.84 37.64
C PRO D 548 30.35 -2.10 36.32
N PHE D 549 30.56 -2.80 35.21
CA PHE D 549 30.67 -2.18 33.91
C PHE D 549 29.36 -2.13 33.14
N GLN D 550 28.27 -2.61 33.75
CA GLN D 550 27.06 -3.00 33.02
C GLN D 550 25.93 -2.05 33.39
N GLN D 551 25.64 -1.10 32.49
CA GLN D 551 24.75 0.01 32.82
C GLN D 551 23.28 -0.34 32.64
N PHE D 552 22.86 -0.63 31.40
CA PHE D 552 21.45 -0.71 31.07
C PHE D 552 20.86 -2.06 31.50
N GLY D 553 19.65 -2.34 31.03
CA GLY D 553 19.02 -3.62 31.25
C GLY D 553 17.88 -3.81 30.27
N ARG D 554 17.62 -5.06 29.91
CA ARG D 554 16.62 -5.37 28.89
C ARG D 554 15.93 -6.68 29.26
N ASP D 555 15.18 -7.22 28.31
CA ASP D 555 14.37 -8.41 28.54
C ASP D 555 14.28 -9.18 27.22
N ILE D 556 13.31 -10.10 27.14
CA ILE D 556 13.19 -10.96 25.96
C ILE D 556 12.90 -10.15 24.71
N ALA D 557 11.94 -9.23 24.80
CA ALA D 557 11.52 -8.44 23.64
C ALA D 557 12.45 -7.26 23.37
N ASP D 558 13.57 -7.16 24.08
CA ASP D 558 14.58 -6.13 23.87
C ASP D 558 13.99 -4.73 24.10
N THR D 559 13.41 -4.55 25.29
CA THR D 559 12.93 -3.25 25.73
C THR D 559 13.46 -2.97 27.12
N THR D 560 13.61 -1.69 27.44
CA THR D 560 14.24 -1.30 28.69
C THR D 560 13.43 -1.78 29.89
N ASP D 561 14.12 -2.37 30.87
CA ASP D 561 13.48 -2.90 32.06
C ASP D 561 14.19 -2.51 33.35
N ALA D 562 15.36 -1.89 33.28
CA ALA D 562 16.07 -1.40 34.45
C ALA D 562 17.05 -0.34 33.99
N VAL D 563 17.58 0.42 34.95
CA VAL D 563 18.52 1.48 34.65
C VAL D 563 19.35 1.77 35.89
N ARG D 564 20.56 2.26 35.69
CA ARG D 564 21.48 2.58 36.77
C ARG D 564 21.58 4.09 36.94
N ASP D 565 21.57 4.53 38.20
CA ASP D 565 21.67 5.94 38.50
C ASP D 565 23.03 6.47 38.06
N PRO D 566 23.10 7.50 37.21
CA PRO D 566 24.42 8.03 36.81
C PRO D 566 25.23 8.58 37.97
N GLN D 567 24.59 9.05 39.03
CA GLN D 567 25.30 9.67 40.14
C GLN D 567 25.51 8.72 41.32
N THR D 568 24.42 8.19 41.87
CA THR D 568 24.52 7.33 43.04
C THR D 568 24.85 5.88 42.70
N LEU D 569 24.79 5.52 41.42
CA LEU D 569 25.18 4.18 40.95
C LEU D 569 24.38 3.08 41.64
N GLU D 570 23.06 3.21 41.57
CA GLU D 570 22.15 2.19 42.08
C GLU D 570 21.12 1.86 41.02
N ILE D 571 20.54 0.67 41.13
CA ILE D 571 19.69 0.10 40.10
C ILE D 571 18.23 0.29 40.49
N LEU D 572 17.42 0.77 39.55
CA LEU D 572 16.00 0.99 39.78
C LEU D 572 15.22 0.64 38.51
N ASP D 573 14.02 0.10 38.70
CA ASP D 573 13.25 -0.49 37.62
C ASP D 573 12.54 0.56 36.78
N ILE D 574 11.88 0.10 35.73
CA ILE D 574 11.03 0.93 34.87
C ILE D 574 9.78 0.15 34.53
N THR D 575 8.61 0.78 34.66
CA THR D 575 7.34 0.11 34.42
C THR D 575 6.31 1.09 33.87
N PRO D 576 5.61 0.75 32.79
CA PRO D 576 4.54 1.62 32.28
C PRO D 576 3.41 1.72 33.30
N CYS D 577 2.72 2.86 33.27
CA CYS D 577 1.73 3.18 34.31
C CYS D 577 0.31 2.88 33.82
N SER D 578 0.00 1.59 33.80
CA SER D 578 -1.38 1.05 33.86
C SER D 578 -2.32 1.72 32.86
N PHE D 579 -2.06 1.46 31.58
CA PHE D 579 -3.05 1.79 30.57
C PHE D 579 -4.13 0.70 30.53
N GLY D 580 -5.20 0.99 29.79
CA GLY D 580 -6.30 0.05 29.70
C GLY D 580 -7.47 0.63 28.92
N GLY D 581 -8.57 -0.10 28.94
CA GLY D 581 -9.76 0.33 28.24
C GLY D 581 -10.97 0.32 29.17
N VAL D 582 -12.05 0.96 28.70
CA VAL D 582 -13.27 1.08 29.47
C VAL D 582 -14.42 0.45 28.70
N SER D 583 -15.43 0.02 29.45
CA SER D 583 -16.64 -0.54 28.87
C SER D 583 -17.84 -0.02 29.65
N VAL D 584 -18.94 0.23 28.95
CA VAL D 584 -20.15 0.79 29.54
C VAL D 584 -21.22 -0.29 29.53
N ILE D 585 -21.76 -0.59 30.70
CA ILE D 585 -22.81 -1.57 30.85
C ILE D 585 -24.13 -0.84 31.03
N THR D 586 -25.09 -1.13 30.16
CA THR D 586 -26.38 -0.47 30.25
C THR D 586 -27.50 -1.50 30.13
N PRO D 587 -28.57 -1.35 30.92
CA PRO D 587 -29.75 -2.18 30.72
C PRO D 587 -30.52 -1.82 29.45
N GLY D 588 -30.10 -0.77 28.76
CA GLY D 588 -30.80 -0.27 27.61
C GLY D 588 -31.28 1.12 27.94
N THR D 589 -31.48 1.97 26.93
CA THR D 589 -32.18 3.23 27.15
C THR D 589 -33.63 2.99 27.52
N ASN D 590 -34.11 1.78 27.27
CA ASN D 590 -35.54 1.57 27.04
C ASN D 590 -36.24 1.32 28.37
N THR D 591 -35.53 0.71 29.32
CA THR D 591 -36.03 0.55 30.67
C THR D 591 -35.57 1.68 31.59
N SER D 592 -34.29 2.00 31.57
CA SER D 592 -33.72 2.99 32.47
C SER D 592 -32.59 3.71 31.76
N ASN D 593 -31.86 4.54 32.51
CA ASN D 593 -30.76 5.33 31.99
C ASN D 593 -29.47 5.20 32.79
N GLN D 594 -29.44 4.39 33.83
CA GLN D 594 -28.21 4.22 34.60
C GLN D 594 -27.20 3.39 33.82
N VAL D 595 -25.92 3.59 34.15
CA VAL D 595 -24.82 2.85 33.54
C VAL D 595 -23.84 2.44 34.62
N ALA D 596 -22.98 1.48 34.28
CA ALA D 596 -21.91 1.02 35.16
C ALA D 596 -20.65 0.91 34.33
N VAL D 597 -19.62 1.68 34.68
CA VAL D 597 -18.40 1.75 33.89
C VAL D 597 -17.38 0.78 34.45
N LEU D 598 -16.80 -0.05 33.58
CA LEU D 598 -15.82 -1.04 33.95
C LEU D 598 -14.47 -0.68 33.34
N TYR D 599 -13.43 -0.61 34.17
CA TYR D 599 -12.08 -0.32 33.73
C TYR D 599 -11.29 -1.61 33.68
N GLN D 600 -10.69 -1.91 32.54
CA GLN D 600 -10.12 -3.22 32.27
C GLN D 600 -8.67 -3.30 32.72
N ASP D 601 -8.36 -4.31 33.52
CA ASP D 601 -6.99 -4.65 33.92
C ASP D 601 -6.27 -3.47 34.57
N VAL D 602 -6.97 -2.83 35.51
CA VAL D 602 -6.42 -1.70 36.26
C VAL D 602 -6.73 -1.92 37.73
N ASN D 603 -5.70 -1.91 38.57
CA ASN D 603 -5.94 -1.91 40.00
C ASN D 603 -6.69 -0.64 40.36
N CYS D 604 -7.75 -0.78 41.16
CA CYS D 604 -8.83 0.19 41.08
C CYS D 604 -8.54 1.47 41.86
N THR D 605 -7.46 1.50 42.64
CA THR D 605 -7.11 2.71 43.39
C THR D 605 -6.60 3.82 42.49
N GLU D 606 -6.34 3.54 41.21
CA GLU D 606 -5.84 4.53 40.28
C GLU D 606 -6.90 5.04 39.32
N VAL D 607 -8.17 4.72 39.56
CA VAL D 607 -9.21 5.08 38.60
C VAL D 607 -9.41 6.59 38.46
N PRO D 608 -9.49 7.39 39.54
CA PRO D 608 -9.96 8.76 39.36
C PRO D 608 -8.90 9.74 38.89
N VAL D 609 -7.68 9.28 38.63
CA VAL D 609 -6.60 10.20 38.24
C VAL D 609 -6.91 10.83 36.89
N ALA D 610 -7.37 10.03 35.93
CA ALA D 610 -7.69 10.55 34.60
C ALA D 610 -9.18 10.44 34.31
N THR D 617 -15.66 14.33 32.16
CA THR D 617 -15.18 15.21 33.24
C THR D 617 -16.30 15.97 33.96
N PRO D 618 -17.25 16.59 33.25
CA PRO D 618 -18.33 17.29 33.96
C PRO D 618 -19.22 16.35 34.76
N THR D 619 -19.76 15.32 34.12
CA THR D 619 -20.60 14.33 34.78
C THR D 619 -19.89 12.99 34.96
N TRP D 620 -18.70 12.84 34.38
CA TRP D 620 -17.95 11.59 34.54
C TRP D 620 -17.62 11.32 36.00
N ARG D 621 -17.46 12.36 36.80
CA ARG D 621 -17.13 12.17 38.22
C ARG D 621 -18.39 11.99 39.06
N VAL D 622 -19.28 11.12 38.59
CA VAL D 622 -20.37 10.58 39.39
C VAL D 622 -20.28 9.07 39.24
N TYR D 623 -19.74 8.63 38.11
CA TYR D 623 -19.41 7.23 37.87
C TYR D 623 -17.94 6.93 38.13
N SER D 624 -17.17 7.94 38.52
CA SER D 624 -15.81 7.77 38.99
C SER D 624 -15.78 7.92 40.51
N THR D 625 -14.81 7.26 41.14
CA THR D 625 -14.71 7.20 42.59
C THR D 625 -16.03 6.71 43.19
N GLY D 626 -16.88 7.64 43.61
CA GLY D 626 -18.19 7.26 44.10
C GLY D 626 -18.13 6.46 45.40
N SER D 627 -19.22 5.72 45.65
CA SER D 627 -19.34 4.90 46.84
C SER D 627 -19.46 3.41 46.55
N ASN D 628 -19.78 3.02 45.32
CA ASN D 628 -19.89 1.61 44.93
C ASN D 628 -18.67 1.26 44.09
N VAL D 629 -17.78 0.46 44.66
CA VAL D 629 -16.61 -0.04 43.94
C VAL D 629 -16.49 -1.53 44.21
N PHE D 630 -16.48 -2.33 43.14
CA PHE D 630 -16.36 -3.78 43.22
C PHE D 630 -15.13 -4.21 42.44
N GLN D 631 -14.35 -5.13 43.01
CA GLN D 631 -13.11 -5.58 42.40
C GLN D 631 -13.29 -6.97 41.81
N THR D 632 -12.90 -7.12 40.55
CA THR D 632 -12.99 -8.38 39.83
C THR D 632 -11.66 -8.64 39.15
N ARG D 633 -11.55 -9.80 38.48
CA ARG D 633 -10.35 -10.11 37.73
C ARG D 633 -10.18 -9.17 36.54
N ALA D 634 -11.29 -8.79 35.90
CA ALA D 634 -11.23 -7.91 34.75
C ALA D 634 -10.92 -6.45 35.11
N GLY D 635 -11.02 -6.08 36.38
CA GLY D 635 -10.85 -4.70 36.78
C GLY D 635 -11.86 -4.35 37.85
N CYS D 636 -12.20 -3.06 38.01
CA CYS D 636 -13.27 -2.67 38.90
C CYS D 636 -14.34 -1.93 38.12
N LEU D 637 -15.59 -2.25 38.40
CA LEU D 637 -16.73 -1.55 37.81
C LEU D 637 -17.37 -0.70 38.88
N ILE D 638 -17.64 0.56 38.54
CA ILE D 638 -18.24 1.52 39.45
C ILE D 638 -19.70 1.71 39.06
N GLY D 639 -20.59 1.56 40.02
CA GLY D 639 -22.00 1.66 39.79
C GLY D 639 -22.78 0.37 39.93
N ALA D 640 -22.19 -0.66 40.54
CA ALA D 640 -22.87 -1.93 40.71
C ALA D 640 -22.73 -2.38 42.16
N GLU D 641 -23.70 -3.17 42.62
CA GLU D 641 -23.76 -3.65 43.99
C GLU D 641 -23.51 -5.16 44.00
N HIS D 642 -22.49 -5.57 44.76
CA HIS D 642 -22.20 -6.99 44.88
C HIS D 642 -23.29 -7.67 45.71
N VAL D 643 -23.65 -8.89 45.30
CA VAL D 643 -24.73 -9.65 45.92
C VAL D 643 -24.23 -11.06 46.23
N ASN D 644 -24.70 -11.63 47.34
CA ASN D 644 -24.32 -12.99 47.70
C ASN D 644 -24.90 -14.01 46.74
N ASN D 645 -26.23 -14.02 46.58
CA ASN D 645 -26.88 -15.08 45.82
C ASN D 645 -26.57 -14.93 44.33
N SER D 646 -26.95 -15.97 43.58
CA SER D 646 -26.61 -16.06 42.16
C SER D 646 -27.85 -16.42 41.35
N TYR D 647 -27.87 -15.94 40.11
CA TYR D 647 -28.95 -16.23 39.17
C TYR D 647 -28.33 -16.55 37.81
N GLU D 648 -29.16 -16.60 36.79
CA GLU D 648 -28.67 -16.80 35.43
C GLU D 648 -27.83 -15.60 35.00
N CYS D 649 -27.20 -15.72 33.84
CA CYS D 649 -26.23 -14.73 33.37
C CYS D 649 -26.87 -13.81 32.34
N ASP D 650 -27.13 -12.57 32.75
CA ASP D 650 -27.36 -11.45 31.86
C ASP D 650 -26.00 -10.94 31.37
N ILE D 651 -25.94 -9.69 30.94
CA ILE D 651 -24.73 -9.07 30.39
C ILE D 651 -23.49 -9.58 31.10
N PRO D 652 -22.56 -10.22 30.40
CA PRO D 652 -21.40 -10.81 31.06
C PRO D 652 -20.20 -9.87 31.13
N ILE D 653 -19.43 -10.03 32.20
CA ILE D 653 -18.27 -9.19 32.47
C ILE D 653 -16.97 -9.95 32.22
N GLY D 654 -16.77 -11.06 32.90
CA GLY D 654 -15.57 -11.86 32.77
C GLY D 654 -15.27 -12.59 34.07
N ALA D 655 -14.59 -13.72 33.94
CA ALA D 655 -14.23 -14.55 35.08
C ALA D 655 -15.45 -14.95 35.91
N GLY D 656 -16.53 -15.30 35.22
CA GLY D 656 -17.76 -15.71 35.89
C GLY D 656 -18.47 -14.62 36.65
N ILE D 657 -18.58 -13.43 36.06
CA ILE D 657 -19.32 -12.32 36.67
C ILE D 657 -20.29 -11.77 35.63
N CYS D 658 -21.56 -11.66 36.01
CA CYS D 658 -22.59 -11.12 35.14
C CYS D 658 -23.31 -9.98 35.84
N ALA D 659 -23.65 -8.95 35.09
CA ALA D 659 -24.37 -7.80 35.61
C ALA D 659 -25.83 -7.84 35.16
N SER D 660 -26.72 -7.42 36.05
CA SER D 660 -28.14 -7.41 35.75
C SER D 660 -28.79 -6.18 36.37
N TYR D 661 -29.94 -5.80 35.83
CA TYR D 661 -30.71 -4.68 36.33
C TYR D 661 -31.87 -5.19 37.18
N GLN D 662 -31.94 -4.73 38.42
CA GLN D 662 -33.01 -5.15 39.32
C GLN D 662 -33.13 -4.17 40.49
N GLN D 677 -34.44 -1.23 40.07
CA GLN D 677 -34.02 -0.32 41.13
C GLN D 677 -32.56 0.09 40.98
N SER D 678 -31.69 -0.91 40.79
CA SER D 678 -30.26 -0.66 40.68
C SER D 678 -29.64 -1.74 39.81
N ILE D 679 -28.33 -1.68 39.65
CA ILE D 679 -27.56 -2.63 38.86
C ILE D 679 -26.73 -3.48 39.81
N ILE D 680 -26.87 -4.80 39.67
CA ILE D 680 -26.19 -5.74 40.56
C ILE D 680 -25.19 -6.57 39.75
N ALA D 681 -24.10 -6.94 40.41
CA ALA D 681 -23.09 -7.82 39.82
C ALA D 681 -22.90 -9.01 40.75
N TYR D 682 -23.06 -10.21 40.21
CA TYR D 682 -23.03 -11.43 41.02
C TYR D 682 -22.19 -12.47 40.29
N THR D 683 -22.24 -13.70 40.78
CA THR D 683 -21.56 -14.83 40.16
C THR D 683 -22.56 -15.69 39.41
N MET D 684 -22.06 -16.45 38.44
CA MET D 684 -22.91 -17.22 37.56
C MET D 684 -23.57 -18.38 38.32
N SER D 685 -24.70 -18.84 37.77
CA SER D 685 -25.38 -20.03 38.27
C SER D 685 -25.56 -20.98 37.09
N LEU D 686 -24.88 -22.12 37.14
CA LEU D 686 -24.90 -23.04 36.01
C LEU D 686 -26.25 -23.73 35.86
N GLY D 687 -27.05 -23.79 36.89
CA GLY D 687 -28.36 -24.40 36.80
C GLY D 687 -28.81 -24.94 38.14
N ALA D 688 -30.03 -25.45 38.14
CA ALA D 688 -30.61 -25.98 39.37
C ALA D 688 -29.97 -27.32 39.72
N GLU D 689 -29.58 -27.47 40.99
CA GLU D 689 -29.00 -28.71 41.45
C GLU D 689 -30.03 -29.83 41.39
N ASN D 690 -29.58 -31.02 40.99
CA ASN D 690 -30.46 -32.17 40.89
C ASN D 690 -29.66 -33.42 41.27
N SER D 691 -30.35 -34.38 41.87
CA SER D 691 -29.75 -35.65 42.26
C SER D 691 -30.71 -36.78 41.90
N VAL D 692 -30.26 -37.67 41.02
CA VAL D 692 -31.10 -38.78 40.58
C VAL D 692 -31.04 -39.88 41.63
N ALA D 693 -32.22 -40.34 42.06
CA ALA D 693 -32.30 -41.40 43.07
C ALA D 693 -31.87 -42.73 42.49
N TYR D 694 -30.60 -43.07 42.64
CA TYR D 694 -30.03 -44.25 42.01
C TYR D 694 -29.96 -45.40 43.00
N SER D 695 -30.35 -46.59 42.54
CA SER D 695 -30.21 -47.81 43.31
C SER D 695 -30.15 -48.98 42.34
N ASN D 696 -29.59 -50.10 42.81
CA ASN D 696 -29.33 -51.20 41.90
C ASN D 696 -30.58 -51.93 41.45
N ASN D 697 -31.71 -51.72 42.10
CA ASN D 697 -32.96 -52.39 41.74
C ASN D 697 -34.10 -51.38 41.64
N SER D 698 -33.86 -50.28 40.95
CA SER D 698 -34.89 -49.27 40.78
C SER D 698 -34.81 -48.70 39.37
N ILE D 699 -35.97 -48.54 38.74
CA ILE D 699 -36.07 -48.05 37.36
C ILE D 699 -37.13 -46.98 37.28
N ALA D 700 -37.07 -46.20 36.20
CA ALA D 700 -38.08 -45.21 35.87
C ALA D 700 -38.56 -45.43 34.45
N ILE D 701 -39.86 -45.36 34.24
CA ILE D 701 -40.45 -45.55 32.91
C ILE D 701 -41.56 -44.54 32.68
N PRO D 702 -41.49 -43.72 31.64
CA PRO D 702 -42.53 -42.72 31.41
C PRO D 702 -43.84 -43.36 31.01
N THR D 703 -44.94 -42.71 31.40
CA THR D 703 -46.27 -43.19 31.10
C THR D 703 -47.04 -42.27 30.15
N ASN D 704 -46.43 -41.18 29.70
CA ASN D 704 -47.11 -40.22 28.84
C ASN D 704 -46.06 -39.46 28.05
N PHE D 705 -46.48 -38.89 26.92
CA PHE D 705 -45.57 -38.24 26.00
C PHE D 705 -46.13 -36.89 25.58
N THR D 706 -45.25 -36.04 25.06
CA THR D 706 -45.63 -34.77 24.46
C THR D 706 -44.96 -34.63 23.11
N ILE D 707 -45.72 -34.20 22.11
CA ILE D 707 -45.20 -33.91 20.78
C ILE D 707 -44.87 -32.42 20.72
N SER D 708 -43.64 -32.10 20.35
CA SER D 708 -43.18 -30.73 20.33
C SER D 708 -42.43 -30.45 19.04
N VAL D 709 -42.46 -29.19 18.61
CA VAL D 709 -41.74 -28.74 17.43
C VAL D 709 -40.83 -27.58 17.82
N THR D 710 -39.79 -27.40 17.02
CA THR D 710 -38.75 -26.42 17.33
C THR D 710 -38.20 -25.86 16.03
N THR D 711 -37.95 -24.55 16.02
CA THR D 711 -37.44 -23.89 14.83
C THR D 711 -35.92 -23.95 14.78
N GLU D 712 -35.37 -23.65 13.60
CA GLU D 712 -33.93 -23.65 13.40
C GLU D 712 -33.63 -22.83 12.14
N ILE D 713 -32.68 -21.91 12.24
CA ILE D 713 -32.43 -20.92 11.19
C ILE D 713 -30.99 -21.07 10.73
N LEU D 714 -30.79 -21.13 9.40
CA LEU D 714 -29.48 -21.29 8.81
C LEU D 714 -29.35 -20.47 7.53
N PRO D 715 -28.45 -19.49 7.48
CA PRO D 715 -28.22 -18.77 6.22
C PRO D 715 -27.60 -19.69 5.19
N VAL D 716 -27.92 -19.44 3.92
CA VAL D 716 -27.44 -20.30 2.84
C VAL D 716 -26.80 -19.49 1.72
N SER D 717 -26.96 -18.17 1.75
CA SER D 717 -26.50 -17.38 0.62
C SER D 717 -26.17 -15.95 1.05
N MET D 718 -25.26 -15.33 0.32
CA MET D 718 -24.91 -13.94 0.45
C MET D 718 -25.57 -13.15 -0.68
N THR D 719 -25.23 -11.88 -0.79
CA THR D 719 -25.72 -11.03 -1.88
C THR D 719 -24.61 -10.85 -2.90
N LYS D 720 -24.87 -11.23 -4.14
CA LYS D 720 -23.86 -11.11 -5.20
C LYS D 720 -23.56 -9.65 -5.47
N THR D 721 -22.28 -9.35 -5.68
CA THR D 721 -21.84 -7.99 -5.92
C THR D 721 -20.55 -8.00 -6.70
N SER D 722 -20.20 -6.84 -7.25
CA SER D 722 -18.97 -6.69 -8.01
C SER D 722 -18.56 -5.23 -7.97
N VAL D 723 -17.25 -4.99 -8.06
CA VAL D 723 -16.69 -3.64 -8.05
C VAL D 723 -15.66 -3.55 -9.17
N ASP D 724 -15.79 -2.50 -9.98
CA ASP D 724 -14.82 -2.26 -11.05
C ASP D 724 -13.60 -1.57 -10.47
N CYS D 725 -12.43 -2.20 -10.64
CA CYS D 725 -11.21 -1.69 -10.01
C CYS D 725 -10.82 -0.33 -10.59
N THR D 726 -10.73 -0.23 -11.92
CA THR D 726 -10.25 1.00 -12.54
C THR D 726 -11.19 2.17 -12.27
N MET D 727 -12.50 1.93 -12.36
CA MET D 727 -13.45 3.01 -12.13
C MET D 727 -13.44 3.48 -10.68
N TYR D 728 -13.33 2.53 -9.73
CA TYR D 728 -13.28 2.91 -8.33
C TYR D 728 -12.01 3.70 -8.02
N ILE D 729 -10.86 3.22 -8.48
CA ILE D 729 -9.60 3.87 -8.14
C ILE D 729 -9.47 5.21 -8.84
N CYS D 730 -9.80 5.28 -10.13
CA CYS D 730 -9.56 6.47 -10.93
C CYS D 730 -10.81 7.34 -11.07
N GLY D 731 -11.90 6.77 -11.58
CA GLY D 731 -13.13 7.53 -11.72
C GLY D 731 -13.09 8.60 -12.79
N ASP D 732 -13.03 8.18 -14.05
CA ASP D 732 -13.10 9.09 -15.21
C ASP D 732 -11.92 10.06 -15.21
N SER D 733 -10.73 9.50 -15.31
CA SER D 733 -9.50 10.30 -15.43
C SER D 733 -8.48 9.49 -16.21
N THR D 734 -8.05 10.01 -17.36
CA THR D 734 -7.11 9.26 -18.18
C THR D 734 -5.72 9.22 -17.57
N GLU D 735 -5.29 10.29 -16.90
CA GLU D 735 -3.98 10.30 -16.28
C GLU D 735 -3.87 9.24 -15.19
N CYS D 736 -4.91 9.12 -14.36
CA CYS D 736 -4.91 8.10 -13.32
C CYS D 736 -4.86 6.70 -13.93
N SER D 737 -5.62 6.48 -15.01
CA SER D 737 -5.62 5.17 -15.64
C SER D 737 -4.24 4.83 -16.21
N ASN D 738 -3.61 5.80 -16.88
CA ASN D 738 -2.28 5.56 -17.43
C ASN D 738 -1.27 5.28 -16.33
N LEU D 739 -1.36 6.01 -15.22
CA LEU D 739 -0.44 5.76 -14.11
C LEU D 739 -0.69 4.41 -13.47
N LEU D 740 -1.96 4.02 -13.31
CA LEU D 740 -2.29 2.75 -12.69
C LEU D 740 -1.91 1.58 -13.58
N LEU D 741 -1.85 1.79 -14.90
CA LEU D 741 -1.46 0.73 -15.81
C LEU D 741 -0.10 0.15 -15.48
N GLN D 742 0.77 0.92 -14.83
CA GLN D 742 2.11 0.44 -14.50
C GLN D 742 2.10 -0.56 -13.35
N TYR D 743 1.09 -0.51 -12.49
CA TYR D 743 1.12 -1.30 -11.27
C TYR D 743 0.99 -2.80 -11.53
N GLY D 744 0.50 -3.20 -12.70
CA GLY D 744 0.44 -4.61 -13.01
C GLY D 744 -0.96 -5.11 -13.30
N SER D 745 -1.36 -6.20 -12.64
CA SER D 745 -2.64 -6.85 -12.88
C SER D 745 -3.32 -7.19 -11.56
N PHE D 746 -3.36 -6.22 -10.64
CA PHE D 746 -4.09 -6.42 -9.40
C PHE D 746 -5.60 -6.43 -9.65
N CYS D 747 -6.07 -5.53 -10.53
CA CYS D 747 -7.51 -5.42 -10.77
C CYS D 747 -8.07 -6.69 -11.36
N THR D 748 -7.32 -7.35 -12.23
CA THR D 748 -7.79 -8.60 -12.81
C THR D 748 -7.99 -9.67 -11.74
N GLN D 749 -7.04 -9.78 -10.81
CA GLN D 749 -7.18 -10.74 -9.72
C GLN D 749 -8.39 -10.40 -8.84
N LEU D 750 -8.58 -9.10 -8.54
CA LEU D 750 -9.71 -8.72 -7.71
C LEU D 750 -11.03 -9.06 -8.39
N ASN D 751 -11.14 -8.77 -9.69
CA ASN D 751 -12.36 -9.07 -10.41
C ASN D 751 -12.61 -10.56 -10.49
N ARG D 752 -11.55 -11.35 -10.70
CA ARG D 752 -11.72 -12.80 -10.74
C ARG D 752 -12.21 -13.34 -9.41
N ALA D 753 -11.62 -12.86 -8.31
CA ALA D 753 -12.05 -13.31 -6.98
C ALA D 753 -13.50 -12.95 -6.72
N LEU D 754 -13.90 -11.72 -7.07
CA LEU D 754 -15.28 -11.31 -6.86
C LEU D 754 -16.25 -12.14 -7.70
N THR D 755 -15.88 -12.43 -8.95
CA THR D 755 -16.73 -13.26 -9.79
C THR D 755 -16.88 -14.67 -9.22
N GLY D 756 -15.79 -15.23 -8.71
CA GLY D 756 -15.87 -16.56 -8.11
C GLY D 756 -16.78 -16.58 -6.91
N ILE D 757 -16.61 -15.61 -5.99
CA ILE D 757 -17.47 -15.57 -4.82
C ILE D 757 -18.89 -15.15 -5.16
N ALA D 758 -19.12 -14.61 -6.35
CA ALA D 758 -20.48 -14.33 -6.79
C ALA D 758 -21.16 -15.61 -7.27
N VAL D 759 -20.51 -16.36 -8.16
CA VAL D 759 -21.13 -17.59 -8.67
C VAL D 759 -21.25 -18.65 -7.57
N GLU D 760 -20.41 -18.57 -6.54
CA GLU D 760 -20.52 -19.53 -5.44
C GLU D 760 -21.89 -19.46 -4.77
N GLN D 761 -22.51 -18.27 -4.71
CA GLN D 761 -23.81 -18.15 -4.06
C GLN D 761 -24.89 -18.89 -4.84
N ASP D 762 -24.88 -18.77 -6.17
CA ASP D 762 -25.82 -19.52 -6.99
C ASP D 762 -25.60 -21.01 -6.82
N LYS D 763 -24.34 -21.45 -6.77
CA LYS D 763 -24.07 -22.86 -6.53
C LYS D 763 -24.62 -23.30 -5.19
N ASN D 764 -24.47 -22.47 -4.16
CA ASN D 764 -24.97 -22.80 -2.83
C ASN D 764 -26.48 -23.00 -2.84
N THR D 765 -27.21 -22.04 -3.41
CA THR D 765 -28.66 -22.13 -3.42
C THR D 765 -29.13 -23.33 -4.24
N GLN D 766 -28.49 -23.57 -5.38
CA GLN D 766 -28.84 -24.74 -6.20
C GLN D 766 -28.62 -26.03 -5.43
N GLU D 767 -27.52 -26.12 -4.69
CA GLU D 767 -27.23 -27.33 -3.93
C GLU D 767 -28.23 -27.53 -2.80
N VAL D 768 -28.60 -26.47 -2.10
CA VAL D 768 -29.51 -26.61 -0.95
C VAL D 768 -30.91 -26.98 -1.41
N PHE D 769 -31.44 -26.27 -2.42
CA PHE D 769 -32.86 -26.39 -2.71
C PHE D 769 -33.19 -27.35 -3.84
N ALA D 770 -32.41 -27.37 -4.91
CA ALA D 770 -32.70 -28.21 -6.07
C ALA D 770 -32.29 -29.65 -5.75
N GLN D 771 -33.18 -30.35 -5.05
CA GLN D 771 -32.95 -31.73 -4.68
C GLN D 771 -34.09 -32.67 -5.05
N VAL D 772 -35.17 -32.14 -5.61
CA VAL D 772 -36.33 -32.94 -5.99
C VAL D 772 -36.34 -33.11 -7.50
N LYS D 773 -36.58 -34.34 -7.95
CA LYS D 773 -36.52 -34.64 -9.38
C LYS D 773 -37.60 -33.90 -10.15
N GLN D 774 -38.83 -33.88 -9.62
CA GLN D 774 -39.95 -33.29 -10.32
C GLN D 774 -40.91 -32.69 -9.31
N ILE D 775 -41.69 -31.71 -9.77
CA ILE D 775 -42.57 -30.96 -8.89
C ILE D 775 -43.79 -31.80 -8.55
N TYR D 776 -44.08 -31.95 -7.26
CA TYR D 776 -45.25 -32.65 -6.77
C TYR D 776 -46.34 -31.65 -6.40
N LYS D 777 -47.57 -32.16 -6.27
CA LYS D 777 -48.71 -31.34 -5.91
C LYS D 777 -49.56 -32.05 -4.88
N THR D 778 -50.11 -31.27 -3.93
CA THR D 778 -50.99 -31.82 -2.93
C THR D 778 -52.37 -32.11 -3.53
N PRO D 779 -53.07 -33.11 -3.02
CA PRO D 779 -54.42 -33.39 -3.52
C PRO D 779 -55.37 -32.28 -3.14
N PRO D 780 -56.43 -32.06 -3.92
CA PRO D 780 -57.40 -31.01 -3.55
C PRO D 780 -58.10 -31.28 -2.24
N ILE D 781 -58.73 -32.45 -2.10
CA ILE D 781 -59.38 -32.81 -0.85
C ILE D 781 -58.33 -33.25 0.15
N LYS D 782 -58.40 -32.70 1.37
CA LYS D 782 -57.36 -32.88 2.38
C LYS D 782 -57.98 -33.54 3.61
N ASP D 783 -57.76 -34.85 3.76
CA ASP D 783 -58.20 -35.62 4.92
C ASP D 783 -56.99 -36.40 5.42
N PHE D 784 -56.21 -35.78 6.30
CA PHE D 784 -54.99 -36.38 6.82
C PHE D 784 -55.18 -37.01 8.20
N GLY D 785 -56.40 -37.42 8.52
CA GLY D 785 -56.64 -38.13 9.75
C GLY D 785 -56.74 -37.27 10.99
N GLY D 786 -56.69 -35.95 10.85
CA GLY D 786 -56.76 -35.06 11.99
C GLY D 786 -55.65 -34.04 11.98
N PHE D 787 -54.59 -34.34 11.23
CA PHE D 787 -53.47 -33.42 11.11
C PHE D 787 -53.85 -32.26 10.19
N ASN D 788 -53.24 -31.10 10.45
CA ASN D 788 -53.57 -29.86 9.76
C ASN D 788 -52.27 -29.19 9.34
N PHE D 789 -52.04 -29.10 8.03
CA PHE D 789 -50.85 -28.47 7.48
C PHE D 789 -51.14 -27.10 6.86
N SER D 790 -52.24 -26.46 7.25
CA SER D 790 -52.65 -25.24 6.58
C SER D 790 -51.65 -24.12 6.80
N GLN D 791 -50.87 -24.18 7.87
CA GLN D 791 -49.91 -23.13 8.18
C GLN D 791 -48.62 -23.22 7.37
N ILE D 792 -48.37 -24.36 6.71
CA ILE D 792 -47.11 -24.53 5.99
C ILE D 792 -47.39 -24.72 4.50
N LEU D 793 -48.57 -25.22 4.16
CA LEU D 793 -48.92 -25.41 2.77
C LEU D 793 -49.16 -24.07 2.08
N PRO D 794 -48.95 -23.99 0.77
CA PRO D 794 -49.10 -22.70 0.08
C PRO D 794 -50.53 -22.20 0.14
N ASP D 795 -50.67 -20.87 0.18
CA ASP D 795 -51.98 -20.23 0.22
C ASP D 795 -52.27 -19.65 -1.16
N PRO D 796 -53.29 -20.13 -1.86
CA PRO D 796 -53.54 -19.65 -3.23
C PRO D 796 -54.22 -18.30 -3.27
N SER D 797 -55.01 -17.98 -2.24
CA SER D 797 -55.77 -16.73 -2.23
C SER D 797 -54.84 -15.52 -2.23
N LYS D 798 -53.80 -15.54 -1.42
CA LYS D 798 -52.88 -14.43 -1.34
C LYS D 798 -52.02 -14.34 -2.60
N PRO D 799 -51.47 -13.16 -2.89
CA PRO D 799 -50.48 -13.07 -3.96
C PRO D 799 -49.27 -13.94 -3.65
N SER D 800 -48.66 -14.46 -4.71
CA SER D 800 -47.58 -15.45 -4.63
C SER D 800 -48.07 -16.71 -3.94
N LYS D 801 -47.19 -17.70 -3.79
CA LYS D 801 -47.56 -18.99 -3.23
C LYS D 801 -46.99 -19.21 -1.83
N ARG D 802 -46.58 -18.14 -1.16
CA ARG D 802 -45.93 -18.28 0.13
C ARG D 802 -46.95 -18.63 1.21
N SER D 803 -46.57 -19.54 2.09
CA SER D 803 -47.40 -19.93 3.22
C SER D 803 -47.41 -18.83 4.27
N PRO D 804 -48.36 -18.88 5.21
CA PRO D 804 -48.41 -17.82 6.24
C PRO D 804 -47.11 -17.66 7.02
N ILE D 805 -46.45 -18.76 7.39
CA ILE D 805 -45.19 -18.64 8.12
C ILE D 805 -44.11 -18.04 7.23
N GLU D 806 -44.11 -18.39 5.94
CA GLU D 806 -43.19 -17.76 5.00
C GLU D 806 -43.47 -16.27 4.89
N ASP D 807 -44.75 -15.88 4.92
CA ASP D 807 -45.08 -14.46 4.90
C ASP D 807 -44.54 -13.74 6.13
N LEU D 808 -44.70 -14.35 7.32
CA LEU D 808 -44.15 -13.74 8.52
C LEU D 808 -42.63 -13.60 8.42
N LEU D 809 -41.96 -14.64 7.93
CA LEU D 809 -40.50 -14.60 7.82
C LEU D 809 -40.06 -13.52 6.85
N PHE D 810 -40.77 -13.38 5.72
CA PHE D 810 -40.38 -12.37 4.75
C PHE D 810 -40.68 -10.96 5.23
N ASN D 811 -41.73 -10.79 6.04
CA ASN D 811 -42.06 -9.46 6.54
C ASN D 811 -41.14 -9.04 7.69
N LYS D 812 -40.71 -9.99 8.53
CA LYS D 812 -39.88 -9.62 9.68
C LYS D 812 -38.52 -9.08 9.24
N VAL D 813 -37.92 -9.66 8.21
CA VAL D 813 -36.59 -9.27 7.76
C VAL D 813 -36.73 -8.04 6.86
N THR D 814 -36.39 -6.86 7.39
CA THR D 814 -36.42 -5.62 6.63
C THR D 814 -35.18 -4.81 6.95
N LEU D 815 -34.79 -3.97 6.00
CA LEU D 815 -33.64 -3.09 6.18
C LEU D 815 -34.08 -1.63 6.17
N ALA D 839 -29.00 -1.81 -1.48
CA ALA D 839 -28.27 -0.55 -1.47
C ALA D 839 -28.65 0.31 -2.68
N GLN D 840 -27.68 1.08 -3.17
CA GLN D 840 -27.92 1.97 -4.31
C GLN D 840 -26.83 1.81 -5.35
N LYS D 841 -26.83 2.70 -6.35
CA LYS D 841 -25.82 2.69 -7.41
C LYS D 841 -24.75 3.73 -7.10
N PHE D 842 -23.49 3.31 -7.16
CA PHE D 842 -22.37 4.17 -6.82
C PHE D 842 -21.36 4.20 -7.95
N ASN D 843 -20.17 4.73 -7.66
CA ASN D 843 -19.06 4.74 -8.62
C ASN D 843 -18.40 3.37 -8.67
N GLY D 844 -18.78 2.57 -9.67
CA GLY D 844 -18.17 1.27 -9.88
C GLY D 844 -18.79 0.13 -9.08
N LEU D 845 -19.83 0.39 -8.30
CA LEU D 845 -20.47 -0.63 -7.48
C LEU D 845 -21.69 -1.16 -8.21
N THR D 846 -21.81 -2.48 -8.31
CA THR D 846 -22.94 -3.12 -8.96
C THR D 846 -23.42 -4.29 -8.11
N VAL D 847 -24.70 -4.64 -8.29
CA VAL D 847 -25.30 -5.78 -7.61
C VAL D 847 -25.95 -6.66 -8.67
N LEU D 848 -25.56 -7.92 -8.71
CA LEU D 848 -26.06 -8.86 -9.70
C LEU D 848 -27.30 -9.58 -9.16
N PRO D 849 -28.35 -9.71 -9.96
CA PRO D 849 -29.56 -10.37 -9.46
C PRO D 849 -29.33 -11.85 -9.24
N PRO D 850 -30.03 -12.47 -8.31
CA PRO D 850 -29.90 -13.92 -8.12
C PRO D 850 -30.44 -14.68 -9.31
N LEU D 851 -29.88 -15.86 -9.54
CA LEU D 851 -30.33 -16.69 -10.64
C LEU D 851 -31.74 -17.22 -10.38
N LEU D 852 -32.04 -17.60 -9.15
CA LEU D 852 -33.31 -18.18 -8.78
C LEU D 852 -34.16 -17.12 -8.09
N THR D 853 -35.31 -16.78 -8.67
CA THR D 853 -36.22 -15.86 -8.02
C THR D 853 -36.88 -16.54 -6.82
N ASP D 854 -37.43 -15.71 -5.92
CA ASP D 854 -38.03 -16.25 -4.70
C ASP D 854 -39.23 -17.14 -5.00
N GLU D 855 -39.92 -16.89 -6.10
CA GLU D 855 -41.06 -17.73 -6.46
C GLU D 855 -40.62 -19.16 -6.77
N MET D 856 -39.50 -19.33 -7.48
CA MET D 856 -39.02 -20.68 -7.77
C MET D 856 -38.52 -21.38 -6.52
N ILE D 857 -37.89 -20.65 -5.60
CA ILE D 857 -37.49 -21.25 -4.33
C ILE D 857 -38.72 -21.71 -3.56
N ALA D 858 -39.78 -20.89 -3.56
CA ALA D 858 -41.02 -21.30 -2.92
C ALA D 858 -41.60 -22.53 -3.60
N GLN D 859 -41.45 -22.64 -4.92
CA GLN D 859 -41.95 -23.80 -5.64
C GLN D 859 -41.19 -25.07 -5.26
N TYR D 860 -39.86 -24.99 -5.16
CA TYR D 860 -39.09 -26.10 -4.63
C TYR D 860 -39.55 -26.50 -3.23
N THR D 861 -39.72 -25.52 -2.34
CA THR D 861 -40.12 -25.86 -0.98
C THR D 861 -41.49 -26.52 -0.96
N SER D 862 -42.41 -26.02 -1.79
CA SER D 862 -43.74 -26.61 -1.87
C SER D 862 -43.70 -28.03 -2.41
N ALA D 863 -42.86 -28.27 -3.43
CA ALA D 863 -42.73 -29.63 -3.96
C ALA D 863 -42.18 -30.58 -2.91
N LEU D 864 -41.13 -30.15 -2.18
CA LEU D 864 -40.58 -30.99 -1.12
C LEU D 864 -41.62 -31.28 -0.05
N LEU D 865 -42.38 -30.26 0.33
CA LEU D 865 -43.38 -30.44 1.38
C LEU D 865 -44.48 -31.39 0.93
N ALA D 866 -44.98 -31.22 -0.29
CA ALA D 866 -46.03 -32.12 -0.79
C ALA D 866 -45.53 -33.54 -0.89
N GLY D 867 -44.30 -33.73 -1.36
CA GLY D 867 -43.73 -35.07 -1.43
C GLY D 867 -43.61 -35.72 -0.07
N THR D 868 -43.17 -34.95 0.94
CA THR D 868 -42.98 -35.57 2.26
C THR D 868 -44.30 -35.81 2.98
N ILE D 869 -45.33 -34.99 2.73
CA ILE D 869 -46.64 -35.31 3.31
C ILE D 869 -47.25 -36.53 2.65
N THR D 870 -47.18 -36.60 1.32
CA THR D 870 -47.91 -37.66 0.65
C THR D 870 -47.16 -38.99 0.67
N SER D 871 -45.94 -39.01 0.14
CA SER D 871 -45.24 -40.25 -0.16
C SER D 871 -44.28 -40.70 0.93
N GLY D 872 -44.14 -39.95 2.02
CA GLY D 872 -43.20 -40.32 3.05
C GLY D 872 -41.77 -40.03 2.66
N TRP D 873 -40.83 -40.87 3.09
CA TRP D 873 -39.43 -40.70 2.71
C TRP D 873 -39.09 -41.42 1.41
N THR D 874 -40.07 -42.06 0.78
CA THR D 874 -39.78 -42.85 -0.42
C THR D 874 -39.33 -41.99 -1.58
N PHE D 875 -39.84 -40.76 -1.68
CA PHE D 875 -39.50 -39.94 -2.84
C PHE D 875 -38.05 -39.49 -2.86
N GLY D 876 -37.26 -39.84 -1.85
CA GLY D 876 -35.85 -39.52 -1.87
C GLY D 876 -34.99 -40.68 -2.32
N ALA D 877 -35.59 -41.87 -2.45
CA ALA D 877 -34.87 -43.07 -2.87
C ALA D 877 -35.11 -43.38 -4.34
N GLY D 878 -36.37 -43.57 -4.73
CA GLY D 878 -36.71 -43.85 -6.11
C GLY D 878 -38.00 -43.17 -6.52
N PRO D 879 -38.89 -43.93 -7.14
CA PRO D 879 -40.22 -43.39 -7.45
C PRO D 879 -41.03 -43.17 -6.17
N ALA D 880 -41.84 -42.12 -6.18
CA ALA D 880 -42.70 -41.82 -5.05
C ALA D 880 -43.80 -42.86 -4.92
N LEU D 881 -44.07 -43.28 -3.69
CA LEU D 881 -45.04 -44.32 -3.40
C LEU D 881 -46.09 -43.82 -2.43
N GLN D 882 -47.34 -44.14 -2.71
CA GLN D 882 -48.46 -43.66 -1.89
C GLN D 882 -48.45 -44.35 -0.53
N ILE D 883 -48.91 -43.61 0.49
CA ILE D 883 -49.13 -44.17 1.82
C ILE D 883 -49.96 -43.18 2.63
N PRO D 884 -50.99 -43.63 3.34
CA PRO D 884 -51.77 -42.70 4.16
C PRO D 884 -50.91 -42.10 5.26
N PHE D 885 -51.22 -40.85 5.62
CA PHE D 885 -50.39 -40.16 6.61
C PHE D 885 -50.37 -40.83 7.98
N PRO D 886 -51.49 -41.26 8.57
CA PRO D 886 -51.39 -41.94 9.87
C PRO D 886 -50.50 -43.17 9.84
N MET D 887 -50.44 -43.88 8.73
CA MET D 887 -49.51 -45.01 8.62
C MET D 887 -48.06 -44.55 8.52
N GLN D 888 -47.80 -43.40 7.90
CA GLN D 888 -46.44 -42.86 7.92
C GLN D 888 -46.00 -42.54 9.35
N MET D 889 -46.89 -41.94 10.14
CA MET D 889 -46.54 -41.67 11.54
C MET D 889 -46.44 -42.96 12.34
N ALA D 890 -47.21 -43.99 11.99
CA ALA D 890 -47.01 -45.29 12.63
C ALA D 890 -45.61 -45.82 12.34
N TYR D 891 -45.17 -45.71 11.10
CA TYR D 891 -43.79 -46.07 10.75
C TYR D 891 -42.79 -45.29 11.59
N ARG D 892 -43.02 -43.98 11.73
CA ARG D 892 -42.04 -43.15 12.40
C ARG D 892 -41.99 -43.38 13.90
N PHE D 893 -43.12 -43.70 14.53
CA PHE D 893 -43.06 -44.17 15.91
C PHE D 893 -42.36 -45.52 16.01
N ASN D 894 -42.60 -46.42 15.05
CA ASN D 894 -41.91 -47.70 15.06
C ASN D 894 -40.41 -47.54 14.89
N GLY D 895 -39.98 -46.45 14.27
CA GLY D 895 -38.57 -46.19 14.04
C GLY D 895 -37.78 -45.66 15.21
N ILE D 896 -38.41 -45.39 16.36
CA ILE D 896 -37.70 -44.96 17.55
C ILE D 896 -37.89 -45.94 18.70
N GLY D 897 -38.34 -47.16 18.42
CA GLY D 897 -38.48 -48.16 19.45
C GLY D 897 -39.80 -48.18 20.17
N VAL D 898 -40.85 -47.60 19.58
CA VAL D 898 -42.17 -47.58 20.18
C VAL D 898 -43.14 -48.29 19.23
N THR D 899 -43.89 -49.23 19.77
CA THR D 899 -44.77 -50.06 18.95
C THR D 899 -45.91 -49.23 18.36
N GLN D 900 -46.58 -49.80 17.36
CA GLN D 900 -47.67 -49.10 16.67
C GLN D 900 -48.90 -48.89 17.53
N ASN D 901 -48.99 -49.54 18.69
CA ASN D 901 -50.21 -49.44 19.49
C ASN D 901 -50.47 -48.02 19.93
N VAL D 902 -49.42 -47.27 20.27
CA VAL D 902 -49.62 -46.00 20.94
C VAL D 902 -50.30 -44.99 20.02
N LEU D 903 -50.00 -45.03 18.72
CA LEU D 903 -50.55 -44.01 17.84
C LEU D 903 -52.00 -44.31 17.47
N TYR D 904 -52.28 -45.55 17.08
CA TYR D 904 -53.63 -45.88 16.62
C TYR D 904 -54.64 -45.74 17.74
N GLU D 905 -54.22 -45.87 18.99
CA GLU D 905 -55.10 -45.68 20.13
C GLU D 905 -55.04 -44.27 20.71
N ASN D 906 -54.16 -43.42 20.19
CA ASN D 906 -54.05 -42.04 20.64
C ASN D 906 -53.91 -41.11 19.45
N GLN D 907 -54.67 -41.36 18.39
CA GLN D 907 -54.57 -40.55 17.17
C GLN D 907 -54.98 -39.11 17.43
N LYS D 908 -56.11 -38.93 18.13
CA LYS D 908 -56.64 -37.59 18.37
C LYS D 908 -55.68 -36.75 19.20
N LEU D 909 -55.10 -37.33 20.24
CA LEU D 909 -54.20 -36.58 21.12
C LEU D 909 -52.98 -36.08 20.34
N ILE D 910 -52.38 -36.96 19.54
CA ILE D 910 -51.19 -36.58 18.79
C ILE D 910 -51.53 -35.54 17.74
N ALA D 911 -52.67 -35.69 17.06
CA ALA D 911 -53.07 -34.69 16.07
C ALA D 911 -53.29 -33.33 16.74
N ASN D 912 -53.96 -33.31 17.89
CA ASN D 912 -54.20 -32.05 18.58
C ASN D 912 -52.90 -31.40 19.04
N GLN D 913 -51.97 -32.20 19.59
CA GLN D 913 -50.69 -31.65 20.03
C GLN D 913 -49.89 -31.10 18.85
N PHE D 914 -49.92 -31.81 17.72
CA PHE D 914 -49.25 -31.34 16.52
C PHE D 914 -49.80 -30.00 16.05
N ASN D 915 -51.13 -29.90 15.98
CA ASN D 915 -51.74 -28.64 15.56
C ASN D 915 -51.43 -27.52 16.54
N SER D 916 -51.49 -27.80 17.84
CA SER D 916 -51.20 -26.79 18.84
C SER D 916 -49.77 -26.29 18.75
N ALA D 917 -48.81 -27.20 18.55
CA ALA D 917 -47.42 -26.78 18.43
C ALA D 917 -47.20 -25.92 17.19
N ILE D 918 -47.78 -26.32 16.06
CA ILE D 918 -47.64 -25.50 14.86
C ILE D 918 -48.26 -24.13 15.07
N GLY D 919 -49.41 -24.08 15.74
CA GLY D 919 -50.02 -22.79 16.03
C GLY D 919 -49.15 -21.92 16.91
N LYS D 920 -48.51 -22.50 17.92
CA LYS D 920 -47.66 -21.73 18.82
C LYS D 920 -46.40 -21.24 18.13
N ILE D 921 -45.96 -21.93 17.07
CA ILE D 921 -44.75 -21.52 16.37
C ILE D 921 -44.89 -20.10 15.82
N GLN D 922 -46.04 -19.78 15.23
CA GLN D 922 -46.24 -18.46 14.65
C GLN D 922 -46.08 -17.38 15.71
N ASP D 923 -46.76 -17.53 16.85
CA ASP D 923 -46.67 -16.55 17.91
C ASP D 923 -45.24 -16.45 18.45
N SER D 924 -44.58 -17.60 18.61
CA SER D 924 -43.23 -17.60 19.16
C SER D 924 -42.26 -16.84 18.27
N LEU D 925 -42.35 -17.04 16.96
CA LEU D 925 -41.43 -16.35 16.06
C LEU D 925 -41.89 -14.96 15.67
N SER D 926 -43.13 -14.58 15.97
CA SER D 926 -43.62 -13.24 15.66
C SER D 926 -43.46 -12.27 16.83
N SER D 927 -43.86 -12.67 18.03
CA SER D 927 -43.80 -11.77 19.17
C SER D 927 -42.35 -11.40 19.50
N THR D 928 -41.45 -12.37 19.49
CA THR D 928 -40.06 -12.10 19.81
C THR D 928 -39.38 -11.42 18.63
N PRO D 929 -38.80 -10.23 18.80
CA PRO D 929 -38.16 -9.56 17.68
C PRO D 929 -36.79 -10.15 17.34
N SER D 930 -36.05 -10.58 18.36
CA SER D 930 -34.71 -11.10 18.17
C SER D 930 -34.71 -12.60 17.89
N ALA D 931 -35.49 -13.02 16.88
CA ALA D 931 -35.57 -14.42 16.48
C ALA D 931 -34.70 -14.70 15.27
N LEU D 932 -34.91 -13.96 14.18
CA LEU D 932 -34.13 -14.13 12.96
C LEU D 932 -32.85 -13.30 13.05
N GLY D 933 -31.95 -13.77 13.90
CA GLY D 933 -30.74 -13.02 14.19
C GLY D 933 -29.63 -13.20 13.18
N LYS D 934 -29.38 -14.45 12.76
CA LYS D 934 -28.24 -14.73 11.90
C LYS D 934 -28.38 -14.05 10.54
N LEU D 935 -29.58 -14.11 9.94
CA LEU D 935 -29.79 -13.52 8.63
C LEU D 935 -29.56 -12.02 8.66
N GLN D 936 -30.18 -11.34 9.64
CA GLN D 936 -30.01 -9.90 9.75
C GLN D 936 -28.57 -9.54 10.07
N ASP D 937 -27.89 -10.37 10.86
CA ASP D 937 -26.48 -10.12 11.16
C ASP D 937 -25.64 -10.18 9.90
N VAL D 938 -25.89 -11.17 9.04
CA VAL D 938 -25.14 -11.28 7.79
C VAL D 938 -25.39 -10.07 6.92
N VAL D 939 -26.66 -9.67 6.79
CA VAL D 939 -26.99 -8.52 5.96
C VAL D 939 -26.32 -7.26 6.48
N ASN D 940 -26.36 -7.06 7.80
CA ASN D 940 -25.75 -5.89 8.40
C ASN D 940 -24.24 -5.88 8.19
N GLN D 941 -23.60 -7.04 8.34
CA GLN D 941 -22.15 -7.10 8.13
C GLN D 941 -21.78 -6.72 6.71
N ASN D 942 -22.50 -7.27 5.73
CA ASN D 942 -22.21 -6.93 4.34
C ASN D 942 -22.43 -5.46 4.06
N ALA D 943 -23.55 -4.91 4.54
CA ALA D 943 -23.85 -3.51 4.30
C ALA D 943 -22.81 -2.60 4.95
N GLN D 944 -22.40 -2.92 6.17
CA GLN D 944 -21.41 -2.11 6.86
C GLN D 944 -20.07 -2.15 6.16
N ALA D 945 -19.64 -3.33 5.69
CA ALA D 945 -18.38 -3.41 4.98
C ALA D 945 -18.42 -2.60 3.69
N LEU D 946 -19.52 -2.69 2.94
CA LEU D 946 -19.64 -1.91 1.71
C LEU D 946 -19.65 -0.42 2.00
N ASN D 947 -20.35 -0.03 3.08
CA ASN D 947 -20.39 1.38 3.45
C ASN D 947 -19.01 1.91 3.81
N THR D 948 -18.24 1.13 4.56
CA THR D 948 -16.88 1.56 4.90
C THR D 948 -16.02 1.67 3.64
N LEU D 949 -16.16 0.71 2.72
CA LEU D 949 -15.39 0.80 1.48
C LEU D 949 -15.72 2.07 0.71
N VAL D 950 -17.01 2.41 0.63
CA VAL D 950 -17.39 3.65 -0.07
C VAL D 950 -16.85 4.87 0.67
N LYS D 951 -16.95 4.86 2.00
CA LYS D 951 -16.54 6.01 2.79
C LYS D 951 -15.04 6.25 2.70
N GLN D 952 -14.26 5.21 2.44
CA GLN D 952 -12.80 5.35 2.41
C GLN D 952 -12.32 6.24 1.29
N LEU D 953 -13.15 6.57 0.30
CA LEU D 953 -12.73 7.40 -0.82
C LEU D 953 -12.50 8.85 -0.43
N SER D 954 -12.92 9.28 0.76
CA SER D 954 -12.80 10.67 1.17
C SER D 954 -11.62 10.90 2.12
N SER D 955 -10.53 10.16 1.94
CA SER D 955 -9.33 10.31 2.75
C SER D 955 -8.16 10.64 1.83
N ASN D 956 -7.41 11.68 2.18
CA ASN D 956 -6.33 12.15 1.33
C ASN D 956 -5.10 11.25 1.38
N PHE D 957 -4.97 10.41 2.42
CA PHE D 957 -3.86 9.48 2.55
C PHE D 957 -2.50 10.18 2.52
N GLY D 958 -2.43 11.39 3.05
CA GLY D 958 -1.22 12.17 3.04
C GLY D 958 -1.03 13.09 1.85
N ALA D 959 -1.92 13.04 0.87
CA ALA D 959 -1.84 13.94 -0.26
C ALA D 959 -2.43 15.30 0.10
N ILE D 960 -2.29 16.26 -0.83
CA ILE D 960 -2.77 17.61 -0.57
C ILE D 960 -4.29 17.66 -0.49
N SER D 961 -4.98 16.85 -1.30
CA SER D 961 -6.43 16.87 -1.31
C SER D 961 -6.95 15.47 -1.62
N SER D 962 -8.21 15.24 -1.24
CA SER D 962 -8.87 13.95 -1.44
C SER D 962 -9.66 13.87 -2.73
N VAL D 963 -9.59 14.89 -3.57
CA VAL D 963 -10.30 14.92 -4.85
C VAL D 963 -9.28 15.06 -5.97
N LEU D 964 -9.41 14.21 -6.99
CA LEU D 964 -8.41 14.18 -8.06
C LEU D 964 -8.48 15.42 -8.94
N ASN D 965 -9.69 15.96 -9.16
CA ASN D 965 -9.85 17.07 -10.09
C ASN D 965 -9.07 18.30 -9.63
N ASP D 966 -9.14 18.62 -8.34
CA ASP D 966 -8.41 19.77 -7.82
C ASP D 966 -6.90 19.55 -7.89
N ILE D 967 -6.45 18.32 -7.62
CA ILE D 967 -5.03 18.02 -7.70
C ILE D 967 -4.53 18.23 -9.13
N LEU D 968 -5.28 17.75 -10.11
CA LEU D 968 -4.89 17.96 -11.50
C LEU D 968 -4.93 19.44 -11.88
N SER D 969 -5.95 20.16 -11.41
CA SER D 969 -6.12 21.55 -11.83
C SER D 969 -5.03 22.45 -11.26
N ARG D 970 -4.78 22.35 -9.95
CA ARG D 970 -3.89 23.30 -9.29
C ARG D 970 -2.42 22.98 -9.48
N LEU D 971 -2.07 21.78 -9.94
CA LEU D 971 -0.69 21.35 -10.02
C LEU D 971 -0.41 20.77 -11.40
N ASP D 972 0.77 21.08 -11.92
CA ASP D 972 1.23 20.46 -13.16
C ASP D 972 1.55 18.98 -12.91
N PRO D 973 1.36 18.13 -13.92
CA PRO D 973 1.54 16.69 -13.72
C PRO D 973 2.94 16.24 -13.29
N PRO D 974 4.04 16.91 -13.71
CA PRO D 974 5.36 16.36 -13.33
C PRO D 974 5.55 16.21 -11.83
N GLU D 975 4.94 17.07 -11.03
CA GLU D 975 5.02 16.94 -9.58
C GLU D 975 3.67 16.64 -8.93
N ALA D 976 2.59 16.51 -9.72
CA ALA D 976 1.33 15.98 -9.22
C ALA D 976 1.26 14.47 -9.35
N GLU D 977 2.16 13.86 -10.13
CA GLU D 977 2.20 12.42 -10.23
C GLU D 977 2.45 11.77 -8.87
N VAL D 978 3.25 12.41 -8.03
CA VAL D 978 3.53 11.88 -6.70
C VAL D 978 2.26 11.81 -5.87
N GLN D 979 1.48 12.90 -5.87
CA GLN D 979 0.22 12.91 -5.12
C GLN D 979 -0.75 11.87 -5.67
N ILE D 980 -0.83 11.76 -7.00
CA ILE D 980 -1.73 10.79 -7.59
C ILE D 980 -1.34 9.37 -7.17
N ASP D 981 -0.03 9.07 -7.18
CA ASP D 981 0.43 7.76 -6.75
C ASP D 981 0.11 7.52 -5.28
N ARG D 982 0.25 8.55 -4.45
CA ARG D 982 -0.09 8.43 -3.04
C ARG D 982 -1.55 8.06 -2.85
N LEU D 983 -2.45 8.68 -3.63
CA LEU D 983 -3.86 8.30 -3.57
C LEU D 983 -4.08 6.87 -4.05
N ILE D 984 -3.41 6.49 -5.14
CA ILE D 984 -3.64 5.17 -5.75
C ILE D 984 -3.25 4.06 -4.80
N THR D 985 -2.10 4.21 -4.11
CA THR D 985 -1.67 3.15 -3.21
C THR D 985 -2.70 2.91 -2.11
N GLY D 986 -3.20 3.97 -1.49
CA GLY D 986 -4.18 3.80 -0.42
C GLY D 986 -5.48 3.20 -0.92
N ARG D 987 -5.97 3.66 -2.07
CA ARG D 987 -7.21 3.12 -2.59
C ARG D 987 -7.07 1.64 -2.93
N LEU D 988 -5.93 1.25 -3.52
CA LEU D 988 -5.69 -0.15 -3.83
C LEU D 988 -5.64 -0.98 -2.56
N GLN D 989 -5.01 -0.47 -1.51
CA GLN D 989 -4.96 -1.21 -0.24
C GLN D 989 -6.35 -1.41 0.33
N SER D 990 -7.19 -0.37 0.28
CA SER D 990 -8.56 -0.50 0.76
C SER D 990 -9.32 -1.57 -0.01
N LEU D 991 -9.19 -1.55 -1.34
CA LEU D 991 -9.87 -2.56 -2.14
C LEU D 991 -9.38 -3.96 -1.79
N GLN D 992 -8.07 -4.13 -1.59
CA GLN D 992 -7.52 -5.44 -1.29
C GLN D 992 -8.05 -5.98 0.04
N THR D 993 -8.06 -5.13 1.08
CA THR D 993 -8.53 -5.62 2.37
C THR D 993 -10.02 -5.95 2.33
N TYR D 994 -10.81 -5.14 1.60
CA TYR D 994 -12.21 -5.46 1.45
C TYR D 994 -12.40 -6.82 0.77
N VAL D 995 -11.63 -7.07 -0.29
CA VAL D 995 -11.76 -8.34 -1.01
C VAL D 995 -11.39 -9.52 -0.11
N THR D 996 -10.31 -9.38 0.68
CA THR D 996 -9.91 -10.48 1.55
C THR D 996 -10.99 -10.78 2.60
N GLN D 997 -11.55 -9.74 3.21
CA GLN D 997 -12.61 -9.95 4.18
C GLN D 997 -13.81 -10.63 3.52
N GLN D 998 -14.14 -10.21 2.30
CA GLN D 998 -15.26 -10.85 1.59
C GLN D 998 -14.98 -12.33 1.33
N LEU D 999 -13.73 -12.66 0.99
CA LEU D 999 -13.39 -14.06 0.74
C LEU D 999 -13.59 -14.91 1.99
N ILE D 1000 -13.12 -14.41 3.14
CA ILE D 1000 -13.27 -15.19 4.37
C ILE D 1000 -14.75 -15.35 4.73
N ARG D 1001 -15.53 -14.27 4.61
CA ARG D 1001 -16.95 -14.36 4.92
C ARG D 1001 -17.67 -15.32 3.98
N ALA D 1002 -17.29 -15.32 2.69
CA ALA D 1002 -17.90 -16.23 1.74
C ALA D 1002 -17.58 -17.68 2.08
N ALA D 1003 -16.35 -17.95 2.54
CA ALA D 1003 -16.02 -19.31 2.96
C ALA D 1003 -16.90 -19.75 4.13
N GLU D 1004 -17.11 -18.85 5.10
CA GLU D 1004 -17.99 -19.18 6.23
C GLU D 1004 -19.42 -19.46 5.75
N ILE D 1005 -19.92 -18.63 4.83
CA ILE D 1005 -21.29 -18.82 4.34
C ILE D 1005 -21.40 -20.15 3.59
N ARG D 1006 -20.35 -20.51 2.85
CA ARG D 1006 -20.36 -21.80 2.15
C ARG D 1006 -20.42 -22.96 3.14
N ALA D 1007 -19.68 -22.87 4.23
CA ALA D 1007 -19.76 -23.92 5.25
C ALA D 1007 -21.17 -24.02 5.81
N SER D 1008 -21.80 -22.88 6.10
CA SER D 1008 -23.16 -22.90 6.62
C SER D 1008 -24.14 -23.50 5.61
N ALA D 1009 -23.97 -23.16 4.32
CA ALA D 1009 -24.85 -23.71 3.29
C ALA D 1009 -24.68 -25.22 3.16
N ASN D 1010 -23.44 -25.71 3.27
CA ASN D 1010 -23.22 -27.15 3.24
C ASN D 1010 -23.91 -27.85 4.41
N LEU D 1011 -23.82 -27.26 5.60
CA LEU D 1011 -24.52 -27.84 6.73
C LEU D 1011 -26.04 -27.84 6.51
N ALA D 1012 -26.57 -26.75 5.94
CA ALA D 1012 -28.00 -26.69 5.68
C ALA D 1012 -28.43 -27.75 4.67
N ALA D 1013 -27.63 -27.96 3.62
CA ALA D 1013 -27.95 -28.99 2.64
C ALA D 1013 -27.92 -30.37 3.28
N THR D 1014 -26.93 -30.63 4.15
CA THR D 1014 -26.89 -31.92 4.83
C THR D 1014 -28.11 -32.13 5.72
N LYS D 1015 -28.50 -31.09 6.46
CA LYS D 1015 -29.69 -31.22 7.31
C LYS D 1015 -30.93 -31.48 6.48
N MET D 1016 -31.09 -30.76 5.36
CA MET D 1016 -32.22 -30.97 4.49
C MET D 1016 -32.28 -32.41 4.00
N SER D 1017 -31.18 -32.90 3.44
CA SER D 1017 -31.15 -34.23 2.86
C SER D 1017 -31.35 -35.31 3.90
N GLU D 1018 -30.82 -35.11 5.11
CA GLU D 1018 -30.86 -36.16 6.11
C GLU D 1018 -32.13 -36.17 6.95
N CYS D 1019 -32.81 -35.03 7.11
CA CYS D 1019 -33.97 -34.97 7.98
C CYS D 1019 -35.28 -34.73 7.24
N VAL D 1020 -35.30 -33.91 6.20
CA VAL D 1020 -36.54 -33.73 5.45
C VAL D 1020 -36.86 -34.98 4.65
N LEU D 1021 -35.84 -35.61 4.06
CA LEU D 1021 -36.02 -36.74 3.16
C LEU D 1021 -36.01 -38.08 3.87
N GLY D 1022 -35.92 -38.11 5.19
CA GLY D 1022 -35.94 -39.36 5.92
C GLY D 1022 -35.66 -39.19 7.41
N GLN D 1023 -35.99 -40.19 8.21
CA GLN D 1023 -35.76 -40.11 9.64
C GLN D 1023 -34.28 -40.23 9.95
N SER D 1024 -33.84 -39.53 10.99
CA SER D 1024 -32.44 -39.47 11.38
C SER D 1024 -32.29 -39.96 12.82
N LYS D 1025 -31.30 -40.82 13.03
CA LYS D 1025 -31.03 -41.38 14.35
C LYS D 1025 -29.83 -40.75 15.04
N ARG D 1026 -29.23 -39.73 14.45
CA ARG D 1026 -28.17 -39.00 15.12
C ARG D 1026 -28.77 -38.13 16.22
N VAL D 1027 -28.18 -38.20 17.42
CA VAL D 1027 -28.76 -37.54 18.59
C VAL D 1027 -28.54 -36.04 18.48
N ASP D 1028 -29.61 -35.28 18.71
CA ASP D 1028 -29.59 -33.82 18.75
C ASP D 1028 -29.14 -33.19 17.44
N PHE D 1029 -29.15 -33.97 16.35
CA PHE D 1029 -28.86 -33.39 15.04
C PHE D 1029 -30.05 -32.59 14.54
N CYS D 1030 -31.25 -33.12 14.71
CA CYS D 1030 -32.48 -32.45 14.28
C CYS D 1030 -33.42 -32.39 15.48
N GLY D 1031 -33.42 -31.26 16.17
CA GLY D 1031 -34.27 -31.09 17.33
C GLY D 1031 -33.68 -31.64 18.60
N LYS D 1032 -34.46 -31.55 19.67
CA LYS D 1032 -34.07 -32.02 21.00
C LYS D 1032 -35.06 -33.10 21.41
N GLY D 1033 -34.71 -34.35 21.14
CA GLY D 1033 -35.54 -35.48 21.46
C GLY D 1033 -35.42 -36.54 20.39
N TYR D 1034 -36.34 -37.50 20.43
CA TYR D 1034 -36.38 -38.55 19.42
C TYR D 1034 -37.03 -38.00 18.16
N HIS D 1035 -36.22 -37.82 17.11
CA HIS D 1035 -36.67 -37.12 15.92
C HIS D 1035 -37.78 -37.90 15.20
N LEU D 1036 -38.74 -37.17 14.66
CA LEU D 1036 -39.86 -37.75 13.91
C LEU D 1036 -39.86 -37.33 12.45
N MET D 1037 -39.83 -36.03 12.17
CA MET D 1037 -39.85 -35.53 10.80
C MET D 1037 -39.50 -34.04 10.84
N SER D 1038 -39.46 -33.43 9.66
CA SER D 1038 -39.13 -32.02 9.55
C SER D 1038 -39.81 -31.44 8.32
N PHE D 1039 -39.99 -30.12 8.33
CA PHE D 1039 -40.61 -29.40 7.24
C PHE D 1039 -39.78 -28.17 6.92
N PRO D 1040 -39.43 -27.92 5.66
CA PRO D 1040 -38.64 -26.74 5.32
C PRO D 1040 -39.51 -25.53 4.97
N GLN D 1041 -39.02 -24.36 5.33
CA GLN D 1041 -39.65 -23.10 4.98
C GLN D 1041 -38.58 -22.15 4.46
N SER D 1042 -38.90 -21.45 3.38
CA SER D 1042 -37.91 -20.56 2.78
C SER D 1042 -37.75 -19.30 3.64
N ALA D 1043 -36.78 -18.48 3.25
CA ALA D 1043 -36.46 -17.26 3.97
C ALA D 1043 -35.68 -16.34 3.02
N PRO D 1044 -35.56 -15.05 3.35
CA PRO D 1044 -34.87 -14.12 2.45
C PRO D 1044 -33.53 -14.63 1.91
N HIS D 1045 -32.62 -14.99 2.80
CA HIS D 1045 -31.32 -15.52 2.39
C HIS D 1045 -30.97 -16.74 3.23
N GLY D 1046 -31.93 -17.62 3.41
CA GLY D 1046 -31.70 -18.79 4.23
C GLY D 1046 -32.89 -19.72 4.19
N VAL D 1047 -32.90 -20.65 5.14
CA VAL D 1047 -33.97 -21.64 5.24
C VAL D 1047 -34.27 -21.87 6.72
N VAL D 1048 -35.49 -22.33 7.00
CA VAL D 1048 -35.96 -22.57 8.35
C VAL D 1048 -36.54 -23.97 8.42
N PHE D 1049 -36.13 -24.74 9.43
CA PHE D 1049 -36.60 -26.09 9.64
C PHE D 1049 -37.52 -26.14 10.87
N LEU D 1050 -38.57 -26.93 10.79
CA LEU D 1050 -39.50 -27.14 11.90
C LEU D 1050 -39.38 -28.60 12.32
N HIS D 1051 -38.53 -28.86 13.30
CA HIS D 1051 -38.22 -30.23 13.71
C HIS D 1051 -39.31 -30.75 14.66
N VAL D 1052 -40.04 -31.76 14.22
CA VAL D 1052 -41.04 -32.42 15.06
C VAL D 1052 -40.36 -33.54 15.84
N THR D 1053 -40.50 -33.51 17.16
CA THR D 1053 -39.79 -34.43 18.03
C THR D 1053 -40.73 -35.03 19.06
N TYR D 1054 -40.32 -36.18 19.60
CA TYR D 1054 -41.07 -36.90 20.62
C TYR D 1054 -40.34 -36.74 21.95
N VAL D 1055 -41.08 -36.35 22.99
CA VAL D 1055 -40.50 -36.12 24.31
C VAL D 1055 -41.33 -36.89 25.34
N PRO D 1056 -40.73 -37.77 26.13
CA PRO D 1056 -41.49 -38.47 27.18
C PRO D 1056 -41.70 -37.57 28.39
N ALA D 1057 -42.65 -37.99 29.24
CA ALA D 1057 -42.99 -37.23 30.43
C ALA D 1057 -43.76 -38.13 31.38
N GLN D 1058 -43.98 -37.62 32.60
CA GLN D 1058 -44.75 -38.32 33.62
C GLN D 1058 -44.18 -39.70 33.92
N GLU D 1059 -42.97 -39.71 34.46
CA GLU D 1059 -42.32 -40.97 34.75
C GLU D 1059 -42.87 -41.59 36.02
N LYS D 1060 -42.51 -42.86 36.22
CA LYS D 1060 -42.98 -43.64 37.35
C LYS D 1060 -41.82 -44.50 37.83
N ASN D 1061 -41.90 -44.89 39.09
CA ASN D 1061 -40.78 -45.49 39.81
C ASN D 1061 -41.07 -46.97 40.09
N PHE D 1062 -40.09 -47.83 39.85
CA PHE D 1062 -40.31 -49.27 39.91
C PHE D 1062 -39.05 -49.98 40.39
N THR D 1063 -39.20 -51.27 40.68
CA THR D 1063 -38.09 -52.16 41.00
C THR D 1063 -37.99 -53.26 39.95
N THR D 1064 -36.77 -53.66 39.62
CA THR D 1064 -36.51 -54.56 38.50
C THR D 1064 -35.72 -55.79 38.94
N ALA D 1065 -35.34 -56.59 37.96
CA ALA D 1065 -34.49 -57.77 38.12
C ALA D 1065 -33.96 -58.19 36.75
N PRO D 1066 -32.66 -58.48 36.63
CA PRO D 1066 -32.09 -58.73 35.30
C PRO D 1066 -32.67 -59.95 34.59
N ALA D 1067 -33.07 -60.99 35.29
CA ALA D 1067 -33.57 -62.18 34.63
C ALA D 1067 -34.46 -62.97 35.57
N ILE D 1068 -35.30 -63.82 34.99
CA ILE D 1068 -36.26 -64.64 35.72
C ILE D 1068 -35.82 -66.08 35.62
N CYS D 1069 -35.74 -66.76 36.76
CA CYS D 1069 -35.37 -68.18 36.80
C CYS D 1069 -36.61 -69.00 37.08
N HIS D 1070 -37.08 -69.73 36.07
CA HIS D 1070 -38.19 -70.66 36.20
C HIS D 1070 -37.72 -72.05 35.82
N ASP D 1071 -38.09 -73.04 36.62
CA ASP D 1071 -37.66 -74.43 36.40
C ASP D 1071 -36.14 -74.56 36.35
N GLY D 1072 -35.44 -73.74 37.14
CA GLY D 1072 -34.00 -73.80 37.17
C GLY D 1072 -33.30 -73.21 35.97
N LYS D 1073 -34.03 -72.55 35.07
CA LYS D 1073 -33.47 -71.98 33.85
C LYS D 1073 -33.70 -70.48 33.85
N ALA D 1074 -32.65 -69.72 33.55
CA ALA D 1074 -32.77 -68.27 33.50
C ALA D 1074 -33.53 -67.85 32.24
N HIS D 1075 -34.44 -66.89 32.41
CA HIS D 1075 -35.22 -66.34 31.31
C HIS D 1075 -34.92 -64.85 31.19
N PHE D 1076 -34.58 -64.42 29.99
CA PHE D 1076 -34.27 -63.03 29.70
C PHE D 1076 -35.35 -62.45 28.78
N PRO D 1077 -35.64 -61.15 28.88
CA PRO D 1077 -36.68 -60.58 28.03
C PRO D 1077 -36.24 -60.51 26.59
N ARG D 1078 -37.20 -60.64 25.68
CA ARG D 1078 -36.88 -60.59 24.26
C ARG D 1078 -36.61 -59.16 23.81
N GLU D 1079 -37.60 -58.28 23.98
CA GLU D 1079 -37.46 -56.89 23.56
C GLU D 1079 -38.06 -55.93 24.59
N GLY D 1080 -38.10 -56.34 25.86
CA GLY D 1080 -38.63 -55.48 26.90
C GLY D 1080 -37.77 -55.48 28.15
N VAL D 1081 -38.34 -55.02 29.26
CA VAL D 1081 -37.65 -55.00 30.54
C VAL D 1081 -38.58 -55.63 31.58
N PHE D 1082 -38.01 -56.05 32.70
CA PHE D 1082 -38.77 -56.66 33.76
C PHE D 1082 -38.99 -55.64 34.87
N VAL D 1083 -40.26 -55.38 35.18
CA VAL D 1083 -40.63 -54.43 36.22
C VAL D 1083 -41.73 -55.06 37.07
N SER D 1084 -41.91 -54.51 38.26
CA SER D 1084 -42.97 -54.98 39.15
C SER D 1084 -43.54 -53.80 39.92
N ASN D 1085 -44.80 -53.94 40.32
CA ASN D 1085 -45.48 -52.92 41.12
C ASN D 1085 -45.53 -53.30 42.60
N GLY D 1086 -44.73 -54.28 43.02
CA GLY D 1086 -44.69 -54.68 44.41
C GLY D 1086 -44.98 -56.14 44.62
N THR D 1087 -45.91 -56.71 43.86
CA THR D 1087 -46.31 -58.10 44.03
C THR D 1087 -46.13 -58.95 42.78
N HIS D 1088 -46.47 -58.41 41.61
CA HIS D 1088 -46.45 -59.17 40.37
C HIS D 1088 -45.46 -58.57 39.39
N TRP D 1089 -44.85 -59.43 38.58
CA TRP D 1089 -43.84 -59.03 37.62
C TRP D 1089 -44.44 -58.91 36.23
N PHE D 1090 -43.95 -57.93 35.47
CA PHE D 1090 -44.47 -57.62 34.15
C PHE D 1090 -43.32 -57.30 33.21
N VAL D 1091 -43.61 -57.37 31.92
CA VAL D 1091 -42.69 -56.98 30.86
C VAL D 1091 -43.25 -55.76 30.14
N THR D 1092 -42.43 -54.72 29.98
CA THR D 1092 -42.86 -53.50 29.34
C THR D 1092 -41.79 -53.07 28.34
N GLN D 1093 -42.16 -52.13 27.47
CA GLN D 1093 -41.20 -51.54 26.56
C GLN D 1093 -40.25 -50.64 27.35
N ARG D 1094 -39.34 -49.99 26.62
CA ARG D 1094 -38.35 -49.12 27.24
C ARG D 1094 -38.71 -47.64 27.18
N ASN D 1095 -39.86 -47.30 26.60
CA ASN D 1095 -40.25 -45.90 26.48
C ASN D 1095 -41.73 -45.67 26.74
N PHE D 1096 -42.46 -46.65 27.25
CA PHE D 1096 -43.90 -46.52 27.47
C PHE D 1096 -44.33 -47.63 28.41
N TYR D 1097 -45.10 -47.27 29.42
CA TYR D 1097 -45.53 -48.25 30.42
C TYR D 1097 -46.71 -49.03 29.88
N GLU D 1098 -46.44 -50.25 29.41
CA GLU D 1098 -47.48 -51.18 28.96
C GLU D 1098 -47.23 -52.53 29.59
N PRO D 1099 -47.79 -52.79 30.77
CA PRO D 1099 -47.56 -54.08 31.43
C PRO D 1099 -48.18 -55.22 30.63
N GLN D 1100 -47.52 -56.38 30.71
CA GLN D 1100 -48.00 -57.59 30.05
C GLN D 1100 -47.52 -58.80 30.83
N ILE D 1101 -48.36 -59.83 30.91
CA ILE D 1101 -48.01 -61.02 31.65
C ILE D 1101 -46.83 -61.72 30.97
N ILE D 1102 -46.09 -62.51 31.75
CA ILE D 1102 -44.86 -63.11 31.29
C ILE D 1102 -45.18 -64.48 30.73
N THR D 1103 -45.19 -64.59 29.41
CA THR D 1103 -45.37 -65.86 28.71
C THR D 1103 -44.03 -66.29 28.12
N THR D 1104 -44.04 -67.40 27.39
CA THR D 1104 -42.84 -67.91 26.76
C THR D 1104 -42.60 -67.31 25.38
N ASP D 1105 -43.45 -66.40 24.93
CA ASP D 1105 -43.31 -65.81 23.61
C ASP D 1105 -42.50 -64.52 23.61
N ASN D 1106 -42.35 -63.86 24.75
CA ASN D 1106 -41.58 -62.63 24.84
C ASN D 1106 -40.31 -62.80 25.67
N THR D 1107 -39.91 -64.04 25.96
CA THR D 1107 -38.69 -64.31 26.70
C THR D 1107 -37.94 -65.44 26.02
N PHE D 1108 -36.62 -65.47 26.22
CA PHE D 1108 -35.80 -66.59 25.78
C PHE D 1108 -34.95 -67.07 26.94
N VAL D 1109 -34.52 -68.33 26.85
CA VAL D 1109 -33.83 -69.02 27.93
C VAL D 1109 -32.38 -69.21 27.53
N SER D 1110 -31.47 -69.10 28.52
CA SER D 1110 -30.05 -69.31 28.27
C SER D 1110 -29.41 -69.82 29.56
N GLY D 1111 -29.29 -71.14 29.68
CA GLY D 1111 -28.59 -71.73 30.80
C GLY D 1111 -29.40 -71.73 32.08
N ASN D 1112 -28.70 -72.06 33.17
CA ASN D 1112 -29.29 -72.10 34.49
C ASN D 1112 -29.15 -70.75 35.19
N CYS D 1113 -29.77 -70.63 36.36
CA CYS D 1113 -29.83 -69.37 37.10
C CYS D 1113 -28.86 -69.33 38.27
N ASP D 1114 -27.65 -69.87 38.09
CA ASP D 1114 -26.64 -69.84 39.14
C ASP D 1114 -25.48 -68.90 38.83
N VAL D 1115 -25.43 -68.31 37.63
CA VAL D 1115 -24.33 -67.43 37.24
C VAL D 1115 -24.77 -66.00 37.02
N VAL D 1116 -26.02 -65.67 37.32
CA VAL D 1116 -26.57 -64.34 37.09
C VAL D 1116 -26.83 -63.70 38.46
N ILE D 1117 -26.40 -62.45 38.60
CA ILE D 1117 -26.58 -61.70 39.84
C ILE D 1117 -27.84 -60.84 39.69
N GLY D 1118 -28.83 -61.09 40.52
CA GLY D 1118 -30.11 -60.42 40.42
C GLY D 1118 -31.28 -61.30 40.03
N ILE D 1119 -31.05 -62.61 39.89
CA ILE D 1119 -32.13 -63.54 39.58
C ILE D 1119 -33.19 -63.50 40.67
N VAL D 1120 -34.46 -63.46 40.26
CA VAL D 1120 -35.59 -63.53 41.17
C VAL D 1120 -36.47 -64.71 40.77
N ASN D 1121 -36.92 -65.47 41.78
CA ASN D 1121 -37.77 -66.62 41.53
C ASN D 1121 -39.16 -66.14 41.09
N ASN D 1122 -39.68 -66.75 40.02
CA ASN D 1122 -41.03 -66.44 39.56
C ASN D 1122 -41.50 -67.58 38.67
N THR D 1123 -42.66 -67.39 38.04
CA THR D 1123 -43.26 -68.38 37.16
C THR D 1123 -43.48 -67.78 35.78
N VAL D 1124 -43.31 -68.60 34.75
CA VAL D 1124 -43.50 -68.19 33.37
C VAL D 1124 -44.67 -69.00 32.81
N TYR D 1125 -45.71 -68.29 32.37
CA TYR D 1125 -46.91 -68.94 31.88
C TYR D 1125 -46.65 -69.58 30.52
N ASP D 1126 -47.27 -70.73 30.29
CA ASP D 1126 -47.12 -71.47 29.04
C ASP D 1126 -48.44 -71.45 28.28
N PRO D 1127 -48.52 -70.79 27.12
CA PRO D 1127 -49.81 -70.74 26.40
C PRO D 1127 -50.33 -72.09 25.94
N LEU D 1128 -49.45 -73.03 25.59
CA LEU D 1128 -49.89 -74.30 25.04
C LEU D 1128 -50.48 -75.23 26.09
N GLN D 1129 -50.05 -75.08 27.34
CA GLN D 1129 -50.46 -76.01 28.39
C GLN D 1129 -51.97 -76.03 28.63
N PRO D 1130 -52.68 -74.90 28.77
CA PRO D 1130 -54.14 -74.99 28.98
C PRO D 1130 -54.87 -75.69 27.85
N GLU D 1131 -54.49 -75.42 26.60
CA GLU D 1131 -55.17 -76.04 25.48
C GLU D 1131 -54.87 -77.53 25.42
N LEU D 1132 -53.60 -77.92 25.55
CA LEU D 1132 -53.24 -79.32 25.51
C LEU D 1132 -53.68 -80.07 26.76
N ASP D 1133 -54.11 -79.38 27.81
CA ASP D 1133 -54.71 -80.04 28.96
C ASP D 1133 -56.20 -80.21 28.79
N SER D 1134 -56.89 -79.18 28.28
CA SER D 1134 -58.32 -79.28 28.06
C SER D 1134 -58.65 -80.30 26.98
N PHE D 1135 -57.93 -80.27 25.85
CA PHE D 1135 -58.21 -81.17 24.75
C PHE D 1135 -57.40 -82.45 24.79
N LYS D 1136 -56.42 -82.54 25.69
CA LYS D 1136 -55.57 -83.73 25.82
C LYS D 1136 -54.94 -84.15 24.50
N GLN E 1 70.43 1.80 18.00
CA GLN E 1 70.08 2.39 19.29
C GLN E 1 70.32 1.41 20.43
N CYS E 2 69.73 0.23 20.31
CA CYS E 2 69.84 -0.82 21.32
C CYS E 2 70.73 -1.95 20.81
N VAL E 3 71.15 -2.80 21.75
CA VAL E 3 72.01 -3.93 21.41
C VAL E 3 71.25 -4.92 20.54
N ASN E 4 72.01 -5.85 19.95
CA ASN E 4 71.46 -6.80 18.99
C ASN E 4 71.81 -8.20 19.46
N LEU E 5 70.88 -8.85 20.14
CA LEU E 5 71.12 -10.16 20.72
C LEU E 5 71.26 -11.19 19.61
N THR E 6 72.22 -12.11 19.79
CA THR E 6 72.60 -13.04 18.73
C THR E 6 71.62 -14.21 18.66
N THR E 7 72.00 -15.25 17.93
CA THR E 7 71.22 -16.48 17.80
C THR E 7 69.83 -16.20 17.22
N ARG E 8 69.84 -15.65 16.00
CA ARG E 8 68.60 -15.40 15.26
C ARG E 8 68.29 -16.56 14.31
N THR E 9 68.14 -17.74 14.91
CA THR E 9 67.93 -18.96 14.15
C THR E 9 66.45 -19.16 13.84
N GLN E 10 66.15 -19.56 12.61
CA GLN E 10 64.78 -19.81 12.21
C GLN E 10 64.27 -21.10 12.82
N LEU E 11 62.95 -21.19 12.95
CA LEU E 11 62.29 -22.37 13.52
C LEU E 11 60.84 -22.42 13.05
N PRO E 12 60.35 -23.59 12.63
CA PRO E 12 58.95 -23.71 12.21
C PRO E 12 58.02 -23.42 13.37
N PRO E 13 56.90 -22.73 13.12
CA PRO E 13 55.97 -22.43 14.20
C PRO E 13 55.16 -23.66 14.61
N ALA E 14 54.78 -23.69 15.89
CA ALA E 14 53.92 -24.73 16.41
C ALA E 14 52.45 -24.35 16.23
N TYR E 15 51.56 -25.28 16.55
CA TYR E 15 50.14 -25.04 16.43
C TYR E 15 49.40 -25.80 17.51
N THR E 16 48.29 -25.21 17.97
CA THR E 16 47.42 -25.85 18.95
C THR E 16 45.99 -25.38 18.70
N ASN E 17 45.03 -26.21 19.06
CA ASN E 17 43.63 -25.98 18.72
C ASN E 17 42.93 -25.22 19.85
N SER E 18 42.28 -24.12 19.49
CA SER E 18 41.54 -23.32 20.47
C SER E 18 40.19 -23.99 20.74
N PHE E 19 39.93 -24.26 22.02
CA PHE E 19 38.75 -25.00 22.45
C PHE E 19 37.79 -24.03 23.13
N THR E 20 36.93 -23.39 22.34
CA THR E 20 35.89 -22.49 22.82
C THR E 20 36.47 -21.40 23.72
N ARG E 21 37.32 -20.58 23.11
CA ARG E 21 37.95 -19.45 23.79
C ARG E 21 37.83 -18.20 22.96
N GLY E 22 37.75 -17.05 23.63
CA GLY E 22 37.73 -15.77 22.96
C GLY E 22 36.36 -15.16 22.78
N VAL E 23 35.54 -15.22 23.83
CA VAL E 23 34.19 -14.66 23.81
C VAL E 23 34.13 -13.50 24.79
N TYR E 24 33.67 -12.35 24.31
CA TYR E 24 33.64 -11.13 25.09
C TYR E 24 32.26 -10.49 25.01
N TYR E 25 31.94 -9.69 26.00
CA TYR E 25 30.65 -8.99 26.01
C TYR E 25 30.66 -7.90 24.97
N PRO E 26 29.76 -7.94 23.97
CA PRO E 26 29.82 -6.94 22.89
C PRO E 26 29.40 -5.54 23.29
N ASP E 27 28.63 -5.40 24.38
CA ASP E 27 28.13 -4.08 24.78
C ASP E 27 27.82 -4.11 26.26
N LYS E 28 27.66 -2.92 26.83
CA LYS E 28 27.38 -2.75 28.26
C LYS E 28 25.87 -2.70 28.48
N VAL E 29 25.21 -3.82 28.19
CA VAL E 29 23.77 -3.96 28.32
C VAL E 29 23.48 -5.24 29.09
N PHE E 30 22.60 -5.16 30.08
CA PHE E 30 22.29 -6.30 30.92
C PHE E 30 21.14 -7.11 30.31
N ARG E 31 21.34 -8.41 30.22
CA ARG E 31 20.31 -9.34 29.77
C ARG E 31 20.31 -10.55 30.68
N SER E 32 19.13 -11.07 30.98
CA SER E 32 18.99 -12.18 31.91
C SER E 32 18.11 -13.26 31.32
N SER E 33 18.60 -14.50 31.33
CA SER E 33 17.83 -15.67 30.91
C SER E 33 17.32 -15.53 29.48
N VAL E 34 18.16 -14.99 28.59
CA VAL E 34 17.81 -14.85 27.19
C VAL E 34 18.93 -15.39 26.32
N LEU E 35 18.58 -15.73 25.08
CA LEU E 35 19.53 -16.13 24.06
C LEU E 35 19.58 -15.04 23.00
N HIS E 36 20.74 -14.43 22.83
CA HIS E 36 20.91 -13.30 21.93
C HIS E 36 21.94 -13.63 20.87
N SER E 37 21.64 -13.28 19.62
CA SER E 37 22.53 -13.51 18.49
C SER E 37 23.18 -12.20 18.10
N THR E 38 24.50 -12.20 17.99
CA THR E 38 25.28 -11.01 17.67
C THR E 38 26.04 -11.24 16.38
N GLN E 39 26.23 -10.16 15.63
CA GLN E 39 27.01 -10.15 14.39
C GLN E 39 28.20 -9.23 14.62
N ASP E 40 29.31 -9.80 15.11
CA ASP E 40 30.48 -9.00 15.46
C ASP E 40 31.72 -9.86 15.24
N LEU E 41 32.87 -9.19 15.22
CA LEU E 41 34.13 -9.90 15.06
C LEU E 41 34.38 -10.81 16.26
N PHE E 42 34.78 -12.05 15.98
CA PHE E 42 34.99 -13.04 17.03
C PHE E 42 36.06 -14.01 16.57
N LEU E 43 36.63 -14.73 17.53
CA LEU E 43 37.59 -15.78 17.22
C LEU E 43 36.84 -17.05 16.85
N PRO E 44 36.99 -17.56 15.63
CA PRO E 44 36.22 -18.75 15.24
C PRO E 44 36.56 -19.95 16.09
N PHE E 45 35.55 -20.77 16.35
CA PHE E 45 35.74 -21.97 17.14
C PHE E 45 36.58 -22.99 16.38
N PHE E 46 37.43 -23.72 17.10
CA PHE E 46 38.22 -24.82 16.56
C PHE E 46 39.09 -24.38 15.38
N SER E 47 40.02 -23.48 15.69
CA SER E 47 41.09 -23.09 14.80
C SER E 47 42.42 -23.36 15.48
N ASN E 48 43.49 -23.50 14.69
CA ASN E 48 44.82 -23.70 15.23
C ASN E 48 45.52 -22.35 15.35
N VAL E 49 46.04 -22.05 16.54
CA VAL E 49 46.70 -20.79 16.84
C VAL E 49 48.18 -21.05 17.08
N THR E 50 49.00 -20.06 16.75
CA THR E 50 50.45 -20.21 16.82
C THR E 50 50.89 -20.28 18.28
N TRP E 51 52.07 -20.85 18.52
CA TRP E 51 52.57 -21.16 19.85
C TRP E 51 53.99 -20.63 20.03
N PHE E 52 54.20 -19.34 19.76
CA PHE E 52 55.49 -18.72 20.03
C PHE E 52 55.89 -18.94 21.49
N HIS E 53 57.16 -19.26 21.70
CA HIS E 53 57.68 -19.49 23.05
C HIS E 53 59.15 -19.09 23.10
N ALA E 54 59.59 -18.65 24.27
CA ALA E 54 60.97 -18.25 24.49
C ALA E 54 61.57 -19.11 25.59
N ILE E 55 62.64 -19.83 25.27
CA ILE E 55 63.31 -20.72 26.22
C ILE E 55 64.80 -20.74 25.90
N HIS E 56 65.63 -20.75 26.95
CA HIS E 56 67.07 -20.69 26.76
C HIS E 56 67.61 -21.91 26.04
N VAL E 57 66.95 -23.06 26.15
CA VAL E 57 67.40 -24.27 25.48
C VAL E 57 66.62 -24.48 24.19
N THR E 63 71.02 -21.04 20.79
CA THR E 63 69.66 -20.77 20.35
C THR E 63 69.01 -19.71 21.23
N LYS E 64 68.71 -20.09 22.47
CA LYS E 64 68.14 -19.20 23.48
C LYS E 64 66.71 -18.78 23.12
N ARG E 65 66.26 -19.17 21.95
CA ARG E 65 64.90 -18.93 21.46
C ARG E 65 64.43 -17.51 21.80
N PHE E 66 65.15 -16.53 21.27
CA PHE E 66 64.74 -15.14 21.36
C PHE E 66 63.57 -14.95 20.40
N ASP E 67 62.42 -15.47 20.81
CA ASP E 67 61.25 -15.60 19.94
C ASP E 67 60.27 -14.49 20.27
N ASN E 68 60.37 -13.38 19.56
CA ASN E 68 59.36 -12.35 19.55
C ASN E 68 59.28 -11.70 18.17
N PRO E 69 59.00 -12.49 17.12
CA PRO E 69 59.01 -11.91 15.77
C PRO E 69 57.96 -10.83 15.62
N VAL E 70 58.04 -10.08 14.53
CA VAL E 70 57.10 -9.01 14.26
C VAL E 70 55.89 -9.61 13.57
N LEU E 71 54.70 -9.43 14.18
CA LEU E 71 53.54 -10.21 13.78
C LEU E 71 52.41 -9.32 13.26
N PRO E 72 51.64 -9.81 12.30
CA PRO E 72 50.62 -8.96 11.68
C PRO E 72 49.42 -8.70 12.58
N PHE E 73 48.76 -7.58 12.32
CA PHE E 73 47.54 -7.14 13.01
C PHE E 73 46.53 -6.79 11.93
N ASN E 74 45.71 -7.76 11.52
CA ASN E 74 44.77 -7.51 10.44
C ASN E 74 43.50 -6.82 10.95
N ASP E 75 42.75 -7.51 11.79
CA ASP E 75 41.53 -6.96 12.39
C ASP E 75 41.54 -7.08 13.91
N GLY E 76 42.12 -8.13 14.45
CA GLY E 76 42.23 -8.29 15.89
C GLY E 76 43.14 -9.45 16.21
N VAL E 77 43.64 -9.45 17.44
CA VAL E 77 44.53 -10.48 17.92
C VAL E 77 44.06 -10.92 19.30
N TYR E 78 43.80 -12.21 19.44
CA TYR E 78 43.49 -12.80 20.74
C TYR E 78 44.80 -13.28 21.35
N PHE E 79 45.25 -12.61 22.41
CA PHE E 79 46.52 -12.91 23.05
C PHE E 79 46.28 -13.63 24.36
N ALA E 80 46.88 -14.81 24.51
CA ALA E 80 46.74 -15.63 25.70
C ALA E 80 48.13 -16.10 26.13
N SER E 81 48.66 -15.50 27.20
CA SER E 81 49.98 -15.83 27.71
C SER E 81 49.84 -16.42 29.10
N THR E 82 50.47 -17.58 29.32
CA THR E 82 50.47 -18.23 30.62
C THR E 82 51.91 -18.30 31.13
N GLU E 83 52.08 -17.98 32.41
CA GLU E 83 53.38 -17.98 33.07
C GLU E 83 53.14 -17.79 34.56
N LYS E 84 54.23 -17.76 35.33
CA LYS E 84 54.13 -17.51 36.76
C LYS E 84 55.14 -16.50 37.28
N SER E 85 56.23 -16.26 36.57
CA SER E 85 57.28 -15.33 37.00
C SER E 85 57.05 -13.92 36.49
N ASN E 86 55.91 -13.66 35.85
CA ASN E 86 55.59 -12.34 35.30
C ASN E 86 56.66 -11.90 34.29
N ILE E 87 57.11 -12.86 33.47
CA ILE E 87 58.12 -12.56 32.45
C ILE E 87 57.54 -11.63 31.39
N ILE E 88 56.27 -11.82 31.04
CA ILE E 88 55.65 -10.97 30.04
C ILE E 88 55.51 -9.54 30.57
N ARG E 89 55.38 -8.60 29.63
CA ARG E 89 55.25 -7.18 29.95
C ARG E 89 54.23 -6.59 28.98
N GLY E 90 54.21 -5.27 28.89
CA GLY E 90 53.25 -4.60 28.03
C GLY E 90 53.49 -4.88 26.56
N TRP E 91 52.44 -4.66 25.78
CA TRP E 91 52.45 -4.93 24.36
C TRP E 91 53.01 -3.72 23.61
N ILE E 92 52.97 -3.77 22.28
CA ILE E 92 53.43 -2.65 21.47
C ILE E 92 52.76 -2.77 20.11
N PHE E 93 52.52 -1.62 19.48
CA PHE E 93 51.77 -1.57 18.23
C PHE E 93 52.44 -0.57 17.30
N GLY E 94 51.84 -0.39 16.14
CA GLY E 94 52.34 0.57 15.18
C GLY E 94 51.93 0.18 13.78
N THR E 95 52.46 0.95 12.82
CA THR E 95 52.34 0.62 11.40
C THR E 95 53.70 0.46 10.74
N THR E 96 54.61 1.41 10.94
CA THR E 96 55.93 1.36 10.34
C THR E 96 57.07 1.24 11.34
N LEU E 97 56.89 1.73 12.57
CA LEU E 97 57.90 1.65 13.62
C LEU E 97 59.22 2.30 13.19
N ASP E 98 59.12 3.52 12.65
CA ASP E 98 60.31 4.31 12.34
C ASP E 98 60.15 5.77 12.72
N SER E 99 59.25 6.08 13.65
CA SER E 99 58.95 7.42 14.16
C SER E 99 58.31 8.33 13.12
N LYS E 100 58.10 7.87 11.88
CA LYS E 100 57.40 8.68 10.90
C LYS E 100 55.93 8.84 11.25
N THR E 101 55.31 7.76 11.76
CA THR E 101 53.92 7.77 12.17
C THR E 101 53.84 7.27 13.61
N GLN E 102 52.79 7.70 14.31
CA GLN E 102 52.65 7.36 15.72
C GLN E 102 52.59 5.85 15.91
N SER E 103 52.99 5.40 17.10
CA SER E 103 52.97 4.00 17.45
C SER E 103 52.56 3.86 18.91
N LEU E 104 51.57 3.02 19.16
CA LEU E 104 51.05 2.84 20.51
C LEU E 104 51.99 1.96 21.31
N LEU E 105 52.20 2.30 22.57
CA LEU E 105 53.03 1.55 23.48
C LEU E 105 52.30 1.35 24.80
N ILE E 106 52.51 0.19 25.43
CA ILE E 106 51.90 -0.13 26.71
C ILE E 106 52.97 -0.79 27.59
N VAL E 107 53.00 -0.41 28.86
CA VAL E 107 53.85 -1.06 29.86
C VAL E 107 52.99 -1.35 31.09
N ASN E 108 53.11 -2.57 31.61
CA ASN E 108 52.29 -3.03 32.73
C ASN E 108 53.13 -3.31 33.97
N ASN E 109 54.08 -2.43 34.28
CA ASN E 109 54.93 -2.63 35.44
C ASN E 109 54.13 -2.37 36.72
N ALA E 110 54.83 -2.46 37.86
CA ALA E 110 54.16 -2.33 39.15
C ALA E 110 53.66 -0.92 39.40
N THR E 111 54.37 0.09 38.89
CA THR E 111 54.04 1.48 39.18
C THR E 111 52.66 1.86 38.64
N ASN E 112 52.51 1.88 37.32
CA ASN E 112 51.26 2.30 36.69
C ASN E 112 51.21 1.74 35.27
N VAL E 113 50.02 1.76 34.69
CA VAL E 113 49.83 1.29 33.31
C VAL E 113 50.05 2.52 32.43
N VAL E 114 51.31 2.78 32.13
CA VAL E 114 51.67 3.90 31.26
C VAL E 114 51.34 3.54 29.83
N ILE E 115 50.69 4.47 29.12
CA ILE E 115 50.29 4.26 27.74
C ILE E 115 50.86 5.41 26.91
N LYS E 116 51.75 5.08 25.97
CA LYS E 116 52.35 6.06 25.09
C LYS E 116 51.83 5.83 23.68
N VAL E 117 51.28 6.87 23.08
CA VAL E 117 50.66 6.77 21.77
C VAL E 117 51.43 7.52 20.69
N CYS E 118 52.27 8.48 21.07
CA CYS E 118 52.88 9.39 20.12
C CYS E 118 54.04 8.72 19.36
N GLU E 119 54.75 9.51 18.56
CA GLU E 119 55.83 9.00 17.74
C GLU E 119 57.12 8.86 18.55
N PHE E 120 57.83 7.76 18.33
CA PHE E 120 59.17 7.59 18.87
C PHE E 120 59.86 6.45 18.13
N GLN E 121 61.11 6.66 17.75
CA GLN E 121 61.84 5.70 16.95
C GLN E 121 62.28 4.51 17.79
N PHE E 122 62.11 3.32 17.24
CA PHE E 122 62.49 2.08 17.90
C PHE E 122 63.87 1.63 17.43
N CYS E 123 64.39 0.60 18.09
CA CYS E 123 65.63 -0.03 17.67
C CYS E 123 65.33 -1.32 16.91
N ASN E 124 66.33 -1.78 16.16
CA ASN E 124 66.12 -2.90 15.25
C ASN E 124 65.76 -4.19 15.97
N ASP E 125 66.13 -4.32 17.25
CA ASP E 125 65.82 -5.51 18.05
C ASP E 125 65.23 -5.05 19.37
N PRO E 126 63.95 -4.68 19.39
CA PRO E 126 63.34 -4.19 20.64
C PRO E 126 63.40 -5.24 21.73
N PHE E 127 63.67 -4.77 22.95
CA PHE E 127 63.92 -5.66 24.08
C PHE E 127 63.92 -4.83 25.35
N LEU E 128 63.42 -5.44 26.44
CA LEU E 128 63.44 -4.82 27.76
C LEU E 128 64.17 -5.73 28.73
N GLY E 129 65.13 -5.16 29.45
CA GLY E 129 65.92 -5.94 30.39
C GLY E 129 66.16 -5.15 31.67
N VAL E 130 66.22 -5.90 32.77
CA VAL E 130 66.49 -5.34 34.09
C VAL E 130 67.62 -6.14 34.73
N TYR E 131 68.67 -5.45 35.17
CA TYR E 131 69.82 -6.09 35.79
C TYR E 131 69.58 -6.17 37.29
N TYR E 132 69.15 -7.34 37.76
CA TYR E 132 68.92 -7.53 39.19
C TYR E 132 70.25 -7.59 39.94
N HIS E 133 70.27 -6.98 41.13
CA HIS E 133 71.45 -6.96 41.98
C HIS E 133 71.33 -8.07 43.02
N LYS E 134 72.26 -9.02 42.97
CA LYS E 134 72.26 -10.12 43.93
C LYS E 134 72.92 -9.74 45.26
N ASN E 135 73.68 -8.64 45.30
CA ASN E 135 74.30 -8.23 46.54
C ASN E 135 73.27 -7.65 47.50
N ASN E 136 72.27 -6.95 46.98
CA ASN E 136 71.20 -6.35 47.78
C ASN E 136 69.96 -7.22 47.69
N LYS E 137 69.34 -7.50 48.84
CA LYS E 137 68.13 -8.33 48.89
C LYS E 137 66.90 -7.48 48.58
N SER E 138 66.91 -6.87 47.40
CA SER E 138 65.80 -6.06 46.92
C SER E 138 65.83 -6.04 45.41
N TRP E 139 64.63 -5.94 44.82
CA TRP E 139 64.47 -5.94 43.37
C TRP E 139 64.13 -4.54 42.89
N MET E 140 64.84 -4.08 41.87
CA MET E 140 64.61 -2.75 41.32
C MET E 140 64.85 -2.78 39.81
N GLU E 141 64.18 -1.88 39.11
CA GLU E 141 64.39 -1.74 37.67
C GLU E 141 65.73 -1.08 37.40
N SER E 142 66.45 -1.60 36.41
CA SER E 142 67.80 -1.13 36.11
C SER E 142 67.91 -0.47 34.75
N GLU E 143 67.46 -1.12 33.68
CA GLU E 143 67.64 -0.62 32.33
C GLU E 143 66.28 -0.43 31.66
N PHE E 144 66.15 0.67 30.92
CA PHE E 144 64.94 1.00 30.16
C PHE E 144 65.40 1.46 28.78
N ARG E 145 65.44 0.54 27.82
CA ARG E 145 65.96 0.82 26.48
C ARG E 145 65.07 0.10 25.44
N VAL E 146 64.07 0.83 24.95
CA VAL E 146 63.14 0.26 23.96
C VAL E 146 62.92 1.24 22.82
N TYR E 147 63.28 2.51 23.02
CA TYR E 147 63.11 3.52 21.99
C TYR E 147 64.18 4.59 22.14
N SER E 148 64.37 5.36 21.07
CA SER E 148 65.39 6.41 21.08
C SER E 148 64.88 7.66 21.78
N SER E 149 63.85 8.30 21.22
CA SER E 149 63.32 9.54 21.77
C SER E 149 62.00 9.84 21.06
N ALA E 150 61.24 10.76 21.65
CA ALA E 150 59.96 11.21 21.11
C ALA E 150 60.09 12.70 20.80
N ASN E 151 60.22 13.03 19.51
CA ASN E 151 60.38 14.43 19.12
C ASN E 151 59.12 15.24 19.37
N ASN E 152 57.97 14.72 18.96
CA ASN E 152 56.69 15.37 19.19
C ASN E 152 55.69 14.34 19.71
N CYS E 153 54.70 14.81 20.47
CA CYS E 153 53.69 13.91 21.01
C CYS E 153 52.33 14.58 20.98
N THR E 154 51.30 13.74 20.87
CA THR E 154 49.92 14.20 20.74
C THR E 154 49.03 13.75 21.89
N PHE E 155 49.04 12.46 22.23
CA PHE E 155 48.13 11.92 23.23
C PHE E 155 48.90 11.09 24.25
N GLU E 156 48.37 11.07 25.47
CA GLU E 156 48.92 10.24 26.54
C GLU E 156 47.77 9.79 27.43
N TYR E 157 48.00 8.70 28.16
CA TYR E 157 46.98 8.13 29.02
C TYR E 157 47.66 7.33 30.12
N VAL E 158 47.23 7.52 31.36
CA VAL E 158 47.69 6.73 32.50
C VAL E 158 46.47 6.31 33.31
N SER E 159 46.38 5.02 33.60
CA SER E 159 45.26 4.47 34.36
C SER E 159 45.78 3.84 35.65
N GLN E 160 44.88 3.15 36.35
CA GLN E 160 45.24 2.51 37.60
C GLN E 160 46.25 1.39 37.34
N PRO E 161 47.10 1.07 38.31
CA PRO E 161 48.05 -0.04 38.12
C PRO E 161 47.32 -1.35 37.83
N PHE E 162 47.89 -2.13 36.92
CA PHE E 162 47.23 -3.32 36.42
C PHE E 162 47.23 -4.41 37.49
N LEU E 163 46.29 -5.35 37.35
CA LEU E 163 46.15 -6.46 38.27
C LEU E 163 47.01 -7.62 37.80
N MET E 164 48.04 -7.94 38.59
CA MET E 164 48.93 -9.07 38.35
C MET E 164 48.91 -10.00 39.55
N ASP E 165 49.69 -11.09 39.46
CA ASP E 165 49.87 -11.94 40.62
C ASP E 165 50.69 -11.25 41.69
N LEU E 166 51.56 -10.31 41.30
CA LEU E 166 52.37 -9.52 42.23
C LEU E 166 53.22 -10.41 43.14
N GLU E 167 53.77 -11.47 42.57
CA GLU E 167 54.62 -12.38 43.33
C GLU E 167 55.59 -13.07 42.38
N GLY E 168 56.89 -12.98 42.69
CA GLY E 168 57.89 -13.60 41.85
C GLY E 168 58.43 -14.90 42.42
N LYS E 169 57.98 -16.02 41.87
CA LYS E 169 58.43 -17.33 42.30
C LYS E 169 58.20 -18.32 41.18
N GLN E 170 58.82 -19.49 41.30
CA GLN E 170 58.69 -20.58 40.34
C GLN E 170 57.82 -21.68 40.94
N GLY E 171 56.83 -22.11 40.18
CA GLY E 171 55.92 -23.13 40.67
C GLY E 171 54.97 -23.60 39.59
N ASN E 172 53.86 -24.18 40.04
CA ASN E 172 52.86 -24.71 39.12
C ASN E 172 52.21 -23.60 38.32
N PHE E 173 51.80 -23.95 37.10
CA PHE E 173 51.11 -23.00 36.23
C PHE E 173 49.72 -22.71 36.77
N LYS E 174 49.54 -21.51 37.32
CA LYS E 174 48.25 -21.10 37.87
C LYS E 174 47.70 -19.83 37.26
N ASN E 175 48.46 -19.14 36.41
CA ASN E 175 48.09 -17.83 35.88
C ASN E 175 47.80 -17.95 34.40
N LEU E 176 46.64 -17.44 33.99
CA LEU E 176 46.26 -17.34 32.58
C LEU E 176 45.79 -15.93 32.29
N ARG E 177 46.34 -15.32 31.25
CA ARG E 177 46.01 -13.96 30.86
C ARG E 177 45.42 -13.98 29.46
N GLU E 178 44.24 -13.38 29.30
CA GLU E 178 43.59 -13.29 28.01
C GLU E 178 43.33 -11.82 27.68
N PHE E 179 43.56 -11.46 26.42
CA PHE E 179 43.40 -10.08 25.97
C PHE E 179 42.91 -10.08 24.53
N VAL E 180 42.00 -9.16 24.21
CA VAL E 180 41.48 -8.99 22.86
C VAL E 180 41.84 -7.57 22.42
N PHE E 181 42.50 -7.45 21.28
CA PHE E 181 42.99 -6.17 20.78
C PHE E 181 42.22 -5.84 19.51
N LYS E 182 41.08 -5.17 19.68
CA LYS E 182 40.23 -4.77 18.57
C LYS E 182 40.26 -3.27 18.41
N ASN E 183 40.46 -2.80 17.18
CA ASN E 183 40.43 -1.38 16.85
C ASN E 183 39.60 -1.18 15.61
N ILE E 184 38.63 -0.27 15.68
CA ILE E 184 37.74 0.00 14.56
C ILE E 184 37.20 1.43 14.70
N ASP E 185 37.06 2.10 13.56
CA ASP E 185 36.51 3.46 13.50
C ASP E 185 37.30 4.42 14.39
N GLY E 186 38.63 4.26 14.39
CA GLY E 186 39.47 5.10 15.21
C GLY E 186 39.25 4.94 16.69
N TYR E 187 38.75 3.79 17.12
CA TYR E 187 38.47 3.50 18.53
C TYR E 187 39.22 2.24 18.92
N PHE E 188 40.10 2.36 19.91
CA PHE E 188 40.89 1.22 20.39
C PHE E 188 40.26 0.69 21.67
N LYS E 189 39.95 -0.59 21.67
CA LYS E 189 39.32 -1.25 22.81
C LYS E 189 40.14 -2.45 23.23
N ILE E 190 40.12 -2.74 24.53
CA ILE E 190 40.86 -3.87 25.09
C ILE E 190 39.96 -4.58 26.10
N TYR E 191 39.88 -5.89 25.99
CA TYR E 191 39.15 -6.74 26.93
C TYR E 191 40.14 -7.63 27.66
N SER E 192 39.68 -8.25 28.74
CA SER E 192 40.58 -9.09 29.52
C SER E 192 39.81 -10.03 30.42
N LYS E 193 40.52 -11.05 30.89
CA LYS E 193 40.09 -11.89 32.00
C LYS E 193 41.34 -12.51 32.61
N HIS E 194 41.24 -12.90 33.87
CA HIS E 194 42.40 -13.36 34.64
C HIS E 194 42.06 -14.65 35.38
N THR E 195 41.41 -15.58 34.68
CA THR E 195 41.01 -16.82 35.31
C THR E 195 42.22 -17.69 35.63
N PRO E 196 42.17 -18.43 36.74
CA PRO E 196 43.26 -19.37 37.06
C PRO E 196 43.13 -20.65 36.25
N ILE E 197 44.21 -21.44 36.30
CA ILE E 197 44.27 -22.73 35.64
C ILE E 197 44.79 -23.77 36.62
N ASN E 198 44.49 -25.04 36.34
CA ASN E 198 44.88 -26.14 37.20
C ASN E 198 45.49 -27.29 36.41
N LEU E 199 45.89 -27.06 35.17
CA LEU E 199 46.51 -28.09 34.36
C LEU E 199 47.75 -27.49 33.70
N VAL E 200 48.73 -28.37 33.42
CA VAL E 200 50.08 -27.90 33.10
C VAL E 200 50.11 -27.13 31.79
N ARG E 201 49.52 -27.69 30.74
CA ARG E 201 49.84 -27.24 29.39
C ARG E 201 48.56 -27.05 28.58
N ASP E 202 48.64 -26.14 27.59
CA ASP E 202 47.61 -25.96 26.58
C ASP E 202 46.32 -25.37 27.14
N LEU E 203 45.36 -25.07 26.25
CA LEU E 203 44.12 -24.44 26.66
C LEU E 203 43.26 -25.44 27.43
N PRO E 204 42.79 -25.10 28.63
CA PRO E 204 41.84 -25.98 29.33
C PRO E 204 40.51 -26.04 28.59
N GLN E 205 39.83 -27.17 28.74
CA GLN E 205 38.53 -27.39 28.12
C GLN E 205 37.45 -26.77 29.01
N GLY E 206 37.34 -25.44 28.91
CA GLY E 206 36.36 -24.70 29.67
C GLY E 206 36.01 -23.42 28.94
N PHE E 207 34.96 -22.76 29.43
CA PHE E 207 34.44 -21.55 28.79
C PHE E 207 34.37 -20.43 29.81
N SER E 208 34.85 -19.25 29.42
CA SER E 208 34.77 -18.06 30.25
C SER E 208 34.76 -16.83 29.35
N ALA E 209 33.95 -15.85 29.71
CA ALA E 209 33.77 -14.65 28.91
C ALA E 209 34.77 -13.58 29.30
N LEU E 210 34.97 -12.61 28.41
CA LEU E 210 35.92 -11.53 28.60
C LEU E 210 35.16 -10.21 28.78
N GLU E 211 35.46 -9.49 29.89
CA GLU E 211 34.80 -8.25 30.23
C GLU E 211 35.58 -7.05 29.72
N PRO E 212 34.91 -5.96 29.37
CA PRO E 212 35.60 -4.77 28.87
C PRO E 212 36.49 -4.16 29.94
N LEU E 213 37.57 -3.52 29.49
CA LEU E 213 38.53 -2.90 30.38
C LEU E 213 38.57 -1.38 30.24
N VAL E 214 38.82 -0.87 29.03
CA VAL E 214 38.92 0.57 28.81
C VAL E 214 38.86 0.82 27.32
N ASP E 215 38.41 2.02 26.95
CA ASP E 215 38.36 2.46 25.57
C ASP E 215 39.37 3.57 25.34
N LEU E 216 40.18 3.43 24.30
CA LEU E 216 41.20 4.42 23.95
C LEU E 216 40.88 5.04 22.60
N PRO E 217 40.35 6.25 22.55
CA PRO E 217 40.10 6.90 21.26
C PRO E 217 41.34 7.64 20.75
N ILE E 218 41.86 7.22 19.60
CA ILE E 218 43.01 7.89 19.01
C ILE E 218 42.69 8.30 17.57
N GLY E 219 42.30 7.33 16.75
CA GLY E 219 42.14 7.55 15.33
C GLY E 219 43.31 7.10 14.48
N ILE E 220 44.32 6.50 15.08
CA ILE E 220 45.49 6.02 14.36
C ILE E 220 45.15 4.72 13.64
N ASN E 221 45.84 4.47 12.53
CA ASN E 221 45.80 3.17 11.87
C ASN E 221 46.93 2.30 12.38
N ILE E 222 46.57 1.11 12.88
CA ILE E 222 47.53 0.14 13.40
C ILE E 222 47.47 -1.09 12.52
N THR E 223 48.63 -1.51 12.02
CA THR E 223 48.70 -2.67 11.15
C THR E 223 49.78 -3.64 11.64
N ARG E 224 50.65 -3.16 12.52
CA ARG E 224 51.87 -3.87 12.85
C ARG E 224 51.76 -4.25 14.33
N PHE E 225 52.25 -5.44 14.71
CA PHE E 225 52.12 -5.86 16.09
C PHE E 225 53.37 -6.60 16.56
N GLN E 226 53.74 -6.39 17.82
CA GLN E 226 54.88 -7.05 18.44
C GLN E 226 54.65 -7.10 19.95
N THR E 227 55.43 -7.93 20.64
CA THR E 227 55.31 -8.11 22.09
C THR E 227 56.63 -7.81 22.77
N LEU E 228 56.58 -7.09 23.89
CA LEU E 228 57.74 -6.86 24.73
C LEU E 228 57.93 -7.98 25.75
N LEU E 229 59.19 -8.24 26.09
CA LEU E 229 59.54 -9.29 27.03
C LEU E 229 60.45 -8.70 28.10
N ALA E 230 60.17 -9.02 29.37
CA ALA E 230 61.01 -8.59 30.48
C ALA E 230 62.01 -9.68 30.81
N LEU E 231 63.30 -9.33 30.77
CA LEU E 231 64.37 -10.29 30.96
C LEU E 231 65.28 -9.81 32.09
N HIS E 232 65.66 -10.73 32.97
CA HIS E 232 66.55 -10.44 34.09
C HIS E 232 67.92 -11.03 33.81
N ARG E 233 68.96 -10.25 34.08
CA ARG E 233 70.34 -10.68 33.93
C ARG E 233 70.92 -11.01 35.30
N SER E 234 71.58 -12.16 35.40
CA SER E 234 72.13 -12.63 36.67
C SER E 234 73.60 -13.00 36.48
N TYR E 235 74.27 -13.25 37.60
CA TYR E 235 75.68 -13.63 37.59
C TYR E 235 75.92 -15.10 37.31
N LEU E 236 74.85 -15.91 37.25
CA LEU E 236 75.02 -17.33 36.97
C LEU E 236 75.55 -17.59 35.58
N THR E 237 75.40 -16.64 34.66
CA THR E 237 75.91 -16.75 33.29
C THR E 237 76.90 -15.61 33.06
N PRO E 238 78.18 -15.83 33.27
CA PRO E 238 79.17 -14.78 33.09
C PRO E 238 79.47 -14.55 31.61
N GLY E 239 80.24 -13.50 31.34
CA GLY E 239 80.61 -13.13 29.98
C GLY E 239 80.11 -11.75 29.62
N ASP E 240 79.76 -11.58 28.35
CA ASP E 240 79.23 -10.30 27.89
C ASP E 240 77.86 -10.03 28.50
N SER E 241 77.60 -8.74 28.76
CA SER E 241 76.32 -8.36 29.36
C SER E 241 75.15 -8.65 28.43
N SER E 242 75.38 -8.65 27.12
CA SER E 242 74.30 -8.92 26.18
C SER E 242 73.82 -10.36 26.23
N SER E 243 74.66 -11.29 26.69
CA SER E 243 74.29 -12.70 26.75
C SER E 243 74.22 -13.26 28.16
N GLY E 244 74.66 -12.50 29.16
CA GLY E 244 74.63 -12.99 30.53
C GLY E 244 73.29 -12.82 31.20
N TRP E 245 72.33 -13.67 30.85
CA TRP E 245 70.97 -13.56 31.37
C TRP E 245 70.31 -14.93 31.35
N THR E 246 69.20 -15.04 32.09
CA THR E 246 68.35 -16.21 32.08
C THR E 246 66.90 -15.78 31.97
N ALA E 247 66.14 -16.48 31.12
CA ALA E 247 64.76 -16.12 30.84
C ALA E 247 63.74 -17.05 31.48
N GLY E 248 64.17 -18.11 32.14
CA GLY E 248 63.23 -19.03 32.74
C GLY E 248 62.38 -19.73 31.70
N ALA E 249 61.07 -19.74 31.92
CA ALA E 249 60.13 -20.37 31.00
C ALA E 249 59.04 -19.37 30.64
N ALA E 250 58.83 -19.16 29.35
CA ALA E 250 57.82 -18.23 28.85
C ALA E 250 57.06 -18.87 27.70
N ALA E 251 55.79 -18.51 27.60
CA ALA E 251 54.94 -19.04 26.53
C ALA E 251 53.76 -18.10 26.32
N TYR E 252 53.38 -17.90 25.06
CA TYR E 252 52.21 -17.10 24.75
C TYR E 252 51.64 -17.54 23.40
N TYR E 253 50.32 -17.49 23.30
CA TYR E 253 49.59 -17.92 22.12
C TYR E 253 49.05 -16.70 21.39
N VAL E 254 48.92 -16.82 20.07
CA VAL E 254 48.43 -15.72 19.23
C VAL E 254 47.37 -16.27 18.28
N GLY E 255 46.21 -15.62 18.24
CA GLY E 255 45.14 -16.02 17.34
C GLY E 255 44.80 -14.94 16.34
N TYR E 256 43.59 -14.99 15.78
CA TYR E 256 43.14 -13.95 14.85
C TYR E 256 41.62 -13.86 14.90
N LEU E 257 41.10 -12.72 14.46
CA LEU E 257 39.68 -12.44 14.52
C LEU E 257 39.10 -12.32 13.12
N GLN E 258 37.91 -12.90 12.94
CA GLN E 258 37.22 -12.91 11.66
C GLN E 258 35.77 -12.52 11.85
N PRO E 259 35.12 -11.94 10.83
CA PRO E 259 33.70 -11.62 10.96
C PRO E 259 32.82 -12.85 10.94
N ARG E 260 32.26 -13.21 12.10
CA ARG E 260 31.43 -14.39 12.23
C ARG E 260 30.23 -14.07 13.11
N THR E 261 29.14 -14.79 12.88
CA THR E 261 27.91 -14.62 13.65
C THR E 261 27.88 -15.64 14.77
N PHE E 262 27.58 -15.17 15.98
CA PHE E 262 27.59 -16.02 17.16
C PHE E 262 26.21 -16.03 17.82
N LEU E 263 25.98 -17.05 18.63
CA LEU E 263 24.80 -17.15 19.48
C LEU E 263 25.26 -17.26 20.92
N LEU E 264 24.73 -16.40 21.79
CA LEU E 264 25.18 -16.29 23.16
C LEU E 264 24.07 -16.71 24.12
N LYS E 265 24.45 -17.40 25.18
CA LYS E 265 23.52 -17.85 26.22
C LYS E 265 23.83 -17.13 27.51
N TYR E 266 22.83 -16.44 28.06
CA TYR E 266 22.97 -15.68 29.30
C TYR E 266 22.36 -16.43 30.46
N ASN E 267 23.00 -16.38 31.62
CA ASN E 267 22.45 -16.94 32.84
C ASN E 267 21.71 -15.85 33.61
N GLU E 268 21.29 -16.15 34.83
CA GLU E 268 20.52 -15.19 35.61
C GLU E 268 21.40 -14.26 36.46
N ASN E 269 22.72 -14.40 36.38
CA ASN E 269 23.63 -13.35 36.83
C ASN E 269 23.94 -12.34 35.74
N GLY E 270 23.38 -12.52 34.55
CA GLY E 270 23.76 -11.70 33.42
C GLY E 270 25.17 -11.92 32.93
N THR E 271 25.64 -13.17 32.94
CA THR E 271 26.98 -13.52 32.48
C THR E 271 26.88 -14.59 31.41
N ILE E 272 27.69 -14.46 30.37
CA ILE E 272 27.67 -15.42 29.26
C ILE E 272 28.29 -16.73 29.72
N THR E 273 27.49 -17.80 29.72
CA THR E 273 27.97 -19.11 30.14
C THR E 273 28.10 -20.10 28.99
N ASP E 274 27.52 -19.83 27.84
CA ASP E 274 27.60 -20.75 26.71
C ASP E 274 27.45 -19.96 25.41
N ALA E 275 28.17 -20.38 24.38
CA ALA E 275 28.10 -19.74 23.08
C ALA E 275 28.13 -20.80 22.00
N VAL E 276 27.50 -20.50 20.86
CA VAL E 276 27.39 -21.42 19.75
C VAL E 276 27.73 -20.67 18.47
N ASP E 277 28.73 -21.16 17.73
CA ASP E 277 29.06 -20.60 16.44
C ASP E 277 27.98 -20.98 15.43
N CYS E 278 27.80 -20.12 14.42
CA CYS E 278 26.73 -20.30 13.44
C CYS E 278 27.26 -20.59 12.05
N ALA E 279 28.57 -20.83 11.89
CA ALA E 279 29.12 -21.13 10.57
C ALA E 279 30.17 -22.24 10.65
N LEU E 280 30.08 -23.11 11.65
CA LEU E 280 31.05 -24.18 11.84
C LEU E 280 30.54 -25.53 11.39
N ASP E 281 29.39 -25.96 11.91
CA ASP E 281 28.84 -27.28 11.69
C ASP E 281 27.39 -27.16 11.26
N PRO E 282 26.91 -28.09 10.44
CA PRO E 282 25.47 -28.09 10.11
C PRO E 282 24.58 -28.13 11.35
N LEU E 283 24.96 -28.88 12.37
CA LEU E 283 24.19 -28.88 13.61
C LEU E 283 24.24 -27.51 14.28
N SER E 284 25.41 -26.85 14.25
CA SER E 284 25.50 -25.51 14.82
C SER E 284 24.64 -24.52 14.06
N GLU E 285 24.62 -24.64 12.73
CA GLU E 285 23.77 -23.76 11.93
C GLU E 285 22.30 -24.01 12.21
N THR E 286 21.91 -25.28 12.40
CA THR E 286 20.54 -25.60 12.78
C THR E 286 20.19 -25.00 14.13
N LYS E 287 21.10 -25.08 15.09
CA LYS E 287 20.88 -24.47 16.40
C LYS E 287 20.71 -22.96 16.26
N CYS E 288 21.55 -22.33 15.44
CA CYS E 288 21.46 -20.89 15.25
C CYS E 288 20.12 -20.49 14.63
N THR E 289 19.66 -21.24 13.62
CA THR E 289 18.38 -20.93 12.99
C THR E 289 17.22 -21.14 13.96
N LEU E 290 17.24 -22.24 14.72
CA LEU E 290 16.18 -22.51 15.68
C LEU E 290 16.20 -21.56 16.88
N LYS E 291 17.28 -20.80 17.06
CA LYS E 291 17.43 -19.87 18.19
C LYS E 291 17.22 -20.58 19.52
N SER E 292 17.78 -21.78 19.64
CA SER E 292 17.68 -22.55 20.88
C SER E 292 18.74 -23.65 20.83
N PHE E 293 18.82 -24.41 21.91
CA PHE E 293 19.68 -25.58 21.99
C PHE E 293 18.80 -26.82 21.89
N THR E 294 19.44 -27.99 21.92
CA THR E 294 18.76 -29.27 22.10
C THR E 294 17.67 -29.48 21.04
N VAL E 295 18.11 -29.57 19.79
CA VAL E 295 17.19 -29.83 18.70
C VAL E 295 16.81 -31.31 18.69
N GLU E 296 15.51 -31.59 18.57
CA GLU E 296 15.00 -32.95 18.56
C GLU E 296 14.93 -33.46 17.12
N LYS E 297 14.24 -34.58 16.91
CA LYS E 297 14.16 -35.20 15.60
C LYS E 297 13.46 -34.27 14.60
N GLY E 298 13.56 -34.63 13.33
CA GLY E 298 12.91 -33.88 12.28
C GLY E 298 13.89 -33.31 11.27
N ILE E 299 13.41 -33.00 10.08
CA ILE E 299 14.22 -32.40 9.03
C ILE E 299 13.93 -30.91 8.97
N TYR E 300 14.97 -30.10 9.13
CA TYR E 300 14.83 -28.65 9.20
C TYR E 300 15.54 -28.02 8.02
N GLN E 301 14.84 -27.14 7.30
CA GLN E 301 15.46 -26.34 6.27
C GLN E 301 16.25 -25.22 6.92
N THR E 302 17.56 -25.18 6.67
CA THR E 302 18.45 -24.27 7.38
C THR E 302 18.87 -23.06 6.55
N SER E 303 19.09 -23.21 5.26
CA SER E 303 19.55 -22.10 4.42
C SER E 303 19.36 -22.50 2.97
N ASN E 304 19.86 -21.67 2.06
CA ASN E 304 19.78 -21.89 0.63
C ASN E 304 21.16 -21.73 0.01
N PHE E 305 21.35 -22.35 -1.15
CA PHE E 305 22.60 -22.29 -1.88
C PHE E 305 22.33 -22.09 -3.36
N ARG E 306 23.32 -21.57 -4.07
CA ARG E 306 23.21 -21.33 -5.50
C ARG E 306 24.58 -21.49 -6.15
N VAL E 307 24.60 -22.07 -7.34
CA VAL E 307 25.86 -22.29 -8.05
C VAL E 307 26.33 -20.97 -8.65
N GLN E 308 27.58 -20.62 -8.39
CA GLN E 308 28.13 -19.37 -8.89
C GLN E 308 28.63 -19.52 -10.32
N PRO E 309 28.60 -18.44 -11.10
CA PRO E 309 29.11 -18.51 -12.47
C PRO E 309 30.63 -18.60 -12.49
N THR E 310 31.17 -18.93 -13.67
CA THR E 310 32.60 -19.12 -13.87
C THR E 310 33.29 -17.86 -14.39
N GLU E 311 32.60 -16.72 -14.40
CA GLU E 311 33.14 -15.40 -14.72
C GLU E 311 33.48 -15.23 -16.19
N SER E 312 33.33 -16.27 -17.02
CA SER E 312 33.64 -16.16 -18.43
C SER E 312 32.64 -15.24 -19.14
N ILE E 313 33.03 -14.80 -20.33
CA ILE E 313 32.23 -13.87 -21.13
C ILE E 313 31.99 -14.50 -22.50
N VAL E 314 31.00 -13.94 -23.21
CA VAL E 314 30.58 -14.47 -24.51
C VAL E 314 30.70 -13.37 -25.55
N ARG E 315 30.83 -13.80 -26.81
CA ARG E 315 31.21 -12.96 -27.94
C ARG E 315 29.99 -12.39 -28.66
N PHE E 316 30.28 -11.43 -29.57
CA PHE E 316 29.37 -10.96 -30.60
C PHE E 316 30.19 -10.47 -31.80
N PRO E 317 31.09 -11.30 -32.33
CA PRO E 317 32.11 -10.81 -33.26
C PRO E 317 31.67 -10.88 -34.72
N ASN E 318 32.63 -10.62 -35.61
CA ASN E 318 32.59 -10.91 -37.04
C ASN E 318 31.98 -9.76 -37.83
N ILE E 319 32.77 -9.17 -38.71
CA ILE E 319 32.34 -8.05 -39.54
C ILE E 319 32.27 -8.45 -41.02
N THR E 320 33.18 -9.32 -41.47
CA THR E 320 33.25 -9.82 -42.84
C THR E 320 33.53 -8.69 -43.83
N ASN E 321 32.57 -7.77 -43.98
CA ASN E 321 32.70 -6.68 -44.95
C ASN E 321 33.79 -5.72 -44.49
N LEU E 322 34.94 -5.77 -45.15
CA LEU E 322 36.08 -4.91 -44.84
C LEU E 322 36.39 -4.04 -46.05
N CYS E 323 36.46 -2.73 -45.83
CA CYS E 323 36.86 -1.81 -46.89
C CYS E 323 38.38 -1.77 -47.00
N PRO E 324 38.95 -2.07 -48.16
CA PRO E 324 40.43 -2.00 -48.32
C PRO E 324 40.91 -0.60 -48.67
N PHE E 325 40.80 0.31 -47.71
CA PHE E 325 41.21 1.70 -47.89
C PHE E 325 42.56 2.00 -47.26
N GLY E 326 43.32 0.98 -46.89
CA GLY E 326 44.60 1.19 -46.24
C GLY E 326 45.70 1.63 -47.18
N GLU E 327 45.54 2.81 -47.78
CA GLU E 327 46.54 3.36 -48.69
C GLU E 327 46.87 4.80 -48.33
N VAL E 328 45.91 5.49 -47.68
CA VAL E 328 46.12 6.88 -47.31
C VAL E 328 47.20 7.00 -46.23
N PHE E 329 47.27 6.04 -45.31
CA PHE E 329 48.27 6.10 -44.24
C PHE E 329 49.68 6.04 -44.79
N ASN E 330 49.91 5.22 -45.81
CA ASN E 330 51.23 5.07 -46.42
C ASN E 330 51.33 5.81 -47.75
N ALA E 331 50.70 6.99 -47.84
CA ALA E 331 50.73 7.79 -49.05
C ALA E 331 51.91 8.75 -49.01
N THR E 332 52.60 8.88 -50.15
CA THR E 332 53.76 9.77 -50.21
C THR E 332 53.35 11.22 -49.97
N ARG E 333 52.25 11.67 -50.57
CA ARG E 333 51.75 13.02 -50.41
C ARG E 333 50.41 12.98 -49.71
N PHE E 334 50.28 13.74 -48.63
CA PHE E 334 49.04 13.76 -47.86
C PHE E 334 48.02 14.69 -48.50
N ALA E 335 48.35 15.99 -48.57
CA ALA E 335 47.50 17.01 -49.17
C ALA E 335 48.33 18.28 -49.30
N SER E 336 47.71 19.30 -49.90
CA SER E 336 48.35 20.60 -50.09
C SER E 336 47.42 21.70 -49.59
N VAL E 337 47.97 22.91 -49.49
CA VAL E 337 47.18 24.04 -49.03
C VAL E 337 46.11 24.41 -50.05
N TYR E 338 46.43 24.32 -51.34
CA TYR E 338 45.50 24.63 -52.40
C TYR E 338 44.88 23.40 -53.03
N ALA E 339 45.21 22.19 -52.54
CA ALA E 339 44.69 20.95 -53.10
C ALA E 339 43.98 20.11 -52.03
N TRP E 340 43.31 20.78 -51.09
CA TRP E 340 42.55 20.06 -50.07
C TRP E 340 41.35 19.36 -50.69
N ASN E 341 41.14 18.10 -50.32
CA ASN E 341 40.06 17.29 -50.85
C ASN E 341 38.97 17.11 -49.80
N ARG E 342 37.96 16.31 -50.15
CA ARG E 342 36.83 16.02 -49.28
C ARG E 342 36.96 14.56 -48.80
N LYS E 343 37.15 14.39 -47.50
CA LYS E 343 37.28 13.07 -46.89
C LYS E 343 36.02 12.77 -46.10
N ARG E 344 35.32 11.70 -46.48
CA ARG E 344 34.10 11.29 -45.81
C ARG E 344 34.12 9.78 -45.60
N ILE E 345 33.66 9.35 -44.43
CA ILE E 345 33.59 7.93 -44.09
C ILE E 345 32.14 7.63 -43.73
N SER E 346 31.49 6.79 -44.55
CA SER E 346 30.10 6.43 -44.32
C SER E 346 29.81 5.13 -45.05
N ASN E 347 28.78 4.41 -44.57
CA ASN E 347 28.33 3.16 -45.17
C ASN E 347 29.42 2.10 -45.20
N CYS E 348 30.36 2.18 -44.26
CA CYS E 348 31.39 1.16 -44.12
C CYS E 348 31.96 1.22 -42.71
N VAL E 349 32.60 0.14 -42.30
CA VAL E 349 33.24 0.03 -41.00
C VAL E 349 34.69 0.46 -41.13
N ALA E 350 35.15 1.29 -40.19
CA ALA E 350 36.52 1.78 -40.18
C ALA E 350 37.27 1.16 -39.02
N ASP E 351 38.43 0.58 -39.31
CA ASP E 351 39.29 -0.04 -38.31
C ASP E 351 40.40 0.93 -37.92
N TYR E 352 40.27 1.53 -36.75
CA TYR E 352 41.20 2.53 -36.26
C TYR E 352 42.32 1.94 -35.41
N SER E 353 42.35 0.61 -35.25
CA SER E 353 43.40 -0.02 -34.45
C SER E 353 44.78 0.12 -35.08
N VAL E 354 44.85 0.37 -36.39
CA VAL E 354 46.15 0.48 -37.06
C VAL E 354 46.93 1.70 -36.60
N LEU E 355 46.26 2.68 -35.98
CA LEU E 355 46.97 3.86 -35.50
C LEU E 355 47.95 3.51 -34.40
N TYR E 356 47.56 2.63 -33.48
CA TYR E 356 48.39 2.21 -32.37
C TYR E 356 48.83 0.76 -32.46
N ASN E 357 48.56 0.08 -33.59
CA ASN E 357 49.04 -1.27 -33.75
C ASN E 357 50.56 -1.33 -33.78
N SER E 358 51.20 -0.39 -34.49
CA SER E 358 52.65 -0.30 -34.53
C SER E 358 53.00 1.17 -34.75
N ALA E 359 53.30 1.88 -33.66
CA ALA E 359 53.63 3.29 -33.72
C ALA E 359 54.72 3.61 -32.71
N SER E 360 55.47 4.68 -32.98
CA SER E 360 56.54 5.13 -32.10
C SER E 360 56.50 6.64 -31.95
N PHE E 361 55.29 7.19 -31.81
CA PHE E 361 55.12 8.64 -31.71
C PHE E 361 55.53 9.10 -30.31
N SER E 362 56.69 9.74 -30.22
CA SER E 362 57.17 10.29 -28.96
C SER E 362 56.61 11.69 -28.74
N THR E 363 56.68 12.14 -27.49
CA THR E 363 56.17 13.46 -27.08
C THR E 363 54.72 13.64 -27.51
N PHE E 364 53.90 12.62 -27.22
CA PHE E 364 52.50 12.60 -27.63
C PHE E 364 51.66 13.37 -26.61
N LYS E 365 51.78 14.69 -26.65
CA LYS E 365 51.00 15.59 -25.80
C LYS E 365 49.81 16.06 -26.62
N CYS E 366 48.69 15.36 -26.49
CA CYS E 366 47.47 15.66 -27.23
C CYS E 366 46.38 16.05 -26.24
N TYR E 367 45.68 17.14 -26.54
CA TYR E 367 44.63 17.68 -25.68
C TYR E 367 43.27 17.38 -26.30
N GLY E 368 42.35 16.87 -25.48
CA GLY E 368 41.02 16.56 -25.96
C GLY E 368 40.72 15.07 -25.98
N VAL E 369 40.03 14.61 -27.02
CA VAL E 369 39.73 13.19 -27.16
C VAL E 369 40.92 12.49 -27.80
N SER E 370 41.33 11.38 -27.20
CA SER E 370 42.45 10.61 -27.73
C SER E 370 42.00 9.87 -28.99
N PRO E 371 42.74 9.99 -30.10
CA PRO E 371 42.37 9.24 -31.31
C PRO E 371 42.37 7.73 -31.09
N THR E 372 43.24 7.21 -30.24
CA THR E 372 43.22 5.80 -29.90
C THR E 372 41.96 5.48 -29.09
N LYS E 373 41.52 4.22 -29.18
CA LYS E 373 40.30 3.75 -28.53
C LYS E 373 39.11 4.62 -28.94
N LEU E 374 38.89 4.69 -30.25
CA LEU E 374 37.85 5.54 -30.81
C LEU E 374 36.60 4.75 -31.20
N ASN E 375 36.68 3.42 -31.27
CA ASN E 375 35.52 2.63 -31.66
C ASN E 375 34.38 2.75 -30.66
N ASP E 376 34.68 3.09 -29.40
CA ASP E 376 33.63 3.26 -28.40
C ASP E 376 32.71 4.42 -28.76
N LEU E 377 33.28 5.54 -29.22
CA LEU E 377 32.48 6.69 -29.61
C LEU E 377 32.02 6.55 -31.05
N CYS E 378 30.80 6.99 -31.32
CA CYS E 378 30.16 6.83 -32.63
C CYS E 378 29.85 8.21 -33.19
N PHE E 379 30.40 8.52 -34.36
CA PHE E 379 30.14 9.79 -35.04
C PHE E 379 29.84 9.57 -36.51
N THR E 380 29.70 10.65 -37.27
CA THR E 380 29.31 10.58 -38.67
C THR E 380 30.45 10.86 -39.64
N ASN E 381 31.15 11.99 -39.46
CA ASN E 381 32.19 12.40 -40.38
C ASN E 381 33.48 12.71 -39.63
N VAL E 382 34.60 12.26 -40.21
CA VAL E 382 35.93 12.54 -39.68
C VAL E 382 36.77 13.11 -40.81
N TYR E 383 37.43 14.24 -40.56
CA TYR E 383 38.19 14.95 -41.57
C TYR E 383 39.66 15.03 -41.18
N ALA E 384 40.53 14.94 -42.19
CA ALA E 384 41.97 15.08 -42.02
C ALA E 384 42.44 16.28 -42.82
N ASP E 385 43.21 17.16 -42.19
CA ASP E 385 43.67 18.39 -42.81
C ASP E 385 45.19 18.40 -42.89
N SER E 386 45.72 18.85 -44.03
CA SER E 386 47.14 19.03 -44.22
C SER E 386 47.40 20.42 -44.80
N PHE E 387 48.55 20.98 -44.45
CA PHE E 387 48.88 22.34 -44.85
C PHE E 387 50.38 22.49 -44.97
N VAL E 388 50.79 23.59 -45.62
CA VAL E 388 52.19 23.93 -45.79
C VAL E 388 52.46 25.24 -45.06
N ILE E 389 53.47 25.24 -44.19
CA ILE E 389 53.83 26.40 -43.40
C ILE E 389 55.32 26.67 -43.58
N ARG E 390 55.81 27.66 -42.83
CA ARG E 390 57.22 28.02 -42.91
C ARG E 390 58.09 26.84 -42.48
N GLY E 391 59.22 26.67 -43.16
CA GLY E 391 60.11 25.57 -42.84
C GLY E 391 60.73 25.71 -41.46
N ASP E 392 61.08 26.93 -41.06
CA ASP E 392 61.71 27.16 -39.77
C ASP E 392 60.71 27.13 -38.62
N GLU E 393 59.41 27.09 -38.90
CA GLU E 393 58.39 27.11 -37.86
C GLU E 393 57.74 25.75 -37.67
N VAL E 394 58.38 24.67 -38.15
CA VAL E 394 57.79 23.34 -37.99
C VAL E 394 57.85 22.89 -36.53
N ARG E 395 58.94 23.19 -35.83
CA ARG E 395 58.96 22.98 -34.39
C ARG E 395 58.55 24.22 -33.60
N GLN E 396 58.34 25.35 -34.26
CA GLN E 396 57.97 26.59 -33.59
C GLN E 396 56.46 26.75 -33.40
N ILE E 397 55.65 25.89 -33.99
CA ILE E 397 54.20 25.98 -33.84
C ILE E 397 53.80 25.44 -32.48
N ALA E 398 53.09 26.24 -31.70
CA ALA E 398 52.62 25.88 -30.38
C ALA E 398 51.23 26.46 -30.19
N PRO E 399 50.42 25.86 -29.31
CA PRO E 399 49.11 26.43 -29.00
C PRO E 399 49.24 27.84 -28.43
N GLY E 400 48.72 28.81 -29.18
CA GLY E 400 48.84 30.21 -28.77
C GLY E 400 50.06 30.86 -29.39
N GLN E 401 50.84 31.55 -28.55
CA GLN E 401 52.08 32.21 -28.96
C GLN E 401 51.83 33.30 -30.00
N THR E 402 52.89 33.97 -30.43
CA THR E 402 52.80 35.04 -31.42
C THR E 402 53.92 34.86 -32.44
N GLY E 403 54.11 35.87 -33.27
CA GLY E 403 55.15 35.83 -34.28
C GLY E 403 54.88 36.77 -35.43
N LYS E 404 55.93 37.41 -35.96
CA LYS E 404 55.74 38.34 -37.07
C LYS E 404 55.30 37.61 -38.34
N ILE E 405 55.87 36.44 -38.60
CA ILE E 405 55.56 35.68 -39.81
C ILE E 405 54.26 34.91 -39.61
N ALA E 406 53.47 34.83 -40.69
CA ALA E 406 52.22 34.07 -40.69
C ALA E 406 51.26 34.55 -39.62
N ASP E 407 51.15 35.87 -39.46
CA ASP E 407 50.21 36.44 -38.50
C ASP E 407 49.30 37.46 -39.17
N TYR E 408 49.84 38.22 -40.12
CA TYR E 408 49.08 39.23 -40.83
C TYR E 408 48.86 38.89 -42.31
N ASN E 409 49.51 37.86 -42.83
CA ASN E 409 49.37 37.45 -44.21
C ASN E 409 48.75 36.07 -44.38
N TYR E 410 49.18 35.09 -43.57
CA TYR E 410 48.59 33.76 -43.55
C TYR E 410 48.28 33.44 -42.09
N LYS E 411 47.09 33.83 -41.64
CA LYS E 411 46.73 33.71 -40.22
C LYS E 411 46.42 32.26 -39.89
N LEU E 412 47.10 31.73 -38.87
CA LEU E 412 46.80 30.38 -38.40
C LEU E 412 45.48 30.39 -37.63
N PRO E 413 44.74 29.28 -37.68
CA PRO E 413 43.45 29.23 -36.98
C PRO E 413 43.62 29.40 -35.47
N ASP E 414 42.66 30.10 -34.86
CA ASP E 414 42.66 30.32 -33.43
C ASP E 414 41.85 29.24 -32.73
N ASP E 415 42.32 28.82 -31.56
CA ASP E 415 41.72 27.73 -30.79
C ASP E 415 41.60 26.47 -31.65
N PHE E 416 42.73 26.06 -32.20
CA PHE E 416 42.76 24.92 -33.11
C PHE E 416 42.31 23.65 -32.40
N THR E 417 41.46 22.89 -33.07
CA THR E 417 40.96 21.61 -32.57
C THR E 417 41.61 20.49 -33.34
N GLY E 418 42.33 19.63 -32.64
CA GLY E 418 43.04 18.54 -33.29
C GLY E 418 43.93 17.82 -32.30
N CYS E 419 44.84 17.02 -32.85
CA CYS E 419 45.79 16.24 -32.07
C CYS E 419 47.21 16.60 -32.46
N VAL E 420 48.12 16.55 -31.50
CA VAL E 420 49.53 16.87 -31.71
C VAL E 420 50.28 15.55 -31.87
N ILE E 421 50.78 15.29 -33.08
CA ILE E 421 51.54 14.09 -33.38
C ILE E 421 52.86 14.53 -33.99
N ALA E 422 53.97 13.97 -33.49
CA ALA E 422 55.31 14.36 -33.92
C ALA E 422 56.07 13.10 -34.34
N TRP E 423 56.05 12.80 -35.64
CA TRP E 423 56.85 11.73 -36.21
C TRP E 423 57.57 12.27 -37.44
N ASN E 424 58.89 12.07 -37.49
CA ASN E 424 59.70 12.60 -38.57
C ASN E 424 59.56 11.76 -39.82
N SER E 425 59.61 12.42 -40.97
CA SER E 425 59.59 11.77 -42.27
C SER E 425 60.79 12.24 -43.08
N ASN E 426 61.44 11.29 -43.76
CA ASN E 426 62.66 11.58 -44.52
C ASN E 426 62.64 11.10 -45.96
N ASN E 427 61.83 10.10 -46.30
CA ASN E 427 61.80 9.58 -47.66
C ASN E 427 60.40 9.50 -48.27
N LEU E 428 59.34 9.77 -47.50
CA LEU E 428 57.99 9.77 -48.06
C LEU E 428 57.72 11.02 -48.89
N ASP E 429 58.33 12.14 -48.52
CA ASP E 429 58.14 13.40 -49.23
C ASP E 429 59.48 14.11 -49.32
N SER E 430 59.46 15.31 -49.93
CA SER E 430 60.65 16.15 -50.09
C SER E 430 61.75 15.39 -50.85
N LYS E 431 61.42 15.09 -52.11
CA LYS E 431 62.33 14.32 -52.95
C LYS E 431 63.61 15.10 -53.21
N VAL E 432 64.70 14.35 -53.41
CA VAL E 432 66.00 14.96 -53.64
C VAL E 432 66.05 15.59 -55.03
N GLY E 433 66.96 16.55 -55.19
CA GLY E 433 67.14 17.22 -56.47
C GLY E 433 66.37 18.52 -56.59
N GLY E 434 65.05 18.46 -56.57
CA GLY E 434 64.24 19.65 -56.69
C GLY E 434 62.75 19.38 -56.79
N ASN E 435 61.95 20.26 -56.17
CA ASN E 435 60.49 20.13 -56.21
C ASN E 435 59.88 21.51 -56.17
N TYR E 436 58.91 21.76 -57.05
CA TYR E 436 58.18 23.03 -57.09
C TYR E 436 56.68 22.70 -57.12
N ASN E 437 56.11 22.51 -55.94
CA ASN E 437 54.68 22.24 -55.81
C ASN E 437 53.98 23.05 -54.73
N TYR E 438 54.70 23.61 -53.76
CA TYR E 438 54.09 24.40 -52.70
C TYR E 438 54.20 25.87 -53.06
N LEU E 439 53.08 26.47 -53.49
CA LEU E 439 53.03 27.88 -53.84
C LEU E 439 51.81 28.50 -53.19
N TYR E 440 52.03 29.49 -52.34
CA TYR E 440 50.95 30.18 -51.66
C TYR E 440 51.39 31.60 -51.34
N ARG E 441 50.40 32.47 -51.11
CA ARG E 441 50.67 33.88 -50.89
C ARG E 441 51.39 34.09 -49.56
N LEU E 442 52.38 34.99 -49.58
CA LEU E 442 53.11 35.37 -48.37
C LEU E 442 52.99 36.84 -48.01
N PHE E 443 52.58 37.70 -48.93
CA PHE E 443 52.40 39.12 -48.67
C PHE E 443 50.96 39.50 -48.98
N ARG E 444 50.28 40.06 -47.98
CA ARG E 444 48.90 40.48 -48.15
C ARG E 444 48.61 41.66 -47.22
N LYS E 445 47.60 42.44 -47.59
CA LYS E 445 47.25 43.62 -46.81
C LYS E 445 46.49 43.28 -45.54
N SER E 446 45.73 42.17 -45.53
CA SER E 446 44.89 41.82 -44.40
C SER E 446 45.03 40.34 -44.11
N ASN E 447 44.29 39.87 -43.11
CA ASN E 447 44.34 38.49 -42.68
C ASN E 447 43.61 37.58 -43.66
N LEU E 448 43.80 36.27 -43.48
CA LEU E 448 43.18 35.27 -44.34
C LEU E 448 42.39 34.29 -43.49
N LYS E 449 41.16 34.02 -43.90
CA LYS E 449 40.34 33.03 -43.21
C LYS E 449 40.90 31.62 -43.45
N PRO E 450 40.69 30.71 -42.51
CA PRO E 450 41.19 29.34 -42.69
C PRO E 450 40.61 28.68 -43.92
N PHE E 451 41.44 27.88 -44.60
CA PHE E 451 41.06 27.19 -45.83
C PHE E 451 40.63 28.18 -46.92
N GLU E 452 41.56 29.07 -47.26
CA GLU E 452 41.36 30.07 -48.28
C GLU E 452 42.31 29.80 -49.44
N ARG E 453 41.77 29.76 -50.66
CA ARG E 453 42.53 29.47 -51.87
C ARG E 453 42.57 30.75 -52.71
N ASP E 454 43.59 31.59 -52.46
CA ASP E 454 43.81 32.80 -53.25
C ASP E 454 44.95 32.53 -54.23
N ILE E 455 44.59 31.93 -55.36
CA ILE E 455 45.53 31.62 -56.43
C ILE E 455 45.24 32.54 -57.61
N SER E 456 46.27 33.26 -58.06
CA SER E 456 46.14 34.19 -59.18
C SER E 456 47.55 34.59 -59.63
N THR E 457 47.61 35.24 -60.78
CA THR E 457 48.85 35.76 -61.33
C THR E 457 48.99 37.27 -61.08
N GLU E 458 48.08 37.87 -60.34
CA GLU E 458 48.14 39.31 -60.08
C GLU E 458 49.30 39.64 -59.16
N ILE E 459 49.91 40.80 -59.39
CA ILE E 459 51.03 41.26 -58.58
C ILE E 459 50.48 42.03 -57.38
N TYR E 460 50.81 41.55 -56.18
CA TYR E 460 50.34 42.20 -54.96
C TYR E 460 51.04 43.54 -54.77
N GLN E 461 50.28 44.52 -54.27
CA GLN E 461 50.78 45.86 -54.04
C GLN E 461 50.99 46.05 -52.54
N ALA E 462 52.21 46.42 -52.15
CA ALA E 462 52.55 46.59 -50.74
C ALA E 462 52.36 48.03 -50.27
N GLY E 463 52.82 49.00 -51.06
CA GLY E 463 52.69 50.39 -50.73
C GLY E 463 51.45 51.02 -51.31
N SER E 464 51.50 52.33 -51.51
CA SER E 464 50.39 53.06 -52.10
C SER E 464 50.50 53.19 -53.62
N THR E 465 51.62 52.80 -54.21
CA THR E 465 51.83 52.93 -55.65
C THR E 465 52.17 51.56 -56.26
N PRO E 466 51.27 50.96 -57.03
CA PRO E 466 51.61 49.71 -57.72
C PRO E 466 52.70 49.93 -58.75
N CYS E 467 53.50 48.88 -58.97
CA CYS E 467 54.61 48.93 -59.91
C CYS E 467 54.17 48.35 -61.25
N ASN E 468 54.52 49.02 -62.34
CA ASN E 468 54.14 48.61 -63.68
C ASN E 468 55.17 47.61 -64.23
N GLY E 469 55.17 46.43 -63.61
CA GLY E 469 56.10 45.38 -64.02
C GLY E 469 57.55 45.73 -63.83
N VAL E 470 57.88 46.39 -62.73
CA VAL E 470 59.25 46.76 -62.41
C VAL E 470 59.57 46.31 -60.99
N GLU E 471 60.78 45.78 -60.79
CA GLU E 471 61.21 45.30 -59.48
C GLU E 471 61.86 46.47 -58.74
N GLY E 472 61.03 47.21 -58.01
CA GLY E 472 61.47 48.37 -57.27
C GLY E 472 60.95 48.35 -55.84
N PHE E 473 60.86 49.54 -55.26
CA PHE E 473 60.41 49.68 -53.88
C PHE E 473 58.89 49.60 -53.80
N ASN E 474 58.41 49.29 -52.59
CA ASN E 474 56.98 49.22 -52.24
C ASN E 474 56.18 48.41 -53.26
N CYS E 475 56.82 47.43 -53.91
CA CYS E 475 56.11 46.53 -54.81
C CYS E 475 56.93 45.24 -54.88
N TYR E 476 56.46 44.21 -54.19
CA TYR E 476 57.16 42.93 -54.10
C TYR E 476 56.30 41.83 -54.70
N PHE E 477 56.96 40.83 -55.25
CA PHE E 477 56.26 39.69 -55.84
C PHE E 477 55.70 38.82 -54.71
N PRO E 478 54.38 38.58 -54.67
CA PRO E 478 53.83 37.80 -53.55
C PRO E 478 54.20 36.34 -53.59
N LEU E 479 54.15 35.71 -54.76
CA LEU E 479 54.45 34.29 -54.86
C LEU E 479 55.93 34.03 -54.60
N GLN E 480 56.20 32.98 -53.84
CA GLN E 480 57.57 32.57 -53.53
C GLN E 480 57.73 31.08 -53.78
N SER E 481 58.83 30.71 -54.40
CA SER E 481 59.15 29.32 -54.68
C SER E 481 60.14 28.81 -53.65
N TYR E 482 59.82 27.66 -53.03
CA TYR E 482 60.69 27.10 -52.01
C TYR E 482 62.05 26.74 -52.61
N GLY E 483 63.12 27.15 -51.91
CA GLY E 483 64.46 26.85 -52.36
C GLY E 483 64.87 25.43 -52.02
N PHE E 484 64.15 24.45 -52.57
CA PHE E 484 64.45 23.06 -52.28
C PHE E 484 65.80 22.67 -52.88
N GLN E 485 66.60 21.98 -52.09
CA GLN E 485 67.95 21.58 -52.46
C GLN E 485 68.15 20.13 -52.05
N PRO E 486 69.11 19.44 -52.66
CA PRO E 486 69.41 18.07 -52.22
C PRO E 486 69.84 18.00 -50.76
N THR E 487 70.46 19.05 -50.25
CA THR E 487 70.82 19.17 -48.84
C THR E 487 70.36 20.53 -48.32
N ASN E 488 69.08 20.83 -48.55
CA ASN E 488 68.52 22.11 -48.11
C ASN E 488 68.55 22.23 -46.59
N GLY E 489 68.20 21.17 -45.89
CA GLY E 489 68.21 21.17 -44.44
C GLY E 489 66.84 20.86 -43.86
N VAL E 490 66.84 20.26 -42.67
CA VAL E 490 65.59 19.91 -42.01
C VAL E 490 64.84 21.15 -41.54
N GLY E 491 65.52 22.28 -41.37
CA GLY E 491 64.91 23.49 -40.90
C GLY E 491 64.26 24.36 -41.95
N TYR E 492 64.22 23.92 -43.21
CA TYR E 492 63.59 24.70 -44.26
C TYR E 492 62.76 23.86 -45.21
N GLN E 493 62.45 22.61 -44.87
CA GLN E 493 61.65 21.74 -45.72
C GLN E 493 60.39 21.34 -44.98
N PRO E 494 59.21 21.50 -45.58
CA PRO E 494 57.96 21.18 -44.87
C PRO E 494 57.77 19.68 -44.68
N TYR E 495 57.87 19.21 -43.45
CA TYR E 495 57.60 17.82 -43.10
C TYR E 495 56.14 17.71 -42.69
N ARG E 496 55.36 17.02 -43.50
CA ARG E 496 53.92 16.95 -43.29
C ARG E 496 53.59 16.24 -41.98
N VAL E 497 52.61 16.77 -41.26
CA VAL E 497 52.18 16.23 -39.98
C VAL E 497 50.69 15.90 -40.08
N VAL E 498 50.34 14.68 -39.69
CA VAL E 498 48.94 14.25 -39.72
C VAL E 498 48.20 14.88 -38.55
N VAL E 499 47.04 15.48 -38.85
CA VAL E 499 46.19 16.07 -37.81
C VAL E 499 44.75 15.93 -38.28
N LEU E 500 43.86 15.62 -37.33
CA LEU E 500 42.45 15.41 -37.62
C LEU E 500 41.64 16.66 -37.29
N SER E 501 40.44 16.71 -37.87
CA SER E 501 39.50 17.82 -37.66
C SER E 501 38.36 17.30 -36.80
N PHE E 502 38.43 17.60 -35.50
CA PHE E 502 37.42 17.16 -34.55
C PHE E 502 36.32 18.20 -34.45
N GLU E 503 35.07 17.76 -34.55
CA GLU E 503 33.92 18.66 -34.48
C GLU E 503 32.71 17.86 -34.04
N LEU E 504 31.67 18.59 -33.64
CA LEU E 504 30.41 17.99 -33.20
C LEU E 504 29.25 18.68 -33.92
N LEU E 505 28.20 17.91 -34.18
CA LEU E 505 27.03 18.43 -34.87
C LEU E 505 25.82 17.62 -34.46
N HIS E 506 24.63 18.21 -34.69
CA HIS E 506 23.36 17.56 -34.36
C HIS E 506 23.01 16.58 -35.49
N ALA E 507 23.69 15.44 -35.47
CA ALA E 507 23.46 14.40 -36.46
C ALA E 507 23.70 13.03 -35.84
N PRO E 508 22.66 12.24 -35.61
CA PRO E 508 22.85 10.90 -35.05
C PRO E 508 23.70 10.03 -35.97
N ALA E 509 24.51 9.18 -35.36
CA ALA E 509 25.39 8.28 -36.09
C ALA E 509 24.81 6.86 -36.06
N THR E 510 24.83 6.20 -37.22
CA THR E 510 24.26 4.86 -37.35
C THR E 510 25.22 3.88 -37.99
N VAL E 511 26.52 4.20 -38.01
CA VAL E 511 27.53 3.33 -38.63
C VAL E 511 28.71 3.21 -37.67
N CYS E 512 28.69 2.15 -36.85
CA CYS E 512 29.77 1.84 -35.92
C CYS E 512 29.49 0.50 -35.22
N GLY E 513 30.54 -0.17 -34.75
CA GLY E 513 30.39 -1.45 -34.10
C GLY E 513 31.64 -1.91 -33.37
N PRO E 514 31.46 -2.43 -32.16
CA PRO E 514 32.62 -2.94 -31.40
C PRO E 514 32.93 -4.40 -31.72
N LYS E 515 33.92 -4.96 -31.03
CA LYS E 515 34.34 -6.34 -31.27
C LYS E 515 34.94 -6.90 -30.00
N LYS E 516 34.51 -8.11 -29.63
CA LYS E 516 35.02 -8.78 -28.44
C LYS E 516 35.79 -10.05 -28.77
N SER E 517 35.16 -10.99 -29.48
CA SER E 517 35.80 -12.23 -29.92
C SER E 517 36.31 -13.04 -28.73
N THR E 518 35.36 -13.46 -27.90
CA THR E 518 35.63 -14.32 -26.74
C THR E 518 34.95 -15.66 -26.95
N ASN E 519 35.72 -16.74 -26.79
CA ASN E 519 35.20 -18.07 -27.05
C ASN E 519 34.08 -18.42 -26.06
N LEU E 520 33.21 -19.33 -26.50
CA LEU E 520 32.07 -19.77 -25.70
C LEU E 520 32.41 -21.03 -24.94
N VAL E 521 31.75 -21.22 -23.81
CA VAL E 521 31.95 -22.38 -22.94
C VAL E 521 30.60 -23.06 -22.74
N LYS E 522 30.58 -24.39 -22.87
CA LYS E 522 29.37 -25.17 -22.76
C LYS E 522 29.40 -26.06 -21.54
N ASN E 523 28.21 -26.42 -21.06
CA ASN E 523 28.02 -27.32 -19.92
C ASN E 523 28.65 -26.76 -18.65
N LYS E 524 28.73 -25.44 -18.54
CA LYS E 524 29.25 -24.76 -17.35
C LYS E 524 28.55 -23.41 -17.27
N CYS E 525 27.65 -23.24 -16.32
CA CYS E 525 26.82 -22.04 -16.30
C CYS E 525 27.66 -20.80 -16.03
N VAL E 526 27.35 -19.73 -16.75
CA VAL E 526 28.15 -18.52 -16.72
C VAL E 526 27.25 -17.35 -17.12
N ASN E 527 27.67 -16.14 -16.78
CA ASN E 527 26.93 -14.93 -17.14
C ASN E 527 27.23 -14.58 -18.58
N PHE E 528 26.45 -15.14 -19.50
CA PHE E 528 26.71 -14.94 -20.92
C PHE E 528 26.28 -13.55 -21.36
N ASN E 529 26.92 -13.06 -22.41
CA ASN E 529 26.62 -11.73 -22.95
C ASN E 529 26.82 -11.79 -24.47
N PHE E 530 25.72 -12.04 -25.19
CA PHE E 530 25.73 -11.98 -26.64
C PHE E 530 25.51 -10.53 -27.07
N ASN E 531 25.22 -10.31 -28.35
CA ASN E 531 24.99 -8.98 -28.85
C ASN E 531 23.71 -8.39 -28.25
N GLY E 532 23.86 -7.48 -27.30
CA GLY E 532 22.72 -6.83 -26.68
C GLY E 532 22.16 -7.57 -25.49
N LEU E 533 21.54 -8.72 -25.72
CA LEU E 533 20.90 -9.47 -24.65
C LEU E 533 21.94 -10.06 -23.71
N THR E 534 21.58 -10.13 -22.42
CA THR E 534 22.46 -10.63 -21.38
C THR E 534 21.69 -11.61 -20.50
N GLY E 535 22.45 -12.45 -19.81
CA GLY E 535 21.84 -13.41 -18.90
C GLY E 535 22.89 -14.37 -18.37
N THR E 536 22.45 -15.19 -17.41
CA THR E 536 23.30 -16.17 -16.76
C THR E 536 22.65 -17.54 -16.83
N GLY E 537 23.42 -18.54 -17.26
CA GLY E 537 22.91 -19.89 -17.34
C GLY E 537 23.91 -20.79 -18.01
N VAL E 538 23.51 -22.05 -18.17
CA VAL E 538 24.36 -23.07 -18.78
C VAL E 538 23.90 -23.31 -20.22
N LEU E 539 24.85 -23.39 -21.13
CA LEU E 539 24.58 -23.54 -22.55
C LEU E 539 24.74 -24.99 -22.97
N THR E 540 23.96 -25.40 -23.97
CA THR E 540 24.01 -26.77 -24.44
C THR E 540 23.48 -26.83 -25.86
N GLU E 541 23.78 -27.94 -26.54
CA GLU E 541 23.31 -28.15 -27.89
C GLU E 541 21.80 -28.41 -27.90
N SER E 542 21.14 -27.95 -28.97
CA SER E 542 19.70 -28.05 -29.08
C SER E 542 19.31 -28.51 -30.48
N ASN E 543 18.13 -29.13 -30.57
CA ASN E 543 17.59 -29.59 -31.84
C ASN E 543 16.49 -28.66 -32.36
N LYS E 544 16.27 -27.52 -31.72
CA LYS E 544 15.24 -26.59 -32.17
C LYS E 544 15.65 -25.95 -33.49
N LYS E 545 14.65 -25.65 -34.32
CA LYS E 545 14.86 -25.08 -35.64
C LYS E 545 14.36 -23.64 -35.65
N PHE E 546 15.21 -22.72 -36.13
CA PHE E 546 14.86 -21.32 -36.29
C PHE E 546 14.67 -20.99 -37.76
N LEU E 547 13.72 -20.10 -38.03
CA LEU E 547 13.60 -19.54 -39.37
C LEU E 547 14.78 -18.64 -39.66
N PRO E 548 15.11 -18.45 -40.94
CA PRO E 548 16.32 -17.68 -41.28
C PRO E 548 16.38 -16.29 -40.67
N PHE E 549 15.25 -15.60 -40.56
CA PHE E 549 15.24 -14.25 -39.99
C PHE E 549 15.19 -14.26 -38.47
N GLN E 550 14.85 -15.39 -37.85
CA GLN E 550 14.73 -15.43 -36.41
C GLN E 550 16.10 -15.43 -35.75
N GLN E 551 16.21 -14.79 -34.59
CA GLN E 551 17.47 -14.68 -33.88
C GLN E 551 17.50 -15.47 -32.58
N PHE E 552 16.58 -15.22 -31.67
CA PHE E 552 16.58 -15.91 -30.39
C PHE E 552 15.15 -16.31 -30.02
N GLY E 553 15.04 -17.43 -29.30
CA GLY E 553 13.76 -17.96 -28.93
C GLY E 553 13.26 -17.46 -27.59
N ARG E 554 12.04 -17.88 -27.26
CA ARG E 554 11.41 -17.54 -26.00
C ARG E 554 10.24 -18.50 -25.79
N ASP E 555 9.89 -18.73 -24.53
CA ASP E 555 8.82 -19.65 -24.17
C ASP E 555 7.71 -18.90 -23.45
N ILE E 556 6.75 -19.65 -22.91
CA ILE E 556 5.68 -19.06 -22.14
C ILE E 556 6.27 -18.31 -20.93
N ALA E 557 5.54 -17.27 -20.50
CA ALA E 557 5.88 -16.41 -19.38
C ALA E 557 7.09 -15.52 -19.66
N ASP E 558 7.47 -15.35 -20.93
CA ASP E 558 8.44 -14.35 -21.34
C ASP E 558 9.79 -14.56 -20.66
N THR E 559 10.41 -15.70 -20.96
CA THR E 559 11.75 -16.01 -20.48
C THR E 559 12.59 -16.50 -21.66
N THR E 560 13.82 -16.00 -21.76
CA THR E 560 14.71 -16.42 -22.83
C THR E 560 15.04 -17.90 -22.66
N ASP E 561 14.98 -18.64 -23.76
CA ASP E 561 15.16 -20.09 -23.73
C ASP E 561 16.07 -20.64 -24.81
N ALA E 562 16.43 -19.85 -25.83
CA ALA E 562 17.33 -20.31 -26.87
C ALA E 562 17.87 -19.10 -27.60
N VAL E 563 19.17 -19.13 -27.91
CA VAL E 563 19.84 -18.06 -28.64
C VAL E 563 20.67 -18.67 -29.75
N ARG E 564 20.66 -18.02 -30.92
CA ARG E 564 21.47 -18.44 -32.05
C ARG E 564 22.76 -17.63 -32.05
N ASP E 565 23.90 -18.31 -32.07
CA ASP E 565 25.17 -17.63 -32.00
C ASP E 565 25.47 -16.93 -33.33
N PRO E 566 26.04 -15.73 -33.30
CA PRO E 566 26.35 -15.03 -34.55
C PRO E 566 27.38 -15.73 -35.42
N GLN E 567 28.23 -16.57 -34.85
CA GLN E 567 29.34 -17.14 -35.61
C GLN E 567 28.92 -18.35 -36.43
N THR E 568 28.49 -19.42 -35.76
CA THR E 568 28.18 -20.68 -36.43
C THR E 568 26.70 -20.82 -36.75
N LEU E 569 25.88 -19.84 -36.40
CA LEU E 569 24.43 -19.87 -36.68
C LEU E 569 23.80 -21.15 -36.12
N GLU E 570 24.11 -21.43 -34.85
CA GLU E 570 23.61 -22.63 -34.18
C GLU E 570 22.78 -22.23 -32.97
N ILE E 571 21.75 -23.01 -32.71
CA ILE E 571 20.80 -22.71 -31.64
C ILE E 571 21.26 -23.41 -30.36
N LEU E 572 21.43 -22.63 -29.30
CA LEU E 572 21.88 -23.13 -28.00
C LEU E 572 20.80 -22.89 -26.96
N ASP E 573 20.46 -23.93 -26.21
CA ASP E 573 19.50 -23.79 -25.11
C ASP E 573 20.13 -23.02 -23.96
N ILE E 574 19.26 -22.48 -23.10
CA ILE E 574 19.69 -21.81 -21.88
C ILE E 574 18.82 -22.30 -20.74
N THR E 575 19.45 -22.81 -19.68
CA THR E 575 18.78 -23.18 -18.45
C THR E 575 19.61 -22.67 -17.28
N PRO E 576 18.98 -22.20 -16.21
CA PRO E 576 19.74 -21.79 -15.03
C PRO E 576 20.27 -23.01 -14.28
N CYS E 577 21.52 -22.92 -13.81
CA CYS E 577 22.11 -24.05 -13.13
C CYS E 577 21.48 -24.20 -11.74
N SER E 578 21.91 -25.26 -11.05
CA SER E 578 21.18 -25.75 -9.88
C SER E 578 21.12 -24.70 -8.77
N PHE E 579 19.98 -24.65 -8.10
CA PHE E 579 19.80 -23.87 -6.89
C PHE E 579 18.67 -24.49 -6.09
N GLY E 580 18.79 -24.45 -4.77
CA GLY E 580 17.80 -25.08 -3.93
C GLY E 580 18.08 -24.82 -2.47
N GLY E 581 17.35 -25.52 -1.61
CA GLY E 581 17.46 -25.32 -0.19
C GLY E 581 18.06 -26.47 0.57
N VAL E 582 19.25 -26.27 1.13
CA VAL E 582 19.89 -27.31 1.92
C VAL E 582 19.15 -27.49 3.24
N SER E 583 19.00 -28.75 3.65
CA SER E 583 18.30 -29.08 4.89
C SER E 583 19.09 -30.13 5.66
N VAL E 584 18.86 -30.17 6.97
CA VAL E 584 19.64 -31.00 7.89
C VAL E 584 18.71 -31.94 8.63
N ILE E 585 19.13 -33.20 8.75
CA ILE E 585 18.37 -34.22 9.46
C ILE E 585 19.11 -34.57 10.75
N THR E 586 18.42 -34.45 11.89
CA THR E 586 19.01 -34.69 13.20
C THR E 586 18.20 -35.71 13.98
N PRO E 587 18.83 -36.66 14.66
CA PRO E 587 18.10 -37.72 15.35
C PRO E 587 17.88 -37.53 16.85
N GLY E 588 18.12 -36.35 17.41
CA GLY E 588 17.96 -36.20 18.84
C GLY E 588 19.23 -35.80 19.58
N THR E 589 19.11 -34.80 20.45
CA THR E 589 20.31 -34.21 21.05
C THR E 589 21.02 -35.20 21.98
N ASN E 590 20.29 -35.91 22.84
CA ASN E 590 20.93 -37.04 23.51
C ASN E 590 21.22 -38.19 22.56
N THR E 591 20.33 -38.45 21.62
CA THR E 591 20.40 -39.72 20.89
C THR E 591 21.69 -39.82 20.09
N SER E 592 22.12 -38.73 19.46
CA SER E 592 23.39 -38.69 18.77
C SER E 592 23.79 -37.24 18.56
N ASN E 593 24.96 -37.04 17.95
CA ASN E 593 25.47 -35.72 17.65
C ASN E 593 25.76 -35.52 16.16
N GLN E 594 25.65 -36.56 15.35
CA GLN E 594 25.91 -36.46 13.92
C GLN E 594 24.62 -36.14 13.16
N VAL E 595 24.78 -35.55 11.98
CA VAL E 595 23.65 -35.12 11.16
C VAL E 595 23.89 -35.57 9.72
N ALA E 596 22.80 -35.57 8.95
CA ALA E 596 22.85 -35.84 7.53
C ALA E 596 22.28 -34.63 6.77
N VAL E 597 22.84 -34.38 5.59
CA VAL E 597 22.52 -33.19 4.81
C VAL E 597 21.85 -33.62 3.52
N LEU E 598 20.73 -32.97 3.21
CA LEU E 598 19.97 -33.25 1.99
C LEU E 598 19.96 -32.01 1.11
N TYR E 599 20.67 -32.07 -0.01
CA TYR E 599 20.62 -31.00 -0.99
C TYR E 599 19.37 -31.17 -1.86
N GLN E 600 18.61 -30.09 -2.01
CA GLN E 600 17.26 -30.18 -2.55
C GLN E 600 17.28 -30.06 -4.06
N ASP E 601 16.81 -31.11 -4.74
CA ASP E 601 16.59 -31.09 -6.19
C ASP E 601 17.85 -30.70 -6.94
N VAL E 602 18.94 -31.42 -6.67
CA VAL E 602 20.22 -31.18 -7.33
C VAL E 602 20.76 -32.52 -7.81
N ASN E 603 21.14 -32.56 -9.09
CA ASN E 603 21.77 -33.74 -9.69
C ASN E 603 23.22 -33.71 -9.23
N CYS E 604 23.43 -34.15 -7.99
CA CYS E 604 24.61 -33.75 -7.22
C CYS E 604 25.87 -34.47 -7.73
N THR E 605 26.37 -33.97 -8.85
CA THR E 605 27.75 -34.21 -9.25
C THR E 605 28.64 -33.01 -8.96
N GLU E 606 28.10 -31.97 -8.33
CA GLU E 606 28.81 -30.71 -8.18
C GLU E 606 28.58 -30.10 -6.79
N VAL E 607 28.45 -30.93 -5.76
CA VAL E 607 28.32 -30.41 -4.40
C VAL E 607 29.54 -29.61 -3.93
N PRO E 608 30.80 -30.03 -4.18
CA PRO E 608 31.90 -29.23 -3.64
C PRO E 608 31.95 -27.81 -4.20
N VAL E 609 31.59 -27.64 -5.48
CA VAL E 609 31.54 -26.30 -6.06
C VAL E 609 30.34 -25.53 -5.49
N ALA E 610 29.21 -26.21 -5.31
CA ALA E 610 28.01 -25.55 -4.82
C ALA E 610 28.13 -25.13 -3.36
N ILE E 611 29.03 -25.76 -2.60
CA ILE E 611 29.24 -25.45 -1.18
C ILE E 611 27.95 -25.62 -0.39
N PRO E 618 35.80 -26.05 6.88
CA PRO E 618 36.08 -26.71 8.16
C PRO E 618 35.45 -28.10 8.26
N THR E 619 34.50 -28.26 9.17
CA THR E 619 33.80 -29.54 9.33
C THR E 619 32.80 -29.79 8.21
N TRP E 620 32.36 -28.75 7.51
CA TRP E 620 31.44 -28.92 6.40
C TRP E 620 32.03 -29.79 5.30
N ARG E 621 33.36 -29.84 5.18
CA ARG E 621 33.99 -30.67 4.17
C ARG E 621 33.71 -32.15 4.40
N VAL E 622 33.41 -32.55 5.63
CA VAL E 622 33.02 -33.94 5.88
C VAL E 622 31.67 -34.23 5.22
N TYR E 623 30.74 -33.29 5.30
CA TYR E 623 29.42 -33.45 4.70
C TYR E 623 29.34 -32.93 3.28
N SER E 624 30.45 -32.43 2.73
CA SER E 624 30.52 -32.04 1.33
C SER E 624 31.41 -33.05 0.61
N THR E 625 30.83 -33.75 -0.36
CA THR E 625 31.50 -34.82 -1.08
C THR E 625 32.04 -35.87 -0.10
N GLY E 626 31.09 -36.51 0.58
CA GLY E 626 31.42 -37.52 1.56
C GLY E 626 31.57 -38.91 0.94
N SER E 627 31.85 -39.89 1.81
CA SER E 627 31.98 -41.26 1.34
C SER E 627 30.65 -41.89 0.98
N ASN E 628 29.54 -41.34 1.48
CA ASN E 628 28.21 -41.85 1.20
C ASN E 628 27.44 -40.82 0.38
N VAL E 629 26.97 -41.23 -0.79
CA VAL E 629 26.11 -40.40 -1.63
C VAL E 629 25.00 -41.29 -2.17
N PHE E 630 23.78 -40.75 -2.21
CA PHE E 630 22.63 -41.54 -2.64
C PHE E 630 21.63 -40.59 -3.30
N GLN E 631 21.48 -40.71 -4.61
CA GLN E 631 20.63 -39.82 -5.37
C GLN E 631 19.18 -40.27 -5.27
N THR E 632 18.29 -39.36 -4.90
CA THR E 632 16.87 -39.62 -4.76
C THR E 632 16.09 -38.73 -5.72
N ARG E 633 14.77 -38.80 -5.63
CA ARG E 633 13.93 -37.92 -6.44
C ARG E 633 13.95 -36.50 -5.91
N ALA E 634 14.04 -36.34 -4.59
CA ALA E 634 14.02 -35.03 -3.95
C ALA E 634 15.39 -34.36 -3.92
N GLY E 635 16.42 -35.00 -4.45
CA GLY E 635 17.78 -34.49 -4.36
C GLY E 635 18.73 -35.62 -4.09
N CYS E 636 19.74 -35.41 -3.25
CA CYS E 636 20.60 -36.50 -2.83
C CYS E 636 21.06 -36.28 -1.40
N LEU E 637 21.18 -37.38 -0.66
CA LEU E 637 21.44 -37.36 0.76
C LEU E 637 22.90 -37.74 1.00
N ILE E 638 23.61 -36.89 1.75
CA ILE E 638 25.01 -37.10 2.07
C ILE E 638 25.13 -37.42 3.55
N GLY E 639 25.83 -38.50 3.86
CA GLY E 639 26.00 -38.92 5.24
C GLY E 639 25.08 -40.03 5.69
N ALA E 640 24.33 -40.65 4.78
CA ALA E 640 23.47 -41.77 5.11
C ALA E 640 23.77 -42.93 4.18
N GLU E 641 23.60 -44.15 4.70
CA GLU E 641 23.92 -45.37 3.97
C GLU E 641 22.64 -46.04 3.51
N HIS E 642 22.58 -46.36 2.22
CA HIS E 642 21.41 -47.02 1.66
C HIS E 642 21.27 -48.43 2.23
N VAL E 643 20.02 -48.85 2.42
CA VAL E 643 19.71 -50.16 2.99
C VAL E 643 18.65 -50.83 2.11
N ASN E 644 18.83 -52.12 1.86
CA ASN E 644 17.88 -52.88 1.06
C ASN E 644 16.62 -53.28 1.83
N ASN E 645 16.59 -53.09 3.15
CA ASN E 645 15.44 -53.47 3.96
C ASN E 645 14.37 -52.39 3.87
N SER E 646 13.33 -52.52 4.69
CA SER E 646 12.23 -51.57 4.71
C SER E 646 11.55 -51.63 6.06
N TYR E 647 11.46 -50.48 6.73
CA TYR E 647 10.80 -50.39 8.02
C TYR E 647 9.77 -49.27 8.02
N GLU E 648 9.24 -48.92 9.19
CA GLU E 648 8.30 -47.82 9.29
C GLU E 648 9.02 -46.50 8.99
N CYS E 649 8.23 -45.44 8.84
CA CYS E 649 8.75 -44.16 8.39
C CYS E 649 9.12 -43.28 9.57
N ASP E 650 10.42 -43.11 9.80
CA ASP E 650 10.95 -42.02 10.62
C ASP E 650 11.09 -40.79 9.76
N ILE E 651 11.91 -39.82 10.19
CA ILE E 651 12.02 -38.50 9.58
C ILE E 651 11.94 -38.59 8.06
N PRO E 652 10.89 -38.05 7.44
CA PRO E 652 10.68 -38.25 6.01
C PRO E 652 11.64 -37.41 5.17
N ILE E 653 11.78 -37.83 3.92
CA ILE E 653 12.61 -37.14 2.94
C ILE E 653 11.81 -36.75 1.70
N GLY E 654 11.11 -37.71 1.11
CA GLY E 654 10.29 -37.47 -0.06
C GLY E 654 10.36 -38.63 -1.02
N ALA E 655 9.32 -38.75 -1.86
CA ALA E 655 9.22 -39.83 -2.84
C ALA E 655 9.31 -41.20 -2.18
N GLY E 656 8.66 -41.35 -1.03
CA GLY E 656 8.63 -42.62 -0.33
C GLY E 656 9.96 -43.07 0.23
N ILE E 657 10.73 -42.15 0.80
CA ILE E 657 12.00 -42.47 1.43
C ILE E 657 12.04 -41.79 2.80
N CYS E 658 12.37 -42.57 3.84
CA CYS E 658 12.44 -42.04 5.20
C CYS E 658 13.79 -42.41 5.79
N ALA E 659 14.51 -41.39 6.27
CA ALA E 659 15.76 -41.61 6.96
C ALA E 659 15.50 -41.94 8.42
N SER E 660 16.48 -42.60 9.06
CA SER E 660 16.31 -43.04 10.44
C SER E 660 17.67 -43.23 11.08
N TYR E 661 17.64 -43.47 12.40
CA TYR E 661 18.83 -43.74 13.19
C TYR E 661 18.75 -45.16 13.71
N GLN E 662 19.76 -45.96 13.39
CA GLN E 662 19.78 -47.35 13.84
C GLN E 662 20.48 -47.49 15.18
N GLN E 677 25.94 -44.74 16.36
CA GLN E 677 25.46 -45.68 15.36
C GLN E 677 25.64 -45.11 13.95
N SER E 678 24.57 -45.13 13.16
CA SER E 678 24.62 -44.63 11.80
C SER E 678 23.22 -44.20 11.38
N ILE E 679 23.16 -43.41 10.32
CA ILE E 679 21.91 -42.93 9.74
C ILE E 679 21.68 -43.67 8.43
N ILE E 680 20.50 -44.25 8.27
CA ILE E 680 20.18 -45.10 7.13
C ILE E 680 19.01 -44.51 6.36
N ALA E 681 19.08 -44.58 5.04
CA ALA E 681 18.00 -44.15 4.15
C ALA E 681 17.44 -45.38 3.46
N TYR E 682 16.12 -45.52 3.49
CA TYR E 682 15.47 -46.72 2.98
C TYR E 682 14.11 -46.35 2.40
N THR E 683 13.57 -47.26 1.60
CA THR E 683 12.23 -47.09 1.06
C THR E 683 11.19 -47.44 2.10
N MET E 684 10.13 -46.64 2.16
CA MET E 684 9.09 -46.83 3.18
C MET E 684 8.35 -48.14 2.98
N SER E 685 7.89 -48.71 4.09
CA SER E 685 7.08 -49.92 4.08
C SER E 685 5.67 -49.58 4.55
N LEU E 686 4.68 -49.93 3.73
CA LEU E 686 3.30 -49.56 4.06
C LEU E 686 2.77 -50.35 5.26
N GLY E 687 3.03 -51.65 5.30
CA GLY E 687 2.55 -52.45 6.41
C GLY E 687 2.89 -53.91 6.19
N ALA E 688 2.46 -54.72 7.15
CA ALA E 688 2.72 -56.15 7.09
C ALA E 688 1.79 -56.81 6.07
N GLU E 689 2.37 -57.63 5.20
CA GLU E 689 1.58 -58.35 4.22
C GLU E 689 0.64 -59.33 4.90
N ASN E 690 -0.56 -59.49 4.33
CA ASN E 690 -1.55 -60.38 4.90
C ASN E 690 -2.41 -60.95 3.78
N SER E 691 -3.04 -62.08 4.08
CA SER E 691 -3.93 -62.74 3.14
C SER E 691 -4.89 -63.62 3.92
N VAL E 692 -6.17 -63.53 3.58
CA VAL E 692 -7.21 -64.30 4.25
C VAL E 692 -7.61 -65.46 3.35
N ALA E 693 -7.69 -66.65 3.94
CA ALA E 693 -8.07 -67.85 3.20
C ALA E 693 -9.54 -67.76 2.86
N TYR E 694 -9.85 -67.35 1.64
CA TYR E 694 -11.23 -67.15 1.20
C TYR E 694 -11.70 -68.39 0.44
N SER E 695 -12.74 -69.03 0.98
CA SER E 695 -13.37 -70.17 0.34
C SER E 695 -14.87 -69.94 0.33
N ASN E 696 -15.54 -70.47 -0.70
CA ASN E 696 -16.94 -70.12 -0.89
C ASN E 696 -17.87 -70.75 0.15
N ASN E 697 -17.37 -71.60 1.04
CA ASN E 697 -18.18 -72.17 2.11
C ASN E 697 -17.42 -72.19 3.43
N SER E 698 -16.74 -71.10 3.76
CA SER E 698 -15.97 -71.02 4.99
C SER E 698 -16.15 -69.66 5.63
N ILE E 699 -16.38 -69.65 6.96
CA ILE E 699 -16.56 -68.43 7.73
C ILE E 699 -15.72 -68.51 9.00
N ALA E 700 -15.46 -67.35 9.58
CA ALA E 700 -14.74 -67.22 10.84
C ALA E 700 -15.58 -66.42 11.81
N ILE E 701 -15.81 -66.98 13.00
CA ILE E 701 -16.70 -66.39 13.98
C ILE E 701 -15.94 -66.22 15.30
N PRO E 702 -15.85 -65.01 15.84
CA PRO E 702 -15.10 -64.82 17.08
C PRO E 702 -15.77 -65.50 18.26
N THR E 703 -14.95 -65.81 19.27
CA THR E 703 -15.41 -66.56 20.43
C THR E 703 -15.18 -65.85 21.76
N ASN E 704 -14.42 -64.76 21.80
CA ASN E 704 -14.06 -64.16 23.07
C ASN E 704 -13.50 -62.78 22.81
N PHE E 705 -14.08 -61.77 23.46
CA PHE E 705 -13.93 -60.37 23.10
C PHE E 705 -12.91 -59.67 23.99
N THR E 706 -12.71 -58.37 23.71
CA THR E 706 -11.91 -57.49 24.56
C THR E 706 -12.60 -56.14 24.65
N ILE E 707 -12.28 -55.40 25.71
CA ILE E 707 -12.77 -54.04 25.92
C ILE E 707 -11.56 -53.12 25.94
N SER E 708 -11.61 -52.06 25.14
CA SER E 708 -10.49 -51.14 25.00
C SER E 708 -10.98 -49.71 25.15
N VAL E 709 -10.07 -48.83 25.56
CA VAL E 709 -10.36 -47.42 25.79
C VAL E 709 -9.39 -46.59 24.97
N THR E 710 -9.92 -45.62 24.23
CA THR E 710 -9.15 -44.81 23.30
C THR E 710 -9.23 -43.34 23.69
N THR E 711 -8.15 -42.62 23.47
CA THR E 711 -8.05 -41.21 23.83
C THR E 711 -8.16 -40.34 22.59
N GLU E 712 -8.97 -39.30 22.67
CA GLU E 712 -9.16 -38.34 21.59
C GLU E 712 -9.01 -36.92 22.14
N ILE E 713 -8.28 -36.07 21.42
CA ILE E 713 -7.97 -34.73 21.87
C ILE E 713 -8.39 -33.74 20.79
N LEU E 714 -9.12 -32.70 21.19
CA LEU E 714 -9.59 -31.67 20.27
C LEU E 714 -9.52 -30.30 20.91
N PRO E 715 -8.83 -29.33 20.31
CA PRO E 715 -8.90 -27.96 20.80
C PRO E 715 -10.26 -27.33 20.52
N VAL E 716 -10.68 -26.42 21.39
CA VAL E 716 -11.99 -25.80 21.23
C VAL E 716 -11.92 -24.27 21.31
N SER E 717 -10.80 -23.73 21.78
CA SER E 717 -10.73 -22.29 21.94
C SER E 717 -9.27 -21.84 21.94
N MET E 718 -9.10 -20.53 21.77
CA MET E 718 -7.79 -19.90 21.77
C MET E 718 -7.88 -18.61 22.58
N THR E 719 -6.72 -18.14 23.02
CA THR E 719 -6.68 -16.98 23.92
C THR E 719 -7.20 -15.73 23.22
N LYS E 720 -7.98 -14.94 23.96
CA LYS E 720 -8.54 -13.70 23.44
C LYS E 720 -7.56 -12.57 23.67
N THR E 721 -7.24 -11.85 22.60
CA THR E 721 -6.29 -10.75 22.65
C THR E 721 -6.87 -9.55 21.90
N SER E 722 -6.34 -8.37 22.22
CA SER E 722 -6.81 -7.14 21.60
C SER E 722 -5.65 -6.18 21.45
N VAL E 723 -5.62 -5.48 20.31
CA VAL E 723 -4.58 -4.51 20.01
C VAL E 723 -5.23 -3.23 19.50
N ASP E 724 -4.75 -2.09 19.99
CA ASP E 724 -5.25 -0.78 19.60
C ASP E 724 -4.16 -0.01 18.87
N CYS E 725 -4.53 0.60 17.74
CA CYS E 725 -3.56 1.36 16.97
C CYS E 725 -3.01 2.56 17.75
N THR E 726 -3.90 3.29 18.43
CA THR E 726 -3.51 4.57 18.99
C THR E 726 -2.38 4.45 20.01
N MET E 727 -2.14 3.25 20.53
CA MET E 727 -1.02 3.00 21.42
C MET E 727 0.10 2.23 20.75
N TYR E 728 -0.22 1.18 20.01
CA TYR E 728 0.82 0.35 19.40
C TYR E 728 1.57 1.11 18.31
N ILE E 729 0.84 1.73 17.38
CA ILE E 729 1.48 2.30 16.21
C ILE E 729 2.32 3.51 16.59
N CYS E 730 1.70 4.50 17.23
CA CYS E 730 2.41 5.73 17.56
C CYS E 730 2.86 5.78 19.02
N GLY E 731 1.92 5.81 19.95
CA GLY E 731 2.26 5.72 21.35
C GLY E 731 2.57 7.07 21.96
N ASP E 732 1.67 7.58 22.80
CA ASP E 732 1.92 8.79 23.60
C ASP E 732 2.41 9.96 22.76
N SER E 733 2.07 9.99 21.47
CA SER E 733 2.52 11.05 20.57
C SER E 733 1.32 11.68 19.90
N THR E 734 1.17 13.00 20.08
CA THR E 734 0.03 13.70 19.48
C THR E 734 0.23 13.91 17.98
N GLU E 735 1.43 14.31 17.57
CA GLU E 735 1.67 14.56 16.14
C GLU E 735 1.57 13.28 15.33
N CYS E 736 2.07 12.16 15.86
CA CYS E 736 1.95 10.91 15.16
C CYS E 736 0.50 10.50 14.99
N SER E 737 -0.32 10.67 16.03
CA SER E 737 -1.75 10.36 15.92
C SER E 737 -2.43 11.28 14.92
N ASN E 738 -2.05 12.56 14.91
CA ASN E 738 -2.64 13.50 13.94
C ASN E 738 -2.29 13.08 12.52
N LEU E 739 -1.06 12.66 12.28
CA LEU E 739 -0.70 12.15 10.95
C LEU E 739 -1.45 10.88 10.62
N LEU E 740 -1.63 9.99 11.60
CA LEU E 740 -2.36 8.75 11.36
C LEU E 740 -3.82 9.01 11.04
N LEU E 741 -4.39 10.10 11.55
CA LEU E 741 -5.80 10.41 11.30
C LEU E 741 -6.10 10.59 9.83
N GLN E 742 -5.08 10.89 9.01
CA GLN E 742 -5.32 11.10 7.58
C GLN E 742 -5.64 9.80 6.84
N TYR E 743 -5.27 8.65 7.40
CA TYR E 743 -5.40 7.40 6.64
C TYR E 743 -6.84 6.91 6.56
N GLY E 744 -7.66 7.19 7.57
CA GLY E 744 -9.07 6.84 7.54
C GLY E 744 -9.46 6.00 8.74
N SER E 745 -10.19 4.93 8.49
CA SER E 745 -10.78 4.10 9.53
C SER E 745 -10.34 2.65 9.42
N PHE E 746 -9.04 2.43 9.16
CA PHE E 746 -8.51 1.07 9.19
C PHE E 746 -8.61 0.48 10.59
N CYS E 747 -8.27 1.26 11.59
CA CYS E 747 -8.11 0.71 12.94
C CYS E 747 -9.45 0.40 13.58
N THR E 748 -10.51 1.13 13.22
CA THR E 748 -11.83 0.79 13.72
C THR E 748 -12.22 -0.62 13.30
N GLN E 749 -12.01 -0.95 12.04
CA GLN E 749 -12.37 -2.29 11.57
C GLN E 749 -11.39 -3.34 12.07
N LEU E 750 -10.12 -2.97 12.30
CA LEU E 750 -9.20 -3.90 12.93
C LEU E 750 -9.69 -4.30 14.33
N ASN E 751 -10.05 -3.31 15.13
CA ASN E 751 -10.58 -3.60 16.47
C ASN E 751 -11.89 -4.36 16.39
N ARG E 752 -12.72 -4.05 15.40
CA ARG E 752 -13.96 -4.81 15.23
C ARG E 752 -13.69 -6.28 14.96
N ALA E 753 -12.74 -6.57 14.07
CA ALA E 753 -12.40 -7.96 13.78
C ALA E 753 -11.87 -8.69 15.01
N LEU E 754 -10.98 -8.03 15.76
CA LEU E 754 -10.44 -8.66 16.96
C LEU E 754 -11.53 -8.93 17.99
N THR E 755 -12.47 -7.99 18.15
CA THR E 755 -13.58 -8.21 19.08
C THR E 755 -14.47 -9.35 18.61
N GLY E 756 -14.67 -9.47 17.30
CA GLY E 756 -15.43 -10.60 16.78
C GLY E 756 -14.79 -11.93 17.13
N ILE E 757 -13.47 -12.02 16.96
CA ILE E 757 -12.77 -13.25 17.34
C ILE E 757 -12.93 -13.52 18.83
N ALA E 758 -12.79 -12.48 19.65
CA ALA E 758 -12.88 -12.65 21.10
C ALA E 758 -14.25 -13.18 21.50
N VAL E 759 -15.32 -12.65 20.90
CA VAL E 759 -16.65 -13.15 21.23
C VAL E 759 -16.84 -14.57 20.72
N GLU E 760 -16.28 -14.87 19.54
CA GLU E 760 -16.43 -16.22 18.99
C GLU E 760 -15.79 -17.27 19.89
N GLN E 761 -14.72 -16.91 20.59
CA GLN E 761 -14.09 -17.89 21.49
C GLN E 761 -15.06 -18.33 22.58
N ASP E 762 -15.73 -17.36 23.23
CA ASP E 762 -16.70 -17.70 24.26
C ASP E 762 -17.87 -18.46 23.68
N LYS E 763 -18.30 -18.10 22.47
CA LYS E 763 -19.37 -18.87 21.84
C LYS E 763 -18.95 -20.31 21.60
N ASN E 764 -17.71 -20.53 21.18
CA ASN E 764 -17.20 -21.89 20.98
C ASN E 764 -17.27 -22.69 22.27
N THR E 765 -16.74 -22.13 23.36
CA THR E 765 -16.74 -22.88 24.62
C THR E 765 -18.16 -23.15 25.09
N GLN E 766 -19.05 -22.16 24.98
CA GLN E 766 -20.44 -22.32 25.40
C GLN E 766 -21.13 -23.43 24.62
N GLU E 767 -20.94 -23.45 23.29
CA GLU E 767 -21.56 -24.48 22.48
C GLU E 767 -21.01 -25.85 22.80
N VAL E 768 -19.70 -25.96 23.02
CA VAL E 768 -19.10 -27.28 23.24
C VAL E 768 -19.54 -27.86 24.57
N PHE E 769 -19.46 -27.07 25.64
CA PHE E 769 -19.58 -27.65 26.97
C PHE E 769 -20.98 -27.56 27.57
N ALA E 770 -21.68 -26.44 27.41
CA ALA E 770 -22.97 -26.24 28.05
C ALA E 770 -24.06 -26.94 27.24
N GLN E 771 -24.40 -28.15 27.65
CA GLN E 771 -25.41 -28.94 26.95
C GLN E 771 -26.36 -29.64 27.91
N VAL E 772 -26.34 -29.29 29.18
CA VAL E 772 -27.21 -29.90 30.19
C VAL E 772 -28.04 -28.81 30.85
N LYS E 773 -29.31 -29.10 31.06
CA LYS E 773 -30.21 -28.12 31.66
C LYS E 773 -29.97 -27.97 33.16
N GLN E 774 -29.61 -29.06 33.84
CA GLN E 774 -29.37 -29.05 35.27
C GLN E 774 -27.98 -29.57 35.57
N ILE E 775 -27.64 -29.60 36.85
CA ILE E 775 -26.39 -30.16 37.34
C ILE E 775 -26.74 -31.39 38.16
N TYR E 776 -26.32 -32.56 37.69
CA TYR E 776 -26.61 -33.81 38.37
C TYR E 776 -25.50 -34.15 39.35
N LYS E 777 -25.85 -34.94 40.36
CA LYS E 777 -24.93 -35.30 41.43
C LYS E 777 -24.78 -36.80 41.50
N THR E 778 -23.55 -37.27 41.66
CA THR E 778 -23.30 -38.68 41.85
C THR E 778 -23.81 -39.12 43.21
N PRO E 779 -24.29 -40.37 43.32
CA PRO E 779 -24.79 -40.84 44.61
C PRO E 779 -23.67 -40.93 45.63
N PRO E 780 -23.97 -40.81 46.92
CA PRO E 780 -22.91 -40.85 47.93
C PRO E 780 -22.15 -42.17 47.96
N ILE E 781 -22.82 -43.28 47.67
CA ILE E 781 -22.18 -44.60 47.70
C ILE E 781 -21.92 -45.03 46.26
N LYS E 782 -20.88 -45.84 46.08
CA LYS E 782 -20.45 -46.32 44.77
C LYS E 782 -20.64 -47.83 44.73
N ASP E 783 -21.72 -48.28 44.10
CA ASP E 783 -22.04 -49.69 43.96
C ASP E 783 -22.44 -50.01 42.53
N PHE E 784 -21.63 -49.56 41.57
CA PHE E 784 -21.96 -49.71 40.16
C PHE E 784 -21.67 -51.12 39.65
N GLY E 785 -22.21 -52.13 40.31
CA GLY E 785 -22.11 -53.50 39.83
C GLY E 785 -20.69 -53.99 39.66
N GLY E 786 -19.75 -53.48 40.44
CA GLY E 786 -18.36 -53.87 40.34
C GLY E 786 -17.52 -53.01 39.43
N PHE E 787 -18.11 -52.05 38.74
CA PHE E 787 -17.33 -51.14 37.92
C PHE E 787 -16.67 -50.08 38.79
N ASN E 788 -15.57 -49.52 38.27
CA ASN E 788 -14.73 -48.59 39.02
C ASN E 788 -14.60 -47.30 38.23
N PHE E 789 -14.95 -46.18 38.87
CA PHE E 789 -14.93 -44.87 38.21
C PHE E 789 -14.08 -43.85 38.96
N SER E 790 -13.29 -44.29 39.94
CA SER E 790 -12.58 -43.34 40.79
C SER E 790 -11.58 -42.49 40.01
N GLN E 791 -11.15 -42.94 38.84
CA GLN E 791 -10.17 -42.21 38.06
C GLN E 791 -10.78 -41.13 37.18
N ILE E 792 -12.10 -41.03 37.13
CA ILE E 792 -12.76 -39.99 36.35
C ILE E 792 -13.69 -39.12 37.18
N LEU E 793 -14.22 -39.61 38.30
CA LEU E 793 -15.09 -38.80 39.14
C LEU E 793 -14.26 -37.77 39.91
N PRO E 794 -14.87 -36.65 40.31
CA PRO E 794 -14.11 -35.60 40.98
C PRO E 794 -13.54 -36.04 42.32
N ASP E 795 -12.41 -35.45 42.68
CA ASP E 795 -11.69 -35.77 43.91
C ASP E 795 -12.08 -34.81 45.01
N PRO E 796 -12.67 -35.27 46.12
CA PRO E 796 -13.10 -34.35 47.18
C PRO E 796 -11.96 -33.62 47.87
N SER E 797 -10.98 -34.36 48.37
CA SER E 797 -9.91 -33.79 49.20
C SER E 797 -8.82 -33.18 48.33
N LYS E 798 -9.23 -32.26 47.47
CA LYS E 798 -8.38 -31.64 46.47
C LYS E 798 -9.24 -30.53 45.86
N PRO E 799 -8.74 -29.68 44.94
CA PRO E 799 -9.67 -28.90 44.11
C PRO E 799 -10.90 -29.69 43.71
N SER E 800 -12.07 -29.13 43.97
CA SER E 800 -13.27 -29.91 44.20
C SER E 800 -13.62 -30.80 43.02
N LYS E 801 -13.64 -30.24 41.81
CA LYS E 801 -14.22 -30.93 40.68
C LYS E 801 -13.20 -31.53 39.72
N ARG E 802 -11.91 -31.36 39.96
CA ARG E 802 -10.91 -31.88 39.03
C ARG E 802 -10.52 -33.31 39.45
N SER E 803 -10.81 -34.26 38.59
CA SER E 803 -10.47 -35.66 38.77
C SER E 803 -8.99 -35.89 38.50
N PRO E 804 -8.44 -37.03 38.93
CA PRO E 804 -6.99 -37.26 38.73
C PRO E 804 -6.53 -37.13 37.29
N ILE E 805 -7.31 -37.61 36.32
CA ILE E 805 -6.88 -37.49 34.92
C ILE E 805 -6.88 -36.03 34.49
N GLU E 806 -7.88 -35.26 34.92
CA GLU E 806 -7.88 -33.83 34.62
C GLU E 806 -6.65 -33.15 35.23
N ASP E 807 -6.27 -33.56 36.44
CA ASP E 807 -5.10 -32.97 37.08
C ASP E 807 -3.83 -33.31 36.31
N LEU E 808 -3.71 -34.56 35.86
CA LEU E 808 -2.55 -34.94 35.05
C LEU E 808 -2.51 -34.11 33.77
N LEU E 809 -3.66 -33.94 33.11
CA LEU E 809 -3.69 -33.16 31.88
C LEU E 809 -3.31 -31.71 32.13
N PHE E 810 -3.80 -31.12 33.23
CA PHE E 810 -3.50 -29.73 33.51
C PHE E 810 -2.03 -29.53 33.85
N ASN E 811 -1.44 -30.45 34.61
CA ASN E 811 -0.03 -30.32 34.94
C ASN E 811 0.86 -30.58 33.74
N LYS E 812 0.44 -31.47 32.82
CA LYS E 812 1.28 -31.79 31.68
C LYS E 812 1.40 -30.62 30.71
N VAL E 813 0.34 -29.83 30.56
CA VAL E 813 0.36 -28.71 29.63
C VAL E 813 0.97 -27.50 30.32
N THR E 814 2.12 -27.06 29.83
CA THR E 814 2.81 -25.89 30.37
C THR E 814 3.11 -24.91 29.25
N LEU E 815 2.90 -23.62 29.53
CA LEU E 815 3.13 -22.58 28.55
C LEU E 815 4.62 -22.28 28.39
N ALA E 839 5.08 -13.52 29.78
CA ALA E 839 3.87 -12.86 29.28
C ALA E 839 3.74 -11.47 29.87
N GLN E 840 4.85 -10.75 29.96
CA GLN E 840 4.85 -9.41 30.51
C GLN E 840 4.07 -8.45 29.60
N LYS E 841 3.45 -7.46 30.23
CA LYS E 841 2.65 -6.50 29.49
C LYS E 841 3.53 -5.63 28.59
N PHE E 842 3.01 -5.29 27.42
CA PHE E 842 3.75 -4.47 26.47
C PHE E 842 2.91 -3.28 26.03
N ASN E 843 3.35 -2.58 24.99
CA ASN E 843 2.67 -1.38 24.50
C ASN E 843 1.47 -1.74 23.61
N GLY E 844 0.27 -1.63 24.17
CA GLY E 844 -0.96 -1.83 23.44
C GLY E 844 -1.55 -3.23 23.58
N LEU E 845 -0.75 -4.20 24.00
CA LEU E 845 -1.21 -5.58 24.06
C LEU E 845 -2.03 -5.82 25.31
N THR E 846 -3.11 -6.60 25.17
CA THR E 846 -3.93 -6.96 26.31
C THR E 846 -4.54 -8.33 26.06
N VAL E 847 -4.86 -9.03 27.15
CA VAL E 847 -5.44 -10.36 27.09
C VAL E 847 -6.68 -10.36 27.96
N LEU E 848 -7.82 -10.67 27.36
CA LEU E 848 -9.02 -10.65 28.18
C LEU E 848 -9.25 -12.00 28.83
N PRO E 849 -9.79 -12.03 30.05
CA PRO E 849 -10.03 -13.31 30.71
C PRO E 849 -11.14 -14.08 30.03
N PRO E 850 -11.12 -15.41 30.09
CA PRO E 850 -12.22 -16.18 29.55
C PRO E 850 -13.49 -15.98 30.35
N LEU E 851 -14.62 -16.11 29.67
CA LEU E 851 -15.91 -15.85 30.31
C LEU E 851 -16.30 -16.96 31.27
N LEU E 852 -15.85 -18.20 31.02
CA LEU E 852 -16.15 -19.33 31.88
C LEU E 852 -14.85 -19.77 32.56
N THR E 853 -14.84 -19.77 33.89
CA THR E 853 -13.65 -20.16 34.61
C THR E 853 -13.53 -21.68 34.65
N ASP E 854 -12.35 -22.15 35.07
CA ASP E 854 -12.07 -23.58 35.02
C ASP E 854 -12.93 -24.39 35.97
N GLU E 855 -13.28 -23.81 37.13
CA GLU E 855 -14.13 -24.52 38.07
C GLU E 855 -15.51 -24.79 37.49
N MET E 856 -16.07 -23.81 36.78
CA MET E 856 -17.39 -24.03 36.18
C MET E 856 -17.32 -25.06 35.05
N ILE E 857 -16.23 -25.06 34.28
CA ILE E 857 -16.08 -26.07 33.23
C ILE E 857 -16.00 -27.46 33.86
N ALA E 858 -15.26 -27.59 34.95
CA ALA E 858 -15.18 -28.87 35.64
C ALA E 858 -16.53 -29.29 36.21
N GLN E 859 -17.31 -28.32 36.69
CA GLN E 859 -18.66 -28.65 37.16
C GLN E 859 -19.54 -29.15 36.03
N TYR E 860 -19.46 -28.52 34.85
CA TYR E 860 -20.20 -29.00 33.68
C TYR E 860 -19.80 -30.43 33.34
N THR E 861 -18.49 -30.69 33.33
CA THR E 861 -18.02 -32.04 32.99
C THR E 861 -18.49 -33.07 34.00
N SER E 862 -18.45 -32.72 35.29
CA SER E 862 -18.93 -33.65 36.32
C SER E 862 -20.42 -33.90 36.20
N ALA E 863 -21.20 -32.87 35.86
CA ALA E 863 -22.63 -33.05 35.66
C ALA E 863 -22.90 -34.00 34.50
N LEU E 864 -22.18 -33.81 33.38
CA LEU E 864 -22.34 -34.72 32.26
C LEU E 864 -21.97 -36.15 32.64
N LEU E 865 -20.89 -36.31 33.39
CA LEU E 865 -20.45 -37.65 33.79
C LEU E 865 -21.46 -38.33 34.69
N ALA E 866 -21.99 -37.60 35.68
CA ALA E 866 -22.99 -38.19 36.55
C ALA E 866 -24.26 -38.54 35.80
N GLY E 867 -24.68 -37.66 34.88
CA GLY E 867 -25.87 -37.94 34.10
C GLY E 867 -25.73 -39.17 33.23
N THR E 868 -24.56 -39.33 32.59
CA THR E 868 -24.37 -40.50 31.74
C THR E 868 -24.08 -41.76 32.53
N ILE E 869 -23.68 -41.65 33.79
CA ILE E 869 -23.44 -42.84 34.60
C ILE E 869 -24.75 -43.35 35.19
N THR E 870 -25.57 -42.45 35.74
CA THR E 870 -26.77 -42.89 36.44
C THR E 870 -27.96 -43.09 35.51
N SER E 871 -28.22 -42.14 34.61
CA SER E 871 -29.43 -42.18 33.81
C SER E 871 -29.26 -42.87 32.46
N GLY E 872 -28.06 -42.87 31.90
CA GLY E 872 -27.83 -43.46 30.60
C GLY E 872 -27.84 -42.40 29.51
N TRP E 873 -28.56 -42.67 28.43
CA TRP E 873 -28.77 -41.68 27.38
C TRP E 873 -30.13 -41.01 27.47
N THR E 874 -30.89 -41.27 28.53
CA THR E 874 -32.23 -40.72 28.64
C THR E 874 -32.23 -39.24 28.99
N PHE E 875 -31.12 -38.70 29.48
CA PHE E 875 -31.06 -37.30 29.89
C PHE E 875 -30.72 -36.37 28.73
N GLY E 876 -30.52 -36.90 27.53
CA GLY E 876 -30.29 -36.06 26.38
C GLY E 876 -31.54 -35.79 25.57
N ALA E 877 -32.61 -36.54 25.86
CA ALA E 877 -33.88 -36.37 25.16
C ALA E 877 -34.90 -35.62 25.99
N GLY E 878 -35.20 -36.12 27.19
CA GLY E 878 -36.14 -35.47 28.07
C GLY E 878 -35.63 -35.40 29.49
N PRO E 879 -36.44 -35.87 30.44
CA PRO E 879 -35.98 -35.95 31.82
C PRO E 879 -35.01 -37.10 32.01
N ALA E 880 -34.25 -37.03 33.11
CA ALA E 880 -33.31 -38.08 33.44
C ALA E 880 -34.02 -39.19 34.19
N LEU E 881 -33.83 -40.42 33.73
CA LEU E 881 -34.47 -41.60 34.32
C LEU E 881 -33.40 -42.56 34.81
N GLN E 882 -33.50 -42.98 36.07
CA GLN E 882 -32.48 -43.83 36.64
C GLN E 882 -32.54 -45.23 36.06
N ILE E 883 -31.37 -45.86 35.96
CA ILE E 883 -31.20 -47.20 35.40
C ILE E 883 -29.93 -47.80 36.00
N PRO E 884 -29.98 -49.03 36.51
CA PRO E 884 -28.75 -49.65 37.04
C PRO E 884 -27.71 -49.80 35.95
N PHE E 885 -26.44 -49.62 36.34
CA PHE E 885 -25.37 -49.66 35.35
C PHE E 885 -25.23 -50.99 34.62
N PRO E 886 -25.30 -52.16 35.28
CA PRO E 886 -25.29 -53.41 34.49
C PRO E 886 -26.41 -53.46 33.47
N MET E 887 -27.59 -52.95 33.82
CA MET E 887 -28.70 -52.95 32.87
C MET E 887 -28.44 -52.00 31.71
N GLN E 888 -27.82 -50.84 31.99
CA GLN E 888 -27.47 -49.94 30.89
C GLN E 888 -26.45 -50.57 29.96
N MET E 889 -25.45 -51.25 30.50
CA MET E 889 -24.46 -51.90 29.66
C MET E 889 -25.08 -53.02 28.84
N ALA E 890 -26.01 -53.77 29.45
CA ALA E 890 -26.72 -54.81 28.71
C ALA E 890 -27.57 -54.21 27.60
N TYR E 891 -28.16 -53.03 27.84
CA TYR E 891 -28.81 -52.29 26.76
C TYR E 891 -27.83 -52.03 25.63
N ARG E 892 -26.63 -51.56 25.98
CA ARG E 892 -25.70 -51.08 24.96
C ARG E 892 -25.03 -52.21 24.18
N PHE E 893 -24.88 -53.40 24.76
CA PHE E 893 -24.49 -54.55 23.94
C PHE E 893 -25.54 -54.88 22.90
N ASN E 894 -26.82 -54.80 23.26
CA ASN E 894 -27.87 -55.11 22.31
C ASN E 894 -27.86 -54.15 21.13
N GLY E 895 -27.18 -53.01 21.25
CA GLY E 895 -27.10 -52.08 20.13
C GLY E 895 -26.28 -52.60 18.98
N ILE E 896 -25.17 -53.29 19.28
CA ILE E 896 -24.23 -53.73 18.25
C ILE E 896 -24.47 -55.18 17.83
N GLY E 897 -25.61 -55.76 18.20
CA GLY E 897 -25.96 -57.09 17.75
C GLY E 897 -25.56 -58.24 18.65
N VAL E 898 -25.20 -57.96 19.90
CA VAL E 898 -24.85 -59.01 20.86
C VAL E 898 -25.97 -59.10 21.90
N THR E 899 -26.44 -60.31 22.15
CA THR E 899 -27.58 -60.52 23.02
C THR E 899 -27.24 -60.14 24.46
N GLN E 900 -28.26 -60.14 25.31
CA GLN E 900 -28.11 -59.65 26.67
C GLN E 900 -27.32 -60.62 27.54
N ASN E 901 -27.55 -61.92 27.38
CA ASN E 901 -27.00 -62.90 28.30
C ASN E 901 -25.47 -62.89 28.33
N VAL E 902 -24.82 -62.39 27.27
CA VAL E 902 -23.37 -62.36 27.23
C VAL E 902 -22.83 -61.58 28.43
N LEU E 903 -23.37 -60.39 28.66
CA LEU E 903 -22.89 -59.58 29.79
C LEU E 903 -23.32 -60.16 31.12
N TYR E 904 -24.56 -60.63 31.22
CA TYR E 904 -25.00 -61.20 32.48
C TYR E 904 -24.24 -62.46 32.85
N GLU E 905 -23.51 -63.06 31.91
CA GLU E 905 -22.66 -64.20 32.21
C GLU E 905 -21.18 -63.87 32.24
N ASN E 906 -20.75 -62.71 31.74
CA ASN E 906 -19.35 -62.32 31.79
C ASN E 906 -19.16 -60.97 32.48
N GLN E 907 -20.05 -60.65 33.43
CA GLN E 907 -20.00 -59.36 34.11
C GLN E 907 -18.66 -59.14 34.82
N LYS E 908 -18.19 -60.13 35.57
CA LYS E 908 -16.97 -59.96 36.33
C LYS E 908 -15.77 -59.70 35.42
N LEU E 909 -15.64 -60.50 34.36
CA LEU E 909 -14.53 -60.32 33.43
C LEU E 909 -14.62 -58.97 32.74
N ILE E 910 -15.82 -58.55 32.33
CA ILE E 910 -15.97 -57.27 31.64
C ILE E 910 -15.61 -56.12 32.57
N ALA E 911 -16.05 -56.20 33.83
CA ALA E 911 -15.72 -55.16 34.80
C ALA E 911 -14.22 -55.08 35.03
N ASN E 912 -13.55 -56.23 35.15
CA ASN E 912 -12.11 -56.22 35.36
C ASN E 912 -11.38 -55.64 34.15
N GLN E 913 -11.82 -55.99 32.94
CA GLN E 913 -11.19 -55.42 31.75
C GLN E 913 -11.38 -53.91 31.70
N PHE E 914 -12.59 -53.44 32.03
CA PHE E 914 -12.85 -52.00 32.04
C PHE E 914 -11.96 -51.28 33.04
N ASN E 915 -11.86 -51.81 34.27
CA ASN E 915 -11.02 -51.18 35.28
C ASN E 915 -9.56 -51.18 34.88
N SER E 916 -9.08 -52.29 34.29
CA SER E 916 -7.69 -52.35 33.88
C SER E 916 -7.40 -51.34 32.77
N ALA E 917 -8.31 -51.19 31.82
CA ALA E 917 -8.10 -50.23 30.75
C ALA E 917 -8.06 -48.80 31.29
N ILE E 918 -8.98 -48.46 32.21
CA ILE E 918 -8.94 -47.13 32.79
C ILE E 918 -7.68 -46.93 33.63
N GLY E 919 -7.19 -47.98 34.29
CA GLY E 919 -5.93 -47.86 35.00
C GLY E 919 -4.77 -47.60 34.08
N LYS E 920 -4.74 -48.28 32.93
CA LYS E 920 -3.63 -48.11 32.00
C LYS E 920 -3.66 -46.79 31.24
N ILE E 921 -4.83 -46.16 31.10
CA ILE E 921 -4.90 -44.97 30.25
C ILE E 921 -4.08 -43.83 30.84
N GLN E 922 -4.09 -43.66 32.16
CA GLN E 922 -3.34 -42.54 32.73
C GLN E 922 -1.84 -42.80 32.70
N ASP E 923 -1.42 -44.06 32.87
CA ASP E 923 -0.01 -44.39 32.68
C ASP E 923 0.42 -44.10 31.26
N SER E 924 -0.42 -44.44 30.28
CA SER E 924 -0.11 -44.14 28.89
C SER E 924 -0.01 -42.63 28.66
N LEU E 925 -0.91 -41.86 29.28
CA LEU E 925 -0.86 -40.41 29.14
C LEU E 925 0.42 -39.83 29.74
N SER E 926 0.79 -40.31 30.93
CA SER E 926 1.93 -39.73 31.63
C SER E 926 3.26 -40.15 31.00
N SER E 927 3.38 -41.41 30.61
CA SER E 927 4.67 -41.91 30.12
C SER E 927 5.09 -41.22 28.83
N THR E 928 4.14 -41.00 27.92
CA THR E 928 4.48 -40.41 26.62
C THR E 928 4.99 -38.98 26.83
N PRO E 929 6.17 -38.64 26.30
CA PRO E 929 6.70 -37.28 26.52
C PRO E 929 5.79 -36.19 25.98
N SER E 930 5.14 -36.42 24.84
CA SER E 930 4.27 -35.40 24.24
C SER E 930 3.14 -36.11 23.52
N ALA E 931 2.02 -36.29 24.22
CA ALA E 931 0.81 -36.84 23.63
C ALA E 931 -0.28 -35.80 23.46
N LEU E 932 -0.14 -34.63 24.08
CA LEU E 932 -1.16 -33.58 23.95
C LEU E 932 -1.17 -33.03 22.53
N GLY E 933 0.00 -32.68 22.00
CA GLY E 933 0.08 -32.30 20.60
C GLY E 933 -0.58 -30.98 20.25
N LYS E 934 -1.75 -31.06 19.60
CA LYS E 934 -2.38 -29.87 19.05
C LYS E 934 -2.68 -28.83 20.13
N LEU E 935 -2.98 -29.26 21.35
CA LEU E 935 -3.27 -28.31 22.42
C LEU E 935 -2.08 -27.40 22.67
N GLN E 936 -0.88 -27.96 22.69
CA GLN E 936 0.32 -27.13 22.82
C GLN E 936 0.66 -26.44 21.52
N ASP E 937 0.31 -27.05 20.38
CA ASP E 937 0.67 -26.48 19.09
C ASP E 937 -0.03 -25.14 18.86
N VAL E 938 -1.31 -25.05 19.20
CA VAL E 938 -2.03 -23.81 19.00
C VAL E 938 -1.45 -22.70 19.87
N VAL E 939 -1.11 -23.02 21.12
CA VAL E 939 -0.51 -22.04 22.01
C VAL E 939 0.82 -21.57 21.47
N ASN E 940 1.64 -22.50 20.97
CA ASN E 940 2.94 -22.13 20.43
C ASN E 940 2.78 -21.22 19.22
N GLN E 941 1.83 -21.53 18.33
CA GLN E 941 1.61 -20.67 17.16
C GLN E 941 1.18 -19.28 17.57
N ASN E 942 0.25 -19.17 18.52
CA ASN E 942 -0.20 -17.85 18.95
C ASN E 942 0.95 -17.06 19.58
N ALA E 943 1.74 -17.71 20.43
CA ALA E 943 2.87 -17.03 21.06
C ALA E 943 3.90 -16.59 20.04
N GLN E 944 4.18 -17.42 19.05
CA GLN E 944 5.13 -17.05 18.01
C GLN E 944 4.64 -15.85 17.21
N ALA E 945 3.35 -15.85 16.85
CA ALA E 945 2.81 -14.70 16.11
C ALA E 945 2.89 -13.42 16.94
N LEU E 946 2.54 -13.50 18.22
CA LEU E 946 2.61 -12.32 19.07
C LEU E 946 4.04 -11.82 19.22
N ASN E 947 5.00 -12.74 19.39
CA ASN E 947 6.39 -12.34 19.53
C ASN E 947 6.91 -11.69 18.25
N THR E 948 6.53 -12.23 17.09
CA THR E 948 6.94 -11.60 15.84
C THR E 948 6.35 -10.21 15.71
N LEU E 949 5.07 -10.05 16.07
CA LEU E 949 4.46 -8.72 16.00
C LEU E 949 5.18 -7.73 16.90
N VAL E 950 5.53 -8.16 18.12
CA VAL E 950 6.22 -7.26 19.05
C VAL E 950 7.59 -6.90 18.51
N LYS E 951 8.35 -7.89 18.06
CA LYS E 951 9.71 -7.64 17.56
C LYS E 951 9.70 -6.80 16.29
N GLN E 952 8.60 -6.77 15.56
CA GLN E 952 8.54 -5.96 14.35
C GLN E 952 8.64 -4.46 14.62
N LEU E 953 8.48 -4.04 15.89
CA LEU E 953 8.50 -2.61 16.20
C LEU E 953 9.83 -1.96 15.88
N SER E 954 10.94 -2.63 16.22
CA SER E 954 12.27 -2.05 16.06
C SER E 954 12.80 -2.37 14.67
N SER E 955 12.36 -1.56 13.70
CA SER E 955 12.84 -1.67 12.33
C SER E 955 12.87 -0.29 11.70
N ASN E 956 13.94 -0.01 10.95
CA ASN E 956 14.10 1.31 10.35
C ASN E 956 13.01 1.58 9.32
N PHE E 957 12.64 0.58 8.52
CA PHE E 957 11.70 0.74 7.42
C PHE E 957 12.17 1.83 6.46
N GLY E 958 13.48 1.92 6.26
CA GLY E 958 14.05 2.95 5.41
C GLY E 958 13.93 4.36 5.94
N ALA E 959 14.11 4.53 7.25
CA ALA E 959 14.05 5.84 7.89
C ALA E 959 15.33 6.07 8.68
N ILE E 960 15.45 7.26 9.27
CA ILE E 960 16.65 7.60 10.01
C ILE E 960 16.77 6.74 11.26
N SER E 961 15.68 6.56 11.99
CA SER E 961 15.70 5.80 13.22
C SER E 961 14.37 5.10 13.40
N SER E 962 14.36 4.09 14.26
CA SER E 962 13.18 3.29 14.52
C SER E 962 12.44 3.70 15.80
N VAL E 963 12.82 4.83 16.39
CA VAL E 963 12.18 5.35 17.59
C VAL E 963 11.59 6.71 17.27
N LEU E 964 10.31 6.90 17.58
CA LEU E 964 9.63 8.15 17.26
C LEU E 964 10.24 9.32 18.03
N ASN E 965 10.61 9.10 19.29
CA ASN E 965 11.10 10.19 20.11
C ASN E 965 12.40 10.77 19.55
N ASP E 966 13.30 9.92 19.08
CA ASP E 966 14.56 10.40 18.52
C ASP E 966 14.32 11.26 17.28
N ILE E 967 13.44 10.79 16.38
CA ILE E 967 13.15 11.56 15.17
C ILE E 967 12.52 12.89 15.53
N LEU E 968 11.57 12.88 16.49
CA LEU E 968 10.88 14.11 16.84
C LEU E 968 11.82 15.12 17.49
N SER E 969 12.70 14.66 18.38
CA SER E 969 13.58 15.58 19.10
C SER E 969 14.73 16.08 18.22
N ARG E 970 15.26 15.22 17.35
CA ARG E 970 16.42 15.58 16.55
C ARG E 970 16.08 16.29 15.25
N LEU E 971 14.82 16.27 14.81
CA LEU E 971 14.45 16.82 13.52
C LEU E 971 13.27 17.77 13.65
N ASP E 972 13.20 18.71 12.73
CA ASP E 972 12.05 19.61 12.63
C ASP E 972 10.91 18.94 11.87
N PRO E 973 9.67 19.36 12.11
CA PRO E 973 8.51 18.69 11.52
C PRO E 973 8.55 18.62 10.00
N PRO E 974 8.88 19.71 9.28
CA PRO E 974 8.65 19.69 7.83
C PRO E 974 9.38 18.58 7.08
N GLU E 975 10.53 18.13 7.55
CA GLU E 975 11.22 17.03 6.91
C GLU E 975 11.27 15.76 7.76
N ALA E 976 10.80 15.81 9.00
CA ALA E 976 10.58 14.58 9.77
C ALA E 976 9.24 13.93 9.44
N GLU E 977 8.36 14.66 8.75
CA GLU E 977 7.06 14.11 8.39
C GLU E 977 7.21 12.88 7.51
N VAL E 978 8.19 12.87 6.61
CA VAL E 978 8.36 11.72 5.73
C VAL E 978 8.80 10.50 6.51
N GLN E 979 9.71 10.67 7.47
CA GLN E 979 10.12 9.55 8.31
C GLN E 979 8.95 9.01 9.13
N ILE E 980 8.15 9.91 9.69
CA ILE E 980 6.99 9.47 10.45
C ILE E 980 6.03 8.70 9.56
N ASP E 981 5.83 9.17 8.33
CA ASP E 981 4.94 8.47 7.40
C ASP E 981 5.46 7.08 7.08
N ARG E 982 6.78 6.96 6.88
CA ARG E 982 7.34 5.64 6.58
C ARG E 982 7.13 4.68 7.74
N LEU E 983 7.37 5.13 8.97
CA LEU E 983 7.12 4.28 10.13
C LEU E 983 5.65 3.91 10.23
N ILE E 984 4.76 4.86 9.97
CA ILE E 984 3.32 4.59 10.00
C ILE E 984 2.97 3.49 9.04
N THR E 985 3.45 3.60 7.80
CA THR E 985 3.13 2.60 6.78
C THR E 985 3.65 1.22 7.19
N GLY E 986 4.89 1.16 7.67
CA GLY E 986 5.44 -0.14 8.05
C GLY E 986 4.65 -0.81 9.15
N ARG E 987 4.37 -0.05 10.23
CA ARG E 987 3.66 -0.65 11.36
C ARG E 987 2.24 -1.01 11.00
N LEU E 988 1.58 -0.19 10.18
CA LEU E 988 0.23 -0.51 9.73
C LEU E 988 0.21 -1.79 8.93
N GLN E 989 1.17 -1.97 8.02
CA GLN E 989 1.22 -3.20 7.22
C GLN E 989 1.44 -4.42 8.11
N SER E 990 2.35 -4.31 9.07
CA SER E 990 2.59 -5.45 9.96
C SER E 990 1.35 -5.81 10.75
N LEU E 991 0.64 -4.81 11.28
CA LEU E 991 -0.56 -5.08 12.05
C LEU E 991 -1.65 -5.71 11.17
N GLN E 992 -1.77 -5.25 9.92
CA GLN E 992 -2.74 -5.83 9.01
C GLN E 992 -2.46 -7.31 8.76
N THR E 993 -1.19 -7.64 8.51
CA THR E 993 -0.84 -9.05 8.29
C THR E 993 -1.17 -9.89 9.52
N TYR E 994 -0.85 -9.38 10.71
CA TYR E 994 -1.14 -10.13 11.92
C TYR E 994 -2.64 -10.38 12.07
N VAL E 995 -3.46 -9.36 11.80
CA VAL E 995 -4.90 -9.51 11.96
C VAL E 995 -5.44 -10.54 10.97
N THR E 996 -4.98 -10.49 9.72
CA THR E 996 -5.45 -11.46 8.73
C THR E 996 -5.08 -12.88 9.13
N GLN E 997 -3.85 -13.09 9.57
CA GLN E 997 -3.44 -14.43 10.01
C GLN E 997 -4.30 -14.91 11.18
N GLN E 998 -4.60 -14.00 12.12
CA GLN E 998 -5.43 -14.39 13.26
C GLN E 998 -6.82 -14.80 12.82
N LEU E 999 -7.42 -14.08 11.87
CA LEU E 999 -8.74 -14.46 11.37
C LEU E 999 -8.70 -15.84 10.72
N ILE E 1000 -7.69 -16.09 9.89
CA ILE E 1000 -7.61 -17.38 9.22
C ILE E 1000 -7.47 -18.51 10.22
N ARG E 1001 -6.66 -18.31 11.27
CA ARG E 1001 -6.50 -19.35 12.28
C ARG E 1001 -7.79 -19.57 13.08
N ALA E 1002 -8.48 -18.48 13.40
CA ALA E 1002 -9.73 -18.60 14.15
C ALA E 1002 -10.78 -19.38 13.37
N ALA E 1003 -10.75 -19.30 12.04
CA ALA E 1003 -11.67 -20.10 11.23
C ALA E 1003 -11.50 -21.59 11.52
N GLU E 1004 -10.26 -22.09 11.48
CA GLU E 1004 -10.05 -23.52 11.72
C GLU E 1004 -10.29 -23.90 13.17
N ILE E 1005 -10.02 -22.99 14.11
CA ILE E 1005 -10.35 -23.29 15.50
C ILE E 1005 -11.86 -23.44 15.65
N ARG E 1006 -12.64 -22.59 14.98
CA ARG E 1006 -14.09 -22.73 15.02
C ARG E 1006 -14.55 -24.05 14.42
N ALA E 1007 -13.91 -24.46 13.32
CA ALA E 1007 -14.25 -25.76 12.73
C ALA E 1007 -14.00 -26.90 13.71
N SER E 1008 -12.85 -26.87 14.39
CA SER E 1008 -12.56 -27.91 15.39
C SER E 1008 -13.55 -27.87 16.54
N ALA E 1009 -13.95 -26.67 16.97
CA ALA E 1009 -14.93 -26.57 18.05
C ALA E 1009 -16.27 -27.16 17.65
N ASN E 1010 -16.71 -26.91 16.40
CA ASN E 1010 -17.95 -27.49 15.93
C ASN E 1010 -17.87 -29.02 15.87
N LEU E 1011 -16.72 -29.54 15.41
CA LEU E 1011 -16.55 -30.99 15.38
C LEU E 1011 -16.60 -31.59 16.78
N ALA E 1012 -15.97 -30.91 17.75
CA ALA E 1012 -15.99 -31.40 19.13
C ALA E 1012 -17.40 -31.38 19.69
N ALA E 1013 -18.17 -30.33 19.40
CA ALA E 1013 -19.56 -30.28 19.86
C ALA E 1013 -20.38 -31.41 19.26
N THR E 1014 -20.20 -31.68 17.98
CA THR E 1014 -20.91 -32.79 17.35
C THR E 1014 -20.53 -34.12 17.97
N LYS E 1015 -19.24 -34.33 18.24
CA LYS E 1015 -18.80 -35.57 18.86
C LYS E 1015 -19.43 -35.73 20.24
N MET E 1016 -19.43 -34.68 21.04
CA MET E 1016 -20.04 -34.74 22.36
C MET E 1016 -21.51 -35.12 22.26
N SER E 1017 -22.26 -34.40 21.41
CA SER E 1017 -23.69 -34.64 21.31
C SER E 1017 -24.00 -36.05 20.83
N GLU E 1018 -23.22 -36.55 19.86
CA GLU E 1018 -23.56 -37.82 19.23
C GLU E 1018 -23.01 -39.05 19.96
N CYS E 1019 -21.97 -38.90 20.78
CA CYS E 1019 -21.39 -40.06 21.43
C CYS E 1019 -21.49 -40.02 22.95
N VAL E 1020 -21.34 -38.87 23.58
CA VAL E 1020 -21.48 -38.83 25.03
C VAL E 1020 -22.93 -39.04 25.45
N LEU E 1021 -23.87 -38.44 24.70
CA LEU E 1021 -25.29 -38.49 25.07
C LEU E 1021 -26.03 -39.66 24.42
N GLY E 1022 -25.35 -40.52 23.68
CA GLY E 1022 -26.02 -41.67 23.10
C GLY E 1022 -25.04 -42.50 22.29
N GLN E 1023 -25.42 -43.76 22.09
CA GLN E 1023 -24.60 -44.66 21.29
C GLN E 1023 -24.64 -44.26 19.82
N SER E 1024 -23.51 -44.44 19.14
CA SER E 1024 -23.37 -44.02 17.75
C SER E 1024 -23.05 -45.23 16.88
N LYS E 1025 -23.73 -45.31 15.73
CA LYS E 1025 -23.52 -46.39 14.77
C LYS E 1025 -22.62 -45.98 13.62
N ARG E 1026 -22.12 -44.74 13.60
CA ARG E 1026 -21.21 -44.32 12.56
C ARG E 1026 -19.84 -44.98 12.77
N VAL E 1027 -19.28 -45.54 11.72
CA VAL E 1027 -18.04 -46.30 11.83
C VAL E 1027 -16.87 -45.34 11.96
N ASP E 1028 -16.00 -45.62 12.94
CA ASP E 1028 -14.77 -44.89 13.21
C ASP E 1028 -15.00 -43.43 13.59
N PHE E 1029 -16.23 -43.04 13.89
CA PHE E 1029 -16.46 -41.68 14.37
C PHE E 1029 -16.01 -41.52 15.82
N CYS E 1030 -16.31 -42.50 16.66
CA CYS E 1030 -15.90 -42.50 18.07
C CYS E 1030 -15.24 -43.84 18.37
N GLY E 1031 -13.92 -43.88 18.20
CA GLY E 1031 -13.15 -45.07 18.51
C GLY E 1031 -13.01 -46.01 17.33
N LYS E 1032 -12.19 -47.04 17.54
CA LYS E 1032 -11.92 -48.07 16.54
C LYS E 1032 -12.60 -49.35 17.01
N GLY E 1033 -13.74 -49.67 16.42
CA GLY E 1033 -14.53 -50.81 16.78
C GLY E 1033 -15.97 -50.41 17.02
N TYR E 1034 -16.73 -51.33 17.62
CA TYR E 1034 -18.13 -51.08 17.90
C TYR E 1034 -18.25 -50.20 19.13
N HIS E 1035 -18.71 -48.96 18.93
CA HIS E 1035 -18.73 -47.97 20.00
C HIS E 1035 -19.74 -48.36 21.08
N LEU E 1036 -19.37 -48.09 22.33
CA LEU E 1036 -20.21 -48.39 23.48
C LEU E 1036 -20.62 -47.16 24.26
N MET E 1037 -19.67 -46.29 24.62
CA MET E 1037 -19.97 -45.02 25.28
C MET E 1037 -18.74 -44.13 25.21
N SER E 1038 -18.78 -43.03 25.95
CA SER E 1038 -17.65 -42.11 26.01
C SER E 1038 -17.75 -41.30 27.30
N PHE E 1039 -16.63 -40.68 27.68
CA PHE E 1039 -16.55 -39.87 28.88
C PHE E 1039 -15.77 -38.60 28.55
N PRO E 1040 -16.35 -37.42 28.73
CA PRO E 1040 -15.60 -36.19 28.48
C PRO E 1040 -14.67 -35.85 29.63
N GLN E 1041 -13.54 -35.24 29.28
CA GLN E 1041 -12.62 -34.71 30.27
C GLN E 1041 -12.12 -33.35 29.79
N SER E 1042 -12.02 -32.40 30.72
CA SER E 1042 -11.64 -31.05 30.35
C SER E 1042 -10.14 -30.98 30.10
N ALA E 1043 -9.72 -29.85 29.54
CA ALA E 1043 -8.32 -29.58 29.23
C ALA E 1043 -8.16 -28.07 29.19
N PRO E 1044 -6.92 -27.57 29.28
CA PRO E 1044 -6.74 -26.11 29.38
C PRO E 1044 -7.38 -25.32 28.24
N HIS E 1045 -7.30 -25.82 27.00
CA HIS E 1045 -7.94 -25.15 25.88
C HIS E 1045 -8.60 -26.15 24.96
N GLY E 1046 -9.28 -27.14 25.51
CA GLY E 1046 -9.90 -28.15 24.70
C GLY E 1046 -10.59 -29.18 25.56
N VAL E 1047 -10.92 -30.31 24.93
CA VAL E 1047 -11.61 -31.41 25.60
C VAL E 1047 -10.94 -32.71 25.21
N VAL E 1048 -11.11 -33.72 26.06
CA VAL E 1048 -10.52 -35.04 25.86
C VAL E 1048 -11.61 -36.09 26.11
N PHE E 1049 -11.76 -37.03 25.19
CA PHE E 1049 -12.74 -38.09 25.29
C PHE E 1049 -12.05 -39.42 25.58
N LEU E 1050 -12.80 -40.33 26.19
CA LEU E 1050 -12.33 -41.69 26.46
C LEU E 1050 -13.34 -42.66 25.87
N HIS E 1051 -13.17 -42.97 24.58
CA HIS E 1051 -14.11 -43.85 23.90
C HIS E 1051 -13.94 -45.28 24.36
N VAL E 1052 -15.03 -45.91 24.74
CA VAL E 1052 -15.04 -47.32 25.15
C VAL E 1052 -15.62 -48.13 24.00
N THR E 1053 -14.81 -49.04 23.45
CA THR E 1053 -15.16 -49.79 22.25
C THR E 1053 -15.36 -51.26 22.60
N TYR E 1054 -15.54 -52.07 21.56
CA TYR E 1054 -15.73 -53.52 21.70
C TYR E 1054 -15.03 -54.18 20.51
N VAL E 1055 -13.97 -54.94 20.78
CA VAL E 1055 -13.16 -55.56 19.75
C VAL E 1055 -13.24 -57.07 19.93
N PRO E 1056 -13.66 -57.84 18.93
CA PRO E 1056 -13.68 -59.30 19.06
C PRO E 1056 -12.29 -59.90 18.87
N ALA E 1057 -12.17 -61.17 19.27
CA ALA E 1057 -10.90 -61.87 19.19
C ALA E 1057 -11.15 -63.36 19.26
N GLN E 1058 -10.09 -64.13 19.01
CA GLN E 1058 -10.10 -65.60 19.06
C GLN E 1058 -11.15 -66.18 18.10
N GLU E 1059 -10.88 -65.96 16.81
CA GLU E 1059 -11.74 -66.48 15.76
C GLU E 1059 -11.56 -67.99 15.62
N LYS E 1060 -12.47 -68.60 14.86
CA LYS E 1060 -12.44 -70.05 14.66
C LYS E 1060 -12.97 -70.38 13.27
N ASN E 1061 -12.62 -71.58 12.81
CA ASN E 1061 -12.89 -72.00 11.43
C ASN E 1061 -14.21 -72.75 11.38
N PHE E 1062 -15.01 -72.50 10.33
CA PHE E 1062 -16.31 -73.15 10.22
C PHE E 1062 -16.71 -73.23 8.75
N THR E 1063 -17.72 -74.05 8.48
CA THR E 1063 -18.31 -74.19 7.15
C THR E 1063 -19.77 -73.80 7.21
N THR E 1064 -20.22 -73.02 6.23
CA THR E 1064 -21.56 -72.45 6.22
C THR E 1064 -22.40 -73.03 5.10
N ALA E 1065 -23.64 -72.56 5.01
CA ALA E 1065 -24.59 -72.94 3.98
C ALA E 1065 -25.75 -71.97 3.97
N PRO E 1066 -26.16 -71.46 2.81
CA PRO E 1066 -27.23 -70.45 2.79
C PRO E 1066 -28.54 -70.91 3.39
N ALA E 1067 -28.92 -72.17 3.22
CA ALA E 1067 -30.20 -72.63 3.72
C ALA E 1067 -30.14 -74.14 3.92
N ILE E 1068 -31.11 -74.64 4.67
CA ILE E 1068 -31.23 -76.07 5.00
C ILE E 1068 -32.46 -76.62 4.32
N CYS E 1069 -32.28 -77.65 3.49
CA CYS E 1069 -33.39 -78.26 2.76
C CYS E 1069 -33.95 -79.40 3.59
N HIS E 1070 -34.96 -79.11 4.38
CA HIS E 1070 -35.67 -80.11 5.16
C HIS E 1070 -37.10 -80.23 4.66
N ASP E 1071 -37.54 -81.47 4.41
CA ASP E 1071 -38.90 -81.75 3.96
C ASP E 1071 -39.23 -81.08 2.63
N GLY E 1072 -38.20 -80.82 1.83
CA GLY E 1072 -38.39 -80.24 0.52
C GLY E 1072 -38.56 -78.73 0.49
N LYS E 1073 -38.44 -78.05 1.62
CA LYS E 1073 -38.60 -76.61 1.70
C LYS E 1073 -37.33 -75.99 2.26
N ALA E 1074 -36.86 -74.92 1.63
CA ALA E 1074 -35.68 -74.23 2.13
C ALA E 1074 -35.97 -73.58 3.47
N HIS E 1075 -34.95 -73.51 4.32
CA HIS E 1075 -35.06 -72.89 5.64
C HIS E 1075 -33.95 -71.88 5.79
N PHE E 1076 -34.31 -70.63 6.08
CA PHE E 1076 -33.36 -69.57 6.32
C PHE E 1076 -33.43 -69.14 7.78
N PRO E 1077 -32.33 -68.67 8.37
CA PRO E 1077 -32.36 -68.27 9.77
C PRO E 1077 -32.91 -66.86 9.94
N ARG E 1078 -33.64 -66.65 11.03
CA ARG E 1078 -34.15 -65.31 11.34
C ARG E 1078 -33.00 -64.33 11.51
N GLU E 1079 -32.17 -64.55 12.53
CA GLU E 1079 -30.99 -63.75 12.76
C GLU E 1079 -29.87 -64.68 13.23
N GLY E 1080 -28.77 -64.69 12.48
CA GLY E 1080 -27.68 -65.60 12.70
C GLY E 1080 -27.23 -66.21 11.39
N VAL E 1081 -26.31 -67.17 11.49
CA VAL E 1081 -25.74 -67.82 10.32
C VAL E 1081 -25.58 -69.31 10.61
N PHE E 1082 -25.78 -70.13 9.58
CA PHE E 1082 -25.65 -71.57 9.72
C PHE E 1082 -24.18 -71.96 9.73
N VAL E 1083 -23.78 -72.72 10.75
CA VAL E 1083 -22.41 -73.21 10.87
C VAL E 1083 -22.42 -74.66 11.30
N SER E 1084 -21.29 -75.33 11.12
CA SER E 1084 -21.13 -76.72 11.53
C SER E 1084 -19.67 -76.98 11.81
N ASN E 1085 -19.39 -77.74 12.87
CA ASN E 1085 -18.02 -78.07 13.22
C ASN E 1085 -17.45 -79.19 12.37
N GLY E 1086 -18.28 -79.85 11.56
CA GLY E 1086 -17.81 -80.92 10.70
C GLY E 1086 -18.82 -82.05 10.59
N THR E 1087 -19.62 -82.25 11.63
CA THR E 1087 -20.64 -83.30 11.64
C THR E 1087 -22.04 -82.75 11.79
N HIS E 1088 -22.29 -81.91 12.78
CA HIS E 1088 -23.62 -81.41 13.08
C HIS E 1088 -23.70 -79.90 12.80
N TRP E 1089 -24.87 -79.47 12.35
CA TRP E 1089 -25.11 -78.07 12.02
C TRP E 1089 -25.74 -77.33 13.18
N PHE E 1090 -25.59 -76.01 13.18
CA PHE E 1090 -26.05 -75.16 14.26
C PHE E 1090 -26.40 -73.78 13.71
N VAL E 1091 -27.10 -73.00 14.53
CA VAL E 1091 -27.37 -71.59 14.27
C VAL E 1091 -26.68 -70.78 15.36
N THR E 1092 -25.93 -69.75 14.95
CA THR E 1092 -25.19 -68.94 15.89
C THR E 1092 -25.24 -67.48 15.47
N GLN E 1093 -24.92 -66.61 16.42
CA GLN E 1093 -24.87 -65.18 16.15
C GLN E 1093 -23.69 -64.85 15.24
N ARG E 1094 -23.61 -63.59 14.82
CA ARG E 1094 -22.57 -63.16 13.90
C ARG E 1094 -21.34 -62.59 14.61
N ASN E 1095 -21.39 -62.42 15.93
CA ASN E 1095 -20.27 -61.81 16.65
C ASN E 1095 -19.86 -62.59 17.90
N PHE E 1096 -20.66 -63.53 18.36
CA PHE E 1096 -20.29 -64.40 19.48
C PHE E 1096 -20.69 -65.81 19.13
N TYR E 1097 -19.78 -66.76 19.35
CA TYR E 1097 -20.02 -68.14 18.95
C TYR E 1097 -20.74 -68.87 20.09
N GLU E 1098 -22.06 -68.97 19.98
CA GLU E 1098 -22.83 -69.89 20.82
C GLU E 1098 -23.76 -70.69 19.91
N PRO E 1099 -23.39 -71.93 19.59
CA PRO E 1099 -24.22 -72.73 18.69
C PRO E 1099 -25.53 -73.12 19.35
N GLN E 1100 -26.55 -73.32 18.51
CA GLN E 1100 -27.85 -73.74 18.98
C GLN E 1100 -28.42 -74.77 18.02
N ILE E 1101 -29.25 -75.66 18.57
CA ILE E 1101 -29.89 -76.69 17.76
C ILE E 1101 -30.96 -76.06 16.89
N ILE E 1102 -30.94 -76.38 15.60
CA ILE E 1102 -31.87 -75.75 14.66
C ILE E 1102 -33.27 -76.27 14.91
N THR E 1103 -34.18 -75.36 15.26
CA THR E 1103 -35.59 -75.68 15.45
C THR E 1103 -36.41 -74.83 14.48
N THR E 1104 -37.73 -74.87 14.65
CA THR E 1104 -38.63 -74.14 13.75
C THR E 1104 -38.94 -72.73 14.23
N ASP E 1105 -38.35 -72.28 15.34
CA ASP E 1105 -38.60 -70.94 15.83
C ASP E 1105 -37.51 -69.94 15.44
N ASN E 1106 -36.29 -70.39 15.18
CA ASN E 1106 -35.22 -69.52 14.72
C ASN E 1106 -34.99 -69.60 13.22
N THR E 1107 -35.86 -70.30 12.48
CA THR E 1107 -35.78 -70.39 11.04
C THR E 1107 -37.15 -70.13 10.43
N PHE E 1108 -37.16 -69.53 9.25
CA PHE E 1108 -38.40 -69.28 8.52
C PHE E 1108 -38.33 -69.90 7.13
N VAL E 1109 -39.44 -70.51 6.72
CA VAL E 1109 -39.53 -71.20 5.44
C VAL E 1109 -39.81 -70.19 4.35
N SER E 1110 -39.25 -70.42 3.16
CA SER E 1110 -39.50 -69.55 2.02
C SER E 1110 -39.15 -70.28 0.73
N GLY E 1111 -40.15 -70.47 -0.13
CA GLY E 1111 -39.90 -71.00 -1.46
C GLY E 1111 -39.63 -72.50 -1.47
N ASN E 1112 -39.02 -72.92 -2.57
CA ASN E 1112 -38.73 -74.33 -2.82
C ASN E 1112 -37.23 -74.58 -2.70
N CYS E 1113 -36.87 -75.86 -2.72
CA CYS E 1113 -35.49 -76.27 -2.45
C CYS E 1113 -34.58 -76.01 -3.65
N ASP E 1114 -35.06 -76.22 -4.87
CA ASP E 1114 -34.19 -76.26 -6.03
C ASP E 1114 -33.83 -74.88 -6.58
N VAL E 1115 -34.55 -73.83 -6.17
CA VAL E 1115 -34.29 -72.51 -6.75
C VAL E 1115 -32.95 -71.97 -6.29
N VAL E 1116 -32.58 -72.21 -5.04
CA VAL E 1116 -31.39 -71.64 -4.44
C VAL E 1116 -30.21 -72.60 -4.62
N ILE E 1117 -29.03 -72.04 -4.86
CA ILE E 1117 -27.82 -72.84 -4.98
C ILE E 1117 -27.12 -72.85 -3.63
N GLY E 1118 -26.28 -73.86 -3.41
CA GLY E 1118 -25.55 -74.00 -2.18
C GLY E 1118 -26.33 -74.60 -1.03
N ILE E 1119 -27.56 -75.05 -1.25
CA ILE E 1119 -28.34 -75.63 -0.17
C ILE E 1119 -27.70 -76.93 0.29
N VAL E 1120 -27.79 -77.20 1.60
CA VAL E 1120 -27.33 -78.46 2.16
C VAL E 1120 -28.47 -79.06 2.97
N ASN E 1121 -28.45 -80.39 3.07
CA ASN E 1121 -29.46 -81.10 3.84
C ASN E 1121 -29.06 -81.26 5.30
N ASN E 1122 -30.06 -81.17 6.17
CA ASN E 1122 -30.00 -81.54 7.57
C ASN E 1122 -31.44 -81.67 8.04
N THR E 1123 -31.62 -82.02 9.31
CA THR E 1123 -32.95 -82.06 9.90
C THR E 1123 -33.18 -80.81 10.74
N VAL E 1124 -34.45 -80.46 10.90
CA VAL E 1124 -34.86 -79.32 11.71
C VAL E 1124 -35.84 -79.82 12.75
N TYR E 1125 -35.46 -79.74 14.01
CA TYR E 1125 -36.25 -80.30 15.09
C TYR E 1125 -37.53 -79.49 15.30
N ASP E 1126 -38.60 -80.19 15.65
CA ASP E 1126 -39.90 -79.56 15.91
C ASP E 1126 -40.19 -79.63 17.40
N PRO E 1127 -40.40 -78.49 18.07
CA PRO E 1127 -40.56 -78.51 19.53
C PRO E 1127 -41.91 -79.03 20.00
N LEU E 1128 -42.80 -79.44 19.11
CA LEU E 1128 -44.13 -79.90 19.50
C LEU E 1128 -44.28 -81.42 19.47
N GLN E 1129 -43.48 -82.10 18.66
CA GLN E 1129 -43.63 -83.56 18.53
C GLN E 1129 -43.47 -84.32 19.83
N PRO E 1130 -42.51 -84.02 20.72
CA PRO E 1130 -42.44 -84.79 21.98
C PRO E 1130 -43.70 -84.71 22.82
N GLU E 1131 -44.21 -83.51 23.08
CA GLU E 1131 -45.43 -83.40 23.87
C GLU E 1131 -46.65 -83.92 23.13
N LEU E 1132 -46.64 -83.86 21.79
CA LEU E 1132 -47.71 -84.49 21.03
C LEU E 1132 -47.71 -86.00 21.23
N ASP E 1133 -46.52 -86.61 21.23
CA ASP E 1133 -46.42 -88.05 21.45
C ASP E 1133 -46.69 -88.43 22.90
N SER E 1134 -46.46 -87.51 23.84
CA SER E 1134 -46.69 -87.79 25.24
C SER E 1134 -48.17 -87.93 25.59
N PHE E 1135 -49.07 -87.56 24.69
CA PHE E 1135 -50.51 -87.56 24.94
C PHE E 1135 -51.24 -88.36 23.87
N LYS E 1136 -50.74 -89.57 23.60
CA LYS E 1136 -51.39 -90.46 22.64
C LYS E 1136 -52.81 -90.81 23.07
#